data_8IK3
#
_entry.id   8IK3
#
_cell.length_a   1.00
_cell.length_b   1.00
_cell.length_c   1.00
_cell.angle_alpha   90.00
_cell.angle_beta   90.00
_cell.angle_gamma   90.00
#
_symmetry.space_group_name_H-M   'P 1'
#
loop_
_entity.id
_entity.type
_entity.pdbx_description
1 polymer 'Stimulator of interferon genes protein,Immune protein Tsi3'
2 non-polymer cGAMP
#
_entity_poly.entity_id   1
_entity_poly.type   'polypeptide(L)'
_entity_poly.pdbx_seq_one_letter_code
;MPHSSLHPSIPCPRGHGAQKAALVLLSACLVTLWGLGEPPEHTLRYLVLHLASLQLGLLLNGVCSLAEELRHIHSRYRGS
YWRTVRACLGCPLRRGALLLLSIYFYYSLPNAVGPPFTWMLALLGLSQALNILLGLKGLAPAEISAVCEKGNFNVAHGLA
WSYYIGYLRLILPELQARIRTYNQHYNNLLRGAVSQRLYILLPLDCGVPDNLSMADPNIRFLDKLPQQTGDRAGIKDRVY
SNSIYELLENGQRAGTCVLEYATPLQTLFAMSQYSQAGFSREDRLEQAKLFCRTLEDILADAPESQNNCRLIAYQEPADD
SSFSLSQEVLRHLRQEEKEEVTVGSLKTSAVPSTSTMSQEPELLISGMEKPLPLRTDFSLEVLFQGPVDFDKTLTHPNGL
VVERPVGFDARRSAEGFRFDEGGKLRNPRQLEVQRQDAPPPPDLASRRLGDGEARYKVEEDDGGSAGSEYRLWAAKPAGA
RWIVVSASEQSEDGEPTFALAWALLERARLQSSHHHHHHHH
;
_entity_poly.pdbx_strand_id   A,B,C,D,E,G,F,H
#
# COMPACT_ATOMS: atom_id res chain seq x y z
N SER A 4 -11.05 -19.83 -6.00
CA SER A 4 -12.28 -19.99 -6.78
C SER A 4 -12.26 -21.28 -7.58
N SER A 5 -11.16 -21.53 -8.26
CA SER A 5 -11.02 -22.70 -9.12
C SER A 5 -10.65 -23.96 -8.37
N LEU A 6 -10.45 -23.88 -7.06
CA LEU A 6 -10.09 -25.04 -6.25
C LEU A 6 -11.30 -25.91 -5.96
N HIS A 7 -12.35 -25.33 -5.38
CA HIS A 7 -13.59 -26.01 -5.12
C HIS A 7 -14.74 -25.06 -5.47
N PRO A 8 -15.87 -25.58 -5.96
CA PRO A 8 -17.01 -24.70 -6.26
C PRO A 8 -17.56 -23.98 -5.04
N SER A 9 -17.35 -24.51 -3.84
CA SER A 9 -17.93 -23.91 -2.64
C SER A 9 -17.17 -22.68 -2.17
N ILE A 10 -15.95 -22.47 -2.62
CA ILE A 10 -15.15 -21.33 -2.17
C ILE A 10 -15.73 -20.03 -2.75
N PRO A 11 -16.02 -19.02 -1.95
CA PRO A 11 -16.57 -17.78 -2.48
C PRO A 11 -15.51 -16.95 -3.18
N CYS A 12 -15.99 -15.99 -3.97
CA CYS A 12 -15.21 -15.02 -4.73
C CYS A 12 -15.25 -13.67 -4.04
N PRO A 13 -14.22 -12.85 -4.18
CA PRO A 13 -14.19 -11.55 -3.50
C PRO A 13 -15.30 -10.64 -4.01
N ARG A 14 -15.77 -9.77 -3.11
CA ARG A 14 -16.84 -8.86 -3.46
C ARG A 14 -16.38 -7.82 -4.48
N GLY A 15 -17.30 -7.45 -5.36
CA GLY A 15 -17.00 -6.48 -6.41
C GLY A 15 -17.77 -5.20 -6.29
N HIS A 16 -18.46 -4.81 -7.36
CA HIS A 16 -19.22 -3.56 -7.42
C HIS A 16 -20.64 -3.87 -7.83
N GLY A 17 -21.49 -4.19 -6.86
CA GLY A 17 -22.91 -4.34 -7.14
C GLY A 17 -23.71 -3.28 -6.42
N ALA A 18 -23.22 -2.90 -5.24
CA ALA A 18 -23.85 -1.80 -4.52
C ALA A 18 -23.79 -0.52 -5.31
N GLN A 19 -22.71 -0.31 -6.07
CA GLN A 19 -22.58 0.91 -6.87
C GLN A 19 -23.59 0.93 -8.02
N LYS A 20 -23.79 -0.21 -8.69
CA LYS A 20 -24.78 -0.24 -9.76
C LYS A 20 -26.19 -0.07 -9.22
N ALA A 21 -26.50 -0.71 -8.09
CA ALA A 21 -27.80 -0.46 -7.47
C ALA A 21 -27.95 1.00 -7.07
N ALA A 22 -26.87 1.63 -6.63
CA ALA A 22 -26.91 3.05 -6.28
C ALA A 22 -27.20 3.91 -7.49
N LEU A 23 -26.59 3.60 -8.64
CA LEU A 23 -26.89 4.35 -9.85
C LEU A 23 -28.34 4.18 -10.28
N VAL A 24 -28.86 2.96 -10.19
CA VAL A 24 -30.27 2.76 -10.57
C VAL A 24 -31.18 3.56 -9.66
N LEU A 25 -30.90 3.54 -8.35
CA LEU A 25 -31.70 4.32 -7.41
C LEU A 25 -31.58 5.82 -7.68
N LEU A 26 -30.37 6.29 -7.97
CA LEU A 26 -30.18 7.71 -8.27
C LEU A 26 -30.96 8.12 -9.50
N SER A 27 -30.93 7.32 -10.56
CA SER A 27 -31.66 7.65 -11.77
C SER A 27 -33.16 7.64 -11.53
N ALA A 28 -33.67 6.64 -10.80
CA ALA A 28 -35.10 6.61 -10.52
C ALA A 28 -35.54 7.82 -9.69
N CYS A 29 -34.74 8.18 -8.68
CA CYS A 29 -35.08 9.35 -7.87
C CYS A 29 -35.04 10.62 -8.69
N LEU A 30 -34.06 10.76 -9.58
CA LEU A 30 -33.98 11.96 -10.41
C LEU A 30 -35.19 12.06 -11.34
N VAL A 31 -35.58 10.93 -11.95
CA VAL A 31 -36.74 10.95 -12.83
C VAL A 31 -38.00 11.30 -12.05
N THR A 32 -38.16 10.71 -10.85
CA THR A 32 -39.33 11.02 -10.05
C THR A 32 -39.39 12.49 -9.67
N LEU A 33 -38.24 13.07 -9.29
CA LEU A 33 -38.20 14.48 -8.97
C LEU A 33 -38.56 15.33 -10.18
N TRP A 34 -38.07 14.95 -11.36
CA TRP A 34 -38.44 15.64 -12.58
C TRP A 34 -39.94 15.50 -12.88
N GLY A 35 -40.57 14.42 -12.43
CA GLY A 35 -41.96 14.18 -12.69
C GLY A 35 -42.94 14.87 -11.78
N LEU A 36 -42.48 15.68 -10.84
CA LEU A 36 -43.35 16.42 -9.94
C LEU A 36 -43.01 17.90 -10.02
N GLY A 37 -44.00 18.72 -9.70
CA GLY A 37 -43.83 20.16 -9.78
C GLY A 37 -43.28 20.77 -8.51
N GLU A 38 -42.02 21.19 -8.56
CA GLU A 38 -41.37 21.82 -7.42
C GLU A 38 -40.14 22.57 -7.91
N PRO A 39 -39.93 23.81 -7.47
CA PRO A 39 -38.75 24.57 -7.91
C PRO A 39 -37.47 23.86 -7.52
N PRO A 40 -36.48 23.82 -8.41
CA PRO A 40 -35.22 23.16 -8.06
C PRO A 40 -34.45 23.83 -6.94
N GLU A 41 -34.74 25.11 -6.65
CA GLU A 41 -34.07 25.77 -5.53
C GLU A 41 -34.37 25.07 -4.21
N HIS A 42 -35.63 24.76 -3.96
CA HIS A 42 -35.98 24.01 -2.76
C HIS A 42 -35.34 22.62 -2.79
N THR A 43 -35.43 21.96 -3.94
CA THR A 43 -34.85 20.62 -4.07
C THR A 43 -33.37 20.62 -3.76
N LEU A 44 -32.69 21.76 -3.94
CA LEU A 44 -31.27 21.76 -3.66
C LEU A 44 -30.97 22.19 -2.23
N ARG A 45 -31.70 23.19 -1.71
CA ARG A 45 -31.38 23.66 -0.36
C ARG A 45 -31.80 22.65 0.70
N TYR A 46 -32.87 21.88 0.47
CA TYR A 46 -33.21 20.82 1.42
C TYR A 46 -32.11 19.76 1.46
N LEU A 47 -31.56 19.42 0.29
CA LEU A 47 -30.45 18.47 0.24
C LEU A 47 -29.24 19.01 0.99
N VAL A 48 -28.95 20.29 0.83
CA VAL A 48 -27.82 20.89 1.55
C VAL A 48 -28.03 20.82 3.05
N LEU A 49 -29.24 21.16 3.53
CA LEU A 49 -29.49 21.11 4.96
C LEU A 49 -29.40 19.69 5.50
N HIS A 50 -29.88 18.71 4.73
CA HIS A 50 -29.76 17.32 5.13
C HIS A 50 -28.30 16.92 5.31
N LEU A 51 -27.45 17.26 4.34
CA LEU A 51 -26.04 16.89 4.45
C LEU A 51 -25.37 17.59 5.63
N ALA A 52 -25.70 18.86 5.85
CA ALA A 52 -25.10 19.59 6.96
C ALA A 52 -25.49 18.99 8.31
N SER A 53 -26.76 18.60 8.46
CA SER A 53 -27.17 17.97 9.71
C SER A 53 -26.46 16.64 9.92
N LEU A 54 -26.26 15.87 8.85
CA LEU A 54 -25.51 14.63 8.98
C LEU A 54 -24.09 14.88 9.49
N GLN A 55 -23.43 15.91 8.95
CA GLN A 55 -22.06 16.18 9.39
C GLN A 55 -22.02 16.64 10.85
N LEU A 56 -22.95 17.52 11.24
CA LEU A 56 -22.99 17.96 12.63
C LEU A 56 -23.28 16.82 13.58
N GLY A 57 -24.05 15.82 13.15
CA GLY A 57 -24.22 14.63 13.96
C GLY A 57 -22.96 13.79 14.08
N LEU A 58 -22.23 13.62 12.98
CA LEU A 58 -20.98 12.88 13.05
C LEU A 58 -20.01 13.50 14.04
N LEU A 59 -19.97 14.83 14.11
CA LEU A 59 -19.04 15.46 15.05
C LEU A 59 -19.41 15.17 16.49
N LEU A 60 -20.70 15.22 16.83
CA LEU A 60 -21.10 14.92 18.19
C LEU A 60 -20.76 13.48 18.56
N ASN A 61 -20.98 12.54 17.64
CA ASN A 61 -20.59 11.16 17.89
C ASN A 61 -19.09 11.06 18.13
N GLY A 62 -18.30 11.79 17.34
CA GLY A 62 -16.86 11.76 17.51
C GLY A 62 -16.40 12.29 18.86
N VAL A 63 -17.02 13.38 19.33
CA VAL A 63 -16.66 13.91 20.64
C VAL A 63 -17.02 12.92 21.74
N CYS A 64 -18.19 12.30 21.63
CA CYS A 64 -18.56 11.29 22.62
C CYS A 64 -17.55 10.16 22.66
N SER A 65 -17.05 9.74 21.49
CA SER A 65 -16.02 8.71 21.44
C SER A 65 -14.70 9.19 22.04
N LEU A 66 -14.35 10.45 21.77
CA LEU A 66 -13.09 11.00 22.29
C LEU A 66 -13.10 11.06 23.80
N ALA A 67 -14.27 11.29 24.40
CA ALA A 67 -14.37 11.34 25.85
C ALA A 67 -13.87 10.05 26.50
N GLU A 68 -13.95 8.94 25.78
CA GLU A 68 -13.40 7.67 26.26
C GLU A 68 -11.99 7.44 25.76
N GLU A 69 -11.72 7.74 24.49
CA GLU A 69 -10.40 7.45 23.94
C GLU A 69 -9.30 8.29 24.57
N LEU A 70 -9.64 9.38 25.26
CA LEU A 70 -8.61 10.19 25.89
C LEU A 70 -8.05 9.58 27.16
N ARG A 71 -8.58 8.45 27.61
CA ARG A 71 -8.12 7.81 28.83
C ARG A 71 -6.91 6.90 28.64
N HIS A 72 -6.73 6.34 27.44
CA HIS A 72 -5.61 5.46 27.15
C HIS A 72 -4.45 6.22 26.50
N ILE A 73 -4.27 7.49 26.86
CA ILE A 73 -3.38 8.36 26.09
C ILE A 73 -1.93 7.94 26.26
N HIS A 74 -1.54 7.48 27.43
CA HIS A 74 -0.16 7.08 27.69
C HIS A 74 0.14 5.65 27.25
N SER A 75 -0.84 4.94 26.72
CA SER A 75 -0.67 3.55 26.34
C SER A 75 -0.86 3.28 24.86
N ARG A 76 -1.74 4.02 24.18
CA ARG A 76 -1.97 3.80 22.76
C ARG A 76 -1.45 4.90 21.87
N TYR A 77 -1.51 6.16 22.31
CA TYR A 77 -1.14 7.31 21.49
C TYR A 77 0.09 8.00 22.04
N ARG A 78 1.02 7.24 22.60
CA ARG A 78 2.25 7.77 23.18
C ARG A 78 1.93 8.78 24.27
N GLY A 79 2.05 10.06 23.95
CA GLY A 79 1.68 11.09 24.89
C GLY A 79 1.07 12.31 24.23
N SER A 80 0.60 12.16 22.99
CA SER A 80 0.20 13.29 22.17
C SER A 80 -1.30 13.50 22.22
N TYR A 81 -1.71 14.74 22.48
CA TYR A 81 -3.11 15.12 22.38
C TYR A 81 -3.60 15.21 20.94
N TRP A 82 -2.70 15.09 19.96
CA TRP A 82 -3.12 15.30 18.58
C TRP A 82 -3.36 13.98 17.85
N ARG A 83 -2.63 12.92 18.21
CA ARG A 83 -2.94 11.61 17.61
C ARG A 83 -4.27 11.07 18.10
N THR A 84 -4.66 11.40 19.33
CA THR A 84 -5.99 10.99 19.80
C THR A 84 -7.07 11.61 18.94
N VAL A 85 -6.95 12.91 18.66
CA VAL A 85 -7.92 13.58 17.82
C VAL A 85 -7.87 13.02 16.40
N ARG A 86 -6.67 12.73 15.89
CA ARG A 86 -6.59 12.14 14.56
C ARG A 86 -7.25 10.77 14.49
N ALA A 87 -7.17 9.99 15.57
CA ALA A 87 -7.81 8.68 15.56
C ALA A 87 -9.32 8.77 15.68
N CYS A 88 -9.83 9.68 16.52
CA CYS A 88 -11.28 9.76 16.70
C CYS A 88 -11.95 10.52 15.57
N LEU A 89 -11.57 11.79 15.37
CA LEU A 89 -12.21 12.70 14.44
C LEU A 89 -11.52 12.76 13.09
N GLY A 90 -11.28 11.62 12.45
CA GLY A 90 -10.75 11.60 11.09
C GLY A 90 -9.52 12.44 10.86
N CYS A 91 -9.65 13.52 10.08
CA CYS A 91 -8.58 14.47 9.83
C CYS A 91 -8.99 15.85 10.31
N PRO A 92 -8.19 16.54 11.13
CA PRO A 92 -8.64 17.78 11.75
C PRO A 92 -8.76 18.98 10.82
N LEU A 93 -8.23 18.92 9.60
CA LEU A 93 -8.30 20.07 8.69
C LEU A 93 -9.51 20.00 7.77
N ARG A 94 -9.70 18.89 7.08
CA ARG A 94 -10.90 18.70 6.27
C ARG A 94 -12.15 18.76 7.14
N ARG A 95 -12.10 18.13 8.32
CA ARG A 95 -13.22 18.19 9.24
C ARG A 95 -13.50 19.61 9.71
N GLY A 96 -12.44 20.37 10.00
CA GLY A 96 -12.63 21.76 10.40
C GLY A 96 -13.24 22.59 9.31
N ALA A 97 -12.80 22.40 8.06
CA ALA A 97 -13.40 23.12 6.95
C ALA A 97 -14.86 22.75 6.77
N LEU A 98 -15.18 21.46 6.90
CA LEU A 98 -16.56 21.03 6.74
C LEU A 98 -17.44 21.60 7.85
N LEU A 99 -16.93 21.65 9.08
CA LEU A 99 -17.65 22.34 10.15
C LEU A 99 -17.90 23.80 9.79
N LEU A 100 -16.83 24.52 9.42
CA LEU A 100 -16.94 25.95 9.21
C LEU A 100 -17.90 26.27 8.08
N LEU A 101 -17.91 25.45 7.03
CA LEU A 101 -18.85 25.66 5.94
C LEU A 101 -20.26 25.19 6.32
N SER A 102 -20.37 24.21 7.22
CA SER A 102 -21.68 23.67 7.58
C SER A 102 -22.46 24.66 8.43
N ILE A 103 -21.79 25.38 9.32
CA ILE A 103 -22.47 26.35 10.16
C ILE A 103 -23.07 27.47 9.33
N TYR A 104 -22.31 27.99 8.36
CA TYR A 104 -22.75 29.15 7.60
C TYR A 104 -24.02 28.84 6.82
N PHE A 105 -24.09 27.67 6.19
CA PHE A 105 -25.30 27.28 5.49
C PHE A 105 -26.47 27.00 6.41
N TYR A 106 -26.22 26.49 7.61
CA TYR A 106 -27.29 26.08 8.49
C TYR A 106 -27.70 27.20 9.44
N TYR A 107 -27.01 28.35 9.38
CA TYR A 107 -27.28 29.48 10.24
C TYR A 107 -27.97 30.63 9.53
N SER A 108 -27.92 30.67 8.21
CA SER A 108 -28.56 31.71 7.42
C SER A 108 -29.74 31.21 6.60
N LEU A 109 -29.70 29.97 6.12
CA LEU A 109 -30.79 29.42 5.35
C LEU A 109 -32.02 29.17 6.21
N PRO A 116 -35.45 30.06 15.88
CA PRO A 116 -35.27 28.67 16.30
C PRO A 116 -34.06 28.00 15.66
N PHE A 117 -32.86 28.50 15.95
CA PHE A 117 -31.63 27.84 15.55
C PHE A 117 -31.01 27.02 16.66
N THR A 118 -31.04 27.49 17.90
CA THR A 118 -30.57 26.69 19.01
C THR A 118 -31.47 25.49 19.27
N TRP A 119 -32.72 25.54 18.79
CA TRP A 119 -33.65 24.44 19.00
C TRP A 119 -33.21 23.19 18.24
N MET A 120 -32.83 23.37 16.97
CA MET A 120 -32.43 22.22 16.15
C MET A 120 -31.17 21.58 16.68
N LEU A 121 -30.26 22.38 17.24
CA LEU A 121 -29.07 21.81 17.88
C LEU A 121 -29.45 20.92 19.05
N ALA A 122 -30.42 21.36 19.87
CA ALA A 122 -30.85 20.54 20.99
C ALA A 122 -31.52 19.26 20.51
N LEU A 123 -32.32 19.33 19.46
CA LEU A 123 -32.96 18.13 18.93
C LEU A 123 -31.94 17.15 18.37
N LEU A 124 -30.92 17.67 17.66
CA LEU A 124 -29.86 16.79 17.18
C LEU A 124 -29.12 16.16 18.35
N GLY A 125 -28.88 16.92 19.41
CA GLY A 125 -28.23 16.36 20.58
C GLY A 125 -29.02 15.23 21.20
N LEU A 126 -30.33 15.43 21.37
CA LEU A 126 -31.16 14.35 21.89
C LEU A 126 -31.13 13.12 20.98
N SER A 127 -31.27 13.33 19.67
CA SER A 127 -31.32 12.18 18.77
C SER A 127 -30.01 11.41 18.79
N GLN A 128 -28.87 12.12 18.80
CA GLN A 128 -27.59 11.44 18.81
C GLN A 128 -27.36 10.72 20.13
N ALA A 129 -27.74 11.34 21.24
CA ALA A 129 -27.59 10.67 22.54
C ALA A 129 -28.46 9.43 22.63
N LEU A 130 -29.69 9.50 22.11
CA LEU A 130 -30.54 8.32 22.12
C LEU A 130 -29.97 7.21 21.25
N ASN A 131 -29.40 7.56 20.09
CA ASN A 131 -28.75 6.56 19.27
C ASN A 131 -27.60 5.89 20.00
N ILE A 132 -26.78 6.68 20.71
CA ILE A 132 -25.62 6.11 21.40
C ILE A 132 -26.07 5.22 22.55
N LEU A 133 -27.06 5.66 23.32
CA LEU A 133 -27.47 4.92 24.51
C LEU A 133 -28.28 3.68 24.15
N LEU A 134 -29.37 3.85 23.41
CA LEU A 134 -30.25 2.73 23.10
C LEU A 134 -29.53 1.71 22.21
N GLY A 135 -28.65 2.17 21.33
CA GLY A 135 -27.92 1.30 20.45
C GLY A 135 -28.52 1.08 19.09
N LEU A 136 -29.36 2.00 18.61
CA LEU A 136 -30.04 1.81 17.34
C LEU A 136 -29.06 1.76 16.16
N LYS A 137 -27.91 2.42 16.29
CA LYS A 137 -26.94 2.48 15.20
C LYS A 137 -25.92 1.36 15.40
N GLY A 138 -26.17 0.22 14.77
CA GLY A 138 -25.24 -0.89 14.79
C GLY A 138 -24.77 -1.23 13.40
N LEU A 139 -24.19 -2.41 13.21
CA LEU A 139 -23.75 -2.85 11.89
C LEU A 139 -24.34 -4.20 11.58
N ALA A 140 -24.85 -4.36 10.36
CA ALA A 140 -25.34 -5.65 9.91
C ALA A 140 -24.18 -6.62 9.75
N PRO A 141 -24.41 -7.92 9.94
CA PRO A 141 -23.32 -8.89 9.78
C PRO A 141 -22.78 -9.01 8.36
N ALA A 142 -23.43 -8.38 7.38
CA ALA A 142 -22.96 -8.43 6.00
C ALA A 142 -22.19 -7.19 5.57
N GLU A 143 -21.95 -6.23 6.48
CA GLU A 143 -20.99 -5.16 6.22
C GLU A 143 -19.81 -5.19 7.17
N ILE A 144 -19.97 -5.74 8.37
CA ILE A 144 -18.81 -6.08 9.19
C ILE A 144 -17.91 -7.04 8.43
N SER A 145 -18.51 -8.00 7.74
CA SER A 145 -17.73 -8.91 6.91
C SER A 145 -17.01 -8.15 5.79
N ALA A 146 -17.70 -7.19 5.16
CA ALA A 146 -17.06 -6.45 4.07
C ALA A 146 -15.87 -5.65 4.55
N VAL A 147 -16.01 -4.95 5.67
CA VAL A 147 -14.89 -4.13 6.16
C VAL A 147 -13.75 -5.02 6.67
N CYS A 148 -14.07 -6.13 7.32
CA CYS A 148 -13.03 -7.03 7.78
C CYS A 148 -12.27 -7.64 6.63
N GLU A 149 -12.97 -8.05 5.58
CA GLU A 149 -12.30 -8.63 4.42
C GLU A 149 -11.52 -7.59 3.63
N LYS A 150 -12.00 -6.34 3.61
CA LYS A 150 -11.28 -5.28 2.91
C LYS A 150 -9.99 -4.92 3.62
N GLY A 151 -10.05 -4.75 4.95
CA GLY A 151 -8.87 -4.36 5.69
C GLY A 151 -8.00 -5.47 6.19
N ASN A 152 -8.33 -6.73 5.88
CA ASN A 152 -7.59 -7.90 6.32
C ASN A 152 -7.54 -7.98 7.85
N PHE A 153 -8.72 -8.16 8.44
CA PHE A 153 -8.91 -8.30 9.88
C PHE A 153 -9.45 -9.67 10.23
N ASN A 154 -8.91 -10.72 9.63
CA ASN A 154 -9.40 -12.07 9.82
C ASN A 154 -8.44 -12.88 10.66
N VAL A 155 -8.95 -13.95 11.26
CA VAL A 155 -8.10 -14.96 11.89
C VAL A 155 -7.37 -15.78 10.82
N ALA A 156 -8.08 -16.12 9.74
CA ALA A 156 -7.50 -16.98 8.72
C ALA A 156 -6.37 -16.30 7.96
N HIS A 157 -6.41 -14.98 7.84
CA HIS A 157 -5.31 -14.27 7.20
C HIS A 157 -4.01 -14.50 7.95
N GLY A 158 -4.03 -14.25 9.26
CA GLY A 158 -2.86 -14.50 10.07
C GLY A 158 -2.43 -15.95 10.06
N LEU A 159 -3.39 -16.86 10.14
CA LEU A 159 -3.03 -18.28 10.15
C LEU A 159 -2.36 -18.71 8.84
N ALA A 160 -2.87 -18.23 7.69
CA ALA A 160 -2.30 -18.61 6.41
C ALA A 160 -0.90 -18.04 6.23
N TRP A 161 -0.70 -16.77 6.59
CA TRP A 161 0.64 -16.20 6.46
C TRP A 161 1.61 -16.88 7.40
N SER A 162 1.18 -17.21 8.62
CA SER A 162 2.03 -17.96 9.54
C SER A 162 2.41 -19.31 8.95
N TYR A 163 1.44 -20.01 8.37
CA TYR A 163 1.72 -21.32 7.77
C TYR A 163 2.79 -21.19 6.70
N TYR A 164 2.58 -20.27 5.76
CA TYR A 164 3.55 -20.07 4.68
C TYR A 164 4.94 -19.79 5.24
N ILE A 165 5.07 -18.69 5.98
CA ILE A 165 6.38 -18.22 6.45
C ILE A 165 7.07 -19.25 7.33
N GLY A 166 6.32 -19.95 8.17
CA GLY A 166 6.96 -20.88 9.09
C GLY A 166 7.29 -22.24 8.52
N TYR A 167 6.55 -22.69 7.50
CA TYR A 167 6.74 -24.04 7.00
C TYR A 167 7.15 -24.10 5.55
N LEU A 168 6.39 -23.49 4.65
CA LEU A 168 6.61 -23.76 3.24
C LEU A 168 7.82 -23.02 2.71
N ARG A 169 7.99 -21.77 3.14
CA ARG A 169 9.16 -20.99 2.76
C ARG A 169 10.44 -21.62 3.26
N LEU A 170 10.35 -22.56 4.20
CA LEU A 170 11.54 -23.23 4.73
C LEU A 170 11.76 -24.62 4.15
N ILE A 171 10.72 -25.35 3.77
CA ILE A 171 10.93 -26.73 3.33
C ILE A 171 10.75 -26.92 1.82
N LEU A 172 10.02 -26.05 1.11
CA LEU A 172 9.78 -26.34 -0.30
C LEU A 172 11.05 -26.43 -1.14
N PRO A 173 12.03 -25.53 -1.01
CA PRO A 173 13.23 -25.65 -1.87
C PRO A 173 13.99 -26.96 -1.73
N GLU A 174 14.10 -27.52 -0.53
CA GLU A 174 14.95 -28.70 -0.29
C GLU A 174 14.22 -30.02 -0.52
N LEU A 175 12.94 -29.97 -0.87
CA LEU A 175 12.18 -31.20 -1.08
C LEU A 175 12.75 -32.03 -2.21
N GLN A 176 13.23 -31.37 -3.26
CA GLN A 176 13.81 -32.09 -4.39
C GLN A 176 15.03 -32.88 -3.96
N ALA A 177 15.94 -32.26 -3.22
CA ALA A 177 17.14 -32.95 -2.78
C ALA A 177 16.80 -34.10 -1.83
N ARG A 178 15.86 -33.87 -0.91
CA ARG A 178 15.48 -34.94 0.01
C ARG A 178 14.91 -36.14 -0.76
N ILE A 179 14.01 -35.87 -1.70
CA ILE A 179 13.39 -36.95 -2.48
C ILE A 179 14.45 -37.69 -3.29
N ARG A 180 15.35 -36.95 -3.93
CA ARG A 180 16.37 -37.59 -4.76
C ARG A 180 17.29 -38.48 -3.93
N THR A 181 17.76 -37.99 -2.79
CA THR A 181 18.64 -38.80 -1.96
C THR A 181 17.93 -40.05 -1.46
N TYR A 182 16.67 -39.92 -1.03
CA TYR A 182 15.93 -41.10 -0.62
C TYR A 182 15.75 -42.07 -1.79
N ASN A 183 15.56 -41.55 -2.99
CA ASN A 183 15.34 -42.40 -4.15
C ASN A 183 16.59 -43.22 -4.48
N GLN A 184 17.74 -42.57 -4.60
CA GLN A 184 18.92 -43.33 -4.97
C GLN A 184 19.51 -44.13 -3.82
N HIS A 185 19.18 -43.80 -2.57
CA HIS A 185 19.80 -44.51 -1.46
C HIS A 185 18.98 -45.72 -1.00
N TYR A 186 17.75 -45.48 -0.56
CA TYR A 186 16.95 -46.52 0.08
C TYR A 186 15.79 -47.02 -0.75
N ASN A 187 15.39 -46.28 -1.79
CA ASN A 187 14.24 -46.68 -2.59
C ASN A 187 14.68 -47.62 -3.70
N ASN A 188 14.00 -48.74 -3.82
CA ASN A 188 14.30 -49.75 -4.82
C ASN A 188 13.39 -49.57 -6.03
N LEU A 189 13.93 -49.85 -7.21
CA LEU A 189 13.15 -49.70 -8.43
C LEU A 189 12.08 -50.77 -8.56
N LEU A 190 12.10 -51.79 -7.71
CA LEU A 190 11.03 -52.79 -7.72
C LEU A 190 9.69 -52.16 -7.37
N ARG A 191 9.68 -51.22 -6.44
CA ARG A 191 8.48 -50.48 -6.07
C ARG A 191 8.42 -49.16 -6.82
N GLY A 192 7.22 -48.60 -6.88
CA GLY A 192 7.02 -47.31 -7.51
C GLY A 192 7.79 -46.20 -6.81
N ALA A 193 8.53 -45.41 -7.58
CA ALA A 193 9.24 -44.28 -7.00
C ALA A 193 8.26 -43.25 -6.47
N VAL A 194 8.62 -42.62 -5.34
CA VAL A 194 7.77 -41.59 -4.77
C VAL A 194 7.69 -40.42 -5.73
N SER A 195 6.47 -39.98 -6.03
CA SER A 195 6.32 -38.90 -6.97
C SER A 195 6.71 -37.58 -6.33
N GLN A 196 6.94 -36.59 -7.17
CA GLN A 196 7.29 -35.25 -6.71
C GLN A 196 6.02 -34.54 -6.27
N ARG A 197 6.09 -33.22 -6.08
CA ARG A 197 4.90 -32.39 -5.91
C ARG A 197 4.08 -32.82 -4.69
N LEU A 198 4.65 -32.52 -3.52
CA LEU A 198 3.98 -32.69 -2.22
C LEU A 198 2.50 -32.32 -2.28
N TYR A 199 1.66 -33.18 -1.71
CA TYR A 199 0.22 -33.02 -1.72
C TYR A 199 -0.31 -32.65 -0.35
N ILE A 200 -1.17 -31.64 -0.30
CA ILE A 200 -1.75 -31.13 0.94
C ILE A 200 -3.25 -31.26 0.85
N LEU A 201 -3.87 -31.86 1.86
CA LEU A 201 -5.32 -32.02 1.93
C LEU A 201 -5.92 -30.93 2.79
N LEU A 202 -7.02 -30.33 2.33
CA LEU A 202 -7.68 -29.20 2.98
C LEU A 202 -9.12 -29.58 3.24
N PRO A 203 -9.41 -30.33 4.32
CA PRO A 203 -10.79 -30.71 4.60
C PRO A 203 -11.60 -29.50 5.06
N LEU A 204 -12.63 -29.14 4.30
CA LEU A 204 -13.43 -27.99 4.69
C LEU A 204 -14.46 -28.41 5.73
N ASP A 205 -14.00 -29.17 6.73
CA ASP A 205 -14.77 -29.49 7.93
C ASP A 205 -13.94 -29.26 9.18
N CYS A 206 -12.64 -28.99 9.04
CA CYS A 206 -11.71 -28.80 10.14
C CYS A 206 -11.59 -30.02 11.03
N GLY A 207 -12.18 -31.15 10.63
CA GLY A 207 -11.98 -32.39 11.36
C GLY A 207 -10.77 -33.13 10.87
N VAL A 208 -9.65 -32.99 11.58
CA VAL A 208 -8.36 -33.50 11.14
C VAL A 208 -7.97 -34.66 12.05
N PRO A 209 -8.10 -35.91 11.60
CA PRO A 209 -7.68 -37.04 12.42
C PRO A 209 -6.17 -37.09 12.57
N ASP A 210 -5.73 -37.70 13.68
CA ASP A 210 -4.30 -37.72 13.97
C ASP A 210 -3.54 -38.60 12.99
N ASN A 211 -4.02 -39.81 12.71
CA ASN A 211 -3.31 -40.74 11.85
C ASN A 211 -4.14 -41.05 10.60
N LEU A 212 -3.47 -41.02 9.45
CA LEU A 212 -4.15 -41.19 8.17
C LEU A 212 -4.64 -42.60 7.93
N SER A 213 -4.23 -43.57 8.75
CA SER A 213 -4.71 -44.93 8.57
C SER A 213 -6.21 -45.01 8.79
N MET A 214 -6.73 -44.27 9.76
CA MET A 214 -8.16 -44.20 9.97
C MET A 214 -8.81 -43.36 8.87
N ALA A 215 -10.14 -43.51 8.76
CA ALA A 215 -11.00 -42.77 7.84
C ALA A 215 -10.81 -43.23 6.39
N ASP A 216 -9.79 -44.03 6.13
CA ASP A 216 -9.68 -44.76 4.88
C ASP A 216 -8.73 -45.94 5.08
N PRO A 217 -9.22 -47.18 5.01
CA PRO A 217 -8.34 -48.32 5.29
C PRO A 217 -7.29 -48.57 4.23
N ASN A 218 -7.39 -47.93 3.06
CA ASN A 218 -6.49 -48.19 1.95
C ASN A 218 -5.26 -47.29 1.93
N ILE A 219 -5.07 -46.46 2.94
CA ILE A 219 -3.88 -45.62 3.06
C ILE A 219 -3.01 -46.19 4.17
N ARG A 220 -1.82 -46.68 3.80
CA ARG A 220 -0.92 -47.33 4.74
C ARG A 220 0.45 -46.66 4.71
N PHE A 221 1.11 -46.62 5.86
CA PHE A 221 2.33 -45.85 6.05
C PHE A 221 3.54 -46.74 5.87
N LEU A 222 4.43 -46.36 4.95
CA LEU A 222 5.58 -47.18 4.59
C LEU A 222 6.87 -46.74 5.25
N ASP A 223 7.31 -45.51 4.96
CA ASP A 223 8.66 -45.10 5.34
C ASP A 223 8.67 -43.62 5.69
N LYS A 224 9.73 -43.22 6.40
CA LYS A 224 9.97 -41.84 6.74
C LYS A 224 10.82 -41.20 5.64
N LEU A 225 11.36 -40.02 5.92
CA LEU A 225 12.18 -39.27 4.97
C LEU A 225 13.36 -38.66 5.73
N PRO A 226 14.48 -38.43 5.06
CA PRO A 226 15.61 -37.79 5.73
C PRO A 226 15.21 -36.43 6.30
N GLN A 227 15.76 -36.11 7.47
CA GLN A 227 15.35 -34.93 8.20
C GLN A 227 16.05 -33.68 7.69
N GLN A 228 15.52 -32.53 8.11
CA GLN A 228 16.12 -31.23 7.87
C GLN A 228 16.23 -30.49 9.20
N THR A 229 17.32 -29.76 9.38
CA THR A 229 17.60 -29.11 10.66
C THR A 229 17.89 -27.63 10.46
N GLY A 230 17.40 -26.81 11.37
CA GLY A 230 17.67 -25.38 11.36
C GLY A 230 17.54 -24.80 12.74
N ASP A 231 17.90 -23.52 12.86
CA ASP A 231 17.83 -22.78 14.12
C ASP A 231 16.82 -21.65 13.99
N ARG A 232 15.90 -21.55 14.96
CA ARG A 232 14.83 -20.56 14.89
C ARG A 232 14.56 -19.98 16.27
N ALA A 233 14.62 -18.65 16.36
CA ALA A 233 14.11 -17.89 17.51
C ALA A 233 14.68 -18.38 18.84
N GLY A 234 15.97 -18.65 18.86
CA GLY A 234 16.65 -19.03 20.09
C GLY A 234 16.60 -20.50 20.41
N ILE A 235 15.91 -21.31 19.62
CA ILE A 235 15.89 -22.75 19.81
C ILE A 235 16.97 -23.34 18.93
N LYS A 236 17.83 -24.18 19.50
CA LYS A 236 18.90 -24.81 18.74
C LYS A 236 18.39 -26.09 18.09
N ASP A 237 18.64 -26.21 16.78
CA ASP A 237 18.41 -27.45 16.04
C ASP A 237 16.93 -27.83 16.02
N ARG A 238 16.12 -26.96 15.42
CA ARG A 238 14.74 -27.30 15.11
C ARG A 238 14.71 -28.26 13.93
N VAL A 239 13.91 -29.31 14.04
CA VAL A 239 13.92 -30.39 13.05
C VAL A 239 12.57 -30.48 12.35
N TYR A 240 12.61 -30.85 11.08
CA TYR A 240 11.43 -31.09 10.26
C TYR A 240 11.51 -32.48 9.67
N SER A 241 10.38 -33.18 9.63
CA SER A 241 10.32 -34.50 9.04
C SER A 241 9.00 -34.67 8.30
N ASN A 242 9.00 -35.60 7.35
CA ASN A 242 7.81 -35.91 6.57
C ASN A 242 7.65 -37.43 6.50
N SER A 243 6.53 -37.86 5.92
CA SER A 243 6.22 -39.29 5.83
C SER A 243 5.69 -39.59 4.44
N ILE A 244 5.80 -40.86 4.04
CA ILE A 244 5.43 -41.33 2.71
C ILE A 244 4.32 -42.35 2.86
N TYR A 245 3.26 -42.18 2.06
CA TYR A 245 2.09 -43.05 2.10
C TYR A 245 1.86 -43.66 0.72
N GLU A 246 1.16 -44.80 0.71
CA GLU A 246 0.87 -45.52 -0.53
C GLU A 246 -0.63 -45.75 -0.63
N LEU A 247 -1.13 -45.73 -1.86
CA LEU A 247 -2.55 -45.85 -2.16
C LEU A 247 -2.84 -47.24 -2.73
N LEU A 248 -3.76 -47.96 -2.10
CA LEU A 248 -4.11 -49.31 -2.51
C LEU A 248 -5.41 -49.26 -3.30
N GLU A 249 -5.38 -49.76 -4.53
CA GLU A 249 -6.56 -49.86 -5.38
C GLU A 249 -7.02 -51.30 -5.38
N ASN A 250 -8.29 -51.52 -5.04
CA ASN A 250 -8.97 -52.83 -4.94
C ASN A 250 -8.02 -53.93 -4.52
N GLY A 251 -7.25 -53.69 -3.46
CA GLY A 251 -6.27 -54.64 -2.96
C GLY A 251 -4.90 -54.54 -3.58
N GLN A 252 -4.70 -53.66 -4.55
CA GLN A 252 -3.46 -53.58 -5.31
C GLN A 252 -2.89 -52.17 -5.19
N ARG A 253 -1.57 -52.07 -5.02
CA ARG A 253 -0.92 -50.77 -4.93
C ARG A 253 -1.05 -50.00 -6.24
N ALA A 254 -1.42 -48.73 -6.14
CA ALA A 254 -1.60 -47.89 -7.32
C ALA A 254 -0.53 -46.83 -7.50
N GLY A 255 0.07 -46.36 -6.41
CA GLY A 255 1.07 -45.31 -6.53
C GLY A 255 1.69 -45.02 -5.19
N THR A 256 2.32 -43.85 -5.09
CA THR A 256 2.96 -43.44 -3.86
C THR A 256 3.10 -41.92 -3.85
N CYS A 257 2.78 -41.29 -2.72
CA CYS A 257 2.77 -39.84 -2.61
C CYS A 257 3.37 -39.43 -1.28
N VAL A 258 3.33 -38.13 -1.00
CA VAL A 258 3.73 -37.57 0.30
C VAL A 258 2.52 -36.77 0.81
N LEU A 259 1.76 -37.36 1.72
CA LEU A 259 0.49 -36.81 2.15
C LEU A 259 0.65 -35.99 3.43
N GLU A 260 -0.16 -34.94 3.55
CA GLU A 260 -0.16 -34.08 4.73
C GLU A 260 -1.52 -33.42 4.88
N TYR A 261 -1.93 -33.23 6.13
CA TYR A 261 -3.08 -32.40 6.44
C TYR A 261 -2.59 -30.96 6.57
N ALA A 262 -3.44 -30.05 7.05
CA ALA A 262 -3.03 -28.68 7.31
C ALA A 262 -3.34 -28.35 8.76
N THR A 263 -2.30 -28.22 9.58
CA THR A 263 -2.49 -28.05 11.02
C THR A 263 -3.32 -26.82 11.41
N PRO A 264 -3.20 -25.66 10.77
CA PRO A 264 -4.08 -24.55 11.14
C PRO A 264 -5.55 -24.90 11.09
N LEU A 265 -5.96 -25.88 10.27
CA LEU A 265 -7.33 -26.34 10.33
C LEU A 265 -7.64 -27.01 11.66
N GLN A 266 -6.68 -27.77 12.19
CA GLN A 266 -6.87 -28.36 13.51
C GLN A 266 -6.99 -27.29 14.57
N THR A 267 -6.20 -26.21 14.46
CA THR A 267 -6.35 -25.10 15.39
C THR A 267 -7.72 -24.44 15.28
N LEU A 268 -8.20 -24.24 14.05
CA LEU A 268 -9.51 -23.62 13.87
C LEU A 268 -10.60 -24.47 14.48
N PHE A 269 -10.52 -25.79 14.34
CA PHE A 269 -11.51 -26.66 14.96
C PHE A 269 -11.42 -26.62 16.47
N ALA A 270 -10.21 -26.73 17.03
CA ALA A 270 -10.10 -26.78 18.49
C ALA A 270 -10.45 -25.45 19.14
N MET A 271 -10.33 -24.34 18.42
CA MET A 271 -10.68 -23.03 18.96
C MET A 271 -12.16 -22.89 19.21
N SER A 272 -12.99 -23.71 18.58
CA SER A 272 -14.44 -23.56 18.64
C SER A 272 -15.08 -24.37 19.76
N GLN A 273 -14.30 -25.10 20.55
CA GLN A 273 -14.84 -25.79 21.71
C GLN A 273 -14.70 -24.98 22.98
N TYR A 274 -13.59 -24.27 23.15
CA TYR A 274 -13.39 -23.45 24.34
C TYR A 274 -14.33 -22.26 24.33
N SER A 275 -14.99 -22.02 25.47
CA SER A 275 -15.93 -20.92 25.57
C SER A 275 -15.25 -19.57 25.73
N GLN A 276 -13.98 -19.56 26.12
CA GLN A 276 -13.24 -18.32 26.28
C GLN A 276 -12.79 -17.74 24.95
N ALA A 277 -12.81 -18.54 23.88
CA ALA A 277 -12.35 -18.07 22.58
C ALA A 277 -13.35 -17.15 21.90
N GLY A 278 -14.63 -17.31 22.18
CA GLY A 278 -15.63 -16.54 21.49
C GLY A 278 -15.71 -16.85 20.01
N PHE A 279 -15.57 -18.12 19.65
CA PHE A 279 -15.56 -18.57 18.26
C PHE A 279 -16.70 -19.55 18.06
N SER A 280 -17.60 -19.23 17.14
CA SER A 280 -18.81 -20.01 16.96
C SER A 280 -18.55 -21.23 16.07
N ARG A 281 -19.61 -21.90 15.65
CA ARG A 281 -19.51 -23.05 14.78
C ARG A 281 -19.77 -22.72 13.31
N GLU A 282 -20.49 -21.63 13.06
CA GLU A 282 -20.60 -21.12 11.68
C GLU A 282 -19.37 -20.32 11.28
N ASP A 283 -18.73 -19.64 12.23
CA ASP A 283 -17.51 -18.90 11.93
C ASP A 283 -16.40 -19.84 11.50
N ARG A 284 -16.37 -21.04 12.05
CA ARG A 284 -15.35 -22.01 11.66
C ARG A 284 -15.48 -22.38 10.19
N LEU A 285 -16.70 -22.64 9.72
CA LEU A 285 -16.91 -22.93 8.31
C LEU A 285 -16.62 -21.70 7.46
N GLU A 286 -16.95 -20.51 7.96
CA GLU A 286 -16.65 -19.30 7.19
C GLU A 286 -15.16 -19.11 7.00
N GLN A 287 -14.36 -19.39 8.03
CA GLN A 287 -12.92 -19.17 7.95
C GLN A 287 -12.19 -20.30 7.24
N ALA A 288 -12.73 -21.52 7.26
CA ALA A 288 -12.05 -22.64 6.61
C ALA A 288 -12.06 -22.48 5.10
N LYS A 289 -13.05 -21.79 4.54
CA LYS A 289 -13.10 -21.54 3.10
C LYS A 289 -12.38 -20.27 2.69
N LEU A 290 -11.86 -19.51 3.65
CA LEU A 290 -11.07 -18.32 3.39
C LEU A 290 -9.58 -18.56 3.58
N PHE A 291 -9.23 -19.45 4.50
CA PHE A 291 -7.84 -19.88 4.64
C PHE A 291 -7.33 -20.49 3.35
N CYS A 292 -8.13 -21.36 2.72
CA CYS A 292 -7.71 -21.97 1.47
C CYS A 292 -7.53 -20.94 0.36
N ARG A 293 -8.46 -19.98 0.27
CA ARG A 293 -8.34 -18.94 -0.75
C ARG A 293 -7.07 -18.13 -0.58
N THR A 294 -6.79 -17.68 0.65
CA THR A 294 -5.59 -16.90 0.88
C THR A 294 -4.33 -17.72 0.62
N LEU A 295 -4.33 -18.99 1.01
CA LEU A 295 -3.13 -19.81 0.80
C LEU A 295 -2.86 -20.03 -0.68
N GLU A 296 -3.91 -20.27 -1.47
CA GLU A 296 -3.71 -20.42 -2.91
C GLU A 296 -3.23 -19.12 -3.55
N ASP A 297 -3.77 -17.98 -3.12
CA ASP A 297 -3.30 -16.71 -3.65
C ASP A 297 -1.84 -16.48 -3.32
N ILE A 298 -1.41 -16.86 -2.11
CA ILE A 298 -0.01 -16.68 -1.73
C ILE A 298 0.88 -17.60 -2.55
N LEU A 299 0.48 -18.86 -2.71
CA LEU A 299 1.31 -19.80 -3.46
C LEU A 299 1.33 -19.52 -4.96
N ALA A 300 0.37 -18.75 -5.47
CA ALA A 300 0.36 -18.46 -6.91
C ALA A 300 1.54 -17.61 -7.33
N ASP A 301 1.91 -16.62 -6.51
CA ASP A 301 2.95 -15.66 -6.86
C ASP A 301 4.21 -15.88 -6.02
N ALA A 302 4.51 -17.10 -5.69
CA ALA A 302 5.77 -17.24 -4.99
C ALA A 302 6.82 -17.85 -5.91
N PRO A 303 8.11 -17.54 -5.71
CA PRO A 303 9.14 -18.21 -6.49
C PRO A 303 9.14 -19.72 -6.35
N GLU A 304 8.81 -20.24 -5.16
CA GLU A 304 8.59 -21.66 -4.96
C GLU A 304 7.15 -21.99 -5.34
N SER A 305 6.90 -21.91 -6.65
CA SER A 305 5.54 -21.79 -7.18
C SER A 305 4.83 -23.14 -7.19
N GLN A 306 3.73 -23.20 -7.93
CA GLN A 306 2.88 -24.39 -8.03
C GLN A 306 3.63 -25.60 -8.59
N ASN A 307 4.87 -25.44 -9.02
CA ASN A 307 5.66 -26.55 -9.54
C ASN A 307 6.11 -27.52 -8.45
N ASN A 308 6.06 -27.11 -7.18
CA ASN A 308 6.49 -27.96 -6.08
C ASN A 308 5.34 -28.58 -5.29
N CYS A 309 4.17 -27.94 -5.26
CA CYS A 309 3.03 -28.48 -4.53
C CYS A 309 1.80 -27.66 -4.88
N ARG A 310 0.63 -28.31 -4.84
CA ARG A 310 -0.63 -27.59 -4.87
C ARG A 310 -1.69 -28.37 -4.11
N LEU A 311 -2.79 -27.68 -3.83
CA LEU A 311 -3.75 -28.06 -2.80
C LEU A 311 -4.75 -29.08 -3.31
N ILE A 312 -5.45 -29.71 -2.38
CA ILE A 312 -6.59 -30.58 -2.65
C ILE A 312 -7.68 -30.29 -1.63
N ALA A 313 -8.75 -29.63 -2.07
CA ALA A 313 -9.87 -29.32 -1.18
C ALA A 313 -11.00 -30.31 -1.42
N TYR A 314 -11.65 -30.73 -0.35
CA TYR A 314 -12.78 -31.64 -0.47
C TYR A 314 -13.75 -31.41 0.67
N GLN A 315 -15.04 -31.54 0.38
CA GLN A 315 -16.11 -31.39 1.36
C GLN A 315 -16.82 -32.72 1.52
N GLU A 316 -16.97 -33.15 2.77
CA GLU A 316 -17.60 -34.44 3.03
C GLU A 316 -19.06 -34.40 2.62
N PRO A 317 -19.54 -35.38 1.84
CA PRO A 317 -20.96 -35.37 1.44
C PRO A 317 -21.87 -35.47 2.65
N ALA A 318 -22.99 -34.75 2.58
CA ALA A 318 -23.98 -34.79 3.66
C ALA A 318 -24.61 -36.16 3.78
N ASP A 319 -24.88 -36.81 2.66
CA ASP A 319 -25.49 -38.13 2.64
C ASP A 319 -24.49 -39.26 2.80
N ASP A 320 -23.19 -38.96 2.75
CA ASP A 320 -22.13 -39.96 2.80
C ASP A 320 -22.30 -40.98 1.66
N SER A 321 -22.20 -40.47 0.44
CA SER A 321 -22.41 -41.28 -0.77
C SER A 321 -21.13 -42.03 -1.14
N SER A 322 -20.62 -42.78 -0.17
CA SER A 322 -19.43 -43.64 -0.36
C SER A 322 -18.25 -42.85 -0.90
N PHE A 323 -17.92 -41.76 -0.20
CA PHE A 323 -16.75 -40.97 -0.58
C PHE A 323 -15.47 -41.75 -0.34
N SER A 324 -14.49 -41.54 -1.22
CA SER A 324 -13.19 -42.19 -1.13
C SER A 324 -12.13 -41.18 -1.54
N LEU A 325 -11.45 -40.59 -0.56
CA LEU A 325 -10.41 -39.61 -0.87
C LEU A 325 -9.27 -40.26 -1.63
N SER A 326 -9.13 -41.58 -1.55
CA SER A 326 -8.18 -42.28 -2.41
C SER A 326 -8.48 -41.98 -3.87
N GLN A 327 -9.76 -41.95 -4.24
CA GLN A 327 -10.12 -41.62 -5.62
C GLN A 327 -9.71 -40.20 -5.99
N GLU A 328 -9.86 -39.25 -5.06
CA GLU A 328 -9.52 -37.87 -5.37
C GLU A 328 -8.01 -37.69 -5.54
N VAL A 329 -7.22 -38.21 -4.60
CA VAL A 329 -5.78 -38.13 -4.75
C VAL A 329 -5.32 -38.91 -5.97
N LEU A 330 -5.98 -40.04 -6.27
CA LEU A 330 -5.62 -40.81 -7.44
C LEU A 330 -5.87 -40.03 -8.73
N ARG A 331 -7.03 -39.38 -8.84
CA ARG A 331 -7.32 -38.63 -10.06
C ARG A 331 -6.43 -37.40 -10.18
N HIS A 332 -6.04 -36.80 -9.06
CA HIS A 332 -5.03 -35.73 -9.14
C HIS A 332 -3.70 -36.29 -9.65
N LEU A 333 -3.33 -37.48 -9.20
CA LEU A 333 -2.13 -38.13 -9.73
C LEU A 333 -2.24 -38.33 -11.24
N ARG A 334 -3.41 -38.76 -11.71
CA ARG A 334 -3.61 -38.92 -13.15
C ARG A 334 -3.44 -37.60 -13.89
N GLN A 335 -4.07 -36.53 -13.39
CA GLN A 335 -4.01 -35.27 -14.13
C GLN A 335 -2.64 -34.63 -14.04
N GLU A 336 -1.80 -35.05 -13.08
CA GLU A 336 -0.45 -34.51 -13.00
C GLU A 336 0.35 -34.84 -14.25
N GLU A 337 0.24 -36.07 -14.76
CA GLU A 337 0.94 -36.46 -15.96
C GLU A 337 0.11 -36.14 -17.20
N SER B 4 -1.57 -5.86 32.06
CA SER B 4 -1.66 -4.72 32.95
C SER B 4 -0.61 -4.80 34.04
N SER B 5 0.18 -5.86 34.01
CA SER B 5 1.25 -6.04 34.98
C SER B 5 2.57 -6.32 34.27
N LEU B 6 2.49 -6.86 33.05
CA LEU B 6 3.69 -7.17 32.28
C LEU B 6 4.48 -5.91 31.95
N HIS B 7 3.78 -4.84 31.57
CA HIS B 7 4.43 -3.59 31.21
C HIS B 7 3.40 -2.48 31.23
N PRO B 8 3.75 -1.27 31.68
CA PRO B 8 2.76 -0.18 31.67
C PRO B 8 2.27 0.19 30.29
N SER B 9 3.02 -0.15 29.24
CA SER B 9 2.63 0.25 27.89
C SER B 9 1.44 -0.55 27.36
N ILE B 10 1.12 -1.68 27.96
CA ILE B 10 0.01 -2.52 27.50
C ILE B 10 -1.32 -1.84 27.84
N PRO B 11 -2.21 -1.65 26.87
CA PRO B 11 -3.47 -0.97 27.15
C PRO B 11 -4.43 -1.83 27.94
N CYS B 12 -5.45 -1.17 28.49
CA CYS B 12 -6.55 -1.79 29.19
C CYS B 12 -7.78 -1.88 28.29
N PRO B 13 -8.67 -2.86 28.51
CA PRO B 13 -9.85 -2.98 27.65
C PRO B 13 -10.75 -1.77 27.78
N ARG B 14 -11.45 -1.46 26.70
CA ARG B 14 -12.29 -0.27 26.66
C ARG B 14 -13.44 -0.39 27.65
N GLY B 15 -13.81 0.75 28.24
CA GLY B 15 -14.82 0.83 29.27
C GLY B 15 -16.13 1.41 28.78
N HIS B 16 -16.67 2.36 29.55
CA HIS B 16 -18.01 2.89 29.34
C HIS B 16 -18.01 4.41 29.33
N GLY B 17 -16.92 5.03 28.85
CA GLY B 17 -16.87 6.48 28.80
C GLY B 17 -17.87 7.09 27.83
N ALA B 18 -18.12 6.41 26.71
CA ALA B 18 -19.03 6.95 25.71
C ALA B 18 -20.44 7.09 26.27
N GLN B 19 -20.89 6.11 27.04
CA GLN B 19 -22.24 6.19 27.61
C GLN B 19 -22.35 7.31 28.64
N LYS B 20 -21.32 7.51 29.47
CA LYS B 20 -21.35 8.62 30.42
C LYS B 20 -21.40 9.97 29.68
N ALA B 21 -20.57 10.12 28.65
CA ALA B 21 -20.60 11.38 27.90
C ALA B 21 -21.94 11.58 27.22
N ALA B 22 -22.53 10.51 26.69
CA ALA B 22 -23.84 10.62 26.08
C ALA B 22 -24.90 11.03 27.09
N LEU B 23 -24.83 10.49 28.31
CA LEU B 23 -25.77 10.88 29.35
C LEU B 23 -25.63 12.35 29.70
N VAL B 24 -24.39 12.84 29.82
CA VAL B 24 -24.19 14.25 30.12
C VAL B 24 -24.73 15.13 28.99
N LEU B 25 -24.48 14.73 27.74
CA LEU B 25 -25.00 15.49 26.61
C LEU B 25 -26.52 15.52 26.60
N LEU B 26 -27.15 14.37 26.90
CA LEU B 26 -28.61 14.32 26.97
C LEU B 26 -29.14 15.24 28.06
N SER B 27 -28.49 15.23 29.22
CA SER B 27 -28.94 16.09 30.31
C SER B 27 -28.82 17.57 29.94
N ALA B 28 -27.70 17.96 29.32
CA ALA B 28 -27.54 19.35 28.92
C ALA B 28 -28.57 19.74 27.86
N CYS B 29 -28.84 18.85 26.90
CA CYS B 29 -29.84 19.15 25.88
C CYS B 29 -31.23 19.31 26.49
N LEU B 30 -31.58 18.44 27.45
CA LEU B 30 -32.89 18.55 28.09
C LEU B 30 -33.01 19.85 28.88
N VAL B 31 -31.94 20.23 29.60
CA VAL B 31 -31.97 21.48 30.34
C VAL B 31 -32.10 22.67 29.38
N THR B 32 -31.38 22.65 28.26
CA THR B 32 -31.49 23.73 27.30
C THR B 32 -32.90 23.82 26.73
N LEU B 33 -33.51 22.68 26.43
CA LEU B 33 -34.89 22.69 25.93
C LEU B 33 -35.85 23.23 26.97
N TRP B 34 -35.65 22.89 28.24
CA TRP B 34 -36.50 23.45 29.29
C TRP B 34 -36.30 24.96 29.42
N GLY B 35 -35.07 25.44 29.24
CA GLY B 35 -34.82 26.87 29.34
C GLY B 35 -35.56 27.67 28.30
N LEU B 36 -35.56 27.19 27.05
CA LEU B 36 -36.30 27.87 26.00
C LEU B 36 -37.79 27.64 26.15
N GLY B 37 -38.57 28.58 25.60
CA GLY B 37 -40.01 28.51 25.68
C GLY B 37 -40.62 27.89 24.44
N GLU B 38 -41.30 26.77 24.63
CA GLU B 38 -41.94 26.04 23.55
C GLU B 38 -42.79 24.93 24.16
N PRO B 39 -43.82 24.48 23.45
CA PRO B 39 -44.57 23.29 23.89
C PRO B 39 -43.78 22.03 23.60
N PRO B 40 -44.01 20.95 24.37
CA PRO B 40 -43.28 19.71 24.12
C PRO B 40 -43.84 18.85 23.00
N GLU B 41 -45.06 19.13 22.53
CA GLU B 41 -45.62 18.33 21.44
C GLU B 41 -44.79 18.46 20.18
N HIS B 42 -44.28 19.66 19.89
CA HIS B 42 -43.40 19.83 18.75
C HIS B 42 -42.14 18.99 18.90
N THR B 43 -41.57 18.94 20.11
CA THR B 43 -40.39 18.12 20.33
C THR B 43 -40.70 16.66 20.05
N LEU B 44 -41.83 16.16 20.55
CA LEU B 44 -42.19 14.77 20.30
C LEU B 44 -42.34 14.50 18.81
N ARG B 45 -43.05 15.37 18.10
CA ARG B 45 -43.30 15.15 16.68
C ARG B 45 -42.01 15.13 15.89
N TYR B 46 -41.13 16.11 16.14
CA TYR B 46 -39.88 16.17 15.38
C TYR B 46 -38.97 15.00 15.71
N LEU B 47 -38.91 14.59 16.98
CA LEU B 47 -38.07 13.45 17.33
C LEU B 47 -38.56 12.18 16.64
N VAL B 48 -39.87 11.96 16.64
CA VAL B 48 -40.41 10.76 15.98
C VAL B 48 -40.11 10.78 14.49
N LEU B 49 -40.28 11.95 13.85
CA LEU B 49 -40.01 12.03 12.42
C LEU B 49 -38.55 11.76 12.11
N HIS B 50 -37.64 12.31 12.91
CA HIS B 50 -36.21 12.07 12.67
C HIS B 50 -35.88 10.59 12.79
N LEU B 51 -36.41 9.92 13.83
CA LEU B 51 -36.11 8.50 13.98
C LEU B 51 -36.67 7.69 12.83
N ALA B 52 -37.87 8.02 12.36
CA ALA B 52 -38.45 7.29 11.23
C ALA B 52 -37.62 7.48 9.97
N SER B 53 -37.14 8.70 9.72
CA SER B 53 -36.31 8.93 8.54
C SER B 53 -35.02 8.13 8.62
N LEU B 54 -34.43 8.04 9.81
CA LEU B 54 -33.23 7.21 9.97
C LEU B 54 -33.51 5.76 9.63
N GLN B 55 -34.66 5.23 10.09
CA GLN B 55 -34.99 3.84 9.79
C GLN B 55 -35.15 3.61 8.29
N LEU B 56 -35.83 4.52 7.60
CA LEU B 56 -36.00 4.37 6.15
C LEU B 56 -34.66 4.43 5.43
N GLY B 57 -33.76 5.31 5.87
CA GLY B 57 -32.44 5.34 5.28
C GLY B 57 -31.69 4.03 5.44
N LEU B 58 -31.77 3.44 6.64
CA LEU B 58 -31.11 2.14 6.84
C LEU B 58 -31.70 1.07 5.92
N LEU B 59 -33.02 1.07 5.76
CA LEU B 59 -33.63 0.07 4.87
C LEU B 59 -33.17 0.25 3.43
N LEU B 60 -33.10 1.50 2.96
CA LEU B 60 -32.65 1.72 1.59
C LEU B 60 -31.21 1.25 1.40
N ASN B 61 -30.35 1.53 2.39
CA ASN B 61 -28.98 1.03 2.32
C ASN B 61 -28.94 -0.48 2.26
N GLY B 62 -29.78 -1.15 3.06
CA GLY B 62 -29.81 -2.59 3.04
C GLY B 62 -30.24 -3.16 1.70
N VAL B 63 -31.25 -2.56 1.08
CA VAL B 63 -31.69 -3.03 -0.24
C VAL B 63 -30.60 -2.82 -1.27
N CYS B 64 -29.90 -1.68 -1.21
CA CYS B 64 -28.79 -1.46 -2.14
C CYS B 64 -27.69 -2.49 -1.94
N SER B 65 -27.39 -2.83 -0.69
CA SER B 65 -26.36 -3.83 -0.42
C SER B 65 -26.78 -5.24 -0.81
N LEU B 66 -28.09 -5.52 -0.84
CA LEU B 66 -28.54 -6.86 -1.23
C LEU B 66 -28.25 -7.17 -2.69
N ALA B 67 -27.97 -6.17 -3.52
CA ALA B 67 -27.65 -6.44 -4.91
C ALA B 67 -26.33 -7.16 -5.06
N GLU B 68 -25.48 -7.14 -4.04
CA GLU B 68 -24.22 -7.85 -4.07
C GLU B 68 -24.32 -9.26 -3.50
N GLU B 69 -24.95 -9.43 -2.34
CA GLU B 69 -24.94 -10.71 -1.67
C GLU B 69 -25.77 -11.77 -2.37
N LEU B 70 -26.54 -11.41 -3.40
CA LEU B 70 -27.30 -12.40 -4.15
C LEU B 70 -26.51 -13.00 -5.29
N ARG B 71 -25.27 -12.57 -5.51
CA ARG B 71 -24.40 -13.20 -6.49
C ARG B 71 -23.58 -14.35 -5.90
N HIS B 72 -23.42 -14.39 -4.58
CA HIS B 72 -22.71 -15.46 -3.91
C HIS B 72 -23.65 -16.32 -3.07
N ILE B 73 -24.88 -16.53 -3.53
CA ILE B 73 -25.85 -17.27 -2.71
C ILE B 73 -25.40 -18.71 -2.52
N HIS B 74 -25.05 -19.39 -3.62
CA HIS B 74 -24.72 -20.80 -3.60
C HIS B 74 -23.35 -21.10 -3.01
N SER B 75 -22.64 -20.07 -2.54
CA SER B 75 -21.31 -20.27 -2.00
C SER B 75 -21.27 -19.85 -0.54
N ARG B 76 -21.95 -18.76 -0.20
CA ARG B 76 -21.94 -18.24 1.16
C ARG B 76 -23.19 -18.58 1.95
N TYR B 77 -24.36 -18.57 1.34
CA TYR B 77 -25.62 -18.73 2.05
C TYR B 77 -26.31 -20.03 1.66
N ARG B 78 -25.51 -21.07 1.39
CA ARG B 78 -26.03 -22.37 1.00
C ARG B 78 -26.94 -22.26 -0.22
N GLY B 79 -28.24 -22.34 0.00
CA GLY B 79 -29.16 -22.23 -1.11
C GLY B 79 -30.46 -21.52 -0.77
N SER B 80 -30.44 -20.72 0.30
CA SER B 80 -31.66 -20.13 0.84
C SER B 80 -31.67 -18.63 0.58
N TYR B 81 -32.77 -18.14 0.01
CA TYR B 81 -33.00 -16.72 -0.12
C TYR B 81 -33.34 -16.06 1.21
N TRP B 82 -33.70 -16.86 2.23
CA TRP B 82 -34.11 -16.31 3.51
C TRP B 82 -32.92 -15.99 4.41
N ARG B 83 -31.81 -16.71 4.25
CA ARG B 83 -30.60 -16.36 5.00
C ARG B 83 -29.91 -15.15 4.40
N THR B 84 -30.00 -14.96 3.08
CA THR B 84 -29.37 -13.82 2.45
C THR B 84 -29.98 -12.51 2.94
N VAL B 85 -31.32 -12.48 3.06
CA VAL B 85 -31.96 -11.26 3.53
C VAL B 85 -31.75 -11.06 5.02
N ARG B 86 -31.43 -12.14 5.75
CA ARG B 86 -31.16 -11.98 7.17
C ARG B 86 -29.81 -11.34 7.41
N ALA B 87 -28.81 -11.68 6.58
CA ALA B 87 -27.48 -11.12 6.76
C ALA B 87 -27.46 -9.62 6.55
N CYS B 88 -28.17 -9.13 5.52
CA CYS B 88 -28.16 -7.71 5.18
C CYS B 88 -29.16 -6.92 6.03
N LEU B 89 -30.42 -7.37 6.06
CA LEU B 89 -31.50 -6.64 6.73
C LEU B 89 -31.76 -7.14 8.14
N GLY B 90 -30.73 -7.20 8.99
CA GLY B 90 -30.88 -7.56 10.38
C GLY B 90 -31.81 -8.73 10.68
N CYS B 91 -32.86 -8.48 11.45
CA CYS B 91 -33.91 -9.45 11.69
C CYS B 91 -35.18 -9.02 10.98
N PRO B 92 -35.72 -9.83 10.06
CA PRO B 92 -36.81 -9.34 9.20
C PRO B 92 -38.07 -8.91 9.93
N LEU B 93 -38.46 -9.59 11.02
CA LEU B 93 -39.74 -9.29 11.66
C LEU B 93 -39.70 -7.94 12.37
N ARG B 94 -38.65 -7.70 13.17
CA ARG B 94 -38.50 -6.41 13.82
C ARG B 94 -38.39 -5.29 12.78
N ARG B 95 -37.65 -5.56 11.70
CA ARG B 95 -37.50 -4.56 10.65
C ARG B 95 -38.83 -4.23 10.01
N GLY B 96 -39.68 -5.23 9.78
CA GLY B 96 -40.99 -4.96 9.21
C GLY B 96 -41.90 -4.19 10.15
N ALA B 97 -41.85 -4.52 11.44
CA ALA B 97 -42.64 -3.76 12.41
C ALA B 97 -42.20 -2.30 12.43
N LEU B 98 -40.89 -2.07 12.43
CA LEU B 98 -40.38 -0.71 12.41
C LEU B 98 -40.74 0.00 11.11
N LEU B 99 -40.75 -0.74 9.99
CA LEU B 99 -41.18 -0.18 8.72
C LEU B 99 -42.61 0.34 8.82
N LEU B 100 -43.52 -0.50 9.31
CA LEU B 100 -44.92 -0.09 9.39
C LEU B 100 -45.10 1.09 10.33
N LEU B 101 -44.45 1.06 11.50
CA LEU B 101 -44.57 2.17 12.43
C LEU B 101 -44.04 3.46 11.83
N SER B 102 -42.87 3.40 11.20
CA SER B 102 -42.29 4.60 10.61
C SER B 102 -43.16 5.15 9.48
N ILE B 103 -43.68 4.27 8.63
CA ILE B 103 -44.53 4.73 7.53
C ILE B 103 -45.79 5.40 8.08
N TYR B 104 -46.43 4.79 9.08
CA TYR B 104 -47.64 5.37 9.64
C TYR B 104 -47.36 6.71 10.30
N PHE B 105 -46.26 6.82 11.05
CA PHE B 105 -45.97 8.08 11.71
C PHE B 105 -45.43 9.15 10.77
N TYR B 106 -44.97 8.75 9.57
CA TYR B 106 -44.36 9.70 8.64
C TYR B 106 -45.34 10.17 7.58
N TYR B 107 -46.36 9.36 7.29
CA TYR B 107 -47.42 9.73 6.36
C TYR B 107 -48.30 10.85 6.90
N SER B 108 -48.26 11.12 8.20
CA SER B 108 -49.07 12.18 8.79
C SER B 108 -48.20 13.39 9.16
N PRO B 116 -45.16 17.58 -0.89
CA PRO B 116 -45.96 16.88 0.11
C PRO B 116 -45.21 15.76 0.81
N PHE B 117 -45.61 14.51 0.57
CA PHE B 117 -44.98 13.36 1.20
C PHE B 117 -44.13 12.54 0.24
N THR B 118 -44.62 12.28 -0.98
CA THR B 118 -43.84 11.56 -1.96
C THR B 118 -42.57 12.30 -2.33
N TRP B 119 -42.56 13.62 -2.17
CA TRP B 119 -41.36 14.40 -2.50
C TRP B 119 -40.19 14.03 -1.60
N MET B 120 -40.45 13.85 -0.31
CA MET B 120 -39.36 13.60 0.64
C MET B 120 -38.71 12.23 0.42
N LEU B 121 -39.49 11.25 -0.03
CA LEU B 121 -38.90 9.94 -0.31
C LEU B 121 -37.81 10.04 -1.37
N ALA B 122 -38.04 10.87 -2.39
CA ALA B 122 -37.03 11.09 -3.41
C ALA B 122 -35.78 11.74 -2.83
N LEU B 123 -35.94 12.68 -1.90
CA LEU B 123 -34.80 13.34 -1.29
C LEU B 123 -33.97 12.35 -0.46
N LEU B 124 -34.64 11.49 0.30
CA LEU B 124 -33.93 10.45 1.03
C LEU B 124 -33.21 9.51 0.08
N GLY B 125 -33.84 9.17 -1.04
CA GLY B 125 -33.19 8.33 -2.03
C GLY B 125 -31.93 8.97 -2.58
N LEU B 126 -32.00 10.26 -2.94
CA LEU B 126 -30.82 10.95 -3.44
C LEU B 126 -29.72 10.99 -2.40
N SER B 127 -30.06 11.32 -1.16
CA SER B 127 -29.03 11.43 -0.12
C SER B 127 -28.36 10.08 0.13
N GLN B 128 -29.14 9.01 0.21
CA GLN B 128 -28.57 7.70 0.43
C GLN B 128 -27.70 7.25 -0.73
N ALA B 129 -28.15 7.50 -1.97
CA ALA B 129 -27.35 7.15 -3.12
C ALA B 129 -26.04 7.93 -3.15
N LEU B 130 -26.08 9.22 -2.80
CA LEU B 130 -24.86 10.00 -2.74
C LEU B 130 -23.92 9.47 -1.68
N ASN B 131 -24.45 9.07 -0.51
CA ASN B 131 -23.60 8.50 0.52
C ASN B 131 -22.94 7.22 0.05
N ILE B 132 -23.69 6.37 -0.66
CA ILE B 132 -23.12 5.11 -1.12
C ILE B 132 -22.05 5.35 -2.18
N LEU B 133 -22.31 6.28 -3.11
CA LEU B 133 -21.40 6.47 -4.24
C LEU B 133 -20.17 7.28 -3.83
N LEU B 134 -20.38 8.52 -3.38
CA LEU B 134 -19.27 9.41 -3.07
C LEU B 134 -18.53 9.04 -1.80
N GLY B 135 -19.06 8.11 -1.02
CA GLY B 135 -18.41 7.66 0.20
C GLY B 135 -18.29 8.69 1.30
N LEU B 136 -19.34 9.50 1.50
CA LEU B 136 -19.32 10.46 2.60
C LEU B 136 -19.30 9.77 3.96
N LYS B 137 -20.08 8.70 4.11
CA LYS B 137 -20.13 7.98 5.36
C LYS B 137 -18.99 6.98 5.43
N GLY B 138 -18.49 6.76 6.65
CA GLY B 138 -17.38 5.84 6.84
C GLY B 138 -17.12 5.69 8.33
N LEU B 139 -16.13 4.88 8.65
CA LEU B 139 -15.79 4.57 10.02
C LEU B 139 -14.39 5.06 10.34
N ALA B 140 -14.25 5.77 11.46
CA ALA B 140 -12.97 6.30 11.87
C ALA B 140 -12.05 5.18 12.35
N PRO B 141 -10.74 5.41 12.33
CA PRO B 141 -9.82 4.34 12.75
C PRO B 141 -10.03 3.85 14.17
N ALA B 142 -10.45 4.72 15.09
CA ALA B 142 -10.77 4.30 16.45
C ALA B 142 -12.22 3.88 16.61
N GLU B 143 -12.98 3.79 15.51
CA GLU B 143 -14.33 3.27 15.54
C GLU B 143 -14.43 1.86 14.97
N ILE B 144 -13.54 1.49 14.04
CA ILE B 144 -13.42 0.09 13.62
C ILE B 144 -12.51 -0.70 14.54
N SER B 145 -11.77 -0.04 15.42
CA SER B 145 -10.90 -0.73 16.35
C SER B 145 -11.62 -1.13 17.63
N ALA B 146 -12.82 -0.61 17.87
CA ALA B 146 -13.63 -1.03 18.99
C ALA B 146 -14.74 -1.99 18.61
N VAL B 147 -14.90 -2.27 17.32
CA VAL B 147 -15.94 -3.18 16.85
C VAL B 147 -15.28 -4.51 16.49
N CYS B 148 -13.98 -4.48 16.22
CA CYS B 148 -13.23 -5.70 15.99
C CYS B 148 -12.51 -6.17 17.24
N GLU B 149 -12.68 -5.50 18.37
CA GLU B 149 -12.09 -5.96 19.61
C GLU B 149 -13.11 -6.68 20.49
N LYS B 150 -14.38 -6.28 20.43
CA LYS B 150 -15.41 -7.04 21.13
C LYS B 150 -15.78 -8.29 20.37
N GLY B 151 -15.63 -8.30 19.05
CA GLY B 151 -15.96 -9.45 18.25
C GLY B 151 -14.82 -10.41 17.95
N ASN B 152 -13.60 -10.08 18.38
CA ASN B 152 -12.43 -10.93 18.17
C ASN B 152 -12.15 -11.14 16.68
N PHE B 153 -11.87 -10.04 15.99
CA PHE B 153 -11.53 -10.03 14.58
C PHE B 153 -10.08 -9.60 14.36
N ASN B 154 -9.18 -10.08 15.20
CA ASN B 154 -7.78 -9.67 15.18
C ASN B 154 -6.89 -10.77 14.64
N VAL B 155 -5.73 -10.39 14.14
CA VAL B 155 -4.70 -11.36 13.78
C VAL B 155 -4.07 -11.95 15.03
N ALA B 156 -3.81 -11.13 16.03
CA ALA B 156 -3.12 -11.58 17.23
C ALA B 156 -3.97 -12.54 18.06
N HIS B 157 -5.29 -12.42 18.00
CA HIS B 157 -6.15 -13.39 18.69
C HIS B 157 -5.92 -14.78 18.15
N GLY B 158 -5.98 -14.94 16.83
CA GLY B 158 -5.73 -16.23 16.23
C GLY B 158 -4.32 -16.71 16.50
N LEU B 159 -3.33 -15.82 16.41
CA LEU B 159 -1.95 -16.24 16.64
C LEU B 159 -1.74 -16.73 18.06
N ALA B 160 -2.30 -16.03 19.05
CA ALA B 160 -2.13 -16.44 20.45
C ALA B 160 -2.82 -17.76 20.73
N TRP B 161 -4.03 -17.95 20.21
CA TRP B 161 -4.69 -19.22 20.43
C TRP B 161 -3.95 -20.37 19.75
N SER B 162 -3.42 -20.11 18.54
CA SER B 162 -2.61 -21.11 17.87
C SER B 162 -1.38 -21.47 18.69
N TYR B 163 -0.71 -20.46 19.24
CA TYR B 163 0.47 -20.70 20.06
C TYR B 163 0.13 -21.57 21.25
N TYR B 164 -0.92 -21.20 21.98
CA TYR B 164 -1.34 -21.98 23.13
C TYR B 164 -1.62 -23.43 22.74
N ILE B 165 -2.60 -23.63 21.87
CA ILE B 165 -3.05 -24.98 21.49
C ILE B 165 -1.90 -25.83 20.96
N GLY B 166 -1.04 -25.25 20.10
CA GLY B 166 -0.04 -26.06 19.44
C GLY B 166 1.24 -26.28 20.20
N TYR B 167 1.56 -25.41 21.17
CA TYR B 167 2.81 -25.56 21.90
C TYR B 167 2.60 -25.76 23.39
N LEU B 168 1.89 -24.87 24.05
CA LEU B 168 1.95 -24.83 25.51
C LEU B 168 0.99 -25.83 26.14
N ARG B 169 -0.10 -26.16 25.45
CA ARG B 169 -0.93 -27.25 25.91
C ARG B 169 -0.27 -28.61 25.70
N LEU B 170 0.85 -28.64 24.98
CA LEU B 170 1.55 -29.89 24.64
C LEU B 170 2.79 -30.12 25.50
N ILE B 171 3.64 -29.12 25.68
CA ILE B 171 4.90 -29.37 26.37
C ILE B 171 4.85 -29.03 27.85
N LEU B 172 3.93 -28.17 28.28
CA LEU B 172 3.95 -27.71 29.67
C LEU B 172 3.72 -28.82 30.69
N PRO B 173 2.75 -29.73 30.51
CA PRO B 173 2.56 -30.78 31.52
C PRO B 173 3.78 -31.66 31.75
N GLU B 174 4.57 -31.93 30.71
CA GLU B 174 5.68 -32.87 30.80
C GLU B 174 7.03 -32.17 30.94
N LEU B 175 7.03 -30.88 31.29
CA LEU B 175 8.28 -30.13 31.30
C LEU B 175 9.15 -30.52 32.49
N GLN B 176 8.55 -30.63 33.68
CA GLN B 176 9.36 -30.82 34.88
C GLN B 176 9.99 -32.19 34.93
N ALA B 177 9.37 -33.19 34.31
CA ALA B 177 9.97 -34.53 34.28
C ALA B 177 11.30 -34.52 33.51
N ARG B 178 11.32 -33.84 32.36
CA ARG B 178 12.56 -33.76 31.60
C ARG B 178 13.64 -33.02 32.36
N ILE B 179 13.27 -31.93 33.05
CA ILE B 179 14.23 -31.18 33.85
C ILE B 179 14.80 -32.06 34.95
N ARG B 180 13.93 -32.82 35.63
CA ARG B 180 14.39 -33.67 36.72
C ARG B 180 15.33 -34.76 36.21
N THR B 181 14.97 -35.42 35.11
CA THR B 181 15.81 -36.46 34.54
C THR B 181 17.17 -35.89 34.12
N TYR B 182 17.15 -34.71 33.49
CA TYR B 182 18.41 -34.09 33.10
C TYR B 182 19.26 -33.77 34.32
N ASN B 183 18.64 -33.30 35.41
CA ASN B 183 19.41 -33.01 36.61
C ASN B 183 20.06 -34.26 37.17
N GLN B 184 19.30 -35.35 37.33
CA GLN B 184 19.90 -36.52 37.97
C GLN B 184 20.78 -37.33 37.03
N HIS B 185 20.21 -37.87 35.95
CA HIS B 185 20.92 -38.89 35.18
C HIS B 185 22.15 -38.30 34.48
N TYR B 186 22.06 -37.09 33.96
CA TYR B 186 23.11 -36.54 33.11
C TYR B 186 23.92 -35.43 33.77
N ASN B 187 23.27 -34.39 34.29
CA ASN B 187 24.00 -33.26 34.83
C ASN B 187 24.80 -33.66 36.07
N ASN B 188 26.02 -33.15 36.15
CA ASN B 188 26.84 -33.40 37.33
C ASN B 188 26.37 -32.55 38.50
N LEU B 189 26.69 -33.01 39.71
CA LEU B 189 26.30 -32.30 40.91
C LEU B 189 27.15 -31.06 41.16
N LEU B 190 28.33 -30.96 40.54
CA LEU B 190 29.18 -29.79 40.74
C LEU B 190 28.58 -28.55 40.10
N ARG B 191 28.00 -28.69 38.91
CA ARG B 191 27.37 -27.57 38.24
C ARG B 191 26.03 -27.24 38.89
N GLY B 192 25.65 -25.97 38.81
CA GLY B 192 24.39 -25.54 39.38
C GLY B 192 23.21 -26.14 38.66
N ALA B 193 22.12 -26.32 39.39
CA ALA B 193 20.90 -26.88 38.82
C ALA B 193 20.12 -25.82 38.06
N VAL B 194 19.46 -26.24 36.99
CA VAL B 194 18.59 -25.36 36.22
C VAL B 194 17.23 -25.31 36.88
N SER B 195 16.69 -24.10 37.04
CA SER B 195 15.43 -23.92 37.73
C SER B 195 14.27 -24.37 36.85
N GLN B 196 13.09 -24.40 37.43
CA GLN B 196 11.87 -24.73 36.70
C GLN B 196 11.40 -23.49 35.95
N ARG B 197 10.15 -23.51 35.47
CA ARG B 197 9.49 -22.32 34.95
C ARG B 197 10.21 -21.75 33.72
N LEU B 198 10.06 -22.48 32.61
CA LEU B 198 10.43 -21.99 31.29
C LEU B 198 10.08 -20.52 31.12
N TYR B 199 11.08 -19.73 30.72
CA TYR B 199 10.93 -18.29 30.59
C TYR B 199 10.69 -17.89 29.15
N ILE B 200 9.64 -17.11 28.91
CA ILE B 200 9.27 -16.66 27.58
C ILE B 200 9.58 -15.18 27.49
N LEU B 201 10.37 -14.79 26.50
CA LEU B 201 10.70 -13.38 26.26
C LEU B 201 9.80 -12.86 25.14
N LEU B 202 9.19 -11.70 25.37
CA LEU B 202 8.23 -11.12 24.44
C LEU B 202 8.66 -9.69 24.12
N PRO B 203 9.60 -9.51 23.19
CA PRO B 203 10.01 -8.15 22.82
C PRO B 203 8.89 -7.42 22.10
N LEU B 204 8.46 -6.28 22.64
CA LEU B 204 7.38 -5.53 22.02
C LEU B 204 7.96 -4.68 20.90
N ASP B 205 8.79 -5.29 20.06
CA ASP B 205 9.35 -4.67 18.88
C ASP B 205 9.35 -5.60 17.70
N CYS B 206 9.02 -6.88 17.89
CA CYS B 206 9.00 -7.90 16.86
C CYS B 206 10.36 -8.12 16.23
N GLY B 207 11.43 -7.63 16.84
CA GLY B 207 12.76 -7.96 16.37
C GLY B 207 13.32 -9.15 17.11
N VAL B 208 13.19 -10.33 16.51
CA VAL B 208 13.56 -11.58 17.15
C VAL B 208 14.85 -12.07 16.51
N PRO B 209 15.99 -11.97 17.20
CA PRO B 209 17.25 -12.45 16.60
C PRO B 209 17.25 -13.96 16.46
N ASP B 210 17.86 -14.44 15.39
CA ASP B 210 17.91 -15.87 15.14
C ASP B 210 18.79 -16.57 16.20
N ASN B 211 19.93 -15.97 16.52
CA ASN B 211 20.83 -16.50 17.53
C ASN B 211 20.67 -15.70 18.80
N LEU B 212 20.41 -16.40 19.91
CA LEU B 212 20.17 -15.71 21.18
C LEU B 212 21.44 -15.17 21.79
N SER B 213 22.61 -15.72 21.42
CA SER B 213 23.87 -15.20 21.94
C SER B 213 24.11 -13.76 21.52
N MET B 214 23.48 -13.32 20.44
CA MET B 214 23.55 -11.92 20.03
C MET B 214 22.68 -11.07 20.94
N ALA B 215 22.92 -9.75 20.88
CA ALA B 215 22.20 -8.74 21.64
C ALA B 215 22.57 -8.75 23.12
N ASP B 216 23.31 -9.76 23.56
CA ASP B 216 23.90 -9.76 24.90
C ASP B 216 25.06 -10.74 24.98
N PRO B 217 26.29 -10.26 25.19
CA PRO B 217 27.42 -11.18 25.31
C PRO B 217 27.43 -12.02 26.57
N ASN B 218 26.58 -11.73 27.55
CA ASN B 218 26.63 -12.38 28.85
C ASN B 218 25.80 -13.67 28.92
N ILE B 219 25.20 -14.12 27.83
CA ILE B 219 24.44 -15.36 27.79
C ILE B 219 25.05 -16.27 26.75
N ARG B 220 25.35 -17.51 27.15
CA ARG B 220 26.03 -18.47 26.29
C ARG B 220 25.28 -19.80 26.29
N PHE B 221 25.34 -20.49 25.16
CA PHE B 221 24.63 -21.76 25.01
C PHE B 221 25.36 -22.86 25.75
N LEU B 222 24.65 -23.55 26.64
CA LEU B 222 25.28 -24.54 27.52
C LEU B 222 25.04 -25.98 27.06
N ASP B 223 23.77 -26.42 27.06
CA ASP B 223 23.39 -27.80 26.74
C ASP B 223 21.99 -27.78 26.14
N LYS B 224 21.37 -28.96 26.06
CA LYS B 224 20.03 -29.16 25.54
C LYS B 224 19.19 -29.94 26.55
N LEU B 225 18.01 -30.37 26.11
CA LEU B 225 17.09 -31.21 26.87
C LEU B 225 16.70 -32.43 26.04
N PRO B 226 16.31 -33.52 26.70
CA PRO B 226 15.73 -34.64 25.95
C PRO B 226 14.47 -34.20 25.22
N GLN B 227 14.28 -34.72 24.02
CA GLN B 227 13.15 -34.32 23.20
C GLN B 227 11.94 -35.20 23.46
N GLN B 228 10.77 -34.71 23.08
CA GLN B 228 9.54 -35.48 23.15
C GLN B 228 8.95 -35.62 21.76
N THR B 229 8.16 -36.67 21.56
CA THR B 229 7.63 -37.01 20.25
C THR B 229 6.12 -37.23 20.32
N GLY B 230 5.48 -37.12 19.16
CA GLY B 230 4.05 -37.36 19.06
C GLY B 230 3.64 -37.42 17.60
N ASP B 231 2.38 -37.78 17.38
CA ASP B 231 1.80 -37.86 16.04
C ASP B 231 0.75 -36.78 15.89
N ARG B 232 0.89 -35.94 14.87
CA ARG B 232 -0.01 -34.81 14.67
C ARG B 232 -0.26 -34.60 13.18
N ALA B 233 -1.53 -34.67 12.79
CA ALA B 233 -1.99 -34.29 11.45
C ALA B 233 -1.32 -35.13 10.36
N GLY B 234 -1.27 -36.44 10.58
CA GLY B 234 -0.76 -37.35 9.59
C GLY B 234 0.75 -37.45 9.51
N ILE B 235 1.48 -36.78 10.39
CA ILE B 235 2.94 -36.84 10.43
C ILE B 235 3.33 -37.66 11.64
N LYS B 236 4.20 -38.64 11.43
CA LYS B 236 4.63 -39.52 12.51
C LYS B 236 5.89 -38.98 13.18
N ASP B 237 5.84 -38.94 14.51
CA ASP B 237 6.98 -38.54 15.34
C ASP B 237 7.45 -37.12 15.02
N ARG B 238 6.59 -36.15 15.31
CA ARG B 238 7.02 -34.77 15.44
C ARG B 238 7.94 -34.64 16.65
N VAL B 239 8.83 -33.65 16.62
CA VAL B 239 9.86 -33.51 17.63
C VAL B 239 9.77 -32.12 18.24
N TYR B 240 9.83 -32.06 19.58
CA TYR B 240 9.90 -30.82 20.33
C TYR B 240 11.21 -30.79 21.11
N SER B 241 11.86 -29.64 21.15
CA SER B 241 13.16 -29.52 21.79
C SER B 241 13.28 -28.16 22.46
N ASN B 242 14.12 -28.09 23.49
CA ASN B 242 14.41 -26.85 24.21
C ASN B 242 15.92 -26.74 24.43
N SER B 243 16.33 -25.75 25.22
CA SER B 243 17.74 -25.49 25.43
C SER B 243 17.94 -24.82 26.78
N ILE B 244 19.19 -24.82 27.25
CA ILE B 244 19.58 -24.25 28.52
C ILE B 244 20.64 -23.19 28.27
N TYR B 245 20.50 -22.04 28.93
CA TYR B 245 21.44 -20.95 28.78
C TYR B 245 22.15 -20.64 30.08
N GLU B 246 23.28 -19.95 29.95
CA GLU B 246 24.13 -19.58 31.08
C GLU B 246 24.04 -18.07 31.27
N LEU B 247 23.93 -17.64 32.51
CA LEU B 247 23.76 -16.23 32.85
C LEU B 247 25.02 -15.75 33.57
N LEU B 248 25.96 -15.21 32.80
CA LEU B 248 27.21 -14.69 33.35
C LEU B 248 26.96 -13.36 34.03
N GLU B 249 27.45 -13.22 35.26
CA GLU B 249 27.33 -12.00 36.05
C GLU B 249 28.73 -11.45 36.28
N ASN B 250 29.09 -10.40 35.55
CA ASN B 250 30.38 -9.73 35.69
C ASN B 250 31.54 -10.71 35.47
N GLY B 251 31.35 -11.68 34.58
CA GLY B 251 32.36 -12.66 34.26
C GLY B 251 32.17 -14.02 34.92
N GLN B 252 31.36 -14.10 35.96
CA GLN B 252 31.09 -15.36 36.65
C GLN B 252 29.61 -15.70 36.55
N ARG B 253 29.30 -16.99 36.71
CA ARG B 253 27.92 -17.44 36.60
C ARG B 253 27.09 -16.92 37.76
N ALA B 254 25.83 -16.62 37.48
CA ALA B 254 24.86 -16.26 38.50
C ALA B 254 23.68 -17.22 38.57
N GLY B 255 23.45 -18.02 37.54
CA GLY B 255 22.32 -18.92 37.52
C GLY B 255 22.09 -19.46 36.12
N THR B 256 21.03 -20.25 36.00
CA THR B 256 20.66 -20.85 34.73
C THR B 256 19.15 -20.81 34.57
N CYS B 257 18.70 -20.97 33.33
CA CYS B 257 17.28 -20.89 33.02
C CYS B 257 17.03 -21.58 31.67
N VAL B 258 15.77 -21.58 31.24
CA VAL B 258 15.37 -22.13 29.95
C VAL B 258 14.71 -21.01 29.16
N LEU B 259 15.34 -20.62 28.06
CA LEU B 259 14.98 -19.39 27.35
C LEU B 259 14.32 -19.69 26.00
N GLU B 260 13.39 -18.82 25.62
CA GLU B 260 12.70 -18.87 24.33
C GLU B 260 12.15 -17.49 23.99
N TYR B 261 12.16 -17.11 22.71
CA TYR B 261 11.32 -16.01 22.27
C TYR B 261 9.94 -16.54 21.92
N ALA B 262 9.09 -15.67 21.37
CA ALA B 262 7.76 -16.07 20.91
C ALA B 262 7.75 -15.95 19.39
N THR B 263 7.68 -17.09 18.72
CA THR B 263 7.75 -17.11 17.25
C THR B 263 6.67 -16.27 16.56
N PRO B 264 5.42 -16.24 17.02
CA PRO B 264 4.43 -15.38 16.34
C PRO B 264 4.86 -13.94 16.24
N LEU B 265 5.72 -13.45 17.12
CA LEU B 265 6.28 -12.12 16.93
C LEU B 265 7.12 -12.05 15.66
N GLN B 266 7.91 -13.09 15.40
CA GLN B 266 8.67 -13.15 14.17
C GLN B 266 7.76 -13.20 12.96
N THR B 267 6.64 -13.93 13.07
CA THR B 267 5.69 -13.95 11.96
C THR B 267 5.09 -12.58 11.71
N LEU B 268 4.76 -11.85 12.77
CA LEU B 268 4.23 -10.49 12.60
C LEU B 268 5.24 -9.60 11.91
N PHE B 269 6.50 -9.65 12.35
CA PHE B 269 7.54 -8.82 11.75
C PHE B 269 7.72 -9.14 10.28
N ALA B 270 7.77 -10.42 9.93
CA ALA B 270 7.95 -10.79 8.53
C ALA B 270 6.71 -10.45 7.69
N MET B 271 5.53 -10.46 8.30
CA MET B 271 4.31 -10.06 7.59
C MET B 271 4.35 -8.57 7.27
N SER B 272 4.93 -7.76 8.15
CA SER B 272 4.87 -6.31 7.95
C SER B 272 5.68 -5.81 6.78
N GLN B 273 6.53 -6.64 6.17
CA GLN B 273 7.44 -6.19 5.12
C GLN B 273 7.03 -6.61 3.72
N TYR B 274 6.30 -7.70 3.56
CA TYR B 274 5.82 -8.09 2.25
C TYR B 274 4.74 -7.14 1.78
N SER B 275 4.66 -6.93 0.47
CA SER B 275 3.66 -6.02 -0.08
C SER B 275 2.29 -6.64 -0.13
N GLN B 276 2.19 -7.95 -0.34
CA GLN B 276 0.90 -8.60 -0.48
C GLN B 276 0.17 -8.75 0.85
N ALA B 277 0.92 -8.76 1.96
CA ALA B 277 0.28 -8.94 3.26
C ALA B 277 -0.63 -7.78 3.61
N GLY B 278 -0.31 -6.57 3.14
CA GLY B 278 -1.13 -5.42 3.49
C GLY B 278 -1.09 -5.09 4.96
N PHE B 279 0.10 -5.12 5.57
CA PHE B 279 0.26 -4.95 7.00
C PHE B 279 1.15 -3.74 7.23
N SER B 280 0.60 -2.71 7.86
CA SER B 280 1.34 -1.47 8.06
C SER B 280 2.42 -1.64 9.12
N ARG B 281 3.30 -0.65 9.20
CA ARG B 281 4.33 -0.67 10.22
C ARG B 281 3.81 -0.14 11.55
N GLU B 282 2.65 0.52 11.53
CA GLU B 282 2.02 0.96 12.77
C GLU B 282 1.11 -0.12 13.36
N ASP B 283 0.63 -1.05 12.53
CA ASP B 283 -0.20 -2.14 13.05
C ASP B 283 0.61 -3.09 13.92
N ARG B 284 1.77 -3.52 13.44
CA ARG B 284 2.42 -4.60 14.17
C ARG B 284 3.05 -4.15 15.45
N LEU B 285 2.77 -2.98 16.01
CA LEU B 285 3.08 -2.70 17.40
C LEU B 285 1.87 -2.90 18.30
N GLU B 286 0.72 -2.35 17.92
CA GLU B 286 -0.51 -2.62 18.65
C GLU B 286 -0.85 -4.10 18.61
N GLN B 287 -0.53 -4.80 17.51
CA GLN B 287 -0.81 -6.22 17.45
C GLN B 287 0.11 -6.99 18.39
N ALA B 288 1.36 -6.57 18.54
CA ALA B 288 2.24 -7.23 19.48
C ALA B 288 1.76 -7.06 20.91
N LYS B 289 1.34 -5.84 21.27
CA LYS B 289 0.85 -5.61 22.62
C LYS B 289 -0.45 -6.38 22.88
N LEU B 290 -1.32 -6.45 21.88
CA LEU B 290 -2.56 -7.22 22.03
C LEU B 290 -2.28 -8.71 22.14
N PHE B 291 -1.28 -9.22 21.41
CA PHE B 291 -0.89 -10.61 21.54
C PHE B 291 -0.40 -10.91 22.95
N CYS B 292 0.42 -10.02 23.52
CA CYS B 292 0.89 -10.23 24.89
C CYS B 292 -0.27 -10.25 25.87
N ARG B 293 -1.20 -9.30 25.72
CA ARG B 293 -2.35 -9.26 26.63
C ARG B 293 -3.19 -10.53 26.54
N THR B 294 -3.47 -11.00 25.32
CA THR B 294 -4.29 -12.19 25.16
C THR B 294 -3.60 -13.43 25.69
N LEU B 295 -2.29 -13.57 25.46
CA LEU B 295 -1.59 -14.73 25.99
C LEU B 295 -1.59 -14.75 27.51
N GLU B 296 -1.39 -13.58 28.13
CA GLU B 296 -1.46 -13.50 29.58
C GLU B 296 -2.84 -13.90 30.08
N ASP B 297 -3.90 -13.40 29.45
CA ASP B 297 -5.25 -13.77 29.86
C ASP B 297 -5.48 -15.28 29.74
N ILE B 298 -5.02 -15.88 28.65
CA ILE B 298 -5.21 -17.32 28.45
C ILE B 298 -4.49 -18.10 29.53
N LEU B 299 -3.24 -17.73 29.82
CA LEU B 299 -2.49 -18.44 30.85
C LEU B 299 -3.00 -18.15 32.26
N ALA B 300 -3.84 -17.13 32.44
CA ALA B 300 -4.31 -16.78 33.77
C ALA B 300 -5.12 -17.91 34.40
N ASP B 301 -5.99 -18.56 33.63
CA ASP B 301 -6.90 -19.56 34.18
C ASP B 301 -6.75 -20.93 33.54
N ALA B 302 -5.64 -21.20 32.89
CA ALA B 302 -5.42 -22.52 32.33
C ALA B 302 -5.01 -23.50 33.43
N PRO B 303 -5.32 -24.79 33.26
CA PRO B 303 -4.81 -25.79 34.21
C PRO B 303 -3.29 -25.85 34.30
N GLU B 304 -2.60 -25.65 33.17
CA GLU B 304 -1.13 -25.60 33.18
C GLU B 304 -0.69 -24.14 33.27
N SER B 305 -0.95 -23.56 34.44
CA SER B 305 -0.91 -22.11 34.61
C SER B 305 0.53 -21.63 34.67
N GLN B 306 0.72 -20.37 35.08
CA GLN B 306 2.04 -19.76 35.16
C GLN B 306 2.94 -20.41 36.20
N ASN B 307 2.50 -21.49 36.84
CA ASN B 307 3.37 -22.25 37.72
C ASN B 307 4.54 -22.89 36.96
N ASN B 308 4.43 -23.00 35.64
CA ASN B 308 5.47 -23.60 34.82
C ASN B 308 6.07 -22.66 33.80
N CYS B 309 5.63 -21.40 33.73
CA CYS B 309 6.21 -20.48 32.76
C CYS B 309 6.02 -19.04 33.25
N ARG B 310 6.97 -18.19 32.91
CA ARG B 310 6.92 -16.76 33.21
C ARG B 310 7.03 -15.95 31.94
N LEU B 311 6.31 -14.84 31.90
CA LEU B 311 6.30 -13.94 30.75
C LEU B 311 7.15 -12.73 31.09
N ILE B 312 7.97 -12.30 30.13
CA ILE B 312 8.83 -11.13 30.29
C ILE B 312 8.62 -10.23 29.08
N ALA B 313 8.18 -9.00 29.32
CA ALA B 313 7.96 -8.02 28.26
C ALA B 313 8.90 -6.85 28.49
N TYR B 314 9.57 -6.40 27.43
CA TYR B 314 10.47 -5.27 27.54
C TYR B 314 10.45 -4.47 26.25
N GLN B 315 10.62 -3.16 26.39
CA GLN B 315 10.69 -2.24 25.27
C GLN B 315 12.08 -1.65 25.22
N GLU B 316 12.72 -1.72 24.06
CA GLU B 316 14.11 -1.33 23.95
C GLU B 316 14.25 0.18 24.07
N PRO B 317 15.01 0.68 25.04
CA PRO B 317 15.23 2.12 25.14
C PRO B 317 15.95 2.66 23.92
N ALA B 318 15.59 3.89 23.54
CA ALA B 318 16.21 4.52 22.38
C ALA B 318 17.61 5.05 22.68
N ASP B 319 17.86 5.47 23.92
CA ASP B 319 19.15 6.05 24.28
C ASP B 319 20.17 5.03 24.73
N ASP B 320 19.80 3.75 24.83
CA ASP B 320 20.68 2.70 25.32
C ASP B 320 21.19 3.04 26.73
N SER B 321 20.23 3.15 27.66
CA SER B 321 20.54 3.53 29.04
C SER B 321 21.03 2.32 29.84
N SER B 322 22.13 1.75 29.37
CA SER B 322 22.77 0.61 30.02
C SER B 322 21.80 -0.55 30.21
N PHE B 323 20.98 -0.81 29.20
CA PHE B 323 19.97 -1.86 29.27
C PHE B 323 20.56 -3.15 28.72
N SER B 324 20.55 -4.20 29.54
CA SER B 324 21.03 -5.51 29.15
C SER B 324 20.00 -6.55 29.53
N LEU B 325 19.81 -7.54 28.67
CA LEU B 325 18.79 -8.56 28.92
C LEU B 325 19.07 -9.32 30.19
N SER B 326 20.35 -9.59 30.46
CA SER B 326 20.71 -10.42 31.61
C SER B 326 20.23 -9.79 32.91
N GLN B 327 20.30 -8.46 33.01
CA GLN B 327 19.86 -7.80 34.24
C GLN B 327 18.38 -8.09 34.50
N GLU B 328 17.54 -7.95 33.48
CA GLU B 328 16.11 -8.18 33.64
C GLU B 328 15.83 -9.66 33.92
N VAL B 329 16.56 -10.57 33.26
CA VAL B 329 16.33 -11.98 33.50
C VAL B 329 16.68 -12.36 34.93
N LEU B 330 17.81 -11.85 35.44
CA LEU B 330 18.15 -12.10 36.84
C LEU B 330 17.14 -11.46 37.78
N ARG B 331 16.67 -10.26 37.44
CA ARG B 331 15.67 -9.61 38.29
C ARG B 331 14.43 -10.48 38.42
N HIS B 332 13.99 -11.08 37.33
CA HIS B 332 12.82 -11.96 37.40
C HIS B 332 13.15 -13.29 38.06
N LEU B 333 14.37 -13.80 37.90
CA LEU B 333 14.75 -15.03 38.59
C LEU B 333 14.76 -14.86 40.09
N ARG B 334 15.05 -13.65 40.57
CA ARG B 334 15.26 -13.46 42.00
C ARG B 334 13.96 -13.48 42.82
N GLN B 335 12.79 -13.56 42.20
CA GLN B 335 11.54 -13.75 42.95
C GLN B 335 11.14 -15.21 43.06
N GLU B 336 11.88 -16.13 42.44
CA GLU B 336 11.53 -17.54 42.49
C GLU B 336 11.61 -18.09 43.92
N GLU B 337 12.65 -17.70 44.65
CA GLU B 337 12.85 -18.19 46.00
C GLU B 337 12.22 -17.26 47.03
N SER C 4 9.62 -1.69 -31.31
CA SER C 4 8.85 -1.72 -32.55
C SER C 4 9.22 -2.95 -33.37
N SER C 5 10.33 -3.59 -33.01
CA SER C 5 10.78 -4.79 -33.69
C SER C 5 11.05 -5.90 -32.70
N LEU C 6 11.37 -5.51 -31.46
CA LEU C 6 11.69 -6.50 -30.44
C LEU C 6 10.49 -7.37 -30.12
N HIS C 7 9.30 -6.77 -30.00
CA HIS C 7 8.09 -7.52 -29.70
C HIS C 7 6.90 -6.62 -29.98
N PRO C 8 5.79 -7.16 -30.51
CA PRO C 8 4.62 -6.33 -30.78
C PRO C 8 4.01 -5.71 -29.53
N SER C 9 4.28 -6.26 -28.34
CA SER C 9 3.66 -5.76 -27.13
C SER C 9 4.28 -4.45 -26.65
N ILE C 10 5.45 -4.07 -27.17
CA ILE C 10 6.11 -2.84 -26.76
C ILE C 10 5.35 -1.65 -27.33
N PRO C 11 4.96 -0.68 -26.51
CA PRO C 11 4.17 0.45 -27.01
C PRO C 11 5.02 1.42 -27.83
N CYS C 12 4.33 2.26 -28.58
CA CYS C 12 4.94 3.34 -29.33
C CYS C 12 4.76 4.66 -28.59
N PRO C 13 5.68 5.61 -28.76
CA PRO C 13 5.57 6.88 -28.03
C PRO C 13 4.35 7.66 -28.46
N ARG C 14 3.81 8.44 -27.54
CA ARG C 14 2.55 9.14 -27.77
C ARG C 14 2.69 10.17 -28.88
N GLY C 15 1.62 10.34 -29.64
CA GLY C 15 1.57 11.22 -30.79
C GLY C 15 0.79 12.48 -30.54
N HIS C 16 -0.10 12.82 -31.48
CA HIS C 16 -0.80 14.09 -31.51
C HIS C 16 -2.29 13.91 -31.73
N GLY C 17 -2.89 12.91 -31.08
CA GLY C 17 -4.33 12.72 -31.23
C GLY C 17 -5.15 13.76 -30.48
N ALA C 18 -4.64 14.24 -29.36
CA ALA C 18 -5.38 15.23 -28.57
C ALA C 18 -5.60 16.51 -29.37
N GLN C 19 -4.60 16.96 -30.11
CA GLN C 19 -4.74 18.18 -30.89
C GLN C 19 -5.75 18.00 -32.03
N LYS C 20 -5.76 16.84 -32.70
CA LYS C 20 -6.74 16.60 -33.73
C LYS C 20 -8.15 16.59 -33.16
N ALA C 21 -8.34 15.91 -32.03
CA ALA C 21 -9.66 15.92 -31.40
C ALA C 21 -10.06 17.32 -30.97
N ALA C 22 -9.10 18.11 -30.49
CA ALA C 22 -9.39 19.49 -30.11
C ALA C 22 -9.84 20.31 -31.31
N LEU C 23 -9.18 20.14 -32.46
CA LEU C 23 -9.62 20.85 -33.65
C LEU C 23 -11.03 20.44 -34.07
N VAL C 24 -11.33 19.14 -34.01
CA VAL C 24 -12.67 18.70 -34.39
C VAL C 24 -13.71 19.30 -33.44
N LEU C 25 -13.42 19.29 -32.14
CA LEU C 25 -14.36 19.87 -31.17
C LEU C 25 -14.53 21.36 -31.39
N LEU C 26 -13.44 22.08 -31.67
CA LEU C 26 -13.54 23.51 -31.92
C LEU C 26 -14.35 23.81 -33.17
N SER C 27 -14.16 23.01 -34.22
CA SER C 27 -14.94 23.22 -35.44
C SER C 27 -16.43 22.98 -35.19
N ALA C 28 -16.76 21.91 -34.46
CA ALA C 28 -18.16 21.64 -34.16
C ALA C 28 -18.76 22.76 -33.31
N CYS C 29 -18.01 23.25 -32.34
CA CYS C 29 -18.51 24.34 -31.49
C CYS C 29 -18.74 25.60 -32.30
N LEU C 30 -17.81 25.94 -33.21
CA LEU C 30 -17.96 27.13 -34.02
C LEU C 30 -19.16 27.01 -34.96
N VAL C 31 -19.34 25.83 -35.57
CA VAL C 31 -20.49 25.63 -36.43
C VAL C 31 -21.79 25.75 -35.64
N THR C 32 -21.84 25.17 -34.44
CA THR C 32 -23.05 25.27 -33.62
C THR C 32 -23.33 26.71 -33.25
N LEU C 33 -22.29 27.48 -32.92
CA LEU C 33 -22.50 28.89 -32.60
C LEU C 33 -22.99 29.67 -33.80
N TRP C 34 -22.49 29.36 -34.99
CA TRP C 34 -22.98 30.01 -36.20
C TRP C 34 -24.44 29.66 -36.46
N GLY C 35 -24.81 28.39 -36.23
CA GLY C 35 -26.19 27.99 -36.44
C GLY C 35 -27.17 28.72 -35.54
N LEU C 36 -26.80 28.90 -34.28
CA LEU C 36 -27.64 29.65 -33.36
C LEU C 36 -27.59 31.13 -33.67
N GLY C 37 -28.64 31.85 -33.27
CA GLY C 37 -28.75 33.26 -33.51
C GLY C 37 -28.34 34.08 -32.31
N GLU C 38 -27.28 34.86 -32.48
CA GLU C 38 -26.75 35.71 -31.42
C GLU C 38 -25.66 36.59 -32.01
N PRO C 39 -25.43 37.77 -31.44
CA PRO C 39 -24.30 38.60 -31.87
C PRO C 39 -23.00 38.04 -31.34
N PRO C 40 -21.90 38.19 -32.10
CA PRO C 40 -20.60 37.69 -31.64
C PRO C 40 -19.99 38.46 -30.48
N GLU C 41 -20.45 39.68 -30.21
CA GLU C 41 -19.87 40.47 -29.13
C GLU C 41 -20.06 39.78 -27.78
N HIS C 42 -21.23 39.19 -27.56
CA HIS C 42 -21.45 38.44 -26.34
C HIS C 42 -20.48 37.27 -26.22
N THR C 43 -20.23 36.57 -27.32
CA THR C 43 -19.28 35.47 -27.31
C THR C 43 -17.90 35.96 -26.90
N LEU C 44 -17.47 37.08 -27.48
CA LEU C 44 -16.15 37.61 -27.14
C LEU C 44 -16.08 37.98 -25.66
N ARG C 45 -17.11 38.67 -25.16
CA ARG C 45 -17.10 39.12 -23.77
C ARG C 45 -17.04 37.94 -22.81
N TYR C 46 -17.91 36.94 -23.02
CA TYR C 46 -17.93 35.80 -22.12
C TYR C 46 -16.65 34.98 -22.20
N LEU C 47 -16.08 34.80 -23.39
CA LEU C 47 -14.83 34.06 -23.48
C LEU C 47 -13.70 34.77 -22.74
N VAL C 48 -13.61 36.09 -22.89
CA VAL C 48 -12.56 36.83 -22.19
C VAL C 48 -12.74 36.71 -20.68
N LEU C 49 -13.98 36.83 -20.21
CA LEU C 49 -14.23 36.75 -18.77
C LEU C 49 -13.85 35.37 -18.23
N HIS C 50 -14.20 34.31 -18.95
CA HIS C 50 -13.86 32.96 -18.50
C HIS C 50 -12.36 32.79 -18.40
N LEU C 51 -11.61 33.25 -19.41
CA LEU C 51 -10.17 33.09 -19.37
C LEU C 51 -9.56 33.87 -18.20
N ALA C 52 -10.06 35.08 -17.96
CA ALA C 52 -9.54 35.87 -16.84
C ALA C 52 -9.81 35.19 -15.50
N SER C 53 -10.99 34.61 -15.33
CA SER C 53 -11.29 33.90 -14.09
C SER C 53 -10.35 32.71 -13.90
N LEU C 54 -10.06 32.00 -14.98
CA LEU C 54 -9.09 30.91 -14.87
C LEU C 54 -7.73 31.40 -14.41
N GLN C 55 -7.29 32.54 -14.96
CA GLN C 55 -5.98 33.07 -14.54
C GLN C 55 -5.96 33.43 -13.06
N LEU C 56 -7.03 34.07 -12.58
CA LEU C 56 -7.07 34.41 -11.16
C LEU C 56 -7.08 33.17 -10.28
N GLY C 57 -7.79 32.13 -10.69
CA GLY C 57 -7.76 30.88 -9.94
C GLY C 57 -6.36 30.30 -9.86
N LEU C 58 -5.63 30.32 -10.98
CA LEU C 58 -4.25 29.81 -10.95
C LEU C 58 -3.37 30.63 -10.01
N LEU C 59 -3.53 31.95 -10.00
CA LEU C 59 -2.74 32.78 -9.08
C LEU C 59 -3.04 32.43 -7.63
N LEU C 60 -4.32 32.26 -7.29
CA LEU C 60 -4.68 31.92 -5.91
C LEU C 60 -4.08 30.58 -5.51
N ASN C 61 -4.13 29.59 -6.41
CA ASN C 61 -3.52 28.31 -6.11
C ASN C 61 -2.02 28.45 -5.89
N GLY C 62 -1.36 29.26 -6.70
CA GLY C 62 0.07 29.46 -6.51
C GLY C 62 0.41 30.11 -5.18
N VAL C 63 -0.38 31.11 -4.77
CA VAL C 63 -0.14 31.74 -3.48
C VAL C 63 -0.35 30.74 -2.34
N CYS C 64 -1.37 29.89 -2.46
CA CYS C 64 -1.58 28.86 -1.44
C CYS C 64 -0.40 27.90 -1.37
N SER C 65 0.13 27.50 -2.53
CA SER C 65 1.29 26.61 -2.54
C SER C 65 2.55 27.27 -2.02
N LEU C 66 2.67 28.59 -2.15
CA LEU C 66 3.87 29.27 -1.67
C LEU C 66 4.02 29.20 -0.16
N ALA C 67 2.93 28.91 0.57
CA ALA C 67 3.03 28.78 2.01
C ALA C 67 3.80 27.55 2.45
N GLU C 68 4.04 26.61 1.53
CA GLU C 68 4.78 25.39 1.83
C GLU C 68 6.25 25.47 1.45
N GLU C 69 6.56 26.09 0.31
CA GLU C 69 7.94 26.12 -0.18
C GLU C 69 8.78 27.19 0.49
N LEU C 70 8.22 28.00 1.38
CA LEU C 70 9.00 29.01 2.06
C LEU C 70 9.64 28.52 3.36
N ARG C 71 9.33 27.31 3.80
CA ARG C 71 10.04 26.72 4.92
C ARG C 71 11.18 25.82 4.48
N HIS C 72 11.39 25.66 3.18
CA HIS C 72 12.54 24.93 2.64
C HIS C 72 13.50 25.85 1.91
N ILE C 73 13.51 27.14 2.25
CA ILE C 73 14.29 28.08 1.47
C ILE C 73 15.78 27.83 1.62
N HIS C 74 16.23 27.50 2.83
CA HIS C 74 17.67 27.34 3.06
C HIS C 74 18.20 25.99 2.58
N SER C 75 17.33 25.11 2.13
CA SER C 75 17.72 23.76 1.70
C SER C 75 17.47 23.53 0.22
N ARG C 76 16.29 23.86 -0.28
CA ARG C 76 15.93 23.54 -1.65
C ARG C 76 16.25 24.65 -2.63
N TYR C 77 15.85 25.89 -2.32
CA TYR C 77 15.97 27.00 -3.25
C TYR C 77 17.12 27.96 -2.94
N ARG C 78 18.02 27.59 -2.03
CA ARG C 78 19.14 28.45 -1.64
C ARG C 78 18.63 29.71 -0.95
N GLY C 79 19.54 30.56 -0.48
CA GLY C 79 19.13 31.73 0.27
C GLY C 79 18.35 32.78 -0.50
N SER C 80 17.91 32.46 -1.71
CA SER C 80 17.24 33.43 -2.55
C SER C 80 15.73 33.38 -2.37
N TYR C 81 15.11 34.56 -2.36
CA TYR C 81 13.66 34.68 -2.31
C TYR C 81 13.02 34.73 -3.67
N TRP C 82 13.80 34.88 -4.75
CA TRP C 82 13.25 34.94 -6.09
C TRP C 82 13.07 33.57 -6.72
N ARG C 83 13.94 32.62 -6.41
CA ARG C 83 13.79 31.28 -6.98
C ARG C 83 12.54 30.59 -6.44
N THR C 84 12.19 30.83 -5.18
CA THR C 84 10.97 30.25 -4.63
C THR C 84 9.74 30.72 -5.39
N VAL C 85 9.66 32.02 -5.63
CA VAL C 85 8.52 32.57 -6.36
C VAL C 85 8.55 32.09 -7.81
N ARG C 86 9.73 32.02 -8.41
CA ARG C 86 9.83 31.55 -9.78
C ARG C 86 9.39 30.10 -9.92
N ALA C 87 9.68 29.27 -8.92
CA ALA C 87 9.27 27.87 -8.97
C ALA C 87 7.77 27.71 -8.71
N CYS C 88 7.22 28.45 -7.75
CA CYS C 88 5.81 28.28 -7.42
C CYS C 88 4.90 28.88 -8.49
N LEU C 89 5.25 30.06 -9.01
CA LEU C 89 4.42 30.74 -10.00
C LEU C 89 4.81 30.35 -11.43
N GLY C 90 6.06 30.61 -11.82
CA GLY C 90 6.56 30.15 -13.09
C GLY C 90 7.23 31.21 -13.94
N CYS C 91 6.69 32.41 -13.97
CA CYS C 91 7.26 33.50 -14.76
C CYS C 91 6.74 34.83 -14.22
N PRO C 92 7.49 35.48 -13.32
CA PRO C 92 6.94 36.66 -12.64
C PRO C 92 6.49 37.78 -13.56
N LEU C 93 7.23 38.08 -14.61
CA LEU C 93 6.87 39.20 -15.48
C LEU C 93 5.63 38.89 -16.31
N ARG C 94 5.61 37.71 -16.94
CA ARG C 94 4.44 37.30 -17.71
C ARG C 94 3.22 37.14 -16.82
N ARG C 95 3.41 36.57 -15.63
CA ARG C 95 2.29 36.44 -14.70
C ARG C 95 1.75 37.80 -14.28
N GLY C 96 2.64 38.75 -14.00
CA GLY C 96 2.18 40.08 -13.63
C GLY C 96 1.44 40.77 -14.75
N ALA C 97 1.95 40.66 -15.98
CA ALA C 97 1.25 41.25 -17.12
C ALA C 97 -0.12 40.61 -17.31
N LEU C 98 -0.19 39.28 -17.20
CA LEU C 98 -1.47 38.58 -17.37
C LEU C 98 -2.46 38.98 -16.29
N LEU C 99 -2.00 39.11 -15.05
CA LEU C 99 -2.89 39.54 -13.96
C LEU C 99 -3.38 40.97 -14.19
N LEU C 100 -2.48 41.88 -14.54
CA LEU C 100 -2.88 43.27 -14.72
C LEU C 100 -3.87 43.42 -15.88
N LEU C 101 -3.63 42.69 -16.98
CA LEU C 101 -4.57 42.74 -18.09
C LEU C 101 -5.87 42.04 -17.75
N SER C 102 -5.82 41.02 -16.90
CA SER C 102 -7.01 40.24 -16.57
C SER C 102 -7.98 41.04 -15.70
N ILE C 103 -7.48 41.68 -14.65
CA ILE C 103 -8.38 42.38 -13.74
C ILE C 103 -8.95 43.64 -14.36
N TYR C 104 -8.29 44.20 -15.38
CA TYR C 104 -8.80 45.39 -16.03
C TYR C 104 -10.13 45.13 -16.73
N PHE C 105 -10.41 43.88 -17.12
CA PHE C 105 -11.62 43.54 -17.85
C PHE C 105 -12.79 43.23 -16.93
N TYR C 106 -12.80 43.75 -15.70
CA TYR C 106 -13.97 43.62 -14.85
C TYR C 106 -15.09 44.55 -15.26
N TYR C 107 -14.79 45.58 -16.05
CA TYR C 107 -15.79 46.53 -16.52
C TYR C 107 -16.66 45.98 -17.64
N SER C 108 -16.30 44.85 -18.22
CA SER C 108 -17.12 44.24 -19.27
C SER C 108 -18.30 43.49 -18.67
N PRO C 116 -21.43 44.87 -7.30
CA PRO C 116 -20.98 43.60 -6.73
C PRO C 116 -19.82 42.99 -7.51
N PHE C 117 -18.62 43.52 -7.31
CA PHE C 117 -17.41 43.00 -7.94
C PHE C 117 -16.56 42.16 -6.99
N THR C 118 -16.43 42.58 -5.74
CA THR C 118 -15.70 41.78 -4.76
C THR C 118 -16.42 40.48 -4.45
N TRP C 119 -17.72 40.40 -4.73
CA TRP C 119 -18.47 39.18 -4.49
C TRP C 119 -17.94 38.03 -5.36
N MET C 120 -17.65 38.31 -6.62
CA MET C 120 -17.11 37.28 -7.50
C MET C 120 -15.72 36.84 -7.04
N LEU C 121 -14.90 37.77 -6.57
CA LEU C 121 -13.60 37.40 -6.04
C LEU C 121 -13.74 36.50 -4.81
N ALA C 122 -14.69 36.82 -3.94
CA ALA C 122 -14.93 35.96 -2.78
C ALA C 122 -15.37 34.57 -3.21
N LEU C 123 -16.26 34.49 -4.20
CA LEU C 123 -16.71 33.17 -4.66
C LEU C 123 -15.56 32.37 -5.28
N LEU C 124 -14.71 33.03 -6.06
CA LEU C 124 -13.57 32.33 -6.65
C LEU C 124 -12.63 31.82 -5.57
N GLY C 125 -12.36 32.64 -4.55
CA GLY C 125 -11.50 32.19 -3.46
C GLY C 125 -12.10 31.02 -2.72
N LEU C 126 -13.40 31.08 -2.43
CA LEU C 126 -14.06 29.99 -1.72
C LEU C 126 -14.00 28.69 -2.51
N SER C 127 -14.27 28.77 -3.82
CA SER C 127 -14.24 27.57 -4.65
C SER C 127 -12.83 26.99 -4.76
N GLN C 128 -11.83 27.85 -4.90
CA GLN C 128 -10.46 27.37 -4.97
C GLN C 128 -10.03 26.71 -3.67
N ALA C 129 -10.42 27.30 -2.53
CA ALA C 129 -10.11 26.68 -1.25
C ALA C 129 -10.79 25.32 -1.11
N LEU C 130 -12.03 25.22 -1.57
CA LEU C 130 -12.71 23.92 -1.54
C LEU C 130 -11.98 22.90 -2.40
N ASN C 131 -11.52 23.31 -3.58
CA ASN C 131 -10.78 22.38 -4.44
C ASN C 131 -9.50 21.92 -3.78
N ILE C 132 -8.78 22.82 -3.11
CA ILE C 132 -7.55 22.42 -2.45
C ILE C 132 -7.82 21.47 -1.30
N LEU C 133 -8.83 21.78 -0.47
CA LEU C 133 -9.05 20.98 0.73
C LEU C 133 -9.64 19.62 0.40
N LEU C 134 -10.65 19.58 -0.45
CA LEU C 134 -11.41 18.36 -0.70
C LEU C 134 -10.76 17.45 -1.76
N GLY C 135 -9.70 17.90 -2.40
CA GLY C 135 -9.02 17.07 -3.39
C GLY C 135 -9.86 16.78 -4.60
N LEU C 136 -10.27 17.82 -5.33
CA LEU C 136 -11.10 17.68 -6.51
C LEU C 136 -10.36 17.98 -7.81
N LYS C 137 -9.05 18.24 -7.75
CA LYS C 137 -8.26 18.63 -8.91
C LYS C 137 -7.15 17.62 -9.21
N GLY C 138 -7.34 16.37 -8.84
CA GLY C 138 -6.34 15.36 -9.08
C GLY C 138 -6.16 15.06 -10.56
N LEU C 139 -5.09 14.33 -10.85
CA LEU C 139 -4.73 13.99 -12.22
C LEU C 139 -5.01 12.52 -12.49
N ALA C 140 -5.64 12.24 -13.62
CA ALA C 140 -5.90 10.87 -14.01
C ALA C 140 -4.59 10.18 -14.38
N PRO C 141 -4.51 8.85 -14.23
CA PRO C 141 -3.24 8.16 -14.50
C PRO C 141 -2.74 8.33 -15.92
N ALA C 142 -3.61 8.49 -16.91
CA ALA C 142 -3.14 8.66 -18.28
C ALA C 142 -2.67 10.08 -18.58
N GLU C 143 -2.76 11.01 -17.62
CA GLU C 143 -2.12 12.30 -17.73
C GLU C 143 -0.81 12.36 -16.97
N ILE C 144 -0.76 11.74 -15.79
CA ILE C 144 0.50 11.58 -15.07
C ILE C 144 1.48 10.79 -15.90
N SER C 145 1.01 9.74 -16.57
CA SER C 145 1.90 8.98 -17.45
C SER C 145 2.44 9.85 -18.57
N ALA C 146 1.60 10.69 -19.16
CA ALA C 146 2.04 11.54 -20.26
C ALA C 146 3.12 12.52 -19.80
N VAL C 147 2.90 13.19 -18.67
CA VAL C 147 3.89 14.16 -18.21
C VAL C 147 5.19 13.46 -17.79
N CYS C 148 5.07 12.29 -17.17
CA CYS C 148 6.27 11.56 -16.77
C CYS C 148 7.08 11.12 -17.98
N GLU C 149 6.41 10.62 -19.02
CA GLU C 149 7.13 10.16 -20.20
C GLU C 149 7.70 11.32 -21.00
N LYS C 150 7.04 12.49 -20.95
CA LYS C 150 7.62 13.66 -21.60
C LYS C 150 8.86 14.15 -20.87
N GLY C 151 8.80 14.26 -19.55
CA GLY C 151 9.90 14.83 -18.82
C GLY C 151 10.98 13.88 -18.34
N ASN C 152 10.86 12.58 -18.66
CA ASN C 152 11.83 11.56 -18.24
C ASN C 152 11.92 11.48 -16.71
N PHE C 153 10.81 11.13 -16.09
CA PHE C 153 10.70 10.95 -14.65
C PHE C 153 10.38 9.50 -14.32
N ASN C 154 11.07 8.56 -14.95
CA ASN C 154 10.80 7.15 -14.81
C ASN C 154 11.92 6.45 -14.05
N VAL C 155 11.57 5.32 -13.44
CA VAL C 155 12.58 4.45 -12.84
C VAL C 155 13.40 3.75 -13.92
N ALA C 156 12.73 3.27 -14.97
CA ALA C 156 13.41 2.50 -16.00
C ALA C 156 14.37 3.35 -16.81
N HIS C 157 14.10 4.64 -16.97
CA HIS C 157 15.07 5.51 -17.64
C HIS C 157 16.40 5.52 -16.91
N GLY C 158 16.37 5.75 -15.59
CA GLY C 158 17.58 5.72 -14.82
C GLY C 158 18.26 4.37 -14.84
N LEU C 159 17.47 3.29 -14.74
CA LEU C 159 18.05 1.96 -14.73
C LEU C 159 18.74 1.64 -16.05
N ALA C 160 18.13 1.99 -17.18
CA ALA C 160 18.72 1.72 -18.48
C ALA C 160 19.99 2.53 -18.70
N TRP C 161 19.99 3.80 -18.31
CA TRP C 161 21.21 4.60 -18.46
C TRP C 161 22.31 4.08 -17.56
N SER C 162 21.96 3.65 -16.34
CA SER C 162 22.95 3.05 -15.46
C SER C 162 23.54 1.80 -16.08
N TYR C 163 22.70 0.95 -16.66
CA TYR C 163 23.18 -0.26 -17.32
C TYR C 163 24.16 0.07 -18.43
N TYR C 164 23.78 1.00 -19.31
CA TYR C 164 24.64 1.33 -20.45
C TYR C 164 25.97 1.92 -20.01
N ILE C 165 25.94 2.86 -19.07
CA ILE C 165 27.17 3.51 -18.65
C ILE C 165 28.06 2.56 -17.86
N GLY C 166 27.46 1.70 -17.04
CA GLY C 166 28.27 0.88 -16.15
C GLY C 166 28.74 -0.46 -16.69
N TYR C 167 28.02 -1.06 -17.63
CA TYR C 167 28.40 -2.39 -18.11
C TYR C 167 28.77 -2.41 -19.59
N LEU C 168 27.85 -2.00 -20.47
CA LEU C 168 28.05 -2.21 -21.90
C LEU C 168 29.13 -1.29 -22.43
N ARG C 169 29.09 -0.02 -22.05
CA ARG C 169 30.10 0.92 -22.50
C ARG C 169 31.50 0.54 -22.04
N LEU C 170 31.60 -0.34 -21.06
CA LEU C 170 32.90 -0.79 -20.57
C LEU C 170 33.36 -2.09 -21.22
N ILE C 171 32.45 -3.04 -21.44
CA ILE C 171 32.89 -4.36 -21.91
C ILE C 171 32.71 -4.59 -23.41
N LEU C 172 31.90 -3.77 -24.10
CA LEU C 172 31.64 -4.06 -25.50
C LEU C 172 32.87 -3.99 -26.40
N PRO C 173 33.76 -3.00 -26.28
CA PRO C 173 34.92 -2.97 -27.20
C PRO C 173 35.84 -4.18 -27.10
N GLU C 174 36.04 -4.75 -25.91
CA GLU C 174 37.04 -5.81 -25.73
C GLU C 174 36.48 -7.21 -25.92
N LEU C 175 35.18 -7.34 -26.23
CA LEU C 175 34.59 -8.66 -26.37
C LEU C 175 35.23 -9.42 -27.54
N GLN C 176 35.48 -8.72 -28.65
CA GLN C 176 36.07 -9.38 -29.81
C GLN C 176 37.45 -9.91 -29.48
N ALA C 177 38.28 -9.11 -28.80
CA ALA C 177 39.62 -9.57 -28.45
C ALA C 177 39.57 -10.75 -27.50
N ARG C 178 38.69 -10.71 -26.50
CA ARG C 178 38.59 -11.83 -25.56
C ARG C 178 38.14 -13.10 -26.28
N ILE C 179 37.16 -12.98 -27.16
CA ILE C 179 36.68 -14.15 -27.89
C ILE C 179 37.78 -14.72 -28.79
N ARG C 180 38.51 -13.84 -29.48
CA ARG C 180 39.56 -14.30 -30.37
C ARG C 180 40.67 -15.01 -29.61
N THR C 181 41.09 -14.45 -28.47
CA THR C 181 42.11 -15.10 -27.67
C THR C 181 41.64 -16.44 -27.13
N TYR C 182 40.38 -16.51 -26.69
CA TYR C 182 39.84 -17.78 -26.22
C TYR C 182 39.84 -18.83 -27.33
N ASN C 183 39.46 -18.42 -28.55
CA ASN C 183 39.48 -19.37 -29.66
C ASN C 183 40.89 -19.84 -29.97
N GLN C 184 41.86 -18.93 -30.03
CA GLN C 184 43.19 -19.33 -30.45
C GLN C 184 43.90 -20.16 -29.39
N HIS C 185 43.85 -19.73 -28.12
CA HIS C 185 44.67 -20.35 -27.09
C HIS C 185 44.10 -21.69 -26.64
N TYR C 186 42.78 -21.78 -26.48
CA TYR C 186 42.18 -22.94 -25.82
C TYR C 186 41.21 -23.70 -26.72
N ASN C 187 40.31 -23.00 -27.41
CA ASN C 187 39.25 -23.67 -28.16
C ASN C 187 39.85 -24.56 -29.25
N ASN C 188 39.35 -25.79 -29.34
CA ASN C 188 39.79 -26.73 -30.35
C ASN C 188 38.92 -26.61 -31.60
N LEU C 189 39.42 -27.18 -32.69
CA LEU C 189 38.65 -27.15 -33.94
C LEU C 189 37.44 -28.07 -33.87
N LEU C 190 37.53 -29.17 -33.11
CA LEU C 190 36.39 -30.08 -32.99
C LEU C 190 35.20 -29.39 -32.32
N ARG C 191 35.46 -28.58 -31.30
CA ARG C 191 34.40 -27.79 -30.69
C ARG C 191 33.98 -26.67 -31.62
N GLY C 192 32.67 -26.43 -31.69
CA GLY C 192 32.16 -25.37 -32.54
C GLY C 192 32.66 -24.00 -32.09
N ALA C 193 32.87 -23.13 -33.07
CA ALA C 193 33.32 -21.77 -32.79
C ALA C 193 32.20 -20.98 -32.13
N VAL C 194 32.53 -20.27 -31.05
CA VAL C 194 31.57 -19.41 -30.39
C VAL C 194 31.46 -18.11 -31.18
N SER C 195 30.24 -17.75 -31.56
CA SER C 195 30.03 -16.60 -32.43
C SER C 195 30.23 -15.30 -31.66
N GLN C 196 30.19 -14.19 -32.39
CA GLN C 196 30.26 -12.87 -31.79
C GLN C 196 28.89 -12.47 -31.26
N ARG C 197 28.69 -11.18 -30.97
CA ARG C 197 27.37 -10.65 -30.66
C ARG C 197 26.78 -11.31 -29.41
N LEU C 198 27.33 -10.89 -28.27
CA LEU C 198 26.72 -11.17 -26.96
C LEU C 198 25.21 -11.06 -27.00
N TYR C 199 24.53 -12.13 -26.61
CA TYR C 199 23.07 -12.18 -26.65
C TYR C 199 22.51 -11.88 -25.27
N ILE C 200 21.58 -10.92 -25.22
CA ILE C 200 20.99 -10.47 -23.96
C ILE C 200 19.51 -10.82 -24.00
N LEU C 201 19.06 -11.63 -23.05
CA LEU C 201 17.65 -11.98 -22.94
C LEU C 201 16.94 -11.00 -22.03
N LEU C 202 15.76 -10.57 -22.44
CA LEU C 202 14.99 -9.56 -21.72
C LEU C 202 13.59 -10.10 -21.48
N PRO C 203 13.39 -10.95 -20.49
CA PRO C 203 12.06 -11.48 -20.20
C PRO C 203 11.13 -10.37 -19.71
N LEU C 204 10.04 -10.13 -20.45
CA LEU C 204 9.10 -9.09 -20.04
C LEU C 204 8.17 -9.63 -18.97
N ASP C 205 8.75 -10.30 -17.97
CA ASP C 205 8.04 -10.80 -16.82
C ASP C 205 8.81 -10.57 -15.54
N CYS C 206 10.08 -10.15 -15.62
CA CYS C 206 10.94 -9.88 -14.50
C CYS C 206 11.24 -11.13 -13.67
N GLY C 207 10.88 -12.30 -14.15
CA GLY C 207 11.28 -13.52 -13.49
C GLY C 207 12.61 -14.02 -14.00
N VAL C 208 13.68 -13.70 -13.31
CA VAL C 208 15.04 -13.98 -13.75
C VAL C 208 15.57 -15.14 -12.93
N PRO C 209 15.71 -16.34 -13.50
CA PRO C 209 16.27 -17.46 -12.73
C PRO C 209 17.75 -17.25 -12.47
N ASP C 210 18.23 -17.89 -11.40
CA ASP C 210 19.62 -17.69 -11.01
C ASP C 210 20.58 -18.28 -12.04
N ASN C 211 20.27 -19.46 -12.57
CA ASN C 211 21.07 -20.05 -13.63
C ASN C 211 20.17 -20.57 -14.73
N LEU C 212 20.69 -20.61 -15.94
CA LEU C 212 19.91 -21.04 -17.10
C LEU C 212 19.77 -22.55 -17.19
N SER C 213 20.43 -23.31 -16.31
CA SER C 213 20.25 -24.75 -16.29
C SER C 213 18.81 -25.12 -15.99
N MET C 214 18.08 -24.25 -15.31
CA MET C 214 16.65 -24.40 -15.14
C MET C 214 15.92 -23.61 -16.22
N ALA C 215 14.62 -23.91 -16.36
CA ALA C 215 13.70 -23.31 -17.31
C ALA C 215 13.97 -23.77 -18.74
N ASP C 216 15.07 -24.48 -18.98
CA ASP C 216 15.27 -25.17 -20.24
C ASP C 216 16.31 -26.28 -20.10
N PRO C 217 15.88 -27.53 -19.97
CA PRO C 217 16.85 -28.64 -19.92
C PRO C 217 17.90 -28.62 -21.02
N ASN C 218 17.62 -28.04 -22.18
CA ASN C 218 18.56 -28.03 -23.30
C ASN C 218 19.66 -26.98 -23.17
N ILE C 219 19.82 -26.37 -22.00
CA ILE C 219 20.85 -25.37 -21.76
C ILE C 219 21.89 -26.00 -20.84
N ARG C 220 23.14 -26.05 -21.29
CA ARG C 220 24.21 -26.70 -20.54
C ARG C 220 25.42 -25.78 -20.47
N PHE C 221 25.94 -25.58 -19.26
CA PHE C 221 27.10 -24.71 -19.07
C PHE C 221 28.35 -25.39 -19.59
N LEU C 222 29.12 -24.69 -20.42
CA LEU C 222 30.28 -25.27 -21.07
C LEU C 222 31.60 -24.86 -20.41
N ASP C 223 31.89 -23.57 -20.36
CA ASP C 223 33.16 -23.08 -19.84
C ASP C 223 33.05 -21.57 -19.64
N LYS C 224 34.11 -20.98 -19.09
CA LYS C 224 34.16 -19.56 -18.81
C LYS C 224 34.87 -18.81 -19.93
N LEU C 225 35.15 -17.53 -19.69
CA LEU C 225 35.81 -16.64 -20.63
C LEU C 225 36.80 -15.78 -19.85
N PRO C 226 37.90 -15.36 -20.48
CA PRO C 226 38.91 -14.60 -19.74
C PRO C 226 38.35 -13.32 -19.14
N GLN C 227 38.86 -12.94 -17.98
CA GLN C 227 38.32 -11.84 -17.21
C GLN C 227 38.74 -10.49 -17.78
N GLN C 228 38.18 -9.43 -17.19
CA GLN C 228 38.58 -8.05 -17.46
C GLN C 228 38.73 -7.34 -16.12
N THR C 229 39.64 -6.38 -16.06
CA THR C 229 39.96 -5.73 -14.80
C THR C 229 40.11 -4.23 -14.98
N GLY C 230 39.58 -3.47 -14.02
CA GLY C 230 39.70 -2.02 -14.04
C GLY C 230 39.53 -1.45 -12.64
N ASP C 231 39.74 -0.14 -12.54
CA ASP C 231 39.62 0.58 -11.28
C ASP C 231 38.46 1.57 -11.36
N ARG C 232 37.56 1.52 -10.38
CA ARG C 232 36.39 2.39 -10.40
C ARG C 232 36.01 2.79 -8.98
N ALA C 233 35.80 4.10 -8.78
CA ALA C 233 35.22 4.65 -7.56
C ALA C 233 36.00 4.26 -6.31
N GLY C 234 37.32 4.26 -6.41
CA GLY C 234 38.16 3.95 -5.27
C GLY C 234 38.35 2.47 -5.00
N ILE C 235 37.78 1.59 -5.80
CA ILE C 235 37.96 0.16 -5.63
C ILE C 235 39.04 -0.30 -6.60
N LYS C 236 40.04 -1.01 -6.08
CA LYS C 236 41.16 -1.47 -6.88
C LYS C 236 40.82 -2.80 -7.54
N ASP C 237 40.93 -2.82 -8.87
CA ASP C 237 40.78 -4.05 -9.66
C ASP C 237 39.39 -4.66 -9.51
N ARG C 238 38.38 -3.90 -9.94
CA ARG C 238 37.08 -4.48 -10.20
C ARG C 238 37.20 -5.45 -11.38
N VAL C 239 36.48 -6.56 -11.30
CA VAL C 239 36.61 -7.61 -12.30
C VAL C 239 35.29 -7.84 -13.01
N TYR C 240 35.37 -8.27 -14.26
CA TYR C 240 34.22 -8.60 -15.09
C TYR C 240 34.40 -9.99 -15.65
N SER C 241 33.28 -10.69 -15.83
CA SER C 241 33.32 -12.08 -16.24
C SER C 241 32.12 -12.40 -17.12
N ASN C 242 32.27 -13.40 -17.98
CA ASN C 242 31.17 -13.85 -18.83
C ASN C 242 31.12 -15.37 -18.88
N SER C 243 30.27 -15.93 -19.74
CA SER C 243 30.07 -17.37 -19.77
C SER C 243 29.76 -17.81 -21.19
N ILE C 244 29.93 -19.11 -21.44
CA ILE C 244 29.66 -19.71 -22.74
C ILE C 244 28.71 -20.89 -22.54
N TYR C 245 27.68 -20.95 -23.37
CA TYR C 245 26.67 -21.98 -23.26
C TYR C 245 26.58 -22.79 -24.55
N GLU C 246 26.08 -24.01 -24.42
CA GLU C 246 25.92 -24.93 -25.54
C GLU C 246 24.44 -25.19 -25.76
N LEU C 247 24.01 -25.08 -27.01
CA LEU C 247 22.60 -25.28 -27.37
C LEU C 247 22.44 -26.65 -28.00
N LEU C 248 21.52 -27.44 -27.46
CA LEU C 248 21.30 -28.81 -27.89
C LEU C 248 20.02 -28.90 -28.70
N GLU C 249 20.10 -29.57 -29.85
CA GLU C 249 18.94 -29.79 -30.72
C GLU C 249 18.60 -31.26 -30.72
N ASN C 250 17.49 -31.61 -30.07
CA ASN C 250 17.00 -32.99 -30.00
C ASN C 250 18.08 -33.93 -29.46
N GLY C 251 18.82 -33.46 -28.45
CA GLY C 251 19.89 -34.21 -27.85
C GLY C 251 21.24 -34.06 -28.52
N GLN C 252 21.32 -33.34 -29.63
CA GLN C 252 22.56 -33.12 -30.34
C GLN C 252 22.92 -31.64 -30.35
N ARG C 253 24.22 -31.36 -30.35
CA ARG C 253 24.70 -29.99 -30.35
C ARG C 253 24.29 -29.29 -31.64
N ALA C 254 23.90 -28.01 -31.50
CA ALA C 254 23.47 -27.22 -32.65
C ALA C 254 24.33 -25.97 -32.79
N GLY C 255 24.89 -25.50 -31.69
CA GLY C 255 25.72 -24.31 -31.74
C GLY C 255 26.01 -23.82 -30.34
N THR C 256 26.73 -22.70 -30.29
CA THR C 256 27.12 -22.06 -29.04
C THR C 256 26.93 -20.55 -29.14
N CYS C 257 26.85 -19.90 -27.99
CA CYS C 257 26.62 -18.47 -27.92
C CYS C 257 27.08 -17.97 -26.55
N VAL C 258 26.96 -16.66 -26.33
CA VAL C 258 27.31 -16.03 -25.05
C VAL C 258 26.05 -15.40 -24.48
N LEU C 259 25.57 -15.93 -23.36
CA LEU C 259 24.25 -15.60 -22.83
C LEU C 259 24.35 -14.77 -21.56
N GLU C 260 23.35 -13.92 -21.36
CA GLU C 260 23.21 -13.09 -20.17
C GLU C 260 21.74 -12.74 -20.00
N TYR C 261 21.31 -12.53 -18.76
CA TYR C 261 20.04 -11.88 -18.50
C TYR C 261 20.27 -10.38 -18.33
N ALA C 262 19.25 -9.65 -17.92
CA ALA C 262 19.37 -8.22 -17.63
C ALA C 262 19.08 -8.02 -16.15
N THR C 263 20.13 -7.74 -15.38
CA THR C 263 19.97 -7.61 -13.93
C THR C 263 18.99 -6.54 -13.49
N PRO C 264 18.90 -5.36 -14.14
CA PRO C 264 17.86 -4.41 -13.72
C PRO C 264 16.46 -4.98 -13.74
N LEU C 265 16.21 -6.02 -14.54
CA LEU C 265 14.92 -6.69 -14.43
C LEU C 265 14.78 -7.38 -13.08
N GLN C 266 15.86 -7.98 -12.57
CA GLN C 266 15.82 -8.58 -11.24
C GLN C 266 15.55 -7.51 -10.19
N THR C 267 16.17 -6.34 -10.33
CA THR C 267 15.91 -5.26 -9.38
C THR C 267 14.46 -4.82 -9.43
N LEU C 268 13.90 -4.71 -10.65
CA LEU C 268 12.50 -4.32 -10.79
C LEU C 268 11.58 -5.34 -10.14
N PHE C 269 11.89 -6.62 -10.29
CA PHE C 269 11.06 -7.66 -9.67
C PHE C 269 11.15 -7.59 -8.15
N ALA C 270 12.35 -7.47 -7.61
CA ALA C 270 12.51 -7.48 -6.16
C ALA C 270 12.01 -6.20 -5.50
N MET C 271 11.90 -5.10 -6.26
CA MET C 271 11.35 -3.88 -5.69
C MET C 271 9.86 -4.01 -5.41
N SER C 272 9.17 -4.91 -6.11
CA SER C 272 7.72 -4.98 -6.02
C SER C 272 7.23 -5.89 -4.90
N GLN C 273 8.11 -6.63 -4.24
CA GLN C 273 7.72 -7.45 -3.12
C GLN C 273 7.78 -6.70 -1.80
N TYR C 274 8.76 -5.82 -1.62
CA TYR C 274 8.87 -5.05 -0.40
C TYR C 274 7.75 -4.03 -0.31
N SER C 275 7.35 -3.68 0.90
CA SER C 275 6.28 -2.71 1.10
C SER C 275 6.77 -1.29 1.19
N GLN C 276 8.03 -1.07 1.56
CA GLN C 276 8.57 0.28 1.64
C GLN C 276 8.82 0.88 0.27
N ALA C 277 9.06 0.05 -0.74
CA ALA C 277 9.31 0.56 -2.08
C ALA C 277 8.09 1.25 -2.67
N GLY C 278 6.89 0.84 -2.28
CA GLY C 278 5.70 1.43 -2.86
C GLY C 278 5.57 1.20 -4.35
N PHE C 279 5.82 -0.02 -4.81
CA PHE C 279 5.90 -0.33 -6.22
C PHE C 279 4.90 -1.45 -6.52
N SER C 280 3.94 -1.18 -7.39
CA SER C 280 2.81 -2.08 -7.57
C SER C 280 3.20 -3.27 -8.45
N ARG C 281 2.21 -4.02 -8.91
CA ARG C 281 2.44 -5.18 -9.76
C ARG C 281 2.12 -4.93 -11.22
N GLU C 282 1.37 -3.87 -11.52
CA GLU C 282 1.22 -3.44 -12.91
C GLU C 282 2.34 -2.48 -13.32
N ASP C 283 2.80 -1.66 -12.37
CA ASP C 283 3.96 -0.82 -12.62
C ASP C 283 5.17 -1.65 -13.02
N ARG C 284 5.31 -2.84 -12.46
CA ARG C 284 6.44 -3.70 -12.82
C ARG C 284 6.41 -4.02 -14.31
N LEU C 285 5.26 -4.45 -14.83
CA LEU C 285 5.17 -4.78 -16.25
C LEU C 285 5.36 -3.55 -17.12
N GLU C 286 4.77 -2.41 -16.73
CA GLU C 286 4.94 -1.20 -17.52
C GLU C 286 6.40 -0.79 -17.61
N GLN C 287 7.10 -0.77 -16.47
CA GLN C 287 8.51 -0.39 -16.48
C GLN C 287 9.35 -1.43 -17.22
N ALA C 288 9.00 -2.71 -17.14
CA ALA C 288 9.76 -3.72 -17.87
C ALA C 288 9.63 -3.53 -19.36
N LYS C 289 8.44 -3.16 -19.84
CA LYS C 289 8.28 -2.91 -21.27
C LYS C 289 8.83 -1.55 -21.72
N LEU C 290 9.08 -0.63 -20.80
CA LEU C 290 9.73 0.63 -21.14
C LEU C 290 11.26 0.55 -21.12
N PHE C 291 11.82 -0.30 -20.26
CA PHE C 291 13.27 -0.48 -20.18
C PHE C 291 13.85 -0.99 -21.50
N CYS C 292 13.16 -1.94 -22.14
CA CYS C 292 13.64 -2.49 -23.41
C CYS C 292 13.63 -1.43 -24.50
N ARG C 293 12.57 -0.61 -24.54
CA ARG C 293 12.51 0.47 -25.52
C ARG C 293 13.66 1.45 -25.33
N THR C 294 13.95 1.80 -24.08
CA THR C 294 15.04 2.74 -23.83
C THR C 294 16.39 2.16 -24.22
N LEU C 295 16.65 0.88 -23.92
CA LEU C 295 17.92 0.29 -24.37
C LEU C 295 18.02 0.24 -25.89
N GLU C 296 16.94 -0.11 -26.57
CA GLU C 296 17.00 -0.13 -28.03
C GLU C 296 17.31 1.26 -28.58
N ASP C 297 16.69 2.30 -28.01
CA ASP C 297 17.00 3.65 -28.46
C ASP C 297 18.46 4.01 -28.20
N ILE C 298 18.99 3.66 -27.03
CA ILE C 298 20.36 4.02 -26.68
C ILE C 298 21.34 3.30 -27.59
N LEU C 299 21.12 2.00 -27.82
CA LEU C 299 22.03 1.21 -28.63
C LEU C 299 21.86 1.44 -30.12
N ALA C 300 20.79 2.13 -30.54
CA ALA C 300 20.60 2.39 -31.96
C ALA C 300 21.71 3.27 -32.53
N ASP C 301 22.16 4.26 -31.76
CA ASP C 301 23.11 5.25 -32.29
C ASP C 301 24.41 5.31 -31.50
N ALA C 302 24.71 4.31 -30.68
CA ALA C 302 25.97 4.27 -29.98
C ALA C 302 27.10 3.87 -30.93
N PRO C 303 28.32 4.35 -30.70
CA PRO C 303 29.44 3.88 -31.52
C PRO C 303 29.68 2.39 -31.44
N GLU C 304 29.49 1.77 -30.27
CA GLU C 304 29.56 0.31 -30.13
C GLU C 304 28.14 -0.23 -30.33
N SER C 305 27.70 -0.21 -31.57
CA SER C 305 26.29 -0.37 -31.90
C SER C 305 25.89 -1.83 -31.80
N GLN C 306 24.71 -2.16 -32.35
CA GLN C 306 24.18 -3.52 -32.36
C GLN C 306 25.06 -4.52 -33.08
N ASN C 307 26.21 -4.09 -33.63
CA ASN C 307 27.14 -5.02 -34.26
C ASN C 307 27.87 -5.91 -33.27
N ASN C 308 27.76 -5.65 -31.96
CA ASN C 308 28.38 -6.50 -30.95
C ASN C 308 27.39 -7.12 -29.96
N CYS C 309 26.10 -6.83 -30.07
CA CYS C 309 25.14 -7.45 -29.17
C CYS C 309 23.78 -7.54 -29.83
N ARG C 310 22.95 -8.44 -29.32
CA ARG C 310 21.60 -8.63 -29.83
C ARG C 310 20.64 -8.70 -28.64
N LEU C 311 19.45 -8.16 -28.84
CA LEU C 311 18.41 -8.16 -27.82
C LEU C 311 17.33 -9.17 -28.20
N ILE C 312 16.88 -9.94 -27.23
CA ILE C 312 15.86 -10.96 -27.42
C ILE C 312 14.80 -10.76 -26.35
N ALA C 313 13.65 -10.25 -26.73
CA ALA C 313 12.53 -10.05 -25.82
C ALA C 313 11.49 -11.14 -26.10
N TYR C 314 11.07 -11.84 -25.06
CA TYR C 314 10.07 -12.88 -25.20
C TYR C 314 9.04 -12.78 -24.09
N GLN C 315 7.79 -13.07 -24.43
CA GLN C 315 6.68 -13.05 -23.50
C GLN C 315 6.22 -14.47 -23.26
N GLU C 316 6.20 -14.89 -22.00
CA GLU C 316 5.82 -16.26 -21.68
C GLU C 316 4.34 -16.49 -21.97
N PRO C 317 4.00 -17.52 -22.75
CA PRO C 317 2.58 -17.78 -23.03
C PRO C 317 1.82 -18.09 -21.75
N ALA C 318 0.57 -17.63 -21.71
CA ALA C 318 -0.28 -17.87 -20.54
C ALA C 318 -0.72 -19.33 -20.48
N ASP C 319 -1.06 -19.91 -21.63
CA ASP C 319 -1.54 -21.29 -21.67
C ASP C 319 -0.41 -22.31 -21.59
N ASP C 320 0.85 -21.87 -21.61
CA ASP C 320 2.02 -22.74 -21.56
C ASP C 320 1.99 -23.74 -22.73
N SER C 321 1.96 -23.19 -23.94
CA SER C 321 1.84 -23.99 -25.16
C SER C 321 3.20 -24.47 -25.65
N SER C 322 3.93 -25.14 -24.77
CA SER C 322 5.22 -25.76 -25.09
C SER C 322 6.20 -24.73 -25.67
N PHE C 323 6.49 -23.72 -24.86
CA PHE C 323 7.44 -22.69 -25.23
C PHE C 323 8.83 -23.11 -24.77
N SER C 324 9.76 -23.23 -25.71
CA SER C 324 11.13 -23.64 -25.42
C SER C 324 12.06 -22.50 -25.82
N LEU C 325 12.79 -21.98 -24.83
CA LEU C 325 13.67 -20.83 -25.06
C LEU C 325 14.78 -21.16 -26.05
N SER C 326 15.14 -22.45 -26.15
CA SER C 326 16.19 -22.85 -27.07
C SER C 326 15.84 -22.50 -28.50
N GLN C 327 14.59 -22.73 -28.90
CA GLN C 327 14.16 -22.34 -30.24
C GLN C 327 14.27 -20.84 -30.44
N GLU C 328 13.91 -20.07 -29.41
CA GLU C 328 13.98 -18.61 -29.50
C GLU C 328 15.41 -18.14 -29.73
N VAL C 329 16.38 -18.76 -29.05
CA VAL C 329 17.77 -18.39 -29.29
C VAL C 329 18.23 -18.87 -30.65
N LEU C 330 17.84 -20.09 -31.04
CA LEU C 330 18.32 -20.68 -32.28
C LEU C 330 17.85 -19.91 -33.49
N ARG C 331 16.66 -19.32 -33.42
CA ARG C 331 16.17 -18.55 -34.57
C ARG C 331 17.10 -17.37 -34.87
N HIS C 332 17.41 -16.58 -33.86
CA HIS C 332 18.32 -15.45 -34.06
C HIS C 332 19.72 -15.93 -34.43
N LEU C 333 20.14 -17.10 -33.93
CA LEU C 333 21.40 -17.65 -34.39
C LEU C 333 21.35 -17.97 -35.88
N ARG C 334 20.21 -18.46 -36.37
CA ARG C 334 20.08 -18.75 -37.80
C ARG C 334 20.17 -17.48 -38.63
N GLN C 335 19.37 -16.47 -38.31
CA GLN C 335 19.45 -15.23 -39.10
C GLN C 335 20.50 -14.26 -38.57
N GLU C 336 21.51 -14.76 -37.85
CA GLU C 336 22.67 -13.94 -37.51
C GLU C 336 23.33 -13.41 -38.78
N SER D 4 17.97 13.87 6.79
CA SER D 4 17.94 15.18 7.44
C SER D 4 19.12 15.35 8.39
N SER D 5 19.57 14.25 8.98
CA SER D 5 20.63 14.29 9.97
C SER D 5 22.03 14.17 9.38
N LEU D 6 22.15 13.77 8.12
CA LEU D 6 23.47 13.68 7.51
C LEU D 6 24.08 15.06 7.33
N HIS D 7 23.41 15.92 6.56
CA HIS D 7 23.87 17.25 6.24
C HIS D 7 22.71 18.23 6.38
N PRO D 8 23.00 19.47 6.79
CA PRO D 8 21.92 20.47 6.86
C PRO D 8 21.31 20.79 5.52
N SER D 9 22.00 20.50 4.42
CA SER D 9 21.52 20.86 3.10
C SER D 9 20.45 19.91 2.56
N ILE D 10 20.28 18.74 3.18
CA ILE D 10 19.32 17.75 2.70
C ILE D 10 17.90 18.22 3.05
N PRO D 11 17.01 18.31 2.07
CA PRO D 11 15.65 18.78 2.37
C PRO D 11 14.84 17.75 3.14
N CYS D 12 13.86 18.25 3.88
CA CYS D 12 12.90 17.45 4.62
C CYS D 12 11.67 17.18 3.77
N PRO D 13 10.93 16.10 4.06
CA PRO D 13 9.76 15.76 3.25
C PRO D 13 8.70 16.85 3.32
N ARG D 14 7.95 16.98 2.24
CA ARG D 14 6.92 18.00 2.15
C ARG D 14 5.75 17.64 3.06
N GLY D 15 5.18 18.65 3.72
CA GLY D 15 4.14 18.42 4.71
C GLY D 15 2.80 19.01 4.37
N HIS D 16 2.15 19.64 5.36
CA HIS D 16 0.82 20.23 5.21
C HIS D 16 0.92 21.72 5.48
N GLY D 17 1.23 22.51 4.46
CA GLY D 17 1.19 23.95 4.59
C GLY D 17 0.15 24.55 3.68
N ALA D 18 -0.03 23.90 2.52
CA ALA D 18 -1.08 24.33 1.60
C ALA D 18 -2.45 24.21 2.24
N GLN D 19 -2.64 23.18 3.08
CA GLN D 19 -3.93 23.00 3.74
C GLN D 19 -4.21 24.12 4.74
N LYS D 20 -3.21 24.53 5.52
CA LYS D 20 -3.42 25.62 6.46
C LYS D 20 -3.64 26.94 5.75
N ALA D 21 -2.89 27.19 4.66
CA ALA D 21 -3.16 28.40 3.88
C ALA D 21 -4.56 28.36 3.30
N ALA D 22 -5.02 27.19 2.85
CA ALA D 22 -6.38 27.07 2.33
C ALA D 22 -7.41 27.35 3.41
N LEU D 23 -7.16 26.87 4.64
CA LEU D 23 -8.09 27.16 5.73
C LEU D 23 -8.16 28.65 6.02
N VAL D 24 -7.01 29.33 6.05
CA VAL D 24 -7.02 30.77 6.31
C VAL D 24 -7.77 31.51 5.20
N LEU D 25 -7.54 31.13 3.95
CA LEU D 25 -8.24 31.77 2.85
C LEU D 25 -9.73 31.49 2.90
N LEU D 26 -10.12 30.27 3.28
CA LEU D 26 -11.53 29.94 3.41
C LEU D 26 -12.19 30.79 4.50
N SER D 27 -11.53 30.93 5.64
CA SER D 27 -12.10 31.75 6.71
C SER D 27 -12.23 33.21 6.29
N ALA D 28 -11.20 33.75 5.62
CA ALA D 28 -11.24 35.15 5.21
C ALA D 28 -12.35 35.39 4.20
N CYS D 29 -12.49 34.49 3.21
CA CYS D 29 -13.54 34.68 2.22
C CYS D 29 -14.92 34.48 2.82
N LEU D 30 -15.06 33.56 3.80
CA LEU D 30 -16.34 33.41 4.47
C LEU D 30 -16.73 34.66 5.23
N VAL D 31 -15.78 35.26 5.94
CA VAL D 31 -16.07 36.51 6.66
C VAL D 31 -16.42 37.62 5.68
N THR D 32 -15.69 37.72 4.56
CA THR D 32 -15.99 38.75 3.57
C THR D 32 -17.40 38.56 3.00
N LEU D 33 -17.78 37.33 2.70
CA LEU D 33 -19.13 37.07 2.20
C LEU D 33 -20.17 37.44 3.24
N TRP D 34 -19.91 37.15 4.51
CA TRP D 34 -20.84 37.52 5.56
C TRP D 34 -20.97 39.04 5.69
N GLY D 35 -19.87 39.78 5.50
CA GLY D 35 -19.89 41.22 5.67
C GLY D 35 -20.64 41.97 4.60
N LEU D 36 -20.73 41.41 3.40
CA LEU D 36 -21.45 42.07 2.32
C LEU D 36 -22.93 41.70 2.37
N GLY D 37 -23.74 42.49 1.66
CA GLY D 37 -25.17 42.28 1.65
C GLY D 37 -25.66 41.58 0.40
N GLU D 38 -26.06 40.32 0.54
CA GLU D 38 -26.61 39.56 -0.58
C GLU D 38 -27.36 38.37 0.00
N PRO D 39 -28.42 37.90 -0.65
CA PRO D 39 -29.15 36.75 -0.13
C PRO D 39 -28.25 35.53 -0.03
N PRO D 40 -28.34 34.77 1.06
CA PRO D 40 -27.51 33.56 1.18
C PRO D 40 -27.86 32.47 0.18
N GLU D 41 -29.03 32.54 -0.45
CA GLU D 41 -29.38 31.56 -1.47
C GLU D 41 -28.64 31.78 -2.78
N HIS D 42 -28.45 33.04 -3.17
CA HIS D 42 -27.75 33.33 -4.43
C HIS D 42 -26.32 32.82 -4.37
N THR D 43 -25.65 33.01 -3.24
CA THR D 43 -24.29 32.50 -3.09
C THR D 43 -24.24 31.01 -3.31
N LEU D 44 -25.16 30.29 -2.69
CA LEU D 44 -25.22 28.84 -2.84
C LEU D 44 -25.46 28.43 -4.29
N ARG D 45 -26.40 29.10 -4.96
CA ARG D 45 -26.70 28.73 -6.34
C ARG D 45 -25.51 28.97 -7.27
N TYR D 46 -24.85 30.12 -7.12
CA TYR D 46 -23.70 30.42 -7.96
C TYR D 46 -22.55 29.47 -7.69
N LEU D 47 -22.34 29.12 -6.42
CA LEU D 47 -21.28 28.18 -6.09
C LEU D 47 -21.56 26.82 -6.72
N VAL D 48 -22.81 26.37 -6.68
CA VAL D 48 -23.16 25.10 -7.29
C VAL D 48 -22.95 25.13 -8.80
N LEU D 49 -23.38 26.21 -9.46
CA LEU D 49 -23.21 26.30 -10.91
C LEU D 49 -21.73 26.30 -11.30
N HIS D 50 -20.90 27.04 -10.56
CA HIS D 50 -19.47 27.04 -10.82
C HIS D 50 -18.87 25.65 -10.65
N LEU D 51 -19.24 24.96 -9.56
CA LEU D 51 -18.70 23.63 -9.32
C LEU D 51 -19.15 22.65 -10.40
N ALA D 52 -20.37 22.81 -10.92
CA ALA D 52 -20.86 21.92 -11.96
C ALA D 52 -20.21 22.19 -13.31
N SER D 53 -19.93 23.45 -13.65
CA SER D 53 -19.21 23.71 -14.88
C SER D 53 -17.78 23.18 -14.82
N LEU D 54 -17.14 23.29 -13.65
CA LEU D 54 -15.80 22.73 -13.52
C LEU D 54 -15.77 21.22 -13.63
N GLN D 55 -16.92 20.54 -13.55
CA GLN D 55 -16.98 19.10 -13.74
C GLN D 55 -17.46 18.70 -15.13
N LEU D 56 -18.30 19.52 -15.75
CA LEU D 56 -18.62 19.31 -17.15
C LEU D 56 -17.44 19.62 -18.05
N GLY D 57 -16.49 20.43 -17.57
CA GLY D 57 -15.29 20.73 -18.33
C GLY D 57 -14.16 19.74 -18.21
N LEU D 58 -14.37 18.63 -17.50
CA LEU D 58 -13.37 17.58 -17.42
C LEU D 58 -13.65 16.40 -18.34
N LEU D 59 -14.92 16.14 -18.68
CA LEU D 59 -15.21 15.08 -19.62
C LEU D 59 -14.75 15.44 -21.02
N LEU D 60 -14.77 16.71 -21.39
CA LEU D 60 -14.26 17.11 -22.69
C LEU D 60 -12.75 16.82 -22.78
N ASN D 61 -12.01 17.15 -21.74
CA ASN D 61 -10.58 16.82 -21.71
C ASN D 61 -10.37 15.31 -21.72
N GLY D 62 -11.20 14.57 -20.99
CA GLY D 62 -11.07 13.13 -20.97
C GLY D 62 -11.31 12.50 -22.33
N VAL D 63 -12.31 12.99 -23.06
CA VAL D 63 -12.59 12.46 -24.39
C VAL D 63 -11.48 12.85 -25.37
N CYS D 64 -10.97 14.08 -25.25
CA CYS D 64 -9.84 14.46 -26.09
C CYS D 64 -8.63 13.57 -25.85
N SER D 65 -8.41 13.17 -24.59
CA SER D 65 -7.32 12.24 -24.30
C SER D 65 -7.63 10.83 -24.80
N LEU D 66 -8.88 10.38 -24.66
CA LEU D 66 -9.27 9.06 -25.10
C LEU D 66 -9.22 8.91 -26.61
N ALA D 67 -9.29 10.02 -27.34
CA ALA D 67 -9.08 9.96 -28.78
C ALA D 67 -7.68 9.51 -29.13
N GLU D 68 -6.72 9.67 -28.23
CA GLU D 68 -5.35 9.24 -28.42
C GLU D 68 -5.04 7.93 -27.72
N GLU D 69 -5.60 7.71 -26.53
CA GLU D 69 -5.28 6.51 -25.78
C GLU D 69 -5.83 5.24 -26.41
N LEU D 70 -6.68 5.34 -27.42
CA LEU D 70 -7.23 4.15 -28.06
C LEU D 70 -6.38 3.64 -29.21
N ARG D 71 -5.25 4.28 -29.50
CA ARG D 71 -4.35 3.78 -30.52
C ARG D 71 -3.32 2.79 -29.98
N HIS D 72 -3.17 2.69 -28.67
CA HIS D 72 -2.23 1.76 -28.05
C HIS D 72 -2.96 0.66 -27.28
N ILE D 73 -4.14 0.28 -27.75
CA ILE D 73 -5.00 -0.60 -26.95
C ILE D 73 -4.37 -1.97 -26.80
N HIS D 74 -3.93 -2.57 -27.91
CA HIS D 74 -3.33 -3.89 -27.90
C HIS D 74 -1.95 -3.91 -27.27
N SER D 75 -1.36 -2.76 -27.00
CA SER D 75 -0.03 -2.67 -26.45
C SER D 75 0.02 -2.23 -25.00
N ARG D 76 -1.01 -1.56 -24.51
CA ARG D 76 -1.05 -1.14 -23.12
C ARG D 76 -2.23 -1.68 -22.34
N TYR D 77 -3.41 -1.78 -22.94
CA TYR D 77 -4.62 -2.15 -22.21
C TYR D 77 -5.17 -3.50 -22.68
N ARG D 78 -4.28 -4.41 -23.07
CA ARG D 78 -4.67 -5.72 -23.58
C ARG D 78 -5.66 -5.57 -24.73
N GLY D 79 -6.94 -5.77 -24.45
CA GLY D 79 -7.96 -5.54 -25.45
C GLY D 79 -9.22 -4.94 -24.86
N SER D 80 -9.08 -4.23 -23.74
CA SER D 80 -10.22 -3.84 -22.93
C SER D 80 -10.63 -2.40 -23.24
N TYR D 81 -11.84 -2.23 -23.79
CA TYR D 81 -12.42 -0.90 -23.85
C TYR D 81 -12.78 -0.39 -22.47
N TRP D 82 -12.99 -1.30 -21.51
CA TRP D 82 -13.28 -0.86 -20.15
C TRP D 82 -12.04 -0.34 -19.45
N ARG D 83 -10.89 -0.97 -19.68
CA ARG D 83 -9.66 -0.51 -19.05
C ARG D 83 -9.04 0.68 -19.76
N THR D 84 -9.41 0.94 -21.01
CA THR D 84 -8.95 2.16 -21.66
C THR D 84 -9.66 3.38 -21.09
N VAL D 85 -10.98 3.29 -20.93
CA VAL D 85 -11.74 4.41 -20.39
C VAL D 85 -11.54 4.55 -18.89
N ARG D 86 -10.97 3.55 -18.22
CA ARG D 86 -10.70 3.65 -16.80
C ARG D 86 -9.39 4.35 -16.51
N ALA D 87 -8.47 4.43 -17.47
CA ALA D 87 -7.23 5.16 -17.27
C ALA D 87 -7.35 6.64 -17.56
N CYS D 88 -8.30 7.05 -18.41
CA CYS D 88 -8.50 8.45 -18.74
C CYS D 88 -9.58 9.09 -17.88
N LEU D 89 -10.77 8.49 -17.85
CA LEU D 89 -11.92 9.03 -17.13
C LEU D 89 -12.07 8.45 -15.74
N GLY D 90 -11.02 8.48 -14.93
CA GLY D 90 -11.11 8.08 -13.53
C GLY D 90 -11.82 6.77 -13.27
N CYS D 91 -12.99 6.84 -12.61
CA CYS D 91 -13.86 5.69 -12.38
C CYS D 91 -15.20 5.91 -13.05
N PRO D 92 -15.68 4.98 -13.86
CA PRO D 92 -16.86 5.25 -14.69
C PRO D 92 -18.21 5.12 -13.98
N LEU D 93 -18.23 5.03 -12.65
CA LEU D 93 -19.48 5.00 -11.90
C LEU D 93 -19.69 6.28 -11.11
N ARG D 94 -18.71 6.66 -10.29
CA ARG D 94 -18.78 7.94 -9.60
C ARG D 94 -18.82 9.08 -10.61
N ARG D 95 -18.02 8.98 -11.68
CA ARG D 95 -18.04 10.01 -12.70
C ARG D 95 -19.39 10.07 -13.41
N GLY D 96 -20.00 8.92 -13.68
CA GLY D 96 -21.32 8.91 -14.30
C GLY D 96 -22.37 9.55 -13.42
N ALA D 97 -22.37 9.22 -12.14
CA ALA D 97 -23.32 9.83 -11.22
C ALA D 97 -23.11 11.33 -11.12
N LEU D 98 -21.85 11.76 -11.04
CA LEU D 98 -21.56 13.19 -10.98
C LEU D 98 -22.02 13.89 -12.24
N LEU D 99 -21.85 13.25 -13.40
CA LEU D 99 -22.35 13.81 -14.65
C LEU D 99 -23.86 13.96 -14.63
N LEU D 100 -24.57 12.93 -14.16
CA LEU D 100 -26.03 12.98 -14.18
C LEU D 100 -26.54 14.09 -13.29
N LEU D 101 -25.97 14.19 -12.08
CA LEU D 101 -26.35 15.27 -11.18
C LEU D 101 -25.99 16.63 -11.75
N SER D 102 -24.84 16.74 -12.41
CA SER D 102 -24.41 18.01 -12.99
C SER D 102 -25.36 18.45 -14.09
N ILE D 103 -25.76 17.52 -14.96
CA ILE D 103 -26.71 17.86 -16.01
C ILE D 103 -28.03 18.30 -15.41
N TYR D 104 -28.52 17.58 -14.41
CA TYR D 104 -29.80 17.98 -13.81
C TYR D 104 -29.72 19.37 -13.19
N PHE D 105 -28.61 19.68 -12.51
CA PHE D 105 -28.47 20.98 -11.87
C PHE D 105 -28.28 22.10 -12.88
N TYR D 106 -27.55 21.86 -13.96
CA TYR D 106 -27.22 22.89 -14.94
C TYR D 106 -28.30 23.07 -15.99
N TYR D 107 -29.27 22.16 -16.07
CA TYR D 107 -30.32 22.22 -17.06
C TYR D 107 -31.60 22.88 -16.55
N SER D 108 -31.84 22.86 -15.24
CA SER D 108 -33.05 23.42 -14.66
C SER D 108 -32.84 24.76 -14.00
N LEU D 109 -31.68 25.00 -13.40
CA LEU D 109 -31.40 26.25 -12.72
C LEU D 109 -31.25 27.40 -13.71
N PRO D 116 -31.13 30.04 -23.07
CA PRO D 116 -30.02 29.52 -23.87
C PRO D 116 -29.12 28.56 -23.10
N PHE D 117 -29.50 27.29 -23.06
CA PHE D 117 -28.69 26.26 -22.43
C PHE D 117 -27.66 25.66 -23.39
N THR D 118 -28.01 25.49 -24.66
CA THR D 118 -27.04 25.03 -25.64
C THR D 118 -25.95 26.05 -25.88
N TRP D 119 -26.20 27.32 -25.55
CA TRP D 119 -25.18 28.35 -25.74
C TRP D 119 -23.98 28.13 -24.84
N MET D 120 -24.21 27.78 -23.57
CA MET D 120 -23.11 27.62 -22.63
C MET D 120 -22.23 26.42 -23.00
N LEU D 121 -22.82 25.35 -23.53
CA LEU D 121 -22.03 24.19 -23.93
C LEU D 121 -21.03 24.56 -25.02
N ALA D 122 -21.45 25.36 -25.99
CA ALA D 122 -20.53 25.76 -27.05
C ALA D 122 -19.38 26.59 -26.51
N LEU D 123 -19.66 27.49 -25.57
CA LEU D 123 -18.60 28.31 -24.99
C LEU D 123 -17.63 27.46 -24.16
N LEU D 124 -18.16 26.49 -23.41
CA LEU D 124 -17.28 25.58 -22.69
C LEU D 124 -16.41 24.78 -23.66
N GLY D 125 -17.00 24.36 -24.78
CA GLY D 125 -16.21 23.65 -25.77
C GLY D 125 -15.09 24.48 -26.36
N LEU D 126 -15.39 25.73 -26.72
CA LEU D 126 -14.33 26.63 -27.20
C LEU D 126 -13.26 26.83 -26.16
N SER D 127 -13.64 27.09 -24.91
CA SER D 127 -12.65 27.34 -23.88
C SER D 127 -11.75 26.13 -23.66
N GLN D 128 -12.35 24.93 -23.60
CA GLN D 128 -11.55 23.73 -23.39
C GLN D 128 -10.63 23.46 -24.57
N ALA D 129 -11.14 23.63 -25.79
CA ALA D 129 -10.30 23.41 -26.96
C ALA D 129 -9.15 24.39 -27.02
N LEU D 130 -9.39 25.65 -26.69
CA LEU D 130 -8.31 26.64 -26.70
C LEU D 130 -7.29 26.35 -25.61
N ASN D 131 -7.75 25.88 -24.44
CA ASN D 131 -6.81 25.45 -23.41
C ASN D 131 -5.92 24.32 -23.90
N ILE D 132 -6.51 23.33 -24.57
CA ILE D 132 -5.73 22.20 -25.04
C ILE D 132 -4.74 22.62 -26.11
N LEU D 133 -5.18 23.47 -27.05
CA LEU D 133 -4.33 23.84 -28.18
C LEU D 133 -3.23 24.82 -27.76
N LEU D 134 -3.62 25.96 -27.20
CA LEU D 134 -2.63 26.97 -26.84
C LEU D 134 -1.74 26.52 -25.70
N GLY D 135 -2.16 25.52 -24.93
CA GLY D 135 -1.36 25.00 -23.85
C GLY D 135 -1.38 25.83 -22.58
N LEU D 136 -2.43 26.62 -22.35
CA LEU D 136 -2.47 27.49 -21.18
C LEU D 136 -2.52 26.73 -19.88
N LYS D 137 -2.93 25.46 -19.89
CA LYS D 137 -3.08 24.67 -18.67
C LYS D 137 -1.91 23.70 -18.58
N GLY D 138 -0.86 24.10 -17.87
CA GLY D 138 0.29 23.25 -17.66
C GLY D 138 0.52 22.97 -16.19
N LEU D 139 1.77 22.72 -15.80
CA LEU D 139 2.10 22.47 -14.40
C LEU D 139 3.32 23.28 -14.02
N ALA D 140 3.27 23.88 -12.83
CA ALA D 140 4.42 24.59 -12.30
C ALA D 140 5.52 23.59 -11.92
N PRO D 141 6.78 24.02 -11.91
CA PRO D 141 7.85 23.11 -11.49
C PRO D 141 7.75 22.64 -10.05
N ALA D 142 6.97 23.31 -9.21
CA ALA D 142 6.82 22.91 -7.82
C ALA D 142 5.55 22.12 -7.56
N GLU D 143 4.79 21.78 -8.59
CA GLU D 143 3.72 20.78 -8.47
C GLU D 143 4.09 19.45 -9.09
N ILE D 144 4.85 19.46 -10.19
CA ILE D 144 5.43 18.24 -10.70
C ILE D 144 6.37 17.64 -9.67
N SER D 145 7.16 18.48 -9.01
CA SER D 145 8.09 17.99 -8.00
C SER D 145 7.40 17.40 -6.79
N ALA D 146 6.12 17.68 -6.58
CA ALA D 146 5.37 17.06 -5.50
C ALA D 146 4.59 15.84 -5.96
N VAL D 147 3.98 15.88 -7.15
CA VAL D 147 3.24 14.72 -7.64
C VAL D 147 4.16 13.57 -8.02
N CYS D 148 5.39 13.85 -8.46
CA CYS D 148 6.31 12.78 -8.80
C CYS D 148 7.15 12.32 -7.62
N GLU D 149 7.08 13.01 -6.49
CA GLU D 149 7.74 12.58 -5.27
C GLU D 149 6.79 11.90 -4.30
N LYS D 150 5.50 12.23 -4.36
CA LYS D 150 4.51 11.49 -3.59
C LYS D 150 4.38 10.06 -4.08
N GLY D 151 4.38 9.84 -5.39
CA GLY D 151 4.24 8.53 -5.98
C GLY D 151 5.51 7.82 -6.35
N ASN D 152 6.67 8.35 -5.95
CA ASN D 152 7.97 7.72 -6.20
C ASN D 152 8.24 7.54 -7.69
N PHE D 153 8.33 8.67 -8.39
CA PHE D 153 8.60 8.73 -9.82
C PHE D 153 9.93 9.38 -10.11
N ASN D 154 10.97 9.06 -9.35
CA ASN D 154 12.27 9.68 -9.52
C ASN D 154 13.26 8.71 -10.14
N VAL D 155 14.43 9.24 -10.47
CA VAL D 155 15.56 8.41 -10.89
C VAL D 155 16.34 7.94 -9.68
N ALA D 156 16.48 8.80 -8.67
CA ALA D 156 17.23 8.45 -7.47
C ALA D 156 16.56 7.32 -6.69
N HIS D 157 15.23 7.22 -6.75
CA HIS D 157 14.54 6.13 -6.08
C HIS D 157 14.99 4.78 -6.64
N GLY D 158 14.93 4.64 -7.96
CA GLY D 158 15.40 3.41 -8.58
C GLY D 158 16.86 3.15 -8.33
N LEU D 159 17.69 4.20 -8.40
CA LEU D 159 19.13 4.00 -8.21
C LEU D 159 19.44 3.54 -6.77
N ALA D 160 18.77 4.12 -5.78
CA ALA D 160 19.02 3.74 -4.39
C ALA D 160 18.57 2.31 -4.12
N TRP D 161 17.39 1.93 -4.61
CA TRP D 161 16.94 0.56 -4.38
C TRP D 161 17.82 -0.43 -5.12
N SER D 162 18.29 -0.09 -6.31
CA SER D 162 19.23 -0.95 -7.01
C SER D 162 20.52 -1.11 -6.23
N TYR D 163 21.03 -0.01 -5.67
CA TYR D 163 22.25 -0.08 -4.86
C TYR D 163 22.07 -1.04 -3.70
N TYR D 164 21.00 -0.86 -2.94
CA TYR D 164 20.72 -1.73 -1.80
C TYR D 164 20.66 -3.19 -2.23
N ILE D 165 19.70 -3.50 -3.12
CA ILE D 165 19.42 -4.88 -3.52
C ILE D 165 20.67 -5.56 -4.10
N GLY D 166 21.45 -4.83 -4.90
CA GLY D 166 22.56 -5.48 -5.58
C GLY D 166 23.85 -5.54 -4.81
N TYR D 167 24.05 -4.65 -3.84
CA TYR D 167 25.33 -4.61 -3.13
C TYR D 167 25.19 -4.85 -1.63
N LEU D 168 24.34 -4.10 -0.95
CA LEU D 168 24.41 -4.09 0.50
C LEU D 168 23.61 -5.22 1.11
N ARG D 169 22.59 -5.71 0.41
CA ARG D 169 21.92 -6.93 0.83
C ARG D 169 22.79 -8.16 0.62
N LEU D 170 23.94 -8.01 -0.03
CA LEU D 170 24.79 -9.13 -0.38
C LEU D 170 26.13 -9.14 0.32
N ILE D 171 26.71 -7.98 0.65
CA ILE D 171 28.05 -8.02 1.26
C ILE D 171 28.03 -7.66 2.74
N LEU D 172 27.03 -6.91 3.19
CA LEU D 172 27.04 -6.47 4.58
C LEU D 172 27.00 -7.62 5.58
N PRO D 173 26.12 -8.63 5.45
CA PRO D 173 26.10 -9.69 6.47
C PRO D 173 27.41 -10.47 6.59
N GLU D 174 28.15 -10.66 5.50
CA GLU D 174 29.40 -11.42 5.52
C GLU D 174 30.62 -10.53 5.72
N LEU D 175 30.42 -9.27 6.11
CA LEU D 175 31.55 -8.37 6.24
C LEU D 175 32.38 -8.68 7.48
N GLN D 176 31.79 -9.33 8.49
CA GLN D 176 32.54 -9.64 9.70
C GLN D 176 33.50 -10.80 9.47
N ALA D 177 33.07 -11.84 8.75
CA ALA D 177 33.87 -13.03 8.58
C ALA D 177 35.10 -12.79 7.70
N ARG D 178 35.17 -11.65 7.01
CA ARG D 178 36.37 -11.34 6.25
C ARG D 178 37.32 -10.46 7.03
N ILE D 179 36.80 -9.44 7.70
CA ILE D 179 37.63 -8.58 8.53
C ILE D 179 38.28 -9.38 9.64
N ARG D 180 37.51 -10.26 10.29
CA ARG D 180 38.06 -11.05 11.38
C ARG D 180 39.18 -11.95 10.91
N THR D 181 38.99 -12.63 9.77
CA THR D 181 40.04 -13.50 9.25
C THR D 181 41.29 -12.71 8.86
N TYR D 182 41.11 -11.57 8.18
CA TYR D 182 42.26 -10.80 7.75
C TYR D 182 43.05 -10.29 8.95
N ASN D 183 42.34 -9.74 9.95
CA ASN D 183 42.99 -9.08 11.07
C ASN D 183 43.92 -10.02 11.82
N GLN D 184 43.62 -11.32 11.84
CA GLN D 184 44.39 -12.25 12.64
C GLN D 184 45.32 -13.14 11.82
N HIS D 185 44.90 -13.62 10.64
CA HIS D 185 45.85 -14.39 9.83
C HIS D 185 46.82 -13.51 9.08
N TYR D 186 46.37 -12.40 8.48
CA TYR D 186 47.18 -11.67 7.52
C TYR D 186 47.65 -10.31 8.02
N ASN D 187 46.98 -9.71 9.00
CA ASN D 187 47.38 -8.40 9.50
C ASN D 187 48.45 -8.60 10.57
N ASN D 188 49.60 -7.98 10.36
CA ASN D 188 50.68 -8.08 11.34
C ASN D 188 50.32 -7.34 12.62
N LEU D 189 50.80 -7.87 13.74
CA LEU D 189 50.53 -7.26 15.03
C LEU D 189 51.15 -5.88 15.16
N LEU D 190 52.15 -5.56 14.31
CA LEU D 190 52.73 -4.22 14.34
C LEU D 190 51.74 -3.17 13.89
N ARG D 191 50.93 -3.48 12.88
CA ARG D 191 49.92 -2.55 12.39
C ARG D 191 48.65 -2.63 13.22
N GLY D 192 48.00 -1.47 13.39
CA GLY D 192 46.74 -1.44 14.09
C GLY D 192 45.64 -2.14 13.31
N ALA D 193 44.70 -2.70 14.06
CA ALA D 193 43.59 -3.43 13.45
C ALA D 193 42.69 -2.47 12.67
N VAL D 194 42.23 -2.92 11.51
CA VAL D 194 41.29 -2.12 10.72
C VAL D 194 39.96 -2.05 11.46
N SER D 195 39.43 -0.83 11.58
CA SER D 195 38.21 -0.65 12.34
C SER D 195 37.02 -1.25 11.59
N GLN D 196 35.93 -1.47 12.33
CA GLN D 196 34.74 -2.08 11.77
C GLN D 196 33.98 -1.04 10.95
N ARG D 197 32.74 -1.36 10.57
CA ARG D 197 31.80 -0.37 10.04
C ARG D 197 32.35 0.31 8.78
N LEU D 198 32.36 -0.46 7.68
CA LEU D 198 32.67 0.05 6.35
C LEU D 198 32.06 1.43 6.13
N TYR D 199 32.89 2.38 5.69
CA TYR D 199 32.52 3.78 5.55
C TYR D 199 32.25 4.13 4.09
N ILE D 200 31.17 4.86 3.86
CA ILE D 200 30.73 5.25 2.52
C ILE D 200 30.71 6.77 2.44
N LEU D 201 31.36 7.32 1.42
CA LEU D 201 31.42 8.75 1.19
C LEU D 201 30.46 9.13 0.07
N LEU D 202 29.64 10.13 0.32
CA LEU D 202 28.60 10.57 -0.63
C LEU D 202 28.82 12.03 -0.95
N PRO D 203 29.63 12.35 -1.95
CA PRO D 203 29.87 13.75 -2.31
C PRO D 203 28.65 14.34 -3.00
N LEU D 204 28.10 15.41 -2.43
CA LEU D 204 26.94 16.02 -3.04
C LEU D 204 27.36 16.95 -4.17
N ASP D 205 28.27 16.46 -5.01
CA ASP D 205 28.69 17.11 -6.24
C ASP D 205 28.71 16.14 -7.40
N CYS D 206 28.54 14.85 -7.14
CA CYS D 206 28.62 13.78 -8.14
C CYS D 206 29.98 13.73 -8.83
N GLY D 207 30.98 14.43 -8.31
CA GLY D 207 32.32 14.32 -8.85
C GLY D 207 33.08 13.19 -8.19
N VAL D 208 33.15 12.05 -8.86
CA VAL D 208 33.71 10.84 -8.28
C VAL D 208 35.00 10.46 -8.99
N PRO D 209 36.16 10.81 -8.45
CA PRO D 209 37.43 10.40 -9.07
C PRO D 209 37.63 8.90 -8.99
N ASP D 210 38.34 8.36 -9.98
CA ASP D 210 38.55 6.92 -10.04
C ASP D 210 39.43 6.43 -8.89
N ASN D 211 40.52 7.13 -8.59
CA ASN D 211 41.47 6.70 -7.57
C ASN D 211 41.46 7.65 -6.39
N LEU D 212 41.50 7.08 -5.19
CA LEU D 212 41.34 7.86 -3.96
C LEU D 212 42.60 8.60 -3.57
N SER D 213 43.74 8.32 -4.23
CA SER D 213 44.97 9.02 -3.88
C SER D 213 44.86 10.51 -4.19
N MET D 214 44.23 10.85 -5.31
CA MET D 214 44.01 12.25 -5.65
C MET D 214 42.93 12.86 -4.76
N ALA D 215 42.87 14.19 -4.78
CA ALA D 215 41.90 15.00 -4.05
C ALA D 215 42.20 15.04 -2.55
N ASP D 216 43.12 14.20 -2.10
CA ASP D 216 43.66 14.30 -0.75
C ASP D 216 45.02 13.61 -0.71
N PRO D 217 46.12 14.36 -0.58
CA PRO D 217 47.45 13.75 -0.67
C PRO D 217 47.86 12.92 0.53
N ASN D 218 46.92 12.59 1.43
CA ASN D 218 47.25 11.83 2.63
C ASN D 218 46.78 10.38 2.59
N ILE D 219 45.58 10.11 2.10
CA ILE D 219 45.07 8.74 2.08
C ILE D 219 45.80 7.94 1.01
N ARG D 220 46.34 6.79 1.41
CA ARG D 220 47.18 5.97 0.55
C ARG D 220 46.76 4.52 0.59
N PHE D 221 46.74 3.88 -0.58
CA PHE D 221 46.27 2.50 -0.70
C PHE D 221 47.19 1.57 0.07
N LEU D 222 46.59 0.68 0.87
CA LEU D 222 47.36 -0.25 1.68
C LEU D 222 47.36 -1.66 1.10
N ASP D 223 46.19 -2.28 0.97
CA ASP D 223 46.07 -3.68 0.57
C ASP D 223 44.61 -3.97 0.24
N LYS D 224 44.29 -5.24 0.07
CA LYS D 224 42.94 -5.69 -0.28
C LYS D 224 42.40 -6.58 0.83
N LEU D 225 41.25 -7.21 0.56
CA LEU D 225 40.59 -8.14 1.44
C LEU D 225 40.33 -9.43 0.67
N PRO D 226 40.15 -10.56 1.37
CA PRO D 226 39.66 -11.75 0.68
C PRO D 226 38.30 -11.48 0.05
N GLN D 227 38.09 -12.02 -1.14
CA GLN D 227 36.89 -11.75 -1.91
C GLN D 227 35.87 -12.86 -1.73
N GLN D 228 34.64 -12.59 -2.14
CA GLN D 228 33.56 -13.55 -2.11
C GLN D 228 32.96 -13.69 -3.50
N THR D 229 32.34 -14.84 -3.77
CA THR D 229 31.77 -15.12 -5.08
C THR D 229 30.31 -15.54 -4.94
N GLY D 230 29.60 -15.43 -6.05
CA GLY D 230 28.21 -15.87 -6.12
C GLY D 230 27.79 -15.99 -7.57
N ASP D 231 26.60 -16.55 -7.77
CA ASP D 231 26.00 -16.70 -9.09
C ASP D 231 24.77 -15.80 -9.18
N ARG D 232 24.71 -14.99 -10.23
CA ARG D 232 23.62 -14.03 -10.37
C ARG D 232 23.24 -13.85 -11.83
N ALA D 233 21.94 -14.00 -12.11
CA ALA D 233 21.34 -13.64 -13.39
C ALA D 233 22.03 -14.34 -14.57
N GLY D 234 22.35 -15.61 -14.40
CA GLY D 234 22.92 -16.38 -15.48
C GLY D 234 24.42 -16.31 -15.61
N ILE D 235 25.09 -15.47 -14.83
CA ILE D 235 26.54 -15.42 -14.76
C ILE D 235 26.96 -16.06 -13.46
N LYS D 236 27.89 -17.01 -13.53
CA LYS D 236 28.39 -17.64 -12.33
C LYS D 236 29.78 -17.10 -11.98
N ASP D 237 30.06 -17.09 -10.67
CA ASP D 237 31.29 -16.54 -10.11
C ASP D 237 31.38 -15.04 -10.37
N ARG D 238 30.42 -14.30 -9.82
CA ARG D 238 30.52 -12.85 -9.72
C ARG D 238 31.35 -12.50 -8.51
N VAL D 239 32.36 -11.64 -8.69
CA VAL D 239 33.38 -11.40 -7.68
C VAL D 239 33.18 -10.02 -7.07
N TYR D 240 33.13 -9.97 -5.74
CA TYR D 240 33.08 -8.73 -4.98
C TYR D 240 34.37 -8.58 -4.19
N SER D 241 35.00 -7.41 -4.26
CA SER D 241 36.22 -7.15 -3.51
C SER D 241 36.21 -5.73 -2.99
N ASN D 242 36.97 -5.50 -1.91
CA ASN D 242 37.12 -4.17 -1.34
C ASN D 242 38.60 -3.85 -1.10
N SER D 243 38.88 -2.75 -0.43
CA SER D 243 40.24 -2.31 -0.20
C SER D 243 40.32 -1.51 1.09
N ILE D 244 41.54 -1.38 1.62
CA ILE D 244 41.79 -0.75 2.92
C ILE D 244 42.71 0.43 2.72
N TYR D 245 42.38 1.56 3.33
CA TYR D 245 43.13 2.79 3.17
C TYR D 245 43.64 3.29 4.51
N GLU D 246 44.82 3.92 4.49
CA GLU D 246 45.41 4.50 5.68
C GLU D 246 45.19 6.01 5.70
N LEU D 247 45.19 6.58 6.91
CA LEU D 247 45.02 8.02 7.10
C LEU D 247 46.24 8.54 7.83
N LEU D 248 47.06 9.32 7.13
CA LEU D 248 48.28 9.88 7.69
C LEU D 248 47.96 11.24 8.30
N GLU D 249 48.18 11.38 9.60
CA GLU D 249 47.94 12.63 10.32
C GLU D 249 49.27 13.35 10.48
N ASN D 250 49.31 14.61 10.05
CA ASN D 250 50.46 15.52 10.13
C ASN D 250 51.78 14.79 9.87
N GLY D 251 51.78 13.88 8.90
CA GLY D 251 52.96 13.11 8.54
C GLY D 251 53.02 11.72 9.12
N GLN D 252 52.17 11.38 10.08
CA GLN D 252 52.21 10.07 10.73
C GLN D 252 50.84 9.42 10.68
N ARG D 253 50.82 8.10 10.77
CA ARG D 253 49.57 7.35 10.66
C ARG D 253 48.64 7.67 11.83
N ALA D 254 47.33 7.67 11.53
CA ALA D 254 46.31 7.88 12.55
C ALA D 254 45.36 6.71 12.71
N GLY D 255 45.16 5.90 11.67
CA GLY D 255 44.27 4.76 11.76
C GLY D 255 44.07 4.15 10.38
N THR D 256 43.17 3.17 10.34
CA THR D 256 42.78 2.53 9.08
C THR D 256 41.29 2.30 9.07
N CYS D 257 40.73 2.18 7.87
CA CYS D 257 39.30 2.00 7.66
C CYS D 257 39.09 1.37 6.29
N VAL D 258 37.83 1.24 5.88
CA VAL D 258 37.47 0.71 4.58
C VAL D 258 36.63 1.77 3.86
N LEU D 259 37.16 2.30 2.76
CA LEU D 259 36.59 3.48 2.11
C LEU D 259 35.93 3.12 0.79
N GLU D 260 34.78 3.75 0.53
CA GLU D 260 34.05 3.57 -0.71
C GLU D 260 33.39 4.88 -1.11
N TYR D 261 33.40 5.17 -2.40
CA TYR D 261 32.47 6.14 -2.97
C TYR D 261 31.17 5.41 -3.29
N ALA D 262 30.19 6.10 -3.86
CA ALA D 262 28.94 5.48 -4.25
C ALA D 262 28.80 5.61 -5.76
N THR D 263 28.88 4.49 -6.46
CA THR D 263 28.89 4.50 -7.92
C THR D 263 27.65 5.14 -8.56
N PRO D 264 26.43 4.94 -8.04
CA PRO D 264 25.29 5.67 -8.63
C PRO D 264 25.49 7.16 -8.73
N LEU D 265 26.31 7.75 -7.87
CA LEU D 265 26.65 9.16 -8.05
C LEU D 265 27.45 9.38 -9.33
N GLN D 266 28.36 8.47 -9.64
CA GLN D 266 29.09 8.57 -10.91
C GLN D 266 28.15 8.45 -12.08
N THR D 267 27.15 7.56 -11.98
CA THR D 267 26.15 7.46 -13.05
C THR D 267 25.34 8.75 -13.19
N LEU D 268 24.95 9.35 -12.06
CA LEU D 268 24.19 10.60 -12.12
C LEU D 268 25.00 11.71 -12.78
N PHE D 269 26.30 11.77 -12.46
CA PHE D 269 27.14 12.78 -13.10
C PHE D 269 27.29 12.52 -14.60
N ALA D 270 27.54 11.27 -15.00
CA ALA D 270 27.76 11.00 -16.41
C ALA D 270 26.49 11.15 -17.24
N MET D 271 25.32 10.98 -16.61
CA MET D 271 24.07 11.15 -17.34
C MET D 271 23.88 12.58 -17.81
N SER D 272 24.45 13.55 -17.09
CA SER D 272 24.19 14.96 -17.34
C SER D 272 25.01 15.54 -18.48
N GLN D 273 25.89 14.76 -19.09
CA GLN D 273 26.71 15.24 -20.19
C GLN D 273 26.26 14.70 -21.55
N TYR D 274 25.57 13.57 -21.59
CA TYR D 274 25.02 13.08 -22.84
C TYR D 274 23.78 13.86 -23.22
N SER D 275 23.52 13.95 -24.52
CA SER D 275 22.44 14.78 -25.02
C SER D 275 21.10 14.07 -25.08
N GLN D 276 21.08 12.76 -25.32
CA GLN D 276 19.82 12.02 -25.34
C GLN D 276 19.24 11.83 -23.95
N ALA D 277 20.01 12.03 -22.90
CA ALA D 277 19.51 11.81 -21.55
C ALA D 277 18.42 12.81 -21.20
N GLY D 278 18.55 14.05 -21.67
CA GLY D 278 17.60 15.08 -21.29
C GLY D 278 17.64 15.36 -19.81
N PHE D 279 18.82 15.34 -19.20
CA PHE D 279 18.97 15.40 -17.75
C PHE D 279 19.92 16.56 -17.45
N SER D 280 19.38 17.62 -16.86
CA SER D 280 20.07 18.90 -16.78
C SER D 280 21.13 18.89 -15.68
N ARG D 281 21.94 19.94 -15.68
CA ARG D 281 23.00 20.12 -14.69
C ARG D 281 22.45 20.58 -13.34
N GLU D 282 21.29 21.20 -13.32
CA GLU D 282 20.65 21.58 -12.06
C GLU D 282 19.79 20.46 -11.49
N ASP D 283 19.59 19.37 -12.23
CA ASP D 283 18.83 18.24 -11.74
C ASP D 283 19.70 17.24 -10.99
N ARG D 284 20.93 17.02 -11.45
CA ARG D 284 21.80 16.06 -10.80
C ARG D 284 22.40 16.57 -9.51
N LEU D 285 21.88 17.67 -8.97
CA LEU D 285 22.14 18.05 -7.59
C LEU D 285 20.94 17.78 -6.70
N GLU D 286 19.72 18.09 -7.18
CA GLU D 286 18.53 17.70 -6.46
C GLU D 286 18.44 16.18 -6.31
N GLN D 287 18.74 15.44 -7.38
CA GLN D 287 18.71 13.99 -7.28
C GLN D 287 19.82 13.46 -6.39
N ALA D 288 20.97 14.13 -6.38
CA ALA D 288 22.05 13.72 -5.50
C ALA D 288 21.67 13.92 -4.04
N LYS D 289 20.92 14.97 -3.73
CA LYS D 289 20.47 15.17 -2.36
C LYS D 289 19.33 14.25 -2.00
N LEU D 290 18.55 13.78 -2.97
CA LEU D 290 17.45 12.86 -2.68
C LEU D 290 17.92 11.40 -2.53
N PHE D 291 18.96 11.01 -3.26
CA PHE D 291 19.49 9.66 -3.18
C PHE D 291 20.01 9.36 -1.77
N CYS D 292 20.72 10.31 -1.15
CA CYS D 292 21.23 10.11 0.19
C CYS D 292 20.09 9.93 1.19
N ARG D 293 19.03 10.73 1.05
CA ARG D 293 17.89 10.61 1.95
C ARG D 293 17.24 9.23 1.82
N THR D 294 17.06 8.75 0.59
CA THR D 294 16.45 7.43 0.41
C THR D 294 17.35 6.32 0.98
N LEU D 295 18.67 6.42 0.79
CA LEU D 295 19.54 5.41 1.38
C LEU D 295 19.47 5.39 2.89
N GLU D 296 19.47 6.57 3.52
CA GLU D 296 19.38 6.61 4.98
C GLU D 296 18.07 6.01 5.47
N ASP D 297 16.96 6.31 4.79
CA ASP D 297 15.68 5.73 5.17
C ASP D 297 15.68 4.21 5.01
N ILE D 298 16.29 3.71 3.93
CA ILE D 298 16.30 2.26 3.70
C ILE D 298 17.15 1.56 4.75
N LEU D 299 18.34 2.09 5.03
CA LEU D 299 19.22 1.46 6.00
C LEU D 299 18.76 1.65 7.44
N ALA D 300 17.79 2.55 7.68
CA ALA D 300 17.30 2.72 9.04
C ALA D 300 16.59 1.46 9.54
N ASP D 301 15.80 0.82 8.70
CA ASP D 301 14.94 -0.28 9.12
C ASP D 301 15.44 -1.61 8.57
N ALA D 302 16.58 -1.63 7.93
CA ALA D 302 17.08 -2.89 7.42
C ALA D 302 17.69 -3.72 8.56
N PRO D 303 17.50 -5.05 8.51
CA PRO D 303 18.15 -5.90 9.52
C PRO D 303 19.67 -5.78 9.56
N GLU D 304 20.30 -5.56 8.39
CA GLU D 304 21.73 -5.28 8.31
C GLU D 304 21.93 -3.78 8.52
N SER D 305 21.69 -3.34 9.75
CA SER D 305 21.47 -1.94 10.08
C SER D 305 22.79 -1.18 10.14
N GLN D 306 22.75 0.03 10.72
CA GLN D 306 23.91 0.91 10.83
C GLN D 306 25.00 0.36 11.74
N ASN D 307 24.85 -0.86 12.26
CA ASN D 307 25.94 -1.48 13.01
C ASN D 307 27.09 -1.95 12.12
N ASN D 308 26.93 -1.89 10.79
CA ASN D 308 27.97 -2.31 9.87
C ASN D 308 28.40 -1.25 8.88
N CYS D 309 27.67 -0.14 8.73
CA CYS D 309 28.02 0.86 7.72
C CYS D 309 27.83 2.26 8.30
N ARG D 310 28.57 3.21 7.75
CA ARG D 310 28.46 4.61 8.14
C ARG D 310 28.40 5.48 6.89
N LEU D 311 27.56 6.51 6.93
CA LEU D 311 27.38 7.43 5.82
C LEU D 311 28.06 8.74 6.14
N ILE D 312 28.77 9.31 5.16
CA ILE D 312 29.45 10.58 5.31
C ILE D 312 29.06 11.43 4.11
N ALA D 313 28.25 12.45 4.33
CA ALA D 313 27.86 13.39 3.28
C ALA D 313 28.64 14.68 3.46
N TYR D 314 29.23 15.18 2.39
CA TYR D 314 30.00 16.41 2.47
C TYR D 314 29.84 17.22 1.20
N GLN D 315 29.83 18.55 1.34
CA GLN D 315 29.77 19.47 0.21
C GLN D 315 31.06 20.27 0.16
N GLU D 316 31.72 20.22 -0.99
CA GLU D 316 33.02 20.87 -1.13
C GLU D 316 32.86 22.38 -1.09
N PRO D 317 33.56 23.08 -0.20
CA PRO D 317 33.44 24.54 -0.17
C PRO D 317 33.93 25.18 -1.46
N ALA D 318 33.27 26.26 -1.87
CA ALA D 318 33.66 26.97 -3.07
C ALA D 318 34.92 27.81 -2.86
N ASP D 319 35.16 28.26 -1.64
CA ASP D 319 36.29 29.12 -1.32
C ASP D 319 37.54 28.35 -0.88
N ASP D 320 37.47 27.02 -0.81
CA ASP D 320 38.57 26.20 -0.32
C ASP D 320 38.97 26.62 1.11
N SER D 321 38.03 26.43 2.03
CA SER D 321 38.23 26.81 3.43
C SER D 321 39.03 25.73 4.17
N SER D 322 40.18 25.37 3.59
CA SER D 322 41.10 24.40 4.18
C SER D 322 40.42 23.08 4.49
N PHE D 323 39.58 22.63 3.57
CA PHE D 323 38.87 21.36 3.75
C PHE D 323 39.77 20.20 3.36
N SER D 324 39.80 19.17 4.22
CA SER D 324 40.53 17.94 3.93
C SER D 324 39.66 16.77 4.35
N LEU D 325 39.50 15.80 3.44
CA LEU D 325 38.64 14.66 3.73
C LEU D 325 39.12 13.91 4.97
N SER D 326 40.43 13.91 5.22
CA SER D 326 40.98 13.17 6.33
C SER D 326 40.39 13.63 7.65
N GLN D 327 40.16 14.94 7.79
CA GLN D 327 39.60 15.46 9.03
C GLN D 327 38.21 14.90 9.28
N GLU D 328 37.36 14.89 8.24
CA GLU D 328 36.00 14.37 8.41
C GLU D 328 36.01 12.86 8.67
N VAL D 329 36.84 12.11 7.94
CA VAL D 329 36.89 10.68 8.16
C VAL D 329 37.37 10.37 9.57
N LEU D 330 38.39 11.09 10.05
CA LEU D 330 38.85 10.91 11.42
C LEU D 330 37.78 11.28 12.42
N ARG D 331 37.06 12.38 12.17
CA ARG D 331 36.03 12.82 13.11
C ARG D 331 34.95 11.77 13.26
N HIS D 332 34.55 11.14 12.16
CA HIS D 332 33.58 10.05 12.26
C HIS D 332 34.20 8.80 12.88
N LEU D 333 35.50 8.56 12.65
CA LEU D 333 36.16 7.41 13.26
C LEU D 333 36.26 7.55 14.77
N ARG D 334 36.22 8.78 15.28
CA ARG D 334 36.34 8.97 16.73
C ARG D 334 35.25 8.21 17.49
N GLN D 335 34.02 8.28 17.00
CA GLN D 335 32.91 7.59 17.65
C GLN D 335 33.04 6.08 17.51
N SER E 4 26.86 20.96 -56.94
CA SER E 4 25.78 20.29 -57.67
C SER E 4 26.32 19.10 -58.45
N SER E 5 27.53 18.66 -58.11
CA SER E 5 28.14 17.54 -58.80
C SER E 5 28.65 16.50 -57.80
N LEU E 6 28.92 16.93 -56.57
CA LEU E 6 29.43 16.01 -55.56
C LEU E 6 28.37 14.98 -55.18
N HIS E 7 27.12 15.43 -54.98
CA HIS E 7 26.04 14.53 -54.62
C HIS E 7 24.73 15.20 -54.96
N PRO E 8 23.73 14.47 -55.46
CA PRO E 8 22.43 15.10 -55.72
C PRO E 8 21.76 15.65 -54.48
N SER E 9 22.09 15.14 -53.29
CA SER E 9 21.42 15.55 -52.07
C SER E 9 21.82 16.95 -51.62
N ILE E 10 22.93 17.48 -52.13
CA ILE E 10 23.38 18.82 -51.74
C ILE E 10 22.40 19.86 -52.31
N PRO E 11 21.80 20.68 -51.47
CA PRO E 11 20.84 21.67 -51.98
C PRO E 11 21.53 22.81 -52.72
N CYS E 12 20.75 23.50 -53.53
CA CYS E 12 21.15 24.66 -54.30
C CYS E 12 20.84 25.94 -53.55
N PRO E 13 21.56 27.03 -53.82
CA PRO E 13 21.26 28.30 -53.16
C PRO E 13 19.86 28.80 -53.52
N ARG E 14 19.27 29.52 -52.57
CA ARG E 14 17.92 30.04 -52.76
C ARG E 14 17.88 31.08 -53.88
N GLY E 15 16.79 31.06 -54.63
CA GLY E 15 16.58 31.96 -55.76
C GLY E 15 15.74 33.16 -55.39
N HIS E 16 14.81 33.52 -56.27
CA HIS E 16 13.95 34.68 -56.09
C HIS E 16 12.50 34.31 -56.32
N GLY E 17 12.11 33.10 -55.91
CA GLY E 17 10.72 32.70 -56.03
C GLY E 17 9.79 33.49 -55.13
N ALA E 18 10.31 34.01 -54.02
CA ALA E 18 9.51 34.85 -53.14
C ALA E 18 9.07 36.11 -53.86
N GLN E 19 9.97 36.72 -54.64
CA GLN E 19 9.62 37.93 -55.39
C GLN E 19 8.56 37.63 -56.45
N LYS E 20 8.67 36.49 -57.13
CA LYS E 20 7.67 36.14 -58.13
C LYS E 20 6.31 35.88 -57.48
N ALA E 21 6.29 35.20 -56.34
CA ALA E 21 5.03 35.01 -55.63
C ALA E 21 4.45 36.34 -55.18
N ALA E 22 5.31 37.25 -54.73
CA ALA E 22 4.85 38.58 -54.33
C ALA E 22 4.24 39.33 -55.51
N LEU E 23 4.88 39.24 -56.69
CA LEU E 23 4.35 39.92 -57.87
C LEU E 23 3.01 39.33 -58.29
N VAL E 24 2.88 38.01 -58.23
CA VAL E 24 1.60 37.38 -58.56
C VAL E 24 0.52 37.82 -57.59
N LEU E 25 0.85 37.86 -56.30
CA LEU E 25 -0.13 38.30 -55.30
C LEU E 25 -0.53 39.75 -55.51
N LEU E 26 0.45 40.61 -55.83
CA LEU E 26 0.16 42.02 -56.08
C LEU E 26 -0.74 42.18 -57.30
N SER E 27 -0.46 41.44 -58.37
CA SER E 27 -1.31 41.49 -59.55
C SER E 27 -2.73 41.04 -59.24
N ALA E 28 -2.87 39.94 -58.48
CA ALA E 28 -4.20 39.47 -58.11
C ALA E 28 -4.95 40.49 -57.27
N CYS E 29 -4.25 41.11 -56.32
CA CYS E 29 -4.89 42.12 -55.47
C CYS E 29 -5.32 43.32 -56.29
N LEU E 30 -4.47 43.78 -57.22
CA LEU E 30 -4.83 44.90 -58.07
C LEU E 30 -6.02 44.59 -58.95
N VAL E 31 -6.06 43.39 -59.54
CA VAL E 31 -7.20 43.00 -60.35
C VAL E 31 -8.47 42.92 -59.51
N THR E 32 -8.39 42.35 -58.30
CA THR E 32 -9.57 42.25 -57.45
C THR E 32 -10.07 43.64 -57.05
N LEU E 33 -9.16 44.55 -56.73
CA LEU E 33 -9.56 45.92 -56.40
C LEU E 33 -10.19 46.61 -57.59
N TRP E 34 -9.65 46.38 -58.79
CA TRP E 34 -10.24 46.95 -60.00
C TRP E 34 -11.65 46.41 -60.23
N GLY E 35 -11.86 45.13 -59.97
CA GLY E 35 -13.20 44.56 -60.14
C GLY E 35 -14.22 45.20 -59.23
N LEU E 36 -13.83 45.49 -57.99
CA LEU E 36 -14.73 46.14 -57.05
C LEU E 36 -14.90 47.61 -57.41
N GLY E 37 -16.04 48.18 -57.00
CA GLY E 37 -16.35 49.56 -57.26
C GLY E 37 -16.10 50.44 -56.07
N GLU E 38 -15.08 51.28 -56.16
CA GLU E 38 -14.67 52.16 -55.08
C GLU E 38 -13.63 53.14 -55.61
N PRO E 39 -13.61 54.37 -55.10
CA PRO E 39 -12.58 55.33 -55.50
C PRO E 39 -11.22 54.95 -54.92
N PRO E 40 -10.13 55.33 -55.59
CA PRO E 40 -8.80 54.97 -55.08
C PRO E 40 -8.29 55.88 -53.97
N GLU E 41 -8.96 57.01 -53.71
CA GLU E 41 -8.50 57.92 -52.67
C GLU E 41 -8.55 57.26 -51.30
N HIS E 42 -9.64 56.55 -51.01
CA HIS E 42 -9.75 55.85 -49.73
C HIS E 42 -8.67 54.78 -49.60
N THR E 43 -8.41 54.04 -50.67
CA THR E 43 -7.36 53.02 -50.64
C THR E 43 -6.00 53.65 -50.37
N LEU E 44 -5.70 54.77 -51.02
CA LEU E 44 -4.43 55.45 -50.80
C LEU E 44 -4.31 55.90 -49.35
N ARG E 45 -5.38 56.50 -48.81
CA ARG E 45 -5.34 56.98 -47.43
C ARG E 45 -5.13 55.83 -46.46
N TYR E 46 -5.86 54.72 -46.64
CA TYR E 46 -5.70 53.58 -45.74
C TYR E 46 -4.32 52.95 -45.85
N LEU E 47 -3.76 52.86 -47.05
CA LEU E 47 -2.42 52.30 -47.19
C LEU E 47 -1.38 53.18 -46.50
N VAL E 48 -1.51 54.51 -46.65
CA VAL E 48 -0.58 55.41 -45.96
C VAL E 48 -0.71 55.26 -44.45
N LEU E 49 -1.95 55.16 -43.95
CA LEU E 49 -2.16 54.98 -42.51
C LEU E 49 -1.56 53.67 -42.02
N HIS E 50 -1.72 52.60 -42.79
CA HIS E 50 -1.15 51.31 -42.40
C HIS E 50 0.38 51.38 -42.35
N LEU E 51 0.99 52.03 -43.34
CA LEU E 51 2.44 52.16 -43.33
C LEU E 51 2.91 52.98 -42.13
N ALA E 52 2.19 54.04 -41.81
CA ALA E 52 2.54 54.85 -40.64
C ALA E 52 2.43 54.02 -39.36
N SER E 53 1.38 53.21 -39.26
CA SER E 53 1.23 52.35 -38.08
C SER E 53 2.39 51.37 -37.96
N LEU E 54 2.80 50.77 -39.08
CA LEU E 54 3.93 49.85 -39.04
C LEU E 54 5.21 50.55 -38.61
N GLN E 55 5.44 51.77 -39.12
CA GLN E 55 6.63 52.50 -38.73
C GLN E 55 6.63 52.82 -37.24
N LEU E 56 5.48 53.25 -36.71
CA LEU E 56 5.40 53.55 -35.29
C LEU E 56 5.60 52.30 -34.44
N GLY E 57 5.06 51.16 -34.89
CA GLY E 57 5.29 49.92 -34.17
C GLY E 57 6.76 49.53 -34.14
N LEU E 58 7.45 49.67 -35.27
CA LEU E 58 8.87 49.37 -35.30
C LEU E 58 9.65 50.32 -34.38
N LEU E 59 9.28 51.60 -34.37
CA LEU E 59 9.93 52.54 -33.46
C LEU E 59 9.74 52.14 -32.01
N LEU E 60 8.52 51.77 -31.64
CA LEU E 60 8.26 51.38 -30.25
C LEU E 60 9.03 50.12 -29.89
N ASN E 61 9.09 49.15 -30.81
CA ASN E 61 9.88 47.94 -30.56
C ASN E 61 11.35 48.27 -30.34
N GLY E 62 11.90 49.16 -31.18
CA GLY E 62 13.30 49.54 -31.00
C GLY E 62 13.52 50.24 -29.67
N VAL E 63 12.59 51.10 -29.27
CA VAL E 63 12.72 51.79 -27.99
C VAL E 63 12.72 50.80 -26.83
N CYS E 64 11.82 49.81 -26.89
CA CYS E 64 11.80 48.79 -25.84
C CYS E 64 13.10 48.00 -25.82
N SER E 65 13.64 47.67 -27.00
CA SER E 65 14.91 46.95 -27.05
C SER E 65 16.07 47.79 -26.53
N LEU E 66 16.01 49.11 -26.68
CA LEU E 66 17.11 49.98 -26.26
C LEU E 66 17.42 49.87 -24.77
N ALA E 67 16.45 49.46 -23.96
CA ALA E 67 16.67 49.39 -22.52
C ALA E 67 17.64 48.29 -22.12
N GLU E 68 18.01 47.40 -23.04
CA GLU E 68 18.86 46.26 -22.73
C GLU E 68 20.34 46.52 -22.97
N GLU E 69 20.70 46.99 -24.17
CA GLU E 69 22.10 47.14 -24.54
C GLU E 69 22.78 48.32 -23.85
N LEU E 70 22.02 49.21 -23.22
CA LEU E 70 22.61 50.34 -22.52
C LEU E 70 23.45 49.95 -21.33
N ARG E 71 23.23 48.75 -20.78
CA ARG E 71 24.04 48.24 -19.68
C ARG E 71 25.33 47.59 -20.15
N HIS E 72 25.44 47.27 -21.44
CA HIS E 72 26.64 46.68 -22.01
C HIS E 72 27.41 47.69 -22.87
N ILE E 73 27.19 48.98 -22.63
CA ILE E 73 27.76 50.00 -23.49
C ILE E 73 29.29 50.06 -23.37
N HIS E 74 29.80 49.88 -22.15
CA HIS E 74 31.23 49.98 -21.92
C HIS E 74 32.02 48.82 -22.51
N SER E 75 31.35 47.75 -22.93
CA SER E 75 32.03 46.56 -23.41
C SER E 75 31.69 46.23 -24.86
N ARG E 76 30.44 46.44 -25.27
CA ARG E 76 30.02 46.10 -26.62
C ARG E 76 30.22 47.26 -27.59
N TYR E 77 29.59 48.40 -27.31
CA TYR E 77 29.59 49.55 -28.22
C TYR E 77 30.59 50.63 -27.82
N ARG E 78 31.43 50.38 -26.82
CA ARG E 78 32.36 51.37 -26.29
C ARG E 78 31.61 52.52 -25.62
N GLY E 79 32.32 53.46 -25.03
CA GLY E 79 31.69 54.53 -24.28
C GLY E 79 30.83 55.45 -25.10
N SER E 80 30.84 55.27 -26.42
CA SER E 80 30.06 56.11 -27.32
C SER E 80 28.57 55.85 -27.15
N TYR E 81 27.79 56.93 -27.12
CA TYR E 81 26.34 56.85 -26.98
C TYR E 81 25.62 56.79 -28.31
N TRP E 82 26.34 56.91 -29.43
CA TRP E 82 25.72 56.93 -30.74
C TRP E 82 25.63 55.53 -31.34
N ARG E 83 26.66 54.70 -31.15
CA ARG E 83 26.64 53.35 -31.72
C ARG E 83 25.51 52.51 -31.14
N THR E 84 25.14 52.75 -29.88
CA THR E 84 24.02 52.02 -29.28
C THR E 84 22.73 52.28 -30.04
N VAL E 85 22.40 53.56 -30.26
CA VAL E 85 21.17 53.90 -30.97
C VAL E 85 21.27 53.48 -32.43
N ARG E 86 22.46 53.59 -33.02
CA ARG E 86 22.62 53.15 -34.41
C ARG E 86 22.38 51.66 -34.56
N ALA E 87 22.82 50.86 -33.60
CA ALA E 87 22.58 49.41 -33.65
C ALA E 87 21.12 49.09 -33.37
N CYS E 88 20.51 49.74 -32.38
CA CYS E 88 19.13 49.42 -32.04
C CYS E 88 18.15 49.84 -33.14
N LEU E 89 18.38 51.00 -33.75
CA LEU E 89 17.48 51.51 -34.78
C LEU E 89 17.96 51.15 -36.19
N GLY E 90 19.18 51.54 -36.54
CA GLY E 90 19.73 51.22 -37.84
C GLY E 90 20.16 52.45 -38.62
N CYS E 91 19.35 53.50 -38.58
CA CYS E 91 19.68 54.76 -39.23
C CYS E 91 18.92 55.90 -38.56
N PRO E 92 19.56 56.65 -37.65
CA PRO E 92 18.83 57.72 -36.94
C PRO E 92 18.19 58.75 -37.86
N LEU E 93 18.91 59.17 -38.91
CA LEU E 93 18.37 60.22 -39.78
C LEU E 93 17.18 59.72 -40.58
N ARG E 94 17.32 58.55 -41.22
CA ARG E 94 16.22 58.00 -41.99
C ARG E 94 15.04 57.65 -41.10
N ARG E 95 15.33 57.10 -39.91
CA ARG E 95 14.25 56.79 -38.97
C ARG E 95 13.51 58.04 -38.55
N GLY E 96 14.24 59.13 -38.27
CA GLY E 96 13.59 60.37 -37.89
C GLY E 96 12.74 60.95 -39.00
N ALA E 97 13.26 60.93 -40.23
CA ALA E 97 12.50 61.45 -41.37
C ALA E 97 11.24 60.62 -41.60
N LEU E 98 11.35 59.29 -41.51
CA LEU E 98 10.19 58.43 -41.70
C LEU E 98 9.16 58.64 -40.60
N LEU E 99 9.62 58.81 -39.35
CA LEU E 99 8.70 59.07 -38.26
C LEU E 99 7.98 60.39 -38.45
N LEU E 100 8.70 61.43 -38.87
CA LEU E 100 8.07 62.73 -39.12
C LEU E 100 7.03 62.63 -40.22
N LEU E 101 7.36 61.94 -41.31
CA LEU E 101 6.41 61.78 -42.40
C LEU E 101 5.18 61.00 -41.95
N SER E 102 5.38 59.95 -41.15
CA SER E 102 4.26 59.14 -40.68
C SER E 102 3.35 59.93 -39.75
N ILE E 103 3.92 60.71 -38.84
CA ILE E 103 3.11 61.46 -37.88
C ILE E 103 2.48 62.70 -38.51
N TYR E 104 3.01 63.19 -39.63
CA TYR E 104 2.40 64.34 -40.28
C TYR E 104 1.03 64.00 -40.86
N PHE E 105 0.75 62.72 -41.14
CA PHE E 105 -0.51 62.32 -41.74
C PHE E 105 -1.55 61.90 -40.71
N TYR E 106 -1.49 62.45 -39.50
CA TYR E 106 -2.51 62.14 -38.50
C TYR E 106 -3.87 62.73 -38.85
N TYR E 107 -3.91 63.74 -39.72
CA TYR E 107 -5.17 64.36 -40.11
C TYR E 107 -5.89 63.57 -41.19
N SER E 108 -5.29 62.52 -41.74
CA SER E 108 -5.94 61.70 -42.74
C SER E 108 -7.07 60.88 -42.12
N PRO E 116 -10.19 61.75 -30.69
CA PRO E 116 -9.61 60.43 -30.42
C PRO E 116 -8.41 60.12 -31.30
N PHE E 117 -7.27 60.75 -31.00
CA PHE E 117 -6.02 60.49 -31.71
C PHE E 117 -5.01 59.73 -30.87
N THR E 118 -4.89 60.06 -29.58
CA THR E 118 -3.99 59.33 -28.70
C THR E 118 -4.50 57.94 -28.38
N TRP E 119 -5.79 57.68 -28.60
CA TRP E 119 -6.34 56.36 -28.33
C TRP E 119 -5.70 55.31 -29.23
N MET E 120 -5.52 55.63 -30.51
CA MET E 120 -4.85 54.71 -31.42
C MET E 120 -3.40 54.48 -31.00
N LEU E 121 -2.72 55.53 -30.55
CA LEU E 121 -1.35 55.38 -30.07
C LEU E 121 -1.29 54.46 -28.86
N ALA E 122 -2.23 54.62 -27.93
CA ALA E 122 -2.28 53.75 -26.76
C ALA E 122 -2.55 52.30 -27.15
N LEU E 123 -3.45 52.09 -28.11
CA LEU E 123 -3.71 50.72 -28.57
C LEU E 123 -2.48 50.12 -29.22
N LEU E 124 -1.76 50.89 -30.02
CA LEU E 124 -0.54 50.38 -30.65
C LEU E 124 0.50 50.01 -29.60
N GLY E 125 0.67 50.86 -28.59
CA GLY E 125 1.60 50.54 -27.52
C GLY E 125 1.20 49.29 -26.76
N LEU E 126 -0.10 49.15 -26.47
CA LEU E 126 -0.59 47.97 -25.76
C LEU E 126 -0.34 46.71 -26.57
N SER E 127 -0.63 46.75 -27.87
CA SER E 127 -0.40 45.59 -28.72
C SER E 127 1.08 45.24 -28.80
N GLN E 128 1.94 46.26 -28.91
CA GLN E 128 3.37 45.99 -28.99
C GLN E 128 3.89 45.37 -27.70
N ALA E 129 3.43 45.88 -26.55
CA ALA E 129 3.85 45.29 -25.27
C ALA E 129 3.37 43.86 -25.15
N LEU E 130 2.14 43.57 -25.60
CA LEU E 130 1.66 42.20 -25.58
C LEU E 130 2.52 41.30 -26.46
N ASN E 131 2.90 41.78 -27.65
CA ASN E 131 3.75 41.00 -28.53
C ASN E 131 5.10 40.73 -27.89
N ILE E 132 5.67 41.72 -27.21
CA ILE E 132 6.97 41.54 -26.57
C ILE E 132 6.87 40.52 -25.44
N LEU E 133 5.85 40.64 -24.59
CA LEU E 133 5.77 39.79 -23.42
C LEU E 133 5.39 38.35 -23.78
N LEU E 134 4.41 38.19 -24.65
CA LEU E 134 3.88 36.87 -24.98
C LEU E 134 4.69 36.15 -26.06
N GLY E 135 5.65 36.82 -26.68
CA GLY E 135 6.50 36.19 -27.68
C GLY E 135 5.76 35.72 -28.92
N LEU E 136 4.90 36.56 -29.48
CA LEU E 136 4.14 36.23 -30.67
C LEU E 136 4.84 36.66 -31.96
N LYS E 137 6.02 37.27 -31.87
CA LYS E 137 6.74 37.74 -33.03
C LYS E 137 7.97 36.88 -33.34
N GLY E 138 7.84 35.57 -33.13
CA GLY E 138 8.94 34.67 -33.38
C GLY E 138 9.23 34.49 -34.86
N LEU E 139 10.37 33.90 -35.14
CA LEU E 139 10.84 33.67 -36.50
C LEU E 139 10.73 32.18 -36.85
N ALA E 140 10.14 31.90 -38.00
CA ALA E 140 10.09 30.52 -38.47
C ALA E 140 11.49 30.04 -38.83
N PRO E 141 11.75 28.73 -38.71
CA PRO E 141 13.08 28.22 -39.05
C PRO E 141 13.49 28.50 -40.48
N ALA E 142 12.55 28.51 -41.42
CA ALA E 142 12.88 28.79 -42.81
C ALA E 142 13.42 30.20 -43.04
N GLU E 143 13.03 31.16 -42.21
CA GLU E 143 13.54 32.53 -42.29
C GLU E 143 14.87 32.68 -41.55
N ILE E 144 15.01 32.02 -40.41
CA ILE E 144 16.27 32.03 -39.69
C ILE E 144 17.37 31.43 -40.55
N SER E 145 17.09 30.30 -41.21
CA SER E 145 18.07 29.70 -42.10
C SER E 145 18.42 30.63 -43.25
N ALA E 146 17.41 31.31 -43.81
CA ALA E 146 17.66 32.22 -44.92
C ALA E 146 18.59 33.35 -44.51
N VAL E 147 18.28 34.01 -43.39
CA VAL E 147 19.11 35.14 -42.97
C VAL E 147 20.49 34.66 -42.56
N CYS E 148 20.59 33.49 -41.96
CA CYS E 148 21.90 32.96 -41.57
C CYS E 148 22.77 32.66 -42.78
N GLU E 149 22.19 32.04 -43.81
CA GLU E 149 22.95 31.77 -45.03
C GLU E 149 23.31 33.06 -45.74
N LYS E 150 22.41 34.04 -45.73
CA LYS E 150 22.69 35.34 -46.35
C LYS E 150 23.84 36.06 -45.66
N GLY E 151 23.86 36.06 -44.34
CA GLY E 151 24.87 36.78 -43.59
C GLY E 151 26.09 36.00 -43.16
N ASN E 152 26.22 34.74 -43.58
CA ASN E 152 27.35 33.88 -43.20
C ASN E 152 27.42 33.70 -41.68
N PHE E 153 26.38 33.07 -41.14
CA PHE E 153 26.24 32.83 -39.71
C PHE E 153 26.14 31.35 -39.40
N ASN E 154 27.02 30.55 -40.00
CA ASN E 154 27.01 29.11 -39.80
C ASN E 154 28.34 28.64 -39.23
N VAL E 155 28.27 27.57 -38.43
CA VAL E 155 29.50 26.97 -37.91
C VAL E 155 30.29 26.31 -39.03
N ALA E 156 29.59 25.74 -40.03
CA ALA E 156 30.26 25.06 -41.12
C ALA E 156 31.13 26.01 -41.94
N HIS E 157 30.67 27.25 -42.13
CA HIS E 157 31.48 28.22 -42.87
C HIS E 157 32.83 28.45 -42.19
N GLY E 158 32.80 28.73 -40.88
CA GLY E 158 34.05 28.94 -40.17
C GLY E 158 34.91 27.69 -40.15
N LEU E 159 34.31 26.52 -39.98
CA LEU E 159 35.09 25.28 -39.98
C LEU E 159 35.77 25.07 -41.32
N ALA E 160 35.05 25.31 -42.42
CA ALA E 160 35.62 25.15 -43.76
C ALA E 160 36.76 26.12 -44.00
N TRP E 161 36.58 27.39 -43.61
CA TRP E 161 37.65 28.36 -43.82
C TRP E 161 38.87 28.01 -42.98
N SER E 162 38.67 27.58 -41.74
CA SER E 162 39.79 27.17 -40.90
C SER E 162 40.51 25.99 -41.52
N TYR E 163 39.76 25.01 -42.03
CA TYR E 163 40.37 23.85 -42.66
C TYR E 163 41.22 24.27 -43.85
N TYR E 164 40.66 25.10 -44.73
CA TYR E 164 41.39 25.51 -45.93
C TYR E 164 42.65 26.27 -45.57
N ILE E 165 42.56 27.20 -44.61
CA ILE E 165 43.72 28.00 -44.28
C ILE E 165 44.79 27.17 -43.57
N GLY E 166 44.37 26.25 -42.70
CA GLY E 166 45.33 25.54 -41.88
C GLY E 166 45.94 24.28 -42.44
N TYR E 167 45.22 23.55 -43.30
CA TYR E 167 45.71 22.27 -43.80
C TYR E 167 45.96 22.29 -45.31
N LEU E 168 44.94 22.61 -46.10
CA LEU E 168 45.08 22.53 -47.56
C LEU E 168 46.06 23.57 -48.07
N ARG E 169 45.92 24.82 -47.61
CA ARG E 169 46.79 25.89 -48.09
C ARG E 169 48.24 25.66 -47.70
N LEU E 170 48.52 24.76 -46.76
CA LEU E 170 49.89 24.47 -46.36
C LEU E 170 50.43 23.18 -46.97
N ILE E 171 49.56 22.21 -47.27
CA ILE E 171 50.04 20.91 -47.74
C ILE E 171 49.87 20.71 -49.25
N LEU E 172 48.98 21.45 -49.90
CA LEU E 172 48.74 21.23 -51.33
C LEU E 172 49.96 21.52 -52.20
N PRO E 173 50.67 22.65 -52.06
CA PRO E 173 51.78 22.92 -52.99
C PRO E 173 52.90 21.88 -52.98
N GLU E 174 53.25 21.34 -51.80
CA GLU E 174 54.41 20.48 -51.67
C GLU E 174 54.09 19.00 -51.93
N LEU E 175 52.83 18.68 -52.18
CA LEU E 175 52.44 17.28 -52.35
C LEU E 175 53.12 16.65 -53.56
N GLN E 176 53.21 17.40 -54.67
CA GLN E 176 53.85 16.85 -55.87
C GLN E 176 55.32 16.55 -55.63
N ALA E 177 56.04 17.47 -54.99
CA ALA E 177 57.45 17.24 -54.69
C ALA E 177 57.63 16.05 -53.76
N ARG E 178 56.79 15.96 -52.72
CA ARG E 178 56.88 14.83 -51.79
C ARG E 178 56.62 13.51 -52.50
N ILE E 179 55.61 13.47 -53.37
CA ILE E 179 55.27 12.25 -54.08
C ILE E 179 56.40 11.84 -55.02
N ARG E 180 56.94 12.80 -55.77
CA ARG E 180 58.04 12.49 -56.68
C ARG E 180 59.27 11.99 -55.93
N THR E 181 59.63 12.66 -54.83
CA THR E 181 60.80 12.22 -54.07
C THR E 181 60.58 10.83 -53.49
N TYR E 182 59.39 10.55 -52.95
CA TYR E 182 59.11 9.22 -52.43
C TYR E 182 59.17 8.17 -53.53
N ASN E 183 58.63 8.48 -54.70
CA ASN E 183 58.61 7.50 -55.79
C ASN E 183 60.03 7.21 -56.29
N GLN E 184 60.87 8.25 -56.40
CA GLN E 184 62.23 8.06 -56.88
C GLN E 184 63.10 7.34 -55.84
N HIS E 185 63.04 7.80 -54.58
CA HIS E 185 63.99 7.32 -53.58
C HIS E 185 63.64 5.91 -53.09
N TYR E 186 62.36 5.65 -52.82
CA TYR E 186 61.98 4.42 -52.15
C TYR E 186 61.09 3.52 -53.01
N ASN E 187 60.04 4.06 -53.62
CA ASN E 187 59.10 3.24 -54.36
C ASN E 187 59.79 2.57 -55.54
N ASN E 188 59.53 1.27 -55.70
CA ASN E 188 60.13 0.48 -56.76
C ASN E 188 59.21 0.43 -57.98
N LEU E 189 59.76 -0.08 -59.08
CA LEU E 189 58.99 -0.22 -60.31
C LEU E 189 57.93 -1.31 -60.18
N LEU E 190 58.21 -2.35 -59.41
CA LEU E 190 57.24 -3.43 -59.23
C LEU E 190 55.98 -2.93 -58.51
N ARG E 191 56.15 -2.08 -57.50
CA ARG E 191 55.00 -1.51 -56.81
C ARG E 191 54.35 -0.45 -57.67
N GLY E 192 53.01 -0.43 -57.65
CA GLY E 192 52.29 0.61 -58.36
C GLY E 192 52.61 1.99 -57.81
N ALA E 193 52.92 2.91 -58.73
CA ALA E 193 53.29 4.27 -58.35
C ALA E 193 52.07 5.00 -57.79
N VAL E 194 52.30 5.76 -56.72
CA VAL E 194 51.23 6.53 -56.10
C VAL E 194 50.87 7.70 -57.01
N SER E 195 49.57 7.89 -57.25
CA SER E 195 49.12 8.94 -58.14
C SER E 195 48.98 10.26 -57.39
N GLN E 196 48.86 11.34 -58.17
CA GLN E 196 48.63 12.67 -57.62
C GLN E 196 47.16 12.86 -57.29
N ARG E 197 46.74 14.10 -57.07
CA ARG E 197 45.33 14.45 -56.80
C ARG E 197 44.81 13.73 -55.55
N LEU E 198 45.37 14.16 -54.42
CA LEU E 198 44.96 13.72 -53.09
C LEU E 198 43.45 13.60 -52.98
N TYR E 199 42.98 12.43 -52.55
CA TYR E 199 41.57 12.12 -52.50
C TYR E 199 41.05 12.33 -51.08
N ILE E 200 40.02 13.17 -50.95
CA ILE E 200 39.45 13.52 -49.65
C ILE E 200 38.06 12.92 -49.57
N LEU E 201 37.79 12.18 -48.50
CA LEU E 201 36.51 11.52 -48.32
C LEU E 201 35.61 12.37 -47.41
N LEU E 202 34.40 12.62 -47.88
CA LEU E 202 33.47 13.52 -47.19
C LEU E 202 32.12 12.83 -47.03
N PRO E 203 32.00 11.93 -46.06
CA PRO E 203 30.71 11.24 -45.84
C PRO E 203 29.68 12.21 -45.27
N LEU E 204 28.47 12.17 -45.81
CA LEU E 204 27.39 13.00 -45.27
C LEU E 204 26.65 12.26 -44.17
N ASP E 205 27.41 11.70 -43.22
CA ASP E 205 26.84 11.14 -42.00
C ASP E 205 27.67 11.45 -40.77
N CYS E 206 28.85 12.06 -40.92
CA CYS E 206 29.72 12.49 -39.84
C CYS E 206 30.28 11.32 -39.02
N GLY E 207 30.05 10.09 -39.45
CA GLY E 207 30.64 8.96 -38.77
C GLY E 207 32.02 8.67 -39.30
N VAL E 208 33.04 9.16 -38.61
CA VAL E 208 34.42 9.09 -39.07
C VAL E 208 35.13 8.03 -38.22
N PRO E 209 35.42 6.85 -38.78
CA PRO E 209 36.18 5.86 -38.03
C PRO E 209 37.63 6.29 -37.83
N ASP E 210 38.24 5.77 -36.77
CA ASP E 210 39.62 6.11 -36.47
C ASP E 210 40.56 5.63 -37.57
N ASN E 211 40.32 4.44 -38.11
CA ASN E 211 41.17 3.86 -39.14
C ASN E 211 40.31 3.34 -40.29
N LEU E 212 40.90 3.34 -41.49
CA LEU E 212 40.19 2.90 -42.68
C LEU E 212 40.20 1.39 -42.85
N SER E 213 40.94 0.66 -42.02
CA SER E 213 40.98 -0.79 -42.15
C SER E 213 39.62 -1.42 -41.86
N MET E 214 38.85 -0.80 -40.98
CA MET E 214 37.51 -1.27 -40.65
C MET E 214 36.50 -0.74 -41.66
N ALA E 215 35.36 -1.45 -41.74
CA ALA E 215 34.24 -1.12 -42.62
C ALA E 215 34.59 -1.30 -44.10
N ASP E 216 35.81 -1.70 -44.39
CA ASP E 216 36.21 -2.02 -45.75
C ASP E 216 37.40 -2.98 -45.73
N PRO E 217 37.15 -4.29 -45.91
CA PRO E 217 38.25 -5.26 -45.83
C PRO E 217 39.31 -5.08 -46.91
N ASN E 218 38.99 -4.40 -48.01
CA ASN E 218 39.91 -4.29 -49.13
C ASN E 218 40.86 -3.11 -49.02
N ILE E 219 40.87 -2.40 -47.89
CA ILE E 219 41.79 -1.30 -47.65
C ILE E 219 42.88 -1.79 -46.72
N ARG E 220 44.13 -1.69 -47.16
CA ARG E 220 45.28 -2.12 -46.38
C ARG E 220 46.32 -1.02 -46.37
N PHE E 221 46.91 -0.77 -45.21
CA PHE E 221 47.95 0.24 -45.09
C PHE E 221 49.23 -0.25 -45.74
N LEU E 222 49.84 0.60 -46.56
CA LEU E 222 51.04 0.22 -47.32
C LEU E 222 52.32 0.75 -46.70
N ASP E 223 52.43 2.07 -46.54
CA ASP E 223 53.65 2.71 -46.04
C ASP E 223 53.29 4.15 -45.73
N LYS E 224 54.19 4.83 -45.02
CA LYS E 224 54.01 6.23 -44.67
C LYS E 224 54.62 7.12 -45.75
N LEU E 225 54.75 8.40 -45.45
CA LEU E 225 55.29 9.40 -46.38
C LEU E 225 56.13 10.37 -45.58
N PRO E 226 57.14 10.99 -46.19
CA PRO E 226 58.00 11.92 -45.44
C PRO E 226 57.22 13.07 -44.83
N GLN E 227 57.71 13.56 -43.69
CA GLN E 227 57.05 14.62 -42.95
C GLN E 227 57.41 15.99 -43.50
N GLN E 228 56.73 17.01 -43.00
CA GLN E 228 57.02 18.41 -43.30
C GLN E 228 57.05 19.18 -42.00
N THR E 229 57.91 20.21 -41.94
CA THR E 229 58.15 20.95 -40.71
C THR E 229 57.78 22.41 -40.92
N GLY E 230 57.13 23.00 -39.92
CA GLY E 230 56.77 24.40 -39.97
C GLY E 230 56.59 24.94 -38.56
N ASP E 231 56.39 26.26 -38.49
CA ASP E 231 56.21 26.95 -37.22
C ASP E 231 54.95 27.80 -37.28
N ARG E 232 54.04 27.59 -36.34
CA ARG E 232 52.77 28.31 -36.33
C ARG E 232 52.37 28.65 -34.91
N ALA E 233 51.87 29.88 -34.72
CA ALA E 233 51.29 30.32 -33.45
C ALA E 233 52.25 30.14 -32.28
N GLY E 234 53.54 30.34 -32.53
CA GLY E 234 54.54 30.18 -31.50
C GLY E 234 54.94 28.75 -31.21
N ILE E 235 54.41 27.78 -31.93
CA ILE E 235 54.75 26.38 -31.73
C ILE E 235 55.87 26.02 -32.70
N LYS E 236 57.01 25.59 -32.16
CA LYS E 236 58.20 25.33 -32.94
C LYS E 236 58.18 23.92 -33.50
N ASP E 237 58.52 23.78 -34.78
CA ASP E 237 58.60 22.50 -35.47
C ASP E 237 57.24 21.78 -35.39
N ARG E 238 56.27 22.35 -36.08
CA ARG E 238 55.00 21.66 -36.28
C ARG E 238 55.17 20.63 -37.40
N VAL E 239 54.61 19.44 -37.18
CA VAL E 239 54.81 18.33 -38.09
C VAL E 239 53.52 18.02 -38.82
N TYR E 240 53.66 17.48 -40.03
CA TYR E 240 52.55 16.97 -40.80
C TYR E 240 52.94 15.61 -41.37
N SER E 241 51.95 14.74 -41.53
CA SER E 241 52.20 13.39 -41.97
C SER E 241 51.08 12.94 -42.88
N ASN E 242 51.35 11.89 -43.65
CA ASN E 242 50.35 11.31 -44.54
C ASN E 242 50.41 9.80 -44.47
N SER E 243 49.63 9.12 -45.31
CA SER E 243 49.61 7.67 -45.32
C SER E 243 49.31 7.18 -46.73
N ILE E 244 49.72 5.95 -47.01
CA ILE E 244 49.54 5.32 -48.30
C ILE E 244 48.74 4.04 -48.10
N TYR E 245 47.67 3.88 -48.86
CA TYR E 245 46.79 2.73 -48.75
C TYR E 245 46.66 2.07 -50.11
N GLU E 246 46.45 0.75 -50.09
CA GLU E 246 46.38 -0.05 -51.30
C GLU E 246 44.95 -0.55 -51.49
N LEU E 247 44.52 -0.60 -52.75
CA LEU E 247 43.18 -1.06 -53.10
C LEU E 247 43.26 -2.46 -53.69
N LEU E 248 42.45 -3.37 -53.17
CA LEU E 248 42.42 -4.75 -53.61
C LEU E 248 41.12 -5.01 -54.37
N GLU E 249 41.22 -5.69 -55.51
CA GLU E 249 40.07 -6.02 -56.35
C GLU E 249 39.98 -7.53 -56.45
N ASN E 250 39.00 -8.12 -55.76
CA ASN E 250 38.79 -9.56 -55.73
C ASN E 250 40.05 -10.30 -55.27
N GLY E 251 40.74 -9.73 -54.28
CA GLY E 251 41.96 -10.31 -53.77
C GLY E 251 43.23 -9.90 -54.49
N GLN E 252 43.12 -9.10 -55.56
CA GLN E 252 44.27 -8.64 -56.31
C GLN E 252 44.35 -7.12 -56.28
N ARG E 253 45.57 -6.60 -56.24
CA ARG E 253 45.75 -5.15 -56.19
C ARG E 253 45.25 -4.50 -57.47
N ALA E 254 44.62 -3.33 -57.31
CA ALA E 254 44.04 -2.64 -58.45
C ALA E 254 44.63 -1.24 -58.62
N GLY E 255 45.10 -0.65 -57.52
CA GLY E 255 45.70 0.67 -57.58
C GLY E 255 46.05 1.17 -56.21
N THR E 256 46.81 2.26 -56.19
CA THR E 256 47.29 2.87 -54.96
C THR E 256 47.08 4.37 -55.02
N CYS E 257 46.68 4.95 -53.90
CA CYS E 257 46.39 6.38 -53.81
C CYS E 257 46.55 6.81 -52.36
N VAL E 258 46.28 8.09 -52.09
CA VAL E 258 46.40 8.68 -50.76
C VAL E 258 45.02 9.11 -50.30
N LEU E 259 44.58 8.58 -49.16
CA LEU E 259 43.22 8.73 -48.68
C LEU E 259 43.18 9.55 -47.39
N GLU E 260 42.14 10.36 -47.24
CA GLU E 260 41.97 11.20 -46.07
C GLU E 260 40.49 11.43 -45.80
N TYR E 261 40.13 11.54 -44.53
CA TYR E 261 38.81 11.98 -44.11
C TYR E 261 38.83 13.50 -43.85
N ALA E 262 37.75 14.01 -43.26
CA ALA E 262 37.65 15.41 -42.89
C ALA E 262 37.45 15.50 -41.38
N THR E 263 38.48 15.96 -40.68
CA THR E 263 38.38 16.12 -39.23
C THR E 263 37.23 17.03 -38.79
N PRO E 264 36.93 18.13 -39.48
CA PRO E 264 35.75 18.92 -39.08
C PRO E 264 34.47 18.11 -39.06
N LEU E 265 34.36 17.07 -39.88
CA LEU E 265 33.20 16.17 -39.76
C LEU E 265 33.19 15.46 -38.40
N GLN E 266 34.36 15.04 -37.94
CA GLN E 266 34.44 14.43 -36.61
C GLN E 266 34.05 15.42 -35.54
N THR E 267 34.48 16.68 -35.67
CA THR E 267 34.08 17.70 -34.70
C THR E 267 32.57 17.91 -34.72
N LEU E 268 31.97 17.97 -35.91
CA LEU E 268 30.53 18.16 -36.02
C LEU E 268 29.78 17.00 -35.38
N PHE E 269 30.25 15.77 -35.60
CA PHE E 269 29.61 14.63 -34.97
C PHE E 269 29.73 14.68 -33.45
N ALA E 270 30.91 15.02 -32.94
CA ALA E 270 31.13 15.03 -31.50
C ALA E 270 30.36 16.14 -30.80
N MET E 271 30.13 17.27 -31.48
CA MET E 271 29.38 18.35 -30.85
C MET E 271 27.95 17.93 -30.54
N SER E 272 27.41 16.98 -31.28
CA SER E 272 26.00 16.62 -31.14
C SER E 272 25.72 15.74 -29.93
N GLN E 273 26.75 15.12 -29.34
CA GLN E 273 26.55 14.27 -28.18
C GLN E 273 26.60 15.06 -26.88
N TYR E 274 27.44 16.08 -26.78
CA TYR E 274 27.53 16.87 -25.57
C TYR E 274 26.29 17.74 -25.39
N SER E 275 25.90 17.94 -24.14
CA SER E 275 24.75 18.80 -23.83
C SER E 275 25.11 20.28 -23.74
N GLN E 276 26.36 20.60 -23.42
CA GLN E 276 26.77 21.99 -23.31
C GLN E 276 26.96 22.65 -24.68
N ALA E 277 27.14 21.85 -25.73
CA ALA E 277 27.25 22.42 -27.07
C ALA E 277 25.92 22.98 -27.55
N GLY E 278 24.81 22.39 -27.13
CA GLY E 278 23.51 22.84 -27.60
C GLY E 278 23.31 22.67 -29.09
N PHE E 279 23.82 21.58 -29.66
CA PHE E 279 23.81 21.35 -31.10
C PHE E 279 23.04 20.06 -31.35
N SER E 280 22.00 20.15 -32.19
CA SER E 280 21.04 19.06 -32.34
C SER E 280 21.57 17.99 -33.29
N ARG E 281 20.69 17.09 -33.71
CA ARG E 281 21.06 15.99 -34.59
C ARG E 281 20.77 16.26 -36.07
N GLU E 282 19.64 16.90 -36.39
CA GLU E 282 19.38 17.27 -37.78
C GLU E 282 20.30 18.40 -38.23
N ASP E 283 20.63 19.31 -37.32
CA ASP E 283 21.61 20.33 -37.64
C ASP E 283 22.93 19.71 -38.06
N ARG E 284 23.28 18.55 -37.49
CA ARG E 284 24.47 17.85 -37.92
C ARG E 284 24.42 17.55 -39.41
N LEU E 285 23.30 16.99 -39.88
CA LEU E 285 23.17 16.67 -41.31
C LEU E 285 23.18 17.94 -42.17
N GLU E 286 22.49 18.99 -41.72
CA GLU E 286 22.39 20.18 -42.56
C GLU E 286 23.75 20.87 -42.71
N GLN E 287 24.47 21.05 -41.60
CA GLN E 287 25.83 21.59 -41.71
C GLN E 287 26.78 20.63 -42.42
N ALA E 288 26.58 19.32 -42.31
CA ALA E 288 27.41 18.39 -43.06
C ALA E 288 27.24 18.60 -44.56
N LYS E 289 26.00 18.77 -45.01
CA LYS E 289 25.74 19.02 -46.42
C LYS E 289 26.26 20.38 -46.87
N LEU E 290 26.20 21.40 -46.02
CA LEU E 290 26.69 22.73 -46.38
C LEU E 290 28.21 22.83 -46.39
N PHE E 291 28.89 22.03 -45.57
CA PHE E 291 30.35 22.07 -45.50
C PHE E 291 30.98 21.71 -46.85
N CYS E 292 30.48 20.66 -47.50
CA CYS E 292 31.03 20.26 -48.79
C CYS E 292 30.82 21.34 -49.83
N ARG E 293 29.65 21.98 -49.83
CA ARG E 293 29.40 23.08 -50.75
C ARG E 293 30.38 24.22 -50.52
N THR E 294 30.65 24.55 -49.24
CA THR E 294 31.58 25.63 -48.96
C THR E 294 32.99 25.29 -49.43
N LEU E 295 33.43 24.05 -49.22
CA LEU E 295 34.75 23.66 -49.72
C LEU E 295 34.81 23.73 -51.25
N GLU E 296 33.76 23.28 -51.93
CA GLU E 296 33.76 23.36 -53.38
C GLU E 296 33.86 24.80 -53.86
N ASP E 297 33.09 25.70 -53.23
CA ASP E 297 33.15 27.11 -53.61
C ASP E 297 34.52 27.70 -53.34
N ILE E 298 35.15 27.33 -52.23
CA ILE E 298 36.45 27.91 -51.88
C ILE E 298 37.53 27.39 -52.84
N LEU E 299 37.51 26.10 -53.14
CA LEU E 299 38.52 25.51 -54.02
C LEU E 299 38.22 25.74 -55.50
N ALA E 300 37.07 26.32 -55.83
CA ALA E 300 36.77 26.60 -57.23
C ALA E 300 37.77 27.58 -57.83
N ASP E 301 38.14 28.62 -57.07
CA ASP E 301 39.04 29.64 -57.58
C ASP E 301 40.24 29.81 -56.66
N ALA E 302 40.59 28.77 -55.91
CA ALA E 302 41.82 28.81 -55.12
C ALA E 302 43.03 28.61 -56.02
N PRO E 303 44.15 29.28 -55.71
CA PRO E 303 45.37 29.04 -56.51
C PRO E 303 45.82 27.59 -56.50
N GLU E 304 45.70 26.91 -55.36
CA GLU E 304 45.92 25.46 -55.28
C GLU E 304 44.58 24.79 -55.57
N SER E 305 44.25 24.72 -56.85
CA SER E 305 42.91 24.35 -57.30
C SER E 305 42.74 22.83 -57.21
N GLN E 306 41.65 22.33 -57.83
CA GLN E 306 41.28 20.93 -57.80
C GLN E 306 42.28 20.04 -58.55
N ASN E 307 43.20 20.63 -59.31
CA ASN E 307 44.23 19.86 -60.00
C ASN E 307 45.13 19.09 -59.04
N ASN E 308 45.18 19.48 -57.77
CA ASN E 308 46.05 18.83 -56.79
C ASN E 308 45.29 17.95 -55.80
N CYS E 309 43.97 18.04 -55.74
CA CYS E 309 43.20 17.25 -54.81
C CYS E 309 41.79 17.05 -55.35
N ARG E 310 41.20 15.90 -55.01
CA ARG E 310 39.86 15.56 -55.43
C ARG E 310 38.98 15.33 -54.21
N LEU E 311 37.71 15.68 -54.35
CA LEU E 311 36.73 15.55 -53.27
C LEU E 311 35.75 14.43 -53.61
N ILE E 312 35.47 13.58 -52.64
CA ILE E 312 34.57 12.45 -52.81
C ILE E 312 33.52 12.51 -51.70
N ALA E 313 32.25 12.66 -52.09
CA ALA E 313 31.14 12.68 -51.16
C ALA E 313 30.25 11.48 -51.43
N TYR E 314 29.95 10.72 -50.38
CA TYR E 314 29.16 9.51 -50.50
C TYR E 314 28.18 9.40 -49.34
N GLN E 315 27.03 8.80 -49.61
CA GLN E 315 25.98 8.56 -48.62
C GLN E 315 25.80 7.06 -48.42
N GLU E 316 25.84 6.63 -47.17
CA GLU E 316 25.58 5.23 -46.87
C GLU E 316 24.12 4.89 -47.14
N PRO E 317 23.82 3.90 -47.98
CA PRO E 317 22.43 3.53 -48.23
C PRO E 317 21.73 3.07 -46.95
N ALA E 318 20.45 3.43 -46.84
CA ALA E 318 19.70 3.07 -45.65
C ALA E 318 19.43 1.57 -45.58
N ASP E 319 19.20 0.94 -46.73
CA ASP E 319 18.90 -0.49 -46.78
C ASP E 319 20.16 -1.35 -46.77
N ASP E 320 21.34 -0.75 -46.83
CA ASP E 320 22.61 -1.47 -46.85
C ASP E 320 22.64 -2.47 -48.02
N SER E 321 22.48 -1.93 -49.22
CA SER E 321 22.42 -2.74 -50.44
C SER E 321 23.80 -3.03 -50.99
N SER E 322 24.67 -3.59 -50.14
CA SER E 322 26.03 -3.97 -50.53
C SER E 322 26.81 -2.78 -51.08
N PHE E 323 26.99 -1.78 -50.22
CA PHE E 323 27.72 -0.58 -50.60
C PHE E 323 29.19 -0.75 -50.21
N SER E 324 30.08 -0.56 -51.17
CA SER E 324 31.51 -0.68 -50.96
C SER E 324 32.18 0.64 -51.30
N LEU E 325 32.97 1.17 -50.36
CA LEU E 325 33.72 2.38 -50.62
C LEU E 325 34.88 2.15 -51.58
N SER E 326 35.41 0.92 -51.61
CA SER E 326 36.50 0.61 -52.53
C SER E 326 36.06 0.77 -53.98
N GLN E 327 34.86 0.27 -54.32
CA GLN E 327 34.34 0.46 -55.67
C GLN E 327 34.11 1.93 -55.96
N GLU E 328 33.61 2.68 -54.98
CA GLU E 328 33.38 4.10 -55.17
C GLU E 328 34.67 4.84 -55.51
N VAL E 329 35.72 4.62 -54.72
CA VAL E 329 36.98 5.33 -54.96
C VAL E 329 37.63 4.84 -56.25
N LEU E 330 37.50 3.56 -56.57
CA LEU E 330 38.05 3.04 -57.82
C LEU E 330 37.37 3.68 -59.01
N ARG E 331 36.06 3.92 -58.91
CA ARG E 331 35.32 4.57 -59.99
C ARG E 331 35.92 5.93 -60.32
N HIS E 332 36.16 6.75 -59.30
CA HIS E 332 36.80 8.05 -59.54
C HIS E 332 38.24 7.87 -60.01
N LEU E 333 38.88 6.77 -59.61
CA LEU E 333 40.25 6.50 -60.06
C LEU E 333 40.30 6.24 -61.55
N ARG E 334 39.24 5.64 -62.11
CA ARG E 334 39.24 5.29 -63.53
C ARG E 334 39.37 6.53 -64.40
N GLN E 335 38.59 7.57 -64.11
CA GLN E 335 38.60 8.79 -64.90
C GLN E 335 39.59 9.83 -64.38
N GLU E 336 40.60 9.41 -63.64
CA GLU E 336 41.61 10.33 -63.12
C GLU E 336 42.39 10.98 -64.26
N SER F 4 34.06 37.61 -18.56
CA SER F 4 33.73 38.57 -17.50
C SER F 4 34.87 38.67 -16.49
N SER F 5 35.39 37.52 -16.06
CA SER F 5 36.45 37.48 -15.06
C SER F 5 37.84 37.54 -15.66
N LEU F 6 38.01 37.20 -16.94
CA LEU F 6 39.32 37.30 -17.57
C LEU F 6 39.69 38.76 -17.80
N HIS F 7 38.89 39.47 -18.58
CA HIS F 7 39.11 40.88 -18.86
C HIS F 7 37.78 41.61 -18.77
N PRO F 8 37.79 42.83 -18.23
CA PRO F 8 36.51 43.55 -18.06
C PRO F 8 35.77 43.84 -19.36
N SER F 9 36.48 43.96 -20.48
CA SER F 9 35.84 44.32 -21.74
C SER F 9 34.99 43.19 -22.32
N ILE F 10 35.08 41.98 -21.76
CA ILE F 10 34.26 40.87 -22.20
C ILE F 10 32.81 41.13 -21.78
N PRO F 11 31.87 41.20 -22.71
CA PRO F 11 30.48 41.47 -22.33
C PRO F 11 29.86 40.29 -21.57
N CYS F 12 28.95 40.62 -20.68
CA CYS F 12 28.16 39.64 -19.97
C CYS F 12 27.01 39.15 -20.84
N PRO F 13 26.49 37.95 -20.57
CA PRO F 13 25.38 37.45 -21.39
C PRO F 13 24.16 38.35 -21.31
N ARG F 14 23.44 38.44 -22.42
CA ARG F 14 22.25 39.27 -22.47
C ARG F 14 21.16 38.73 -21.55
N GLY F 15 20.49 39.62 -20.84
CA GLY F 15 19.51 39.21 -19.86
C GLY F 15 18.09 39.60 -20.21
N HIS F 16 17.27 39.86 -19.20
CA HIS F 16 15.87 40.21 -19.35
C HIS F 16 15.74 41.70 -19.02
N GLY F 17 15.99 42.54 -20.03
CA GLY F 17 15.88 43.97 -19.85
C GLY F 17 14.78 44.57 -20.69
N ALA F 18 14.51 43.94 -21.85
CA ALA F 18 13.41 44.40 -22.68
C ALA F 18 12.06 44.13 -22.02
N GLN F 19 12.00 43.08 -21.20
CA GLN F 19 10.73 42.71 -20.58
C GLN F 19 10.30 43.72 -19.52
N LYS F 20 11.25 44.27 -18.76
CA LYS F 20 10.90 45.30 -17.79
C LYS F 20 10.40 46.57 -18.49
N ALA F 21 11.05 46.96 -19.58
CA ALA F 21 10.58 48.10 -20.35
C ALA F 21 9.20 47.82 -20.93
N ALA F 22 8.95 46.59 -21.38
CA ALA F 22 7.64 46.23 -21.88
C ALA F 22 6.58 46.33 -20.79
N LEU F 23 6.92 45.89 -19.57
CA LEU F 23 5.98 46.03 -18.45
C LEU F 23 5.68 47.49 -18.15
N VAL F 24 6.72 48.33 -18.15
CA VAL F 24 6.50 49.75 -17.88
C VAL F 24 5.61 50.38 -18.95
N LEU F 25 5.87 50.04 -20.22
CA LEU F 25 5.06 50.57 -21.30
C LEU F 25 3.63 50.08 -21.21
N LEU F 26 3.44 48.81 -20.84
CA LEU F 26 2.10 48.27 -20.68
C LEU F 26 1.34 48.99 -19.58
N SER F 27 1.99 49.23 -18.44
CA SER F 27 1.33 49.95 -17.36
C SER F 27 0.99 51.38 -17.78
N ALA F 28 1.92 52.03 -18.48
CA ALA F 28 1.68 53.42 -18.91
C ALA F 28 0.50 53.49 -19.88
N CYS F 29 0.45 52.59 -20.86
CA CYS F 29 -0.65 52.62 -21.81
C CYS F 29 -1.96 52.25 -21.14
N LEU F 30 -1.94 51.33 -20.18
CA LEU F 30 -3.17 50.99 -19.47
C LEU F 30 -3.70 52.16 -18.66
N VAL F 31 -2.82 52.86 -17.95
CA VAL F 31 -3.30 54.01 -17.17
C VAL F 31 -3.74 55.14 -18.09
N THR F 32 -3.10 55.29 -19.26
CA THR F 32 -3.55 56.28 -20.23
C THR F 32 -4.94 55.94 -20.74
N LEU F 33 -5.20 54.65 -21.03
CA LEU F 33 -6.53 54.24 -21.44
C LEU F 33 -7.54 54.50 -20.34
N TRP F 34 -7.18 54.22 -19.09
CA TRP F 34 -8.10 54.45 -17.98
C TRP F 34 -8.40 55.93 -17.78
N GLY F 35 -7.41 56.80 -18.02
CA GLY F 35 -7.60 58.21 -17.79
C GLY F 35 -8.48 58.90 -18.82
N LEU F 36 -8.69 58.28 -19.98
CA LEU F 36 -9.50 58.86 -21.03
C LEU F 36 -10.94 58.33 -20.94
N GLY F 37 -11.79 58.86 -21.81
CA GLY F 37 -13.18 58.41 -21.88
C GLY F 37 -13.48 57.61 -23.13
N GLU F 38 -13.65 56.28 -22.96
CA GLU F 38 -13.97 55.41 -24.07
C GLU F 38 -14.57 54.13 -23.51
N PRO F 39 -15.54 53.52 -24.20
CA PRO F 39 -16.16 52.30 -23.68
C PRO F 39 -15.14 51.19 -23.53
N PRO F 40 -15.21 50.40 -22.45
CA PRO F 40 -14.28 49.27 -22.31
C PRO F 40 -14.43 48.22 -23.39
N GLU F 41 -15.64 48.01 -23.92
CA GLU F 41 -15.85 46.99 -24.94
C GLU F 41 -15.25 47.38 -26.29
N HIS F 42 -15.30 48.67 -26.65
CA HIS F 42 -14.73 49.09 -27.92
C HIS F 42 -13.23 48.90 -27.95
N THR F 43 -12.56 49.18 -26.82
CA THR F 43 -11.13 48.94 -26.74
C THR F 43 -10.80 47.47 -26.96
N LEU F 44 -11.55 46.58 -26.31
CA LEU F 44 -11.32 45.15 -26.48
C LEU F 44 -11.56 44.72 -27.92
N ARG F 45 -12.63 45.21 -28.54
CA ARG F 45 -12.92 44.82 -29.91
C ARG F 45 -11.84 45.30 -30.88
N TYR F 46 -11.38 46.54 -30.71
CA TYR F 46 -10.33 47.04 -31.59
C TYR F 46 -9.02 46.29 -31.37
N LEU F 47 -8.71 45.96 -30.12
CA LEU F 47 -7.50 45.19 -29.85
C LEU F 47 -7.59 43.81 -30.49
N VAL F 48 -8.76 43.18 -30.42
CA VAL F 48 -8.94 41.87 -31.03
C VAL F 48 -8.79 41.94 -32.55
N LEU F 49 -9.38 42.96 -33.17
CA LEU F 49 -9.24 43.11 -34.62
C LEU F 49 -7.80 43.35 -35.02
N HIS F 50 -7.07 44.19 -34.27
CA HIS F 50 -5.67 44.42 -34.56
C HIS F 50 -4.86 43.13 -34.44
N LEU F 51 -5.11 42.36 -33.38
CA LEU F 51 -4.40 41.09 -33.20
C LEU F 51 -4.70 40.12 -34.32
N ALA F 52 -5.96 40.03 -34.75
CA ALA F 52 -6.33 39.13 -35.84
C ALA F 52 -5.73 39.56 -37.16
N SER F 53 -5.67 40.88 -37.43
CA SER F 53 -5.05 41.35 -38.65
C SER F 53 -3.56 41.04 -38.66
N LEU F 54 -2.89 41.23 -37.53
CA LEU F 54 -1.47 40.90 -37.45
C LEU F 54 -1.20 39.41 -37.67
N GLN F 55 -2.18 38.55 -37.40
CA GLN F 55 -2.02 37.12 -37.64
C GLN F 55 -2.40 36.71 -39.05
N LEU F 56 -3.37 37.41 -39.66
CA LEU F 56 -3.68 37.19 -41.06
C LEU F 56 -2.60 37.74 -41.98
N GLY F 57 -1.79 38.68 -41.49
CA GLY F 57 -0.69 39.21 -42.27
C GLY F 57 0.54 38.34 -42.32
N LEU F 58 0.54 37.18 -41.66
CA LEU F 58 1.66 36.25 -41.70
C LEU F 58 1.44 35.06 -42.60
N LEU F 59 0.17 34.70 -42.87
CA LEU F 59 -0.09 33.58 -43.78
C LEU F 59 0.37 33.89 -45.18
N LEU F 60 0.19 35.14 -45.63
CA LEU F 60 0.66 35.53 -46.95
C LEU F 60 2.17 35.41 -47.06
N ASN F 61 2.89 35.87 -46.03
CA ASN F 61 4.34 35.74 -46.02
C ASN F 61 4.76 34.27 -46.01
N GLY F 62 4.04 33.44 -45.25
CA GLY F 62 4.36 32.02 -45.23
C GLY F 62 4.16 31.37 -46.59
N VAL F 63 3.06 31.69 -47.27
CA VAL F 63 2.82 31.13 -48.60
C VAL F 63 3.87 31.61 -49.59
N CYS F 64 4.25 32.89 -49.50
CA CYS F 64 5.29 33.40 -50.38
C CYS F 64 6.62 32.68 -50.15
N SER F 65 6.96 32.43 -48.88
CA SER F 65 8.21 31.72 -48.60
C SER F 65 8.13 30.27 -49.06
N LEU F 66 6.97 29.63 -48.90
CA LEU F 66 6.79 28.26 -49.38
C LEU F 66 6.91 28.16 -50.90
N ALA F 67 6.43 29.18 -51.63
CA ALA F 67 6.53 29.18 -53.08
C ALA F 67 7.99 29.12 -53.54
N GLU F 68 8.93 29.55 -52.70
CA GLU F 68 10.35 29.40 -53.00
C GLU F 68 10.95 28.15 -52.39
N GLU F 69 10.51 27.75 -51.20
CA GLU F 69 11.08 26.60 -50.52
C GLU F 69 10.66 25.27 -51.14
N LEU F 70 9.61 25.25 -51.95
CA LEU F 70 9.18 23.99 -52.54
C LEU F 70 10.15 23.46 -53.59
N ARG F 71 11.08 24.28 -54.09
CA ARG F 71 12.00 23.84 -55.12
C ARG F 71 13.15 23.01 -54.59
N HIS F 72 13.33 22.94 -53.27
CA HIS F 72 14.38 22.14 -52.66
C HIS F 72 13.79 21.00 -51.84
N ILE F 73 12.63 20.49 -52.25
CA ILE F 73 11.97 19.44 -51.47
C ILE F 73 12.79 18.15 -51.51
N HIS F 74 13.44 17.87 -52.63
CA HIS F 74 14.25 16.67 -52.78
C HIS F 74 15.66 16.84 -52.20
N SER F 75 16.01 18.02 -51.74
CA SER F 75 17.35 18.27 -51.22
C SER F 75 17.38 18.65 -49.75
N ARG F 76 16.30 19.18 -49.20
CA ARG F 76 16.26 19.57 -47.80
C ARG F 76 15.19 18.86 -46.99
N TYR F 77 14.06 18.49 -47.58
CA TYR F 77 12.96 17.90 -46.84
C TYR F 77 12.63 16.49 -47.33
N ARG F 78 13.66 15.77 -47.78
CA ARG F 78 13.51 14.41 -48.29
C ARG F 78 12.47 14.37 -49.40
N GLY F 79 11.24 13.96 -49.09
CA GLY F 79 10.16 13.96 -50.05
C GLY F 79 8.80 14.25 -49.44
N SER F 80 8.78 14.82 -48.25
CA SER F 80 7.56 14.95 -47.46
C SER F 80 7.05 16.39 -47.53
N TYR F 81 5.79 16.56 -47.94
CA TYR F 81 5.18 17.88 -47.90
C TYR F 81 4.91 18.34 -46.47
N TRP F 82 4.68 17.40 -45.57
CA TRP F 82 4.39 17.78 -44.18
C TRP F 82 5.58 18.50 -43.55
N ARG F 83 6.80 18.00 -43.78
CA ARG F 83 7.98 18.69 -43.29
C ARG F 83 8.19 20.04 -43.94
N THR F 84 7.98 20.16 -45.26
CA THR F 84 8.26 21.44 -45.92
C THR F 84 7.21 22.48 -45.57
N VAL F 85 6.01 22.05 -45.16
CA VAL F 85 5.03 23.02 -44.68
C VAL F 85 5.21 23.32 -43.19
N ARG F 86 5.73 22.37 -42.42
CA ARG F 86 6.04 22.62 -41.02
C ARG F 86 7.25 23.53 -40.85
N ALA F 87 8.20 23.49 -41.78
CA ALA F 87 9.39 24.32 -41.69
C ALA F 87 9.11 25.80 -41.91
N CYS F 88 7.96 26.15 -42.50
CA CYS F 88 7.66 27.55 -42.80
C CYS F 88 6.51 28.09 -41.96
N LEU F 89 5.37 27.42 -41.99
CA LEU F 89 4.16 27.90 -41.32
C LEU F 89 4.03 27.33 -39.90
N GLY F 90 5.10 27.44 -39.12
CA GLY F 90 5.11 26.98 -37.74
C GLY F 90 4.61 25.56 -37.55
N CYS F 91 3.62 25.38 -36.68
CA CYS F 91 2.98 24.10 -36.47
C CYS F 91 1.59 24.13 -37.06
N PRO F 92 1.22 23.18 -37.91
CA PRO F 92 -0.03 23.31 -38.68
C PRO F 92 -1.28 23.02 -37.87
N LEU F 93 -1.13 22.86 -36.56
CA LEU F 93 -2.27 22.56 -35.69
C LEU F 93 -2.73 23.81 -34.94
N ARG F 94 -1.82 24.49 -34.25
CA ARG F 94 -2.17 25.75 -33.62
C ARG F 94 -2.51 26.81 -34.66
N ARG F 95 -1.78 26.82 -35.78
CA ARG F 95 -2.00 27.82 -36.80
C ARG F 95 -3.38 27.68 -37.44
N GLY F 96 -3.83 26.45 -37.66
CA GLY F 96 -5.15 26.26 -38.25
C GLY F 96 -6.27 26.74 -37.36
N ALA F 97 -6.21 26.41 -36.06
CA ALA F 97 -7.21 26.90 -35.13
C ALA F 97 -7.17 28.43 -35.03
N LEU F 98 -5.97 29.00 -35.00
CA LEU F 98 -5.86 30.45 -34.97
C LEU F 98 -6.47 31.07 -36.21
N LEU F 99 -6.25 30.46 -37.37
CA LEU F 99 -6.84 30.97 -38.60
C LEU F 99 -8.35 30.89 -38.59
N LEU F 100 -8.92 29.76 -38.14
CA LEU F 100 -10.37 29.64 -38.09
C LEU F 100 -10.97 30.68 -37.15
N LEU F 101 -10.39 30.82 -35.96
CA LEU F 101 -10.91 31.81 -35.02
C LEU F 101 -10.77 33.22 -35.57
N SER F 102 -9.64 33.52 -36.23
CA SER F 102 -9.41 34.86 -36.75
C SER F 102 -10.41 35.20 -37.86
N ILE F 103 -10.66 34.25 -38.77
CA ILE F 103 -11.59 34.54 -39.85
C ILE F 103 -13.01 34.66 -39.30
N TYR F 104 -13.37 33.84 -38.31
CA TYR F 104 -14.69 33.98 -37.71
C TYR F 104 -14.86 35.34 -37.05
N PHE F 105 -13.84 35.82 -36.34
CA PHE F 105 -13.95 37.10 -35.67
C PHE F 105 -13.88 38.27 -36.65
N TYR F 106 -13.20 38.09 -37.79
CA TYR F 106 -13.03 39.15 -38.76
C TYR F 106 -14.19 39.25 -39.74
N TYR F 107 -14.93 38.15 -39.96
CA TYR F 107 -16.03 38.13 -40.90
C TYR F 107 -17.37 38.52 -40.30
N SER F 108 -17.56 38.31 -38.99
CA SER F 108 -18.83 38.62 -38.35
C SER F 108 -18.84 39.98 -37.66
N LEU F 109 -17.69 40.46 -37.20
CA LEU F 109 -17.62 41.74 -36.50
C LEU F 109 -17.65 42.90 -37.49
N PRO F 116 -18.04 45.97 -46.59
CA PRO F 116 -16.80 45.78 -47.34
C PRO F 116 -15.82 44.85 -46.64
N PHE F 117 -15.94 43.55 -46.92
CA PHE F 117 -15.08 42.55 -46.31
C PHE F 117 -13.87 42.20 -47.17
N THR F 118 -14.08 41.94 -48.46
CA THR F 118 -12.97 41.63 -49.35
C THR F 118 -12.06 42.83 -49.57
N TRP F 119 -12.55 44.04 -49.31
CA TRP F 119 -11.71 45.23 -49.43
C TRP F 119 -10.54 45.16 -48.47
N MET F 120 -10.79 44.75 -47.22
CA MET F 120 -9.72 44.60 -46.25
C MET F 120 -8.73 43.52 -46.67
N LEU F 121 -9.22 42.41 -47.22
CA LEU F 121 -8.33 41.36 -47.69
C LEU F 121 -7.41 41.87 -48.79
N ALA F 122 -7.97 42.59 -49.77
CA ALA F 122 -7.15 43.12 -50.85
C ALA F 122 -6.14 44.13 -50.32
N LEU F 123 -6.54 44.99 -49.40
CA LEU F 123 -5.61 45.97 -48.85
C LEU F 123 -4.48 45.30 -48.07
N LEU F 124 -4.81 44.27 -47.28
CA LEU F 124 -3.78 43.53 -46.55
C LEU F 124 -2.81 42.86 -47.50
N GLY F 125 -3.33 42.24 -48.57
CA GLY F 125 -2.46 41.61 -49.54
C GLY F 125 -1.54 42.61 -50.23
N LEU F 126 -2.07 43.77 -50.61
CA LEU F 126 -1.24 44.79 -51.25
C LEU F 126 -0.17 45.31 -50.29
N SER F 127 -0.53 45.54 -49.03
CA SER F 127 0.45 46.03 -48.07
C SER F 127 1.55 44.99 -47.85
N GLN F 128 1.18 43.71 -47.74
CA GLN F 128 2.18 42.67 -47.54
C GLN F 128 3.10 42.56 -48.76
N ALA F 129 2.53 42.65 -49.96
CA ALA F 129 3.33 42.59 -51.18
C ALA F 129 4.31 43.75 -51.24
N LEU F 130 3.85 44.96 -50.92
CA LEU F 130 4.75 46.11 -50.89
C LEU F 130 5.86 45.93 -49.87
N ASN F 131 5.51 45.41 -48.68
CA ASN F 131 6.52 45.22 -47.64
C ASN F 131 7.58 44.20 -48.08
N ILE F 132 7.15 43.10 -48.69
CA ILE F 132 8.11 42.06 -49.08
C ILE F 132 8.95 42.51 -50.26
N LEU F 133 8.37 43.30 -51.18
CA LEU F 133 9.11 43.71 -52.37
C LEU F 133 10.09 44.82 -52.05
N LEU F 134 9.62 45.90 -51.43
CA LEU F 134 10.49 47.03 -51.14
C LEU F 134 11.49 46.71 -50.04
N GLY F 135 11.28 45.63 -49.30
CA GLY F 135 12.19 45.24 -48.25
C GLY F 135 12.09 46.06 -46.99
N LEU F 136 10.93 46.67 -46.72
CA LEU F 136 10.77 47.50 -45.54
C LEU F 136 10.90 46.72 -44.24
N LYS F 137 10.61 45.42 -44.25
CA LYS F 137 10.67 44.59 -43.05
C LYS F 137 12.05 43.96 -42.98
N GLY F 138 12.96 44.61 -42.26
CA GLY F 138 14.29 44.08 -42.08
C GLY F 138 14.58 43.69 -40.64
N LEU F 139 15.85 43.61 -40.28
CA LEU F 139 16.25 43.25 -38.93
C LEU F 139 17.34 44.19 -38.45
N ALA F 140 17.17 44.72 -37.24
CA ALA F 140 18.16 45.62 -36.68
C ALA F 140 19.43 44.85 -36.32
N PRO F 141 20.59 45.51 -36.38
CA PRO F 141 21.84 44.82 -36.02
C PRO F 141 21.88 44.32 -34.59
N ALA F 142 21.15 44.95 -33.67
CA ALA F 142 21.13 44.52 -32.28
C ALA F 142 20.16 43.37 -32.03
N GLU F 143 19.30 43.06 -32.98
CA GLU F 143 18.39 41.91 -32.89
C GLU F 143 18.96 40.66 -33.53
N ILE F 144 19.69 40.80 -34.63
CA ILE F 144 20.40 39.67 -35.21
C ILE F 144 21.46 39.16 -34.23
N SER F 145 22.15 40.08 -33.57
CA SER F 145 23.18 39.69 -32.61
C SER F 145 22.61 38.97 -31.41
N ALA F 146 21.31 39.08 -31.16
CA ALA F 146 20.65 38.30 -30.13
C ALA F 146 20.09 36.99 -30.64
N VAL F 147 19.47 36.97 -31.82
CA VAL F 147 18.93 35.74 -32.36
C VAL F 147 20.03 34.75 -32.73
N CYS F 148 21.18 35.23 -33.18
CA CYS F 148 22.27 34.33 -33.57
C CYS F 148 23.16 33.96 -32.40
N GLU F 149 22.98 34.58 -31.24
CA GLU F 149 23.69 34.18 -30.03
C GLU F 149 22.86 33.30 -29.12
N LYS F 150 21.54 33.49 -29.10
CA LYS F 150 20.69 32.57 -28.34
C LYS F 150 20.73 31.16 -28.92
N GLY F 151 20.72 31.04 -30.24
CA GLY F 151 20.72 29.76 -30.91
C GLY F 151 22.06 29.23 -31.35
N ASN F 152 23.17 29.84 -30.94
CA ASN F 152 24.52 29.40 -31.28
C ASN F 152 24.73 29.36 -32.79
N PHE F 153 24.68 30.55 -33.40
CA PHE F 153 24.86 30.71 -34.83
C PHE F 153 26.10 31.57 -35.13
N ASN F 154 27.19 31.32 -34.42
CA ASN F 154 28.41 32.09 -34.58
C ASN F 154 29.46 31.27 -35.30
N VAL F 155 30.64 31.88 -35.48
CA VAL F 155 31.81 31.14 -35.93
C VAL F 155 32.72 30.81 -34.75
N ALA F 156 32.72 31.68 -33.73
CA ALA F 156 33.56 31.46 -32.56
C ALA F 156 33.14 30.22 -31.80
N HIS F 157 31.83 29.93 -31.74
CA HIS F 157 31.37 28.75 -31.04
C HIS F 157 31.93 27.48 -31.66
N GLY F 158 31.80 27.37 -32.99
CA GLY F 158 32.35 26.21 -33.68
C GLY F 158 33.87 26.13 -33.55
N LEU F 159 34.55 27.27 -33.67
CA LEU F 159 36.00 27.25 -33.54
C LEU F 159 36.44 26.79 -32.15
N ALA F 160 35.77 27.30 -31.11
CA ALA F 160 36.13 26.90 -29.74
C ALA F 160 35.87 25.43 -29.50
N TRP F 161 34.74 24.91 -29.98
CA TRP F 161 34.46 23.50 -29.76
C TRP F 161 35.43 22.62 -30.52
N SER F 162 35.77 22.99 -31.75
CA SER F 162 36.75 22.22 -32.52
C SER F 162 38.11 22.25 -31.82
N TYR F 163 38.53 23.42 -31.33
CA TYR F 163 39.79 23.52 -30.60
C TYR F 163 39.80 22.61 -29.39
N TYR F 164 38.75 22.69 -28.57
CA TYR F 164 38.68 21.86 -27.37
C TYR F 164 38.77 20.38 -27.72
N ILE F 165 37.87 19.91 -28.60
CA ILE F 165 37.79 18.49 -28.94
C ILE F 165 39.11 18.01 -29.54
N GLY F 166 39.75 18.82 -30.39
CA GLY F 166 40.94 18.35 -31.07
C GLY F 166 42.21 18.44 -30.27
N TYR F 167 42.30 19.35 -29.30
CA TYR F 167 43.55 19.57 -28.61
C TYR F 167 43.46 19.33 -27.11
N LEU F 168 42.50 19.95 -26.43
CA LEU F 168 42.50 19.93 -24.97
C LEU F 168 42.03 18.59 -24.44
N ARG F 169 41.05 17.97 -25.10
CA ARG F 169 40.59 16.66 -24.69
C ARG F 169 41.62 15.57 -24.95
N LEU F 170 42.71 15.90 -25.63
CA LEU F 170 43.70 14.91 -26.03
C LEU F 170 45.06 15.08 -25.34
N ILE F 171 45.49 16.31 -25.03
CA ILE F 171 46.82 16.45 -24.46
C ILE F 171 46.77 16.75 -22.96
N LEU F 172 45.66 17.31 -22.49
CA LEU F 172 45.60 17.74 -21.09
C LEU F 172 45.78 16.60 -20.10
N PRO F 173 45.11 15.45 -20.21
CA PRO F 173 45.35 14.38 -19.24
C PRO F 173 46.79 13.88 -19.23
N GLU F 174 47.46 13.92 -20.38
CA GLU F 174 48.82 13.38 -20.52
C GLU F 174 49.89 14.43 -20.27
N LEU F 175 49.50 15.65 -19.90
CA LEU F 175 50.47 16.72 -19.73
C LEU F 175 51.45 16.46 -18.60
N GLN F 176 50.96 15.98 -17.45
CA GLN F 176 51.83 15.80 -16.29
C GLN F 176 52.84 14.68 -16.52
N ALA F 177 52.43 13.61 -17.21
CA ALA F 177 53.30 12.46 -17.42
C ALA F 177 54.53 12.80 -18.24
N ARG F 178 54.50 13.91 -18.99
CA ARG F 178 55.67 14.34 -19.74
C ARG F 178 56.54 15.31 -18.95
N ILE F 179 55.93 16.31 -18.31
CA ILE F 179 56.70 17.31 -17.58
C ILE F 179 57.38 16.69 -16.37
N ARG F 180 56.70 15.76 -15.69
CA ARG F 180 57.30 15.11 -14.53
C ARG F 180 58.52 14.30 -14.92
N THR F 181 58.44 13.57 -16.04
CA THR F 181 59.58 12.81 -16.52
C THR F 181 60.71 13.74 -16.98
N TYR F 182 60.36 14.83 -17.65
CA TYR F 182 61.38 15.76 -18.14
C TYR F 182 62.16 16.37 -17.00
N ASN F 183 61.44 16.82 -15.95
CA ASN F 183 62.07 17.56 -14.86
C ASN F 183 63.17 16.75 -14.19
N GLN F 184 63.07 15.42 -14.23
CA GLN F 184 64.06 14.56 -13.60
C GLN F 184 65.08 14.04 -14.61
N HIS F 185 64.63 13.49 -15.73
CA HIS F 185 65.55 12.85 -16.66
C HIS F 185 66.36 13.85 -17.48
N TYR F 186 65.75 14.94 -17.94
CA TYR F 186 66.40 15.84 -18.88
C TYR F 186 66.69 17.22 -18.34
N ASN F 187 65.98 17.67 -17.30
CA ASN F 187 66.18 19.00 -16.74
C ASN F 187 67.29 18.95 -15.70
N ASN F 188 68.31 19.77 -15.90
CA ASN F 188 69.42 19.82 -14.97
C ASN F 188 68.99 20.44 -13.64
N LEU F 189 69.58 19.96 -12.55
CA LEU F 189 69.28 20.51 -11.24
C LEU F 189 69.74 21.94 -11.08
N LEU F 190 70.71 22.38 -11.88
CA LEU F 190 71.14 23.77 -11.84
C LEU F 190 70.05 24.71 -12.36
N ARG F 191 69.31 24.27 -13.37
CA ARG F 191 68.21 25.04 -13.91
C ARG F 191 66.93 24.79 -13.11
N GLY F 192 66.16 25.86 -12.92
CA GLY F 192 64.89 25.74 -12.24
C GLY F 192 63.91 24.86 -13.00
N ALA F 193 63.13 24.09 -12.24
CA ALA F 193 62.13 23.22 -12.85
C ALA F 193 61.03 24.03 -13.49
N VAL F 194 60.56 23.59 -14.66
CA VAL F 194 59.51 24.31 -15.36
C VAL F 194 58.20 24.18 -14.60
N SER F 195 57.44 25.27 -14.56
CA SER F 195 56.21 25.31 -13.78
C SER F 195 55.11 24.54 -14.47
N GLN F 196 54.12 24.12 -13.67
CA GLN F 196 52.93 23.45 -14.16
C GLN F 196 51.95 24.51 -14.68
N ARG F 197 50.68 24.13 -14.83
CA ARG F 197 49.61 25.06 -15.22
C ARG F 197 49.89 25.68 -16.59
N LEU F 198 49.86 24.81 -17.60
CA LEU F 198 50.08 25.22 -18.99
C LEU F 198 49.31 26.50 -19.33
N TYR F 199 50.02 27.47 -19.90
CA TYR F 199 49.51 28.81 -20.10
C TYR F 199 49.17 29.05 -21.57
N ILE F 200 47.99 29.61 -21.80
CA ILE F 200 47.52 29.97 -23.15
C ILE F 200 47.27 31.46 -23.17
N LEU F 201 47.87 32.14 -24.15
CA LEU F 201 47.72 33.58 -24.30
C LEU F 201 46.63 33.89 -25.32
N LEU F 202 45.74 34.80 -24.97
CA LEU F 202 44.62 35.19 -25.84
C LEU F 202 44.73 36.67 -26.13
N PRO F 203 45.47 37.04 -27.18
CA PRO F 203 45.56 38.46 -27.57
C PRO F 203 44.26 38.90 -28.24
N LEU F 204 43.61 39.90 -27.63
CA LEU F 204 42.34 40.37 -28.19
C LEU F 204 42.60 41.35 -29.32
N ASP F 205 43.45 40.95 -30.26
CA ASP F 205 43.76 41.75 -31.44
C ASP F 205 43.85 40.93 -32.72
N CYS F 206 43.76 39.60 -32.64
CA CYS F 206 43.90 38.68 -33.77
C CYS F 206 45.30 38.70 -34.37
N GLY F 207 46.25 39.36 -33.72
CA GLY F 207 47.62 39.35 -34.20
C GLY F 207 48.42 38.24 -33.57
N VAL F 208 48.59 37.14 -34.29
CA VAL F 208 49.32 35.99 -33.78
C VAL F 208 50.62 35.85 -34.55
N PRO F 209 51.75 36.27 -33.98
CA PRO F 209 53.04 36.06 -34.65
C PRO F 209 53.38 34.58 -34.71
N ASP F 210 54.09 34.20 -35.77
CA ASP F 210 54.52 32.82 -35.92
C ASP F 210 55.54 32.44 -34.84
N ASN F 211 56.42 33.36 -34.49
CA ASN F 211 57.46 33.11 -33.50
C ASN F 211 57.22 33.97 -32.26
N LEU F 212 57.57 33.42 -31.10
CA LEU F 212 57.41 34.13 -29.84
C LEU F 212 58.56 35.06 -29.52
N SER F 213 59.67 34.98 -30.27
CA SER F 213 60.82 35.83 -30.00
C SER F 213 60.50 37.30 -30.26
N MET F 214 59.66 37.57 -31.26
CA MET F 214 59.29 38.95 -31.57
C MET F 214 58.32 39.48 -30.51
N ALA F 215 58.21 40.81 -30.47
CA ALA F 215 57.29 41.55 -29.62
C ALA F 215 57.69 41.51 -28.15
N ASP F 216 58.71 40.72 -27.82
CA ASP F 216 59.29 40.75 -26.49
C ASP F 216 60.74 40.24 -26.56
N PRO F 217 61.72 41.13 -26.48
CA PRO F 217 63.12 40.71 -26.55
C PRO F 217 63.63 39.94 -25.33
N ASN F 218 62.80 39.75 -24.31
CA ASN F 218 63.20 39.06 -23.09
C ASN F 218 62.95 37.57 -23.14
N ILE F 219 61.84 37.13 -23.71
CA ILE F 219 61.54 35.71 -23.76
C ILE F 219 62.36 35.05 -24.86
N ARG F 220 63.05 33.98 -24.52
CA ARG F 220 63.90 33.27 -25.47
C ARG F 220 63.58 31.78 -25.45
N PHE F 221 63.71 31.14 -26.62
CA PHE F 221 63.37 29.73 -26.76
C PHE F 221 64.41 28.87 -26.04
N LEU F 222 63.93 27.95 -25.20
CA LEU F 222 64.80 27.18 -24.32
C LEU F 222 65.09 25.78 -24.85
N ASP F 223 64.07 24.97 -25.07
CA ASP F 223 64.25 23.54 -25.33
C ASP F 223 62.93 22.99 -25.87
N LYS F 224 62.84 21.66 -25.96
CA LYS F 224 61.66 20.98 -26.47
C LYS F 224 60.94 20.27 -25.32
N LEU F 225 59.92 19.51 -25.68
CA LEU F 225 59.24 18.57 -24.81
C LEU F 225 59.07 17.25 -25.55
N PRO F 226 58.97 16.14 -24.82
CA PRO F 226 58.70 14.86 -25.48
C PRO F 226 57.33 14.91 -26.16
N GLN F 227 57.23 14.22 -27.29
CA GLN F 227 56.02 14.26 -28.11
C GLN F 227 55.17 13.02 -27.86
N GLN F 228 53.91 13.11 -28.30
CA GLN F 228 52.95 12.01 -28.16
C GLN F 228 52.34 11.67 -29.51
N THR F 229 51.87 10.44 -29.63
CA THR F 229 51.43 9.88 -30.91
C THR F 229 50.04 9.28 -30.75
N GLY F 230 49.21 9.46 -31.78
CA GLY F 230 47.87 8.91 -31.77
C GLY F 230 47.34 8.70 -33.18
N ASP F 231 46.16 8.10 -33.24
CA ASP F 231 45.46 7.83 -34.49
C ASP F 231 44.20 8.68 -34.57
N ARG F 232 44.07 9.46 -35.64
CA ARG F 232 42.93 10.35 -35.81
C ARG F 232 42.57 10.46 -37.29
N ALA F 233 41.27 10.29 -37.58
CA ALA F 233 40.71 10.57 -38.91
C ALA F 233 41.44 9.82 -40.02
N GLY F 234 41.84 8.58 -39.71
CA GLY F 234 42.48 7.74 -40.70
C GLY F 234 43.96 8.00 -40.93
N ILE F 235 44.54 8.98 -40.24
CA ILE F 235 45.96 9.29 -40.35
C ILE F 235 46.61 8.93 -39.02
N LYS F 236 47.63 8.08 -39.09
CA LYS F 236 48.32 7.62 -37.89
C LYS F 236 49.58 8.44 -37.65
N ASP F 237 50.18 8.20 -36.49
CA ASP F 237 51.43 8.86 -36.08
C ASP F 237 51.26 10.37 -36.10
N ARG F 238 50.09 10.83 -35.65
CA ARG F 238 49.85 12.25 -35.47
C ARG F 238 50.61 12.72 -34.25
N VAL F 239 51.59 13.59 -34.44
CA VAL F 239 52.53 13.96 -33.40
C VAL F 239 52.15 15.30 -32.82
N TYR F 240 52.00 15.35 -31.50
CA TYR F 240 51.76 16.58 -30.77
C TYR F 240 53.01 16.91 -29.95
N SER F 241 53.53 18.12 -30.14
CA SER F 241 54.73 18.55 -29.45
C SER F 241 54.53 19.96 -28.91
N ASN F 242 55.24 20.28 -27.83
CA ASN F 242 55.17 21.60 -27.25
C ASN F 242 56.56 22.17 -27.04
N SER F 243 56.66 23.34 -26.40
CA SER F 243 57.93 24.02 -26.25
C SER F 243 57.93 24.76 -24.92
N ILE F 244 59.14 25.08 -24.45
CA ILE F 244 59.34 25.77 -23.18
C ILE F 244 60.12 27.05 -23.47
N TYR F 245 59.69 28.15 -22.86
CA TYR F 245 60.33 29.44 -23.03
C TYR F 245 60.84 29.96 -21.68
N GLU F 246 61.90 30.75 -21.73
CA GLU F 246 62.49 31.36 -20.55
C GLU F 246 61.99 32.79 -20.38
N LEU F 247 62.05 33.27 -19.14
CA LEU F 247 61.62 34.62 -18.79
C LEU F 247 62.81 35.39 -18.24
N LEU F 248 63.26 36.41 -18.96
CA LEU F 248 64.37 37.23 -18.53
C LEU F 248 63.84 38.54 -17.96
N GLU F 249 64.01 38.71 -16.65
CA GLU F 249 63.56 39.90 -15.94
C GLU F 249 64.76 40.78 -15.62
N ASN F 250 64.82 41.96 -16.22
CA ASN F 250 65.90 42.91 -16.06
C ASN F 250 67.25 42.26 -16.36
N GLY F 251 67.31 41.46 -17.42
CA GLY F 251 68.55 40.88 -17.88
C GLY F 251 68.93 39.57 -17.22
N GLN F 252 68.18 39.10 -16.23
CA GLN F 252 68.49 37.86 -15.54
C GLN F 252 67.26 36.96 -15.55
N ARG F 253 67.51 35.65 -15.49
CA ARG F 253 66.42 34.68 -15.53
C ARG F 253 65.54 34.81 -14.30
N ALA F 254 64.23 34.71 -14.51
CA ALA F 254 63.26 34.82 -13.43
C ALA F 254 62.38 33.58 -13.29
N GLY F 255 62.10 32.87 -14.36
CA GLY F 255 61.29 31.67 -14.28
C GLY F 255 61.14 31.03 -15.64
N THR F 256 60.52 29.85 -15.64
CA THR F 256 60.26 29.10 -16.85
C THR F 256 58.82 28.62 -16.85
N CYS F 257 58.24 28.52 -18.04
CA CYS F 257 56.85 28.11 -18.20
C CYS F 257 56.65 27.70 -19.66
N VAL F 258 55.40 27.43 -20.02
CA VAL F 258 55.02 27.07 -21.38
C VAL F 258 54.03 28.11 -21.89
N LEU F 259 54.34 28.71 -23.02
CA LEU F 259 53.52 29.76 -23.61
C LEU F 259 52.85 29.26 -24.87
N GLU F 260 51.54 29.50 -24.99
CA GLU F 260 50.77 29.05 -26.14
C GLU F 260 49.84 30.16 -26.61
N TYR F 261 49.79 30.35 -27.92
CA TYR F 261 48.78 31.19 -28.55
C TYR F 261 47.55 30.34 -28.86
N ALA F 262 46.63 30.89 -29.66
CA ALA F 262 45.46 30.16 -30.14
C ALA F 262 45.36 30.34 -31.64
N THR F 263 45.55 29.24 -32.38
CA THR F 263 45.45 29.29 -33.83
C THR F 263 44.11 29.83 -34.35
N PRO F 264 42.95 29.52 -33.73
CA PRO F 264 41.70 30.11 -34.24
C PRO F 264 41.72 31.62 -34.33
N LEU F 265 42.47 32.30 -33.45
CA LEU F 265 42.58 33.76 -33.57
C LEU F 265 43.30 34.14 -34.87
N GLN F 266 44.36 33.41 -35.22
CA GLN F 266 45.03 33.65 -36.49
C GLN F 266 44.09 33.37 -37.67
N THR F 267 43.28 32.32 -37.55
CA THR F 267 42.32 32.02 -38.61
C THR F 267 41.31 33.16 -38.76
N LEU F 268 40.82 33.69 -37.64
CA LEU F 268 39.89 34.82 -37.69
C LEU F 268 40.55 36.03 -38.33
N PHE F 269 41.83 36.29 -38.00
CA PHE F 269 42.54 37.39 -38.62
C PHE F 269 42.66 37.20 -40.13
N ALA F 270 43.01 35.99 -40.57
CA ALA F 270 43.16 35.75 -42.00
C ALA F 270 41.82 35.81 -42.73
N MET F 271 40.72 35.51 -42.05
CA MET F 271 39.41 35.58 -42.69
C MET F 271 39.06 37.00 -43.11
N SER F 272 39.43 38.00 -42.32
CA SER F 272 39.06 39.38 -42.60
C SER F 272 39.73 39.95 -43.85
N GLN F 273 40.73 39.27 -44.40
CA GLN F 273 41.46 39.77 -45.56
C GLN F 273 40.90 39.29 -46.89
N TYR F 274 40.52 38.02 -46.99
CA TYR F 274 40.00 37.50 -48.24
C TYR F 274 38.63 38.10 -48.55
N SER F 275 38.35 38.23 -49.84
CA SER F 275 37.08 38.81 -50.28
C SER F 275 35.93 37.81 -50.27
N GLN F 276 36.21 36.54 -50.59
CA GLN F 276 35.16 35.53 -50.60
C GLN F 276 34.66 35.20 -49.20
N ALA F 277 35.45 35.48 -48.16
CA ALA F 277 35.02 35.20 -46.81
C ALA F 277 33.83 36.08 -46.41
N GLY F 278 33.84 37.33 -46.83
CA GLY F 278 32.80 38.25 -46.40
C GLY F 278 32.86 38.55 -44.92
N PHE F 279 34.05 38.60 -44.35
CA PHE F 279 34.24 38.84 -42.93
C PHE F 279 34.79 40.25 -42.74
N SER F 280 34.03 41.08 -42.04
CA SER F 280 34.40 42.47 -41.85
C SER F 280 35.49 42.60 -40.79
N ARG F 281 36.16 43.76 -40.80
CA ARG F 281 37.22 44.04 -39.84
C ARG F 281 36.70 44.17 -38.41
N GLU F 282 35.48 44.65 -38.23
CA GLU F 282 34.90 44.81 -36.91
C GLU F 282 34.17 43.56 -36.43
N ASP F 283 34.05 42.53 -37.27
CA ASP F 283 33.46 41.27 -36.85
C ASP F 283 34.47 40.38 -36.15
N ARG F 284 35.72 40.38 -36.61
CA ARG F 284 36.76 39.56 -36.02
C ARG F 284 37.16 40.02 -34.63
N LEU F 285 36.63 41.16 -34.18
CA LEU F 285 36.83 41.61 -32.81
C LEU F 285 35.75 41.12 -31.87
N GLU F 286 34.47 41.23 -32.27
CA GLU F 286 33.40 40.68 -31.45
C GLU F 286 33.48 39.15 -31.39
N GLN F 287 33.84 38.50 -32.49
CA GLN F 287 34.04 37.05 -32.44
C GLN F 287 35.22 36.71 -31.54
N ALA F 288 36.29 37.52 -31.57
CA ALA F 288 37.41 37.28 -30.68
C ALA F 288 36.99 37.41 -29.22
N LYS F 289 36.16 38.40 -28.91
CA LYS F 289 35.63 38.51 -27.56
C LYS F 289 34.78 37.30 -27.18
N LEU F 290 33.93 36.83 -28.08
CA LEU F 290 33.03 35.72 -27.76
C LEU F 290 33.78 34.40 -27.61
N PHE F 291 34.85 34.21 -28.37
CA PHE F 291 35.61 32.96 -28.32
C PHE F 291 36.17 32.71 -26.93
N CYS F 292 36.73 33.74 -26.30
CA CYS F 292 37.31 33.57 -24.97
C CYS F 292 36.25 33.17 -23.96
N ARG F 293 35.08 33.82 -23.99
CA ARG F 293 34.01 33.47 -23.07
C ARG F 293 33.55 32.04 -23.28
N THR F 294 33.38 31.63 -24.53
CA THR F 294 32.92 30.27 -24.80
C THR F 294 33.94 29.24 -24.34
N LEU F 295 35.23 29.50 -24.59
CA LEU F 295 36.26 28.55 -24.18
C LEU F 295 36.36 28.45 -22.66
N GLU F 296 36.25 29.59 -21.97
CA GLU F 296 36.26 29.55 -20.52
C GLU F 296 35.06 28.78 -19.98
N ASP F 297 33.89 28.97 -20.57
CA ASP F 297 32.72 28.21 -20.14
C ASP F 297 32.92 26.71 -20.39
N ILE F 298 33.53 26.35 -21.51
CA ILE F 298 33.81 24.95 -21.78
C ILE F 298 34.75 24.37 -20.74
N LEU F 299 35.82 25.09 -20.42
CA LEU F 299 36.80 24.57 -19.46
C LEU F 299 36.29 24.59 -18.03
N ALA F 300 35.24 25.37 -17.74
CA ALA F 300 34.77 25.45 -16.36
C ALA F 300 34.29 24.11 -15.83
N ASP F 301 33.54 23.36 -16.63
CA ASP F 301 32.91 22.13 -16.17
C ASP F 301 33.50 20.89 -16.83
N ALA F 302 34.63 21.01 -17.50
CA ALA F 302 35.25 19.81 -18.02
C ALA F 302 35.92 19.01 -16.91
N PRO F 303 35.93 17.69 -16.99
CA PRO F 303 36.65 16.89 -15.98
C PRO F 303 38.13 17.25 -15.90
N GLU F 304 38.76 17.53 -17.03
CA GLU F 304 40.13 18.05 -17.06
C GLU F 304 40.07 19.57 -16.91
N SER F 305 39.85 20.00 -15.67
CA SER F 305 39.55 21.38 -15.36
C SER F 305 40.82 22.22 -15.41
N GLN F 306 40.76 23.42 -14.84
CA GLN F 306 41.89 24.34 -14.81
C GLN F 306 43.08 23.81 -14.02
N ASN F 307 43.01 22.58 -13.53
CA ASN F 307 44.12 21.99 -12.78
C ASN F 307 45.36 21.78 -13.66
N ASN F 308 45.23 21.91 -14.97
CA ASN F 308 46.36 21.75 -15.88
C ASN F 308 46.53 22.91 -16.86
N CYS F 309 45.64 23.91 -16.85
CA CYS F 309 45.72 25.00 -17.81
C CYS F 309 45.40 26.33 -17.14
N ARG F 310 45.87 27.41 -17.77
CA ARG F 310 45.55 28.79 -17.38
C ARG F 310 45.33 29.62 -18.64
N LEU F 311 44.48 30.63 -18.51
CA LEU F 311 44.15 31.53 -19.61
C LEU F 311 44.66 32.93 -19.30
N ILE F 312 45.22 33.60 -20.31
CA ILE F 312 45.70 34.96 -20.20
C ILE F 312 45.12 35.76 -21.36
N ALA F 313 44.34 36.80 -21.06
CA ALA F 313 43.76 37.67 -22.06
C ALA F 313 44.29 39.10 -21.86
N TYR F 314 44.75 39.72 -22.95
CA TYR F 314 45.29 41.06 -22.88
C TYR F 314 44.94 41.85 -24.13
N GLN F 315 44.70 43.14 -23.96
CA GLN F 315 44.46 44.06 -25.06
C GLN F 315 45.65 45.01 -25.17
N GLU F 316 46.20 45.13 -26.38
CA GLU F 316 47.38 45.97 -26.57
C GLU F 316 46.99 47.44 -26.44
N PRO F 317 47.66 48.20 -25.58
CA PRO F 317 47.34 49.62 -25.45
C PRO F 317 47.63 50.38 -26.73
N ALA F 318 46.82 51.41 -26.99
CA ALA F 318 47.00 52.22 -28.19
C ALA F 318 48.18 53.18 -28.06
N ASP F 319 48.46 53.66 -26.85
CA ASP F 319 49.53 54.62 -26.62
C ASP F 319 50.86 53.96 -26.28
N ASP F 320 50.90 52.62 -26.21
CA ASP F 320 52.09 51.88 -25.82
C ASP F 320 52.57 52.33 -24.44
N SER F 321 51.71 52.11 -23.44
CA SER F 321 51.97 52.54 -22.07
C SER F 321 52.94 51.57 -21.37
N SER F 322 54.10 51.39 -22.00
CA SER F 322 55.16 50.51 -21.49
C SER F 322 54.62 49.11 -21.23
N PHE F 323 53.77 48.63 -22.13
CA PHE F 323 53.18 47.31 -21.98
C PHE F 323 54.15 46.23 -22.43
N SER F 324 54.29 45.18 -21.63
CA SER F 324 55.18 44.07 -21.94
C SER F 324 54.49 42.78 -21.53
N LEU F 325 54.64 41.75 -22.38
CA LEU F 325 54.07 40.44 -22.05
C LEU F 325 54.72 39.85 -20.82
N SER F 326 55.99 40.21 -20.55
CA SER F 326 56.72 39.61 -19.45
C SER F 326 56.07 39.93 -18.11
N GLN F 327 55.63 41.18 -17.92
CA GLN F 327 55.00 41.56 -16.66
C GLN F 327 53.73 40.75 -16.42
N GLU F 328 52.90 40.61 -17.44
CA GLU F 328 51.66 39.86 -17.29
C GLU F 328 51.93 38.39 -16.99
N VAL F 329 52.86 37.78 -17.75
CA VAL F 329 53.10 36.35 -17.56
C VAL F 329 53.73 36.08 -16.20
N LEU F 330 54.59 36.98 -15.72
CA LEU F 330 55.18 36.79 -14.40
C LEU F 330 54.15 37.01 -13.30
N ARG F 331 53.25 37.98 -13.48
CA ARG F 331 52.22 38.20 -12.48
C ARG F 331 51.27 37.01 -12.41
N HIS F 332 51.02 36.37 -13.56
CA HIS F 332 50.28 35.11 -13.56
C HIS F 332 51.07 34.00 -12.87
N LEU F 333 52.38 33.92 -13.12
CA LEU F 333 53.20 32.91 -12.47
C LEU F 333 53.26 33.12 -10.96
N ARG F 334 52.96 34.32 -10.49
CA ARG F 334 52.92 34.57 -9.06
C ARG F 334 51.88 33.69 -8.37
N GLN F 335 50.71 33.55 -8.99
CA GLN F 335 49.65 32.71 -8.43
C GLN F 335 49.89 31.24 -8.75
N SER G 4 -35.83 -35.90 17.09
CA SER G 4 -36.61 -35.94 15.87
C SER G 4 -36.39 -37.24 15.11
N SER G 5 -35.50 -38.08 15.63
CA SER G 5 -35.24 -39.38 15.02
C SER G 5 -35.33 -40.49 16.06
N LEU G 6 -35.07 -40.16 17.32
CA LEU G 6 -35.16 -41.15 18.38
C LEU G 6 -36.60 -41.63 18.57
N HIS G 7 -37.53 -40.68 18.68
CA HIS G 7 -38.94 -41.02 18.87
C HIS G 7 -39.76 -39.77 18.58
N PRO G 8 -40.92 -39.90 17.92
CA PRO G 8 -41.70 -38.71 17.58
C PRO G 8 -42.16 -37.90 18.78
N SER G 9 -42.35 -38.52 19.95
CA SER G 9 -42.87 -37.80 21.10
C SER G 9 -41.88 -36.78 21.65
N ILE G 10 -40.63 -36.81 21.21
CA ILE G 10 -39.64 -35.82 21.63
C ILE G 10 -40.00 -34.49 20.99
N PRO G 11 -40.25 -33.45 21.76
CA PRO G 11 -40.59 -32.14 21.18
C PRO G 11 -39.38 -31.48 20.54
N CYS G 12 -39.68 -30.57 19.64
CA CYS G 12 -38.68 -29.75 18.97
C CYS G 12 -38.53 -28.41 19.68
N PRO G 13 -37.39 -27.75 19.57
CA PRO G 13 -37.21 -26.46 20.23
C PRO G 13 -38.18 -25.42 19.71
N ARG G 14 -38.55 -24.50 20.60
CA ARG G 14 -39.54 -23.48 20.26
C ARG G 14 -39.02 -22.55 19.17
N GLY G 15 -39.93 -22.09 18.33
CA GLY G 15 -39.63 -21.24 17.19
C GLY G 15 -39.99 -19.79 17.43
N HIS G 16 -40.52 -19.15 16.40
CA HIS G 16 -40.81 -17.72 16.40
C HIS G 16 -42.28 -17.48 16.08
N GLY G 17 -43.16 -18.39 16.50
CA GLY G 17 -44.58 -18.22 16.23
C GLY G 17 -45.19 -17.04 16.97
N ALA G 18 -44.73 -16.79 18.20
CA ALA G 18 -45.26 -15.67 18.97
C ALA G 18 -45.01 -14.34 18.27
N GLN G 19 -43.85 -14.19 17.64
CA GLN G 19 -43.55 -12.96 16.92
C GLN G 19 -44.44 -12.79 15.69
N LYS G 20 -44.75 -13.89 14.99
CA LYS G 20 -45.69 -13.80 13.88
C LYS G 20 -47.08 -13.40 14.35
N ALA G 21 -47.53 -13.98 15.48
CA ALA G 21 -48.83 -13.60 16.02
C ALA G 21 -48.84 -12.12 16.42
N ALA G 22 -47.73 -11.65 17.02
CA ALA G 22 -47.63 -10.25 17.39
C ALA G 22 -47.66 -9.34 16.17
N LEU G 23 -47.00 -9.76 15.08
CA LEU G 23 -47.05 -8.98 13.85
C LEU G 23 -48.47 -8.89 13.30
N VAL G 24 -49.19 -10.01 13.31
CA VAL G 24 -50.57 -10.00 12.83
C VAL G 24 -51.43 -9.09 13.69
N LEU G 25 -51.25 -9.16 15.01
CA LEU G 25 -52.00 -8.31 15.92
C LEU G 25 -51.69 -6.83 15.68
N LEU G 26 -50.41 -6.52 15.46
CA LEU G 26 -50.03 -5.13 15.19
C LEU G 26 -50.65 -4.63 13.90
N SER G 27 -50.64 -5.45 12.85
CA SER G 27 -51.26 -5.03 11.59
C SER G 27 -52.75 -4.82 11.77
N ALA G 28 -53.43 -5.71 12.51
CA ALA G 28 -54.85 -5.56 12.75
C ALA G 28 -55.15 -4.28 13.53
N CYS G 29 -54.35 -3.99 14.56
CA CYS G 29 -54.56 -2.76 15.32
C CYS G 29 -54.34 -1.53 14.44
N LEU G 30 -53.31 -1.57 13.58
CA LEU G 30 -53.06 -0.42 12.71
C LEU G 30 -54.20 -0.20 11.73
N VAL G 31 -54.73 -1.27 11.13
CA VAL G 31 -55.82 -1.08 10.18
C VAL G 31 -57.10 -0.65 10.91
N THR G 32 -57.29 -1.11 12.16
CA THR G 32 -58.43 -0.64 12.93
C THR G 32 -58.32 0.85 13.24
N LEU G 33 -57.12 1.30 13.60
CA LEU G 33 -56.91 2.73 13.83
C LEU G 33 -57.15 3.53 12.54
N TRP G 34 -56.69 2.99 11.41
CA TRP G 34 -56.92 3.66 10.13
C TRP G 34 -58.41 3.76 9.81
N GLY G 35 -59.17 2.71 10.10
CA GLY G 35 -60.59 2.74 9.79
C GLY G 35 -61.33 3.82 10.56
N LEU G 36 -61.02 3.97 11.84
CA LEU G 36 -61.65 5.00 12.65
C LEU G 36 -61.07 6.37 12.33
N GLY G 37 -61.83 7.41 12.66
CA GLY G 37 -61.42 8.77 12.43
C GLY G 37 -60.90 9.41 13.71
N GLU G 38 -59.60 9.66 13.74
CA GLU G 38 -58.95 10.25 14.90
C GLU G 38 -57.56 10.71 14.48
N PRO G 39 -57.16 11.92 14.85
CA PRO G 39 -55.83 12.42 14.49
C PRO G 39 -54.74 11.58 15.15
N PRO G 40 -53.59 11.43 14.49
CA PRO G 40 -52.51 10.62 15.07
C PRO G 40 -51.77 11.28 16.22
N GLU G 41 -51.95 12.60 16.43
CA GLU G 41 -51.28 13.27 17.53
C GLU G 41 -51.72 12.69 18.87
N HIS G 42 -53.03 12.50 19.05
CA HIS G 42 -53.53 11.95 20.30
C HIS G 42 -53.05 10.52 20.49
N THR G 43 -53.03 9.72 19.42
CA THR G 43 -52.53 8.36 19.53
C THR G 43 -51.07 8.35 19.96
N LEU G 44 -50.26 9.24 19.37
CA LEU G 44 -48.85 9.32 19.76
C LEU G 44 -48.71 9.71 21.23
N ARG G 45 -49.45 10.73 21.65
CA ARG G 45 -49.32 11.20 23.03
C ARG G 45 -49.74 10.12 24.02
N TYR G 46 -50.86 9.44 23.76
CA TYR G 46 -51.31 8.39 24.65
C TYR G 46 -50.37 7.19 24.66
N LEU G 47 -49.83 6.82 23.50
CA LEU G 47 -48.87 5.72 23.46
C LEU G 47 -47.62 6.05 24.27
N VAL G 48 -47.11 7.27 24.13
CA VAL G 48 -45.92 7.67 24.87
C VAL G 48 -46.21 7.67 26.37
N LEU G 49 -47.37 8.20 26.77
CA LEU G 49 -47.71 8.21 28.19
C LEU G 49 -47.86 6.80 28.75
N HIS G 50 -48.46 5.90 27.97
CA HIS G 50 -48.59 4.51 28.39
C HIS G 50 -47.22 3.88 28.59
N LEU G 51 -46.30 4.09 27.64
CA LEU G 51 -44.97 3.52 27.77
C LEU G 51 -44.24 4.09 28.99
N ALA G 52 -44.36 5.39 29.23
CA ALA G 52 -43.73 6.00 30.41
C ALA G 52 -44.30 5.42 31.70
N SER G 53 -45.62 5.21 31.74
CA SER G 53 -46.23 4.62 32.93
C SER G 53 -45.70 3.21 33.18
N LEU G 54 -45.56 2.42 32.11
CA LEU G 54 -44.98 1.09 32.28
C LEU G 54 -43.55 1.15 32.81
N GLN G 55 -42.75 2.09 32.30
CA GLN G 55 -41.38 2.22 32.79
C GLN G 55 -41.36 2.61 34.27
N LEU G 56 -42.24 3.53 34.66
CA LEU G 56 -42.30 3.93 36.06
C LEU G 56 -42.72 2.76 36.95
N GLY G 57 -43.68 1.96 36.50
CA GLY G 57 -44.07 0.79 37.27
C GLY G 57 -42.93 -0.21 37.42
N LEU G 58 -42.16 -0.42 36.35
CA LEU G 58 -41.01 -1.31 36.43
C LEU G 58 -39.98 -0.78 37.42
N LEU G 59 -39.72 0.53 37.41
CA LEU G 59 -38.78 1.10 38.36
C LEU G 59 -39.28 0.94 39.80
N LEU G 60 -40.58 1.13 40.02
CA LEU G 60 -41.14 0.94 41.36
C LEU G 60 -40.96 -0.51 41.83
N ASN G 61 -41.23 -1.46 40.94
CA ASN G 61 -41.04 -2.87 41.31
C ASN G 61 -39.57 -3.14 41.63
N GLY G 62 -38.66 -2.59 40.84
CA GLY G 62 -37.24 -2.80 41.10
C GLY G 62 -36.79 -2.23 42.43
N VAL G 63 -37.20 -0.99 42.73
CA VAL G 63 -36.77 -0.38 43.98
C VAL G 63 -37.41 -1.09 45.16
N CYS G 64 -38.62 -1.63 44.98
CA CYS G 64 -39.22 -2.44 46.04
C CYS G 64 -38.41 -3.72 46.27
N SER G 65 -38.00 -4.39 45.18
CA SER G 65 -37.25 -5.62 45.31
C SER G 65 -35.84 -5.39 45.86
N LEU G 66 -35.27 -4.20 45.65
CA LEU G 66 -33.93 -3.93 46.17
C LEU G 66 -33.86 -4.00 47.68
N ALA G 67 -34.99 -3.83 48.37
CA ALA G 67 -35.00 -3.88 49.83
C ALA G 67 -34.74 -5.28 50.37
N GLU G 68 -34.78 -6.30 49.53
CA GLU G 68 -34.52 -7.68 49.95
C GLU G 68 -33.08 -8.11 49.72
N GLU G 69 -32.46 -7.69 48.62
CA GLU G 69 -31.15 -8.18 48.25
C GLU G 69 -30.00 -7.44 48.93
N LEU G 70 -30.30 -6.42 49.74
CA LEU G 70 -29.25 -5.67 50.41
C LEU G 70 -28.67 -6.40 51.62
N ARG G 71 -29.38 -7.37 52.18
CA ARG G 71 -28.91 -8.10 53.34
C ARG G 71 -28.07 -9.31 52.98
N HIS G 72 -27.96 -9.64 51.69
CA HIS G 72 -27.07 -10.68 51.22
C HIS G 72 -25.84 -10.10 50.53
N ILE G 73 -25.55 -8.82 50.75
CA ILE G 73 -24.46 -8.17 50.05
C ILE G 73 -23.11 -8.76 50.45
N HIS G 74 -22.98 -9.17 51.72
CA HIS G 74 -21.73 -9.76 52.18
C HIS G 74 -21.55 -11.20 51.73
N SER G 75 -22.59 -11.84 51.19
CA SER G 75 -22.50 -13.23 50.79
C SER G 75 -22.75 -13.43 49.31
N ARG G 76 -23.65 -12.67 48.71
CA ARG G 76 -23.98 -12.86 47.30
C ARG G 76 -23.20 -11.92 46.38
N TYR G 77 -23.35 -10.61 46.58
CA TYR G 77 -22.84 -9.63 45.64
C TYR G 77 -21.52 -9.00 46.04
N ARG G 78 -20.87 -9.51 47.10
CA ARG G 78 -19.62 -8.97 47.60
C ARG G 78 -19.86 -7.57 48.18
N GLY G 79 -18.89 -7.02 48.91
CA GLY G 79 -19.06 -5.73 49.55
C GLY G 79 -19.31 -4.56 48.61
N SER G 80 -19.25 -4.81 47.30
CA SER G 80 -19.47 -3.75 46.33
C SER G 80 -20.93 -3.34 46.28
N TYR G 81 -21.17 -2.03 46.21
CA TYR G 81 -22.51 -1.48 46.17
C TYR G 81 -23.08 -1.36 44.76
N TRP G 82 -22.28 -1.59 43.73
CA TRP G 82 -22.75 -1.43 42.35
C TRP G 82 -23.28 -2.73 41.77
N ARG G 83 -22.75 -3.88 42.20
CA ARG G 83 -23.23 -5.14 41.67
C ARG G 83 -24.69 -5.39 42.06
N THR G 84 -25.08 -5.03 43.28
CA THR G 84 -26.45 -5.28 43.72
C THR G 84 -27.46 -4.46 42.89
N VAL G 85 -27.16 -3.18 42.67
CA VAL G 85 -28.08 -2.37 41.88
C VAL G 85 -28.04 -2.77 40.42
N ARG G 86 -26.87 -3.21 39.93
CA ARG G 86 -26.78 -3.69 38.56
C ARG G 86 -27.61 -4.95 38.36
N ALA G 87 -27.63 -5.84 39.34
CA ALA G 87 -28.43 -7.05 39.23
C ALA G 87 -29.92 -6.76 39.42
N CYS G 88 -30.26 -5.79 40.27
CA CYS G 88 -31.66 -5.50 40.53
C CYS G 88 -32.30 -4.76 39.36
N LEU G 89 -31.60 -3.79 38.79
CA LEU G 89 -32.15 -2.99 37.69
C LEU G 89 -31.77 -3.56 36.33
N GLY G 90 -30.47 -3.64 36.05
CA GLY G 90 -29.99 -4.25 34.83
C GLY G 90 -29.02 -3.39 34.05
N CYS G 91 -29.30 -2.09 33.96
CA CYS G 91 -28.46 -1.16 33.24
C CYS G 91 -28.63 0.24 33.81
N PRO G 92 -27.76 0.68 34.72
CA PRO G 92 -27.96 1.98 35.37
C PRO G 92 -28.05 3.15 34.40
N LEU G 93 -27.22 3.16 33.36
CA LEU G 93 -27.19 4.31 32.45
C LEU G 93 -28.44 4.33 31.58
N ARG G 94 -28.80 3.19 31.00
CA ARG G 94 -30.01 3.12 30.19
C ARG G 94 -31.24 3.42 31.02
N ARG G 95 -31.30 2.87 32.24
CA ARG G 95 -32.44 3.13 33.12
C ARG G 95 -32.52 4.60 33.48
N GLY G 96 -31.38 5.23 33.76
CA GLY G 96 -31.39 6.65 34.09
C GLY G 96 -31.84 7.51 32.94
N ALA G 97 -31.34 7.23 31.73
CA ALA G 97 -31.79 7.98 30.57
C ALA G 97 -33.28 7.81 30.34
N LEU G 98 -33.78 6.58 30.44
CA LEU G 98 -35.21 6.34 30.27
C LEU G 98 -36.02 7.06 31.33
N LEU G 99 -35.53 7.06 32.58
CA LEU G 99 -36.25 7.73 33.65
C LEU G 99 -36.31 9.23 33.43
N LEU G 100 -35.19 9.85 33.05
CA LEU G 100 -35.19 11.29 32.78
C LEU G 100 -36.13 11.63 31.63
N LEU G 101 -36.06 10.86 30.54
CA LEU G 101 -36.93 11.13 29.41
C LEU G 101 -38.39 10.95 29.79
N SER G 102 -38.71 9.92 30.57
CA SER G 102 -40.09 9.67 30.96
C SER G 102 -40.64 10.78 31.84
N ILE G 103 -39.82 11.27 32.79
CA ILE G 103 -40.32 12.31 33.68
C ILE G 103 -40.34 13.66 32.99
N TYR G 104 -39.57 13.87 31.92
CA TYR G 104 -39.69 15.14 31.21
C TYR G 104 -41.01 15.29 30.49
N PHE G 105 -41.65 14.18 30.10
CA PHE G 105 -42.89 14.24 29.34
C PHE G 105 -44.12 14.32 30.23
N TYR G 106 -43.99 14.82 31.46
CA TYR G 106 -45.14 14.97 32.33
C TYR G 106 -46.07 16.09 31.88
N TYR G 107 -45.57 17.04 31.09
CA TYR G 107 -46.37 18.16 30.63
C TYR G 107 -47.25 17.82 29.44
N SER G 108 -47.09 16.64 28.84
CA SER G 108 -47.89 16.25 27.69
C SER G 108 -49.30 15.83 28.11
N PRO G 116 -53.17 18.17 38.59
CA PRO G 116 -53.03 16.93 39.37
C PRO G 116 -51.98 16.00 38.79
N PHE G 117 -50.71 16.22 39.13
CA PHE G 117 -49.61 15.41 38.65
C PHE G 117 -49.12 14.39 39.66
N THR G 118 -49.02 14.78 40.94
CA THR G 118 -48.63 13.83 41.97
C THR G 118 -49.72 12.79 42.25
N TRP G 119 -50.97 13.11 41.90
CA TRP G 119 -52.05 12.15 42.10
C TRP G 119 -51.84 10.89 41.27
N MET G 120 -51.40 11.06 40.03
CA MET G 120 -51.09 9.90 39.19
C MET G 120 -49.94 9.09 39.78
N LEU G 121 -48.93 9.77 40.33
CA LEU G 121 -47.82 9.06 40.96
C LEU G 121 -48.31 8.22 42.13
N ALA G 122 -49.16 8.80 42.97
CA ALA G 122 -49.70 8.06 44.11
C ALA G 122 -50.55 6.89 43.65
N LEU G 123 -51.34 7.08 42.59
CA LEU G 123 -52.17 6.00 42.07
C LEU G 123 -51.31 4.86 41.54
N LEU G 124 -50.25 5.18 40.80
CA LEU G 124 -49.36 4.14 40.28
C LEU G 124 -48.69 3.38 41.42
N GLY G 125 -48.21 4.11 42.44
CA GLY G 125 -47.60 3.45 43.58
C GLY G 125 -48.57 2.53 44.30
N LEU G 126 -49.80 2.99 44.48
CA LEU G 126 -50.82 2.18 45.14
C LEU G 126 -51.11 0.91 44.35
N SER G 127 -51.25 1.04 43.03
CA SER G 127 -51.52 -0.12 42.19
C SER G 127 -50.36 -1.11 42.25
N GLN G 128 -49.13 -0.62 42.19
CA GLN G 128 -47.97 -1.50 42.25
C GLN G 128 -47.90 -2.21 43.60
N ALA G 129 -48.21 -1.49 44.68
CA ALA G 129 -48.22 -2.11 46.00
C ALA G 129 -49.27 -3.21 46.09
N LEU G 130 -50.46 -2.96 45.57
CA LEU G 130 -51.49 -4.00 45.56
C LEU G 130 -51.04 -5.21 44.76
N ASN G 131 -50.43 -4.99 43.59
CA ASN G 131 -49.99 -6.12 42.78
C ASN G 131 -48.91 -6.93 43.48
N ILE G 132 -47.94 -6.26 44.11
CA ILE G 132 -46.85 -7.00 44.74
C ILE G 132 -47.35 -7.74 45.99
N LEU G 133 -48.28 -7.13 46.74
CA LEU G 133 -48.74 -7.76 47.97
C LEU G 133 -49.68 -8.94 47.67
N LEU G 134 -50.58 -8.76 46.71
CA LEU G 134 -51.57 -9.79 46.41
C LEU G 134 -51.08 -10.81 45.39
N GLY G 135 -49.85 -10.68 44.90
CA GLY G 135 -49.27 -11.66 44.00
C GLY G 135 -50.00 -11.80 42.68
N LEU G 136 -50.29 -10.67 42.02
CA LEU G 136 -50.97 -10.68 40.74
C LEU G 136 -50.00 -10.64 39.56
N LYS G 137 -48.70 -10.72 39.82
CA LYS G 137 -47.68 -10.70 38.78
C LYS G 137 -47.07 -12.08 38.55
N GLY G 138 -47.87 -13.13 38.68
CA GLY G 138 -47.38 -14.47 38.48
C GLY G 138 -47.07 -14.78 37.03
N LEU G 139 -46.39 -15.89 36.81
CA LEU G 139 -45.98 -16.33 35.49
C LEU G 139 -46.67 -17.63 35.13
N ALA G 140 -47.17 -17.71 33.89
CA ALA G 140 -47.78 -18.93 33.41
C ALA G 140 -46.74 -20.02 33.25
N PRO G 141 -47.14 -21.29 33.38
CA PRO G 141 -46.15 -22.38 33.21
C PRO G 141 -45.48 -22.39 31.85
N ALA G 142 -46.19 -22.00 30.79
CA ALA G 142 -45.60 -21.98 29.46
C ALA G 142 -44.47 -20.98 29.33
N GLU G 143 -44.53 -19.86 30.05
CA GLU G 143 -43.44 -18.88 30.06
C GLU G 143 -42.28 -19.33 30.93
N ILE G 144 -42.56 -19.99 32.06
CA ILE G 144 -41.50 -20.53 32.90
C ILE G 144 -40.72 -21.58 32.13
N SER G 145 -41.43 -22.45 31.40
CA SER G 145 -40.75 -23.45 30.58
C SER G 145 -39.89 -22.79 29.52
N ALA G 146 -40.41 -21.74 28.89
CA ALA G 146 -39.65 -21.06 27.84
C ALA G 146 -38.36 -20.46 28.38
N VAL G 147 -38.45 -19.73 29.50
CA VAL G 147 -37.25 -19.09 30.04
C VAL G 147 -36.28 -20.14 30.56
N CYS G 148 -36.79 -21.22 31.17
CA CYS G 148 -35.91 -22.26 31.69
C CYS G 148 -35.18 -22.98 30.57
N GLU G 149 -35.86 -23.24 29.45
CA GLU G 149 -35.20 -23.91 28.34
C GLU G 149 -34.25 -22.97 27.61
N LYS G 150 -34.56 -21.68 27.60
CA LYS G 150 -33.66 -20.72 26.97
C LYS G 150 -32.38 -20.55 27.78
N GLY G 151 -32.50 -20.41 29.10
CA GLY G 151 -31.36 -20.15 29.95
C GLY G 151 -30.68 -21.36 30.53
N ASN G 152 -31.10 -22.58 30.17
CA ASN G 152 -30.53 -23.82 30.68
C ASN G 152 -30.62 -23.90 32.20
N PHE G 153 -31.86 -23.94 32.69
CA PHE G 153 -32.16 -24.06 34.10
C PHE G 153 -32.91 -25.36 34.40
N ASN G 154 -32.46 -26.46 33.80
CA ASN G 154 -33.13 -27.74 33.93
C ASN G 154 -32.22 -28.77 34.58
N VAL G 155 -32.83 -29.69 35.33
CA VAL G 155 -32.05 -30.75 35.97
C VAL G 155 -31.51 -31.73 34.93
N ALA G 156 -32.25 -31.92 33.83
CA ALA G 156 -31.82 -32.84 32.79
C ALA G 156 -30.52 -32.38 32.14
N HIS G 157 -30.35 -31.08 31.93
CA HIS G 157 -29.13 -30.58 31.31
C HIS G 157 -27.91 -30.92 32.16
N GLY G 158 -27.99 -30.63 33.46
CA GLY G 158 -26.89 -30.96 34.35
C GLY G 158 -26.62 -32.45 34.41
N LEU G 159 -27.68 -33.25 34.48
CA LEU G 159 -27.50 -34.70 34.55
C LEU G 159 -26.82 -35.23 33.29
N ALA G 160 -27.26 -34.76 32.12
CA ALA G 160 -26.68 -35.22 30.87
C ALA G 160 -25.21 -34.82 30.76
N TRP G 161 -24.89 -33.58 31.13
CA TRP G 161 -23.49 -33.15 31.04
C TRP G 161 -22.61 -33.91 32.01
N SER G 162 -23.11 -34.16 33.23
CA SER G 162 -22.33 -34.96 34.18
C SER G 162 -22.12 -36.37 33.66
N TYR G 163 -23.16 -36.98 33.08
CA TYR G 163 -23.03 -38.30 32.50
C TYR G 163 -21.97 -38.33 31.41
N TYR G 164 -22.03 -37.38 30.47
CA TYR G 164 -21.09 -37.37 29.35
C TYR G 164 -19.66 -37.16 29.83
N ILE G 165 -19.46 -36.22 30.75
CA ILE G 165 -18.11 -35.93 31.22
C ILE G 165 -17.57 -37.08 32.07
N GLY G 166 -18.44 -37.78 32.80
CA GLY G 166 -17.97 -38.80 33.71
C GLY G 166 -17.80 -40.19 33.15
N TYR G 167 -18.66 -40.61 32.22
CA TYR G 167 -18.66 -42.01 31.77
C TYR G 167 -18.28 -42.15 30.31
N LEU G 168 -19.00 -41.49 29.41
CA LEU G 168 -18.76 -41.68 27.98
C LEU G 168 -17.37 -41.19 27.59
N ARG G 169 -17.01 -39.97 28.01
CA ARG G 169 -15.74 -39.38 27.63
C ARG G 169 -14.56 -40.18 28.15
N LEU G 170 -14.79 -41.08 29.11
CA LEU G 170 -13.69 -41.87 29.66
C LEU G 170 -13.68 -43.29 29.12
N ILE G 171 -14.82 -43.85 28.74
CA ILE G 171 -14.85 -45.25 28.29
C ILE G 171 -14.97 -45.43 26.78
N LEU G 172 -15.41 -44.40 26.05
CA LEU G 172 -15.62 -44.58 24.61
C LEU G 172 -14.34 -44.92 23.84
N PRO G 173 -13.21 -44.23 24.02
CA PRO G 173 -12.05 -44.54 23.17
C PRO G 173 -11.52 -45.95 23.31
N GLU G 174 -11.58 -46.55 24.49
CA GLU G 174 -10.98 -47.86 24.72
C GLU G 174 -11.92 -49.02 24.40
N LEU G 175 -13.16 -48.73 23.97
CA LEU G 175 -14.13 -49.79 23.76
C LEU G 175 -13.69 -50.75 22.67
N GLN G 176 -13.20 -50.21 21.56
CA GLN G 176 -12.75 -51.06 20.46
C GLN G 176 -11.58 -51.94 20.87
N ALA G 177 -10.61 -51.37 21.59
CA ALA G 177 -9.47 -52.16 22.04
C ALA G 177 -9.91 -53.26 22.99
N ARG G 178 -10.78 -52.94 23.95
CA ARG G 178 -11.23 -53.94 24.91
C ARG G 178 -12.00 -55.05 24.22
N ILE G 179 -12.89 -54.71 23.28
CA ILE G 179 -13.69 -55.74 22.63
C ILE G 179 -12.82 -56.60 21.73
N ARG G 180 -11.83 -56.00 21.05
CA ARG G 180 -10.94 -56.79 20.21
C ARG G 180 -10.10 -57.75 21.05
N THR G 181 -9.56 -57.27 22.17
CA THR G 181 -8.77 -58.13 23.04
C THR G 181 -9.62 -59.26 23.61
N TYR G 182 -10.85 -58.96 24.02
CA TYR G 182 -11.73 -60.02 24.52
C TYR G 182 -12.03 -61.03 23.42
N ASN G 183 -12.27 -60.57 22.20
CA ASN G 183 -12.58 -61.47 21.09
C ASN G 183 -11.40 -62.39 20.80
N GLN G 184 -10.19 -61.84 20.77
CA GLN G 184 -9.03 -62.66 20.42
C GLN G 184 -8.63 -63.59 21.56
N HIS G 185 -8.63 -63.10 22.80
CA HIS G 185 -8.08 -63.87 23.91
C HIS G 185 -9.01 -65.01 24.34
N TYR G 186 -10.29 -64.72 24.50
CA TYR G 186 -11.21 -65.67 25.11
C TYR G 186 -12.32 -66.12 24.18
N ASN G 187 -12.95 -65.20 23.45
CA ASN G 187 -14.11 -65.55 22.63
C ASN G 187 -13.72 -66.56 21.57
N ASN G 188 -14.52 -67.61 21.43
CA ASN G 188 -14.26 -68.68 20.48
C ASN G 188 -14.99 -68.42 19.18
N LEU G 189 -14.58 -69.14 18.14
CA LEU G 189 -15.19 -68.98 16.83
C LEU G 189 -16.61 -69.52 16.79
N LEU G 190 -16.90 -70.57 17.58
CA LEU G 190 -18.25 -71.12 17.62
C LEU G 190 -19.23 -70.13 18.22
N ARG G 191 -18.82 -69.39 19.25
CA ARG G 191 -19.68 -68.42 19.88
C ARG G 191 -19.85 -67.19 18.97
N GLY G 192 -21.05 -66.63 18.97
CA GLY G 192 -21.29 -65.44 18.19
C GLY G 192 -20.40 -64.29 18.63
N ALA G 193 -19.80 -63.62 17.65
CA ALA G 193 -18.90 -62.52 17.92
C ALA G 193 -19.66 -61.31 18.45
N VAL G 194 -19.13 -60.69 19.48
CA VAL G 194 -19.75 -59.50 20.06
C VAL G 194 -19.52 -58.32 19.13
N SER G 195 -20.59 -57.57 18.87
CA SER G 195 -20.54 -56.48 17.91
C SER G 195 -20.20 -55.16 18.60
N GLN G 196 -19.84 -54.17 17.78
CA GLN G 196 -19.52 -52.82 18.26
C GLN G 196 -20.79 -52.01 18.47
N ARG G 197 -20.65 -50.69 18.55
CA ARG G 197 -21.77 -49.76 18.67
C ARG G 197 -22.55 -50.01 19.97
N LEU G 198 -21.86 -49.73 21.08
CA LEU G 198 -22.43 -49.79 22.42
C LEU G 198 -23.86 -49.26 22.46
N TYR G 199 -24.77 -50.08 22.97
CA TYR G 199 -26.19 -49.77 22.94
C TYR G 199 -26.64 -49.28 24.31
N ILE G 200 -27.28 -48.11 24.34
CA ILE G 200 -27.80 -47.52 25.56
C ILE G 200 -29.32 -47.42 25.41
N LEU G 201 -30.04 -48.01 26.35
CA LEU G 201 -31.50 -47.98 26.34
C LEU G 201 -31.99 -46.77 27.12
N LEU G 202 -32.96 -46.06 26.55
CA LEU G 202 -33.53 -44.85 27.15
C LEU G 202 -35.03 -45.04 27.27
N PRO G 203 -35.49 -45.75 28.29
CA PRO G 203 -36.94 -45.94 28.48
C PRO G 203 -37.58 -44.63 28.93
N LEU G 204 -38.56 -44.15 28.17
CA LEU G 204 -39.22 -42.90 28.51
C LEU G 204 -40.28 -43.14 29.58
N ASP G 205 -39.89 -43.87 30.63
CA ASP G 205 -40.77 -44.17 31.76
C ASP G 205 -40.08 -44.02 33.10
N CYS G 206 -38.76 -43.84 33.13
CA CYS G 206 -37.95 -43.72 34.34
C CYS G 206 -37.93 -45.01 35.16
N GLY G 207 -38.54 -46.09 34.66
CA GLY G 207 -38.46 -47.35 35.35
C GLY G 207 -37.26 -48.16 34.91
N VAL G 208 -36.18 -48.09 35.67
CA VAL G 208 -34.92 -48.76 35.35
C VAL G 208 -34.84 -50.01 36.21
N PRO G 209 -34.95 -51.21 35.63
CA PRO G 209 -34.80 -52.42 36.43
C PRO G 209 -33.37 -52.60 36.90
N ASP G 210 -33.22 -53.27 38.04
CA ASP G 210 -31.89 -53.56 38.55
C ASP G 210 -31.11 -54.45 37.60
N ASN G 211 -31.76 -55.45 37.00
CA ASN G 211 -31.14 -56.35 36.06
C ASN G 211 -32.04 -56.53 34.85
N LEU G 212 -31.44 -56.86 33.71
CA LEU G 212 -32.19 -57.03 32.47
C LEU G 212 -32.89 -58.38 32.37
N SER G 213 -32.58 -59.32 33.27
CA SER G 213 -33.21 -60.64 33.21
C SER G 213 -34.71 -60.56 33.50
N MET G 214 -35.15 -59.50 34.17
CA MET G 214 -36.55 -59.30 34.50
C MET G 214 -37.23 -58.50 33.40
N ALA G 215 -38.55 -58.71 33.26
CA ALA G 215 -39.42 -58.02 32.31
C ALA G 215 -39.18 -58.47 30.88
N ASP G 216 -38.18 -59.33 30.66
CA ASP G 216 -37.95 -59.91 29.35
C ASP G 216 -37.18 -61.22 29.52
N PRO G 217 -37.87 -62.36 29.50
CA PRO G 217 -37.17 -63.65 29.68
C PRO G 217 -36.16 -63.96 28.59
N ASN G 218 -36.28 -63.34 27.41
CA ASN G 218 -35.39 -63.64 26.29
C ASN G 218 -34.01 -63.04 26.46
N ILE G 219 -33.75 -62.33 27.55
CA ILE G 219 -32.45 -61.70 27.80
C ILE G 219 -31.67 -62.60 28.75
N ARG G 220 -30.51 -63.07 28.30
CA ARG G 220 -29.69 -63.98 29.08
C ARG G 220 -28.29 -63.39 29.21
N PHE G 221 -27.78 -63.37 30.44
CA PHE G 221 -26.42 -62.91 30.68
C PHE G 221 -25.43 -63.96 30.19
N LEU G 222 -24.36 -63.51 29.52
CA LEU G 222 -23.41 -64.42 28.91
C LEU G 222 -22.09 -64.48 29.69
N ASP G 223 -21.44 -63.34 29.90
CA ASP G 223 -20.17 -63.30 30.61
C ASP G 223 -19.87 -61.84 30.96
N LYS G 224 -18.70 -61.62 31.55
CA LYS G 224 -18.25 -60.29 31.95
C LYS G 224 -17.45 -59.66 30.81
N LEU G 225 -16.79 -58.54 31.12
CA LEU G 225 -15.96 -57.81 30.18
C LEU G 225 -14.76 -57.27 30.94
N PRO G 226 -13.60 -57.15 30.28
CA PRO G 226 -12.39 -56.70 30.99
C PRO G 226 -12.58 -55.31 31.60
N GLN G 227 -11.99 -55.13 32.78
CA GLN G 227 -12.18 -53.89 33.52
C GLN G 227 -11.20 -52.81 33.06
N GLN G 228 -11.44 -51.59 33.55
CA GLN G 228 -10.58 -50.44 33.30
C GLN G 228 -10.32 -49.73 34.61
N THR G 229 -9.10 -49.23 34.78
CA THR G 229 -8.69 -48.60 36.02
C THR G 229 -8.19 -47.19 35.73
N GLY G 230 -8.59 -46.24 36.58
CA GLY G 230 -8.17 -44.86 36.45
C GLY G 230 -8.22 -44.15 37.77
N ASP G 231 -7.81 -42.88 37.76
CA ASP G 231 -7.78 -42.04 38.93
C ASP G 231 -8.71 -40.85 38.73
N ARG G 232 -9.61 -40.62 39.69
CA ARG G 232 -10.54 -39.50 39.64
C ARG G 232 -10.83 -38.99 41.04
N ALA G 233 -10.78 -37.67 41.21
CA ALA G 233 -11.23 -36.99 42.42
C ALA G 233 -10.52 -37.53 43.67
N GLY G 234 -9.28 -37.97 43.50
CA GLY G 234 -8.49 -38.45 44.61
C GLY G 234 -8.76 -39.86 45.05
N ILE G 235 -9.66 -40.58 44.40
CA ILE G 235 -9.94 -41.97 44.74
C ILE G 235 -9.05 -42.85 43.87
N LYS G 236 -8.11 -43.55 44.52
CA LYS G 236 -7.11 -44.32 43.80
C LYS G 236 -7.74 -45.54 43.14
N ASP G 237 -7.41 -45.75 41.87
CA ASP G 237 -7.81 -46.92 41.11
C ASP G 237 -9.33 -47.04 41.02
N ARG G 238 -9.96 -45.99 40.50
CA ARG G 238 -11.37 -46.07 40.17
C ARG G 238 -11.55 -47.07 39.03
N VAL G 239 -12.52 -47.96 39.19
CA VAL G 239 -12.67 -49.08 38.28
C VAL G 239 -13.91 -48.89 37.42
N TYR G 240 -13.88 -49.45 36.22
CA TYR G 240 -15.01 -49.46 35.32
C TYR G 240 -15.14 -50.84 34.70
N SER G 241 -16.37 -51.33 34.59
CA SER G 241 -16.63 -52.65 34.06
C SER G 241 -17.89 -52.62 33.23
N ASN G 242 -18.02 -53.58 32.33
CA ASN G 242 -19.19 -53.66 31.47
C ASN G 242 -19.75 -55.08 31.44
N SER G 243 -20.76 -55.32 30.61
CA SER G 243 -21.44 -56.60 30.59
C SER G 243 -21.75 -56.97 29.14
N ILE G 244 -21.97 -58.26 28.92
CA ILE G 244 -22.33 -58.79 27.61
C ILE G 244 -23.57 -59.65 27.77
N TYR G 245 -24.55 -59.45 26.89
CA TYR G 245 -25.81 -60.17 26.94
C TYR G 245 -26.06 -60.91 25.63
N GLU G 246 -26.91 -61.93 25.72
CA GLU G 246 -27.27 -62.76 24.58
C GLU G 246 -28.75 -62.58 24.28
N LEU G 247 -29.08 -62.36 23.02
CA LEU G 247 -30.45 -62.15 22.57
C LEU G 247 -30.97 -63.43 21.92
N LEU G 248 -32.12 -63.90 22.38
CA LEU G 248 -32.72 -65.13 21.90
C LEU G 248 -33.96 -64.81 21.07
N GLU G 249 -34.07 -65.46 19.92
CA GLU G 249 -35.23 -65.32 19.03
C GLU G 249 -35.93 -66.68 18.96
N ASN G 250 -37.10 -66.77 19.59
CA ASN G 250 -37.89 -68.01 19.65
C ASN G 250 -37.07 -69.15 20.25
N GLY G 251 -36.27 -68.85 21.27
CA GLY G 251 -35.50 -69.85 21.97
C GLY G 251 -34.14 -70.16 21.39
N GLN G 252 -33.80 -69.59 20.23
CA GLN G 252 -32.51 -69.81 19.60
C GLN G 252 -31.77 -68.50 19.47
N ARG G 253 -30.45 -68.56 19.59
CA ARG G 253 -29.63 -67.35 19.61
C ARG G 253 -29.68 -66.65 18.26
N ALA G 254 -29.87 -65.33 18.31
CA ALA G 254 -29.94 -64.53 17.09
C ALA G 254 -28.75 -63.59 16.99
N GLY G 255 -28.14 -63.28 18.12
CA GLY G 255 -26.98 -62.41 18.13
C GLY G 255 -26.60 -62.01 19.53
N THR G 256 -25.46 -61.33 19.63
CA THR G 256 -24.94 -60.82 20.89
C THR G 256 -24.58 -59.36 20.74
N CYS G 257 -24.72 -58.62 21.84
CA CYS G 257 -24.46 -57.19 21.87
C CYS G 257 -24.24 -56.76 23.31
N VAL G 258 -24.05 -55.46 23.52
CA VAL G 258 -23.89 -54.88 24.85
C VAL G 258 -25.08 -53.95 25.09
N LEU G 259 -25.80 -54.19 26.19
CA LEU G 259 -26.99 -53.43 26.53
C LEU G 259 -26.72 -52.61 27.78
N GLU G 260 -27.12 -51.34 27.76
CA GLU G 260 -26.89 -50.44 28.87
C GLU G 260 -28.12 -49.58 29.12
N TYR G 261 -28.40 -49.35 30.40
CA TYR G 261 -29.44 -48.42 30.82
C TYR G 261 -28.81 -47.06 31.06
N ALA G 262 -29.56 -46.14 31.66
CA ALA G 262 -29.06 -44.81 32.02
C ALA G 262 -29.42 -44.54 33.47
N THR G 263 -28.40 -44.51 34.32
CA THR G 263 -28.62 -44.24 35.74
C THR G 263 -29.35 -42.92 36.02
N PRO G 264 -29.10 -41.81 35.30
CA PRO G 264 -29.85 -40.58 35.59
C PRO G 264 -31.36 -40.75 35.52
N LEU G 265 -31.87 -41.65 34.67
CA LEU G 265 -33.30 -41.90 34.66
C LEU G 265 -33.76 -42.51 35.99
N GLN G 266 -32.97 -43.44 36.53
CA GLN G 266 -33.30 -43.99 37.85
C GLN G 266 -33.24 -42.92 38.92
N THR G 267 -32.27 -42.01 38.82
CA THR G 267 -32.19 -40.91 39.78
C THR G 267 -33.41 -40.01 39.69
N LEU G 268 -33.86 -39.71 38.47
CA LEU G 268 -35.08 -38.93 38.30
C LEU G 268 -36.29 -39.66 38.89
N PHE G 269 -36.37 -40.97 38.68
CA PHE G 269 -37.48 -41.75 39.23
C PHE G 269 -37.48 -41.70 40.76
N ALA G 270 -36.31 -41.86 41.38
CA ALA G 270 -36.22 -41.82 42.83
C ALA G 270 -36.42 -40.42 43.38
N MET G 271 -36.15 -39.38 42.59
CA MET G 271 -36.33 -38.02 43.06
C MET G 271 -37.80 -37.69 43.34
N SER G 272 -38.71 -38.26 42.54
CA SER G 272 -40.13 -37.93 42.67
C SER G 272 -40.79 -38.52 43.90
N GLN G 273 -40.27 -39.61 44.45
CA GLN G 273 -40.90 -40.26 45.58
C GLN G 273 -40.73 -39.45 46.87
N TYR G 274 -39.53 -38.95 47.14
CA TYR G 274 -39.31 -38.15 48.33
C TYR G 274 -40.08 -36.84 48.26
N SER G 275 -40.69 -36.45 49.37
CA SER G 275 -41.45 -35.20 49.44
C SER G 275 -40.55 -33.98 49.57
N GLN G 276 -39.37 -34.12 50.17
CA GLN G 276 -38.47 -32.98 50.33
C GLN G 276 -37.94 -32.48 48.98
N ALA G 277 -37.84 -33.36 47.98
CA ALA G 277 -37.40 -32.92 46.67
C ALA G 277 -38.39 -31.96 46.03
N GLY G 278 -39.69 -32.15 46.26
CA GLY G 278 -40.68 -31.33 45.60
C GLY G 278 -40.68 -31.55 44.11
N PHE G 279 -40.37 -32.77 43.68
CA PHE G 279 -40.25 -33.10 42.26
C PHE G 279 -41.45 -33.96 41.89
N SER G 280 -42.25 -33.46 40.96
CA SER G 280 -43.56 -34.04 40.66
C SER G 280 -43.42 -35.19 39.66
N ARG G 281 -44.55 -35.66 39.13
CA ARG G 281 -44.58 -36.79 38.22
C ARG G 281 -44.62 -36.38 36.75
N GLU G 282 -45.35 -35.32 36.40
CA GLU G 282 -45.32 -34.84 35.02
C GLU G 282 -43.98 -34.20 34.70
N ASP G 283 -43.40 -33.49 35.69
CA ASP G 283 -42.05 -32.97 35.52
C ASP G 283 -41.06 -34.10 35.27
N ARG G 284 -41.25 -35.24 35.93
CA ARG G 284 -40.39 -36.40 35.70
C ARG G 284 -40.40 -36.79 34.23
N LEU G 285 -41.59 -36.89 33.63
CA LEU G 285 -41.70 -37.28 32.23
C LEU G 285 -41.12 -36.21 31.31
N GLU G 286 -41.36 -34.94 31.62
CA GLU G 286 -40.83 -33.87 30.78
C GLU G 286 -39.30 -33.87 30.77
N GLN G 287 -38.69 -34.03 31.94
CA GLN G 287 -37.23 -34.08 32.00
C GLN G 287 -36.69 -35.35 31.37
N ALA G 288 -37.42 -36.46 31.48
CA ALA G 288 -37.02 -37.68 30.79
C ALA G 288 -37.01 -37.48 29.28
N LYS G 289 -38.00 -36.77 28.75
CA LYS G 289 -38.01 -36.42 27.33
C LYS G 289 -36.85 -35.50 26.96
N LEU G 290 -36.54 -34.50 27.79
CA LEU G 290 -35.50 -33.54 27.46
C LEU G 290 -34.09 -34.10 27.56
N PHE G 291 -33.88 -35.07 28.46
CA PHE G 291 -32.55 -35.65 28.66
C PHE G 291 -32.05 -36.34 27.38
N CYS G 292 -32.94 -37.06 26.69
CA CYS G 292 -32.53 -37.75 25.47
C CYS G 292 -32.12 -36.75 24.40
N ARG G 293 -32.88 -35.67 24.24
CA ARG G 293 -32.53 -34.65 23.25
C ARG G 293 -31.17 -34.02 23.59
N THR G 294 -30.94 -33.72 24.87
CA THR G 294 -29.68 -33.12 25.26
C THR G 294 -28.50 -34.05 25.01
N LEU G 295 -28.66 -35.34 25.32
CA LEU G 295 -27.58 -36.29 25.05
C LEU G 295 -27.31 -36.43 23.56
N GLU G 296 -28.38 -36.46 22.75
CA GLU G 296 -28.17 -36.54 21.30
C GLU G 296 -27.44 -35.31 20.79
N ASP G 297 -27.79 -34.13 21.30
CA ASP G 297 -27.09 -32.92 20.91
C ASP G 297 -25.62 -32.97 21.32
N ILE G 298 -25.34 -33.48 22.52
CA ILE G 298 -23.97 -33.57 22.99
C ILE G 298 -23.16 -34.52 22.11
N LEU G 299 -23.73 -35.68 21.80
CA LEU G 299 -23.01 -36.68 21.02
C LEU G 299 -22.98 -36.35 19.53
N ALA G 300 -23.75 -35.37 19.08
CA ALA G 300 -23.76 -35.03 17.66
C ALA G 300 -22.40 -34.55 17.19
N ASP G 301 -21.74 -33.68 17.97
CA ASP G 301 -20.49 -33.08 17.54
C ASP G 301 -19.38 -33.33 18.55
N ALA G 302 -19.30 -34.54 19.10
CA ALA G 302 -18.13 -34.93 19.87
C ALA G 302 -17.12 -35.62 18.96
N PRO G 303 -15.82 -35.50 19.25
CA PRO G 303 -14.83 -36.26 18.48
C PRO G 303 -15.07 -37.76 18.54
N GLU G 304 -15.52 -38.28 19.68
CA GLU G 304 -15.93 -39.68 19.79
C GLU G 304 -17.44 -39.74 19.56
N SER G 305 -17.82 -39.65 18.29
CA SER G 305 -19.21 -39.46 17.90
C SER G 305 -19.96 -40.78 18.01
N GLN G 306 -21.15 -40.83 17.41
CA GLN G 306 -21.97 -42.04 17.37
C GLN G 306 -21.29 -43.20 16.68
N ASN G 307 -20.07 -43.00 16.17
CA ASN G 307 -19.30 -44.09 15.57
C ASN G 307 -18.81 -45.10 16.60
N ASN G 308 -19.21 -44.96 17.87
CA ASN G 308 -18.83 -45.90 18.92
C ASN G 308 -19.97 -46.29 19.84
N CYS G 309 -21.17 -45.73 19.66
CA CYS G 309 -22.29 -46.07 20.52
C CYS G 309 -23.60 -45.77 19.80
N ARG G 310 -24.69 -46.33 20.31
CA ARG G 310 -26.02 -46.10 19.79
C ARG G 310 -27.02 -45.92 20.93
N LEU G 311 -28.10 -45.21 20.64
CA LEU G 311 -29.17 -44.93 21.60
C LEU G 311 -30.46 -45.61 21.15
N ILE G 312 -31.22 -46.12 22.12
CA ILE G 312 -32.53 -46.71 21.87
C ILE G 312 -33.52 -46.08 22.83
N ALA G 313 -34.53 -45.42 22.29
CA ALA G 313 -35.60 -44.82 23.08
C ALA G 313 -36.91 -45.50 22.73
N TYR G 314 -37.61 -46.01 23.74
CA TYR G 314 -38.87 -46.69 23.54
C TYR G 314 -39.90 -46.25 24.57
N GLN G 315 -41.15 -46.18 24.15
CA GLN G 315 -42.28 -45.85 25.02
C GLN G 315 -43.14 -47.08 25.22
N GLU G 316 -43.39 -47.42 26.48
CA GLU G 316 -44.20 -48.60 26.79
C GLU G 316 -45.63 -48.38 26.33
N PRO G 317 -46.23 -49.32 25.60
CA PRO G 317 -47.62 -49.15 25.16
C PRO G 317 -48.57 -49.07 26.35
N ALA G 318 -49.62 -48.24 26.19
CA ALA G 318 -50.61 -48.11 27.25
C ALA G 318 -51.48 -49.36 27.34
N ASP G 319 -51.80 -49.98 26.21
CA ASP G 319 -52.64 -51.17 26.18
C ASP G 319 -51.87 -52.45 26.45
N ASP G 320 -50.54 -52.39 26.54
CA ASP G 320 -49.69 -53.55 26.74
C ASP G 320 -49.91 -54.58 25.63
N SER G 321 -49.68 -54.15 24.40
CA SER G 321 -49.92 -54.97 23.22
C SER G 321 -48.75 -55.89 22.92
N SER G 322 -48.32 -56.66 23.93
CA SER G 322 -47.24 -57.63 23.81
C SER G 322 -45.97 -57.00 23.24
N PHE G 323 -45.46 -56.02 23.96
CA PHE G 323 -44.25 -55.32 23.56
C PHE G 323 -43.04 -55.93 24.26
N SER G 324 -42.03 -56.28 23.48
CA SER G 324 -40.83 -56.92 23.99
C SER G 324 -39.62 -56.11 23.57
N LEU G 325 -38.71 -55.85 24.52
CA LEU G 325 -37.50 -55.12 24.21
C LEU G 325 -36.59 -55.87 23.25
N SER G 326 -36.69 -57.20 23.19
CA SER G 326 -35.83 -57.98 22.34
C SER G 326 -36.01 -57.61 20.87
N GLN G 327 -37.25 -57.45 20.43
CA GLN G 327 -37.50 -57.05 19.05
C GLN G 327 -36.99 -55.65 18.77
N GLU G 328 -37.14 -54.74 19.73
CA GLU G 328 -36.66 -53.37 19.55
C GLU G 328 -35.15 -53.34 19.38
N VAL G 329 -34.42 -54.12 20.19
CA VAL G 329 -32.97 -54.19 20.05
C VAL G 329 -32.59 -54.89 18.76
N LEU G 330 -33.32 -55.96 18.40
CA LEU G 330 -33.00 -56.71 17.19
C LEU G 330 -33.15 -55.84 15.95
N ARG G 331 -34.20 -55.02 15.89
CA ARG G 331 -34.39 -54.16 14.73
C ARG G 331 -33.18 -53.25 14.52
N HIS G 332 -32.70 -52.64 15.61
CA HIS G 332 -31.49 -51.81 15.52
C HIS G 332 -30.29 -52.66 15.11
N LEU G 333 -30.22 -53.91 15.57
CA LEU G 333 -29.11 -54.77 15.21
C LEU G 333 -29.11 -55.06 13.71
N ARG G 334 -30.29 -55.10 13.08
CA ARG G 334 -30.36 -55.37 11.65
C ARG G 334 -29.66 -54.29 10.83
N GLN G 335 -30.01 -53.03 11.07
CA GLN G 335 -29.42 -51.93 10.32
C GLN G 335 -28.11 -51.43 10.92
N GLU G 336 -27.43 -52.26 11.71
CA GLU G 336 -26.14 -51.89 12.26
C GLU G 336 -25.07 -51.88 11.17
N SER H 4 -25.30 -22.32 56.14
CA SER H 4 -25.01 -21.07 56.84
C SER H 4 -23.94 -21.28 57.91
N SER H 5 -23.72 -22.54 58.29
CA SER H 5 -22.74 -22.88 59.31
C SER H 5 -21.45 -23.43 58.73
N LEU H 6 -21.43 -23.85 57.46
CA LEU H 6 -20.22 -24.41 56.88
C LEU H 6 -19.19 -23.32 56.63
N HIS H 7 -19.53 -22.34 55.81
CA HIS H 7 -18.64 -21.25 55.48
C HIS H 7 -19.41 -19.94 55.51
N PRO H 8 -18.79 -18.85 55.97
CA PRO H 8 -19.53 -17.58 56.08
C PRO H 8 -20.07 -17.05 54.75
N SER H 9 -19.42 -17.34 53.63
CA SER H 9 -19.83 -16.75 52.36
C SER H 9 -21.08 -17.39 51.77
N ILE H 10 -21.55 -18.50 52.33
CA ILE H 10 -22.76 -19.14 51.82
C ILE H 10 -23.95 -18.24 52.15
N PRO H 11 -24.71 -17.79 51.16
CA PRO H 11 -25.84 -16.91 51.45
C PRO H 11 -26.98 -17.65 52.13
N CYS H 12 -27.74 -16.91 52.92
CA CYS H 12 -28.93 -17.42 53.57
C CYS H 12 -30.10 -17.45 52.60
N PRO H 13 -31.09 -18.31 52.83
CA PRO H 13 -32.26 -18.35 51.94
C PRO H 13 -33.01 -17.02 51.94
N ARG H 14 -33.57 -16.68 50.78
CA ARG H 14 -34.32 -15.45 50.65
C ARG H 14 -35.57 -15.49 51.50
N GLY H 15 -35.85 -14.39 52.20
CA GLY H 15 -37.00 -14.32 53.07
C GLY H 15 -38.06 -13.33 52.61
N HIS H 16 -38.66 -12.63 53.56
CA HIS H 16 -39.72 -11.65 53.29
C HIS H 16 -39.19 -10.26 53.61
N GLY H 17 -38.57 -9.63 52.61
CA GLY H 17 -38.10 -8.26 52.75
C GLY H 17 -38.78 -7.33 51.77
N ALA H 18 -39.22 -7.89 50.64
CA ALA H 18 -39.93 -7.09 49.64
C ALA H 18 -41.31 -6.67 50.16
N GLN H 19 -41.93 -7.52 50.98
CA GLN H 19 -43.26 -7.22 51.49
C GLN H 19 -43.24 -6.07 52.49
N LYS H 20 -42.17 -5.97 53.29
CA LYS H 20 -42.05 -4.84 54.20
C LYS H 20 -41.93 -3.53 53.44
N ALA H 21 -41.11 -3.51 52.39
CA ALA H 21 -41.01 -2.31 51.56
C ALA H 21 -42.33 -2.01 50.87
N ALA H 22 -43.05 -3.06 50.44
CA ALA H 22 -44.36 -2.86 49.84
C ALA H 22 -45.33 -2.21 50.82
N LEU H 23 -45.32 -2.67 52.07
CA LEU H 23 -46.19 -2.08 53.08
C LEU H 23 -45.82 -0.64 53.38
N VAL H 24 -44.51 -0.35 53.44
CA VAL H 24 -44.09 1.03 53.67
C VAL H 24 -44.54 1.93 52.53
N LEU H 25 -44.37 1.47 51.29
CA LEU H 25 -44.80 2.27 50.14
C LEU H 25 -46.32 2.44 50.13
N LEU H 26 -47.05 1.39 50.51
CA LEU H 26 -48.50 1.48 50.58
C LEU H 26 -48.94 2.51 51.61
N SER H 27 -48.30 2.50 52.79
CA SER H 27 -48.64 3.49 53.80
C SER H 27 -48.32 4.90 53.32
N ALA H 28 -47.15 5.07 52.67
CA ALA H 28 -46.76 6.39 52.18
C ALA H 28 -47.74 6.91 51.14
N CYS H 29 -48.13 6.05 50.18
CA CYS H 29 -49.06 6.49 49.15
C CYS H 29 -50.45 6.74 49.73
N LEU H 30 -50.88 5.94 50.70
CA LEU H 30 -52.18 6.18 51.32
C LEU H 30 -52.21 7.52 52.06
N VAL H 31 -51.17 7.82 52.84
CA VAL H 31 -51.17 9.08 53.56
C VAL H 31 -50.99 10.25 52.60
N THR H 32 -50.25 10.08 51.52
CA THR H 32 -50.11 11.14 50.53
C THR H 32 -51.45 11.42 49.85
N LEU H 33 -52.19 10.37 49.49
CA LEU H 33 -53.50 10.55 48.90
C LEU H 33 -54.46 11.22 49.87
N TRP H 34 -54.38 10.83 51.16
CA TRP H 34 -55.22 11.46 52.18
C TRP H 34 -54.89 12.93 52.35
N GLY H 35 -53.61 13.29 52.24
CA GLY H 35 -53.21 14.68 52.42
C GLY H 35 -53.57 15.58 51.26
N LEU H 36 -53.98 15.01 50.13
CA LEU H 36 -54.38 15.79 48.96
C LEU H 36 -55.90 15.92 48.91
N GLY H 37 -56.36 16.82 48.04
CA GLY H 37 -57.78 17.08 47.91
C GLY H 37 -58.39 16.50 46.66
N GLU H 38 -59.18 15.42 46.82
CA GLU H 38 -59.84 14.79 45.69
C GLU H 38 -60.98 13.93 46.21
N PRO H 39 -62.09 13.81 45.49
CA PRO H 39 -63.18 12.93 45.93
C PRO H 39 -62.71 11.48 46.02
N PRO H 40 -63.14 10.76 47.05
CA PRO H 40 -62.74 9.34 47.17
C PRO H 40 -63.24 8.47 46.02
N GLU H 41 -64.38 8.79 45.41
CA GLU H 41 -64.95 7.94 44.38
C GLU H 41 -64.12 7.94 43.10
N HIS H 42 -63.57 9.10 42.72
CA HIS H 42 -62.77 9.16 41.50
C HIS H 42 -61.52 8.30 41.61
N THR H 43 -60.87 8.30 42.78
CA THR H 43 -59.71 7.45 42.98
C THR H 43 -60.06 5.98 42.83
N LEU H 44 -61.17 5.55 43.44
CA LEU H 44 -61.60 4.16 43.32
C LEU H 44 -61.92 3.80 41.88
N ARG H 45 -62.59 4.69 41.15
CA ARG H 45 -62.91 4.43 39.76
C ARG H 45 -61.65 4.27 38.92
N TYR H 46 -60.67 5.16 39.13
CA TYR H 46 -59.42 5.06 38.38
C TYR H 46 -58.66 3.79 38.72
N LEU H 47 -58.66 3.39 40.00
CA LEU H 47 -58.00 2.15 40.38
C LEU H 47 -58.64 0.94 39.71
N VAL H 48 -59.98 0.91 39.69
CA VAL H 48 -60.67 -0.20 39.05
C VAL H 48 -60.38 -0.22 37.55
N LEU H 49 -60.37 0.96 36.92
CA LEU H 49 -60.07 1.02 35.49
C LEU H 49 -58.66 0.53 35.20
N HIS H 50 -57.68 0.95 36.01
CA HIS H 50 -56.31 0.50 35.81
C HIS H 50 -56.18 -1.00 36.00
N LEU H 51 -56.85 -1.55 37.03
CA LEU H 51 -56.79 -2.98 37.25
C LEU H 51 -57.41 -3.75 36.09
N ALA H 52 -58.51 -3.24 35.54
CA ALA H 52 -59.11 -3.87 34.37
C ALA H 52 -58.21 -3.81 33.14
N SER H 53 -57.55 -2.67 32.92
CA SER H 53 -56.63 -2.56 31.80
C SER H 53 -55.47 -3.52 31.93
N LEU H 54 -54.89 -3.63 33.14
CA LEU H 54 -53.80 -4.56 33.35
C LEU H 54 -54.21 -6.01 33.11
N GLN H 55 -55.39 -6.42 33.56
CA GLN H 55 -55.90 -7.76 33.27
C GLN H 55 -56.15 -7.98 31.80
N LEU H 56 -56.73 -7.01 31.09
CA LEU H 56 -56.94 -7.18 29.65
C LEU H 56 -55.63 -7.18 28.87
N GLY H 57 -54.55 -6.65 29.45
CA GLY H 57 -53.27 -6.66 28.77
C GLY H 57 -52.56 -7.99 28.75
N LEU H 58 -53.09 -9.01 29.43
CA LEU H 58 -52.48 -10.33 29.45
C LEU H 58 -53.14 -11.34 28.53
N LEU H 59 -54.40 -11.11 28.15
CA LEU H 59 -55.07 -12.03 27.24
C LEU H 59 -54.39 -12.09 25.89
N LEU H 60 -53.98 -10.92 25.36
CA LEU H 60 -53.30 -10.90 24.07
C LEU H 60 -51.96 -11.62 24.15
N ASN H 61 -51.22 -11.42 25.24
CA ASN H 61 -49.95 -12.12 25.42
C ASN H 61 -50.17 -13.63 25.48
N GLY H 62 -51.21 -14.07 26.19
CA GLY H 62 -51.53 -15.48 26.22
C GLY H 62 -51.89 -16.03 24.86
N VAL H 63 -52.64 -15.24 24.08
CA VAL H 63 -53.03 -15.68 22.74
C VAL H 63 -51.81 -15.84 21.84
N CYS H 64 -50.89 -14.88 21.89
CA CYS H 64 -49.65 -15.03 21.12
C CYS H 64 -48.84 -16.24 21.57
N SER H 65 -48.75 -16.48 22.88
CA SER H 65 -48.02 -17.66 23.35
C SER H 65 -48.68 -18.95 22.88
N LEU H 66 -50.01 -19.01 22.92
CA LEU H 66 -50.74 -20.17 22.41
C LEU H 66 -50.51 -20.37 20.92
N ALA H 67 -50.39 -19.28 20.15
CA ALA H 67 -50.14 -19.40 18.72
C ALA H 67 -48.87 -20.17 18.42
N GLU H 68 -47.92 -20.19 19.35
CA GLU H 68 -46.69 -20.97 19.19
C GLU H 68 -46.78 -22.33 19.88
N GLU H 69 -47.41 -22.38 21.05
CA GLU H 69 -47.54 -23.65 21.77
C GLU H 69 -48.41 -24.67 21.05
N LEU H 70 -49.34 -24.22 20.19
CA LEU H 70 -50.24 -25.13 19.51
C LEU H 70 -49.54 -26.06 18.52
N ARG H 71 -48.31 -25.75 18.13
CA ARG H 71 -47.59 -26.56 17.16
C ARG H 71 -46.95 -27.79 17.79
N HIS H 72 -46.87 -27.87 19.12
CA HIS H 72 -46.29 -29.00 19.82
C HIS H 72 -47.34 -29.72 20.65
N ILE H 73 -48.58 -29.71 20.18
CA ILE H 73 -49.68 -30.30 20.93
C ILE H 73 -49.53 -31.81 21.04
N HIS H 74 -49.03 -32.44 19.98
CA HIS H 74 -48.85 -33.89 19.96
C HIS H 74 -47.59 -34.36 20.67
N SER H 75 -46.74 -33.44 21.11
CA SER H 75 -45.49 -33.80 21.77
C SER H 75 -45.43 -33.37 23.23
N ARG H 76 -46.10 -32.28 23.60
CA ARG H 76 -46.09 -31.82 24.99
C ARG H 76 -47.43 -31.98 25.69
N TYR H 77 -48.55 -31.93 24.96
CA TYR H 77 -49.87 -31.96 25.56
C TYR H 77 -50.71 -33.12 25.01
N ARG H 78 -50.05 -34.24 24.67
CA ARG H 78 -50.73 -35.42 24.14
C ARG H 78 -51.59 -35.07 22.92
N GLY H 79 -52.90 -34.97 23.12
CA GLY H 79 -53.79 -34.53 22.06
C GLY H 79 -54.90 -33.65 22.59
N SER H 80 -54.66 -33.01 23.73
CA SER H 80 -55.69 -32.28 24.46
C SER H 80 -55.52 -30.79 24.22
N TYR H 81 -56.55 -30.16 23.65
CA TYR H 81 -56.54 -28.71 23.53
C TYR H 81 -56.79 -28.04 24.87
N TRP H 82 -57.48 -28.72 25.78
CA TRP H 82 -57.74 -28.15 27.09
C TRP H 82 -56.45 -27.94 27.86
N ARG H 83 -55.54 -28.92 27.83
CA ARG H 83 -54.24 -28.73 28.47
C ARG H 83 -53.41 -27.67 27.77
N THR H 84 -53.48 -27.58 26.44
CA THR H 84 -52.74 -26.55 25.72
C THR H 84 -53.20 -25.15 26.13
N VAL H 85 -54.51 -24.94 26.26
CA VAL H 85 -55.01 -23.63 26.66
C VAL H 85 -54.90 -23.40 28.16
N ARG H 86 -54.80 -24.46 28.95
CA ARG H 86 -54.58 -24.33 30.39
C ARG H 86 -53.13 -24.02 30.73
N ALA H 87 -52.18 -24.46 29.91
CA ALA H 87 -50.78 -24.17 30.15
C ALA H 87 -50.42 -22.71 29.88
N CYS H 88 -51.20 -22.01 29.06
CA CYS H 88 -50.91 -20.62 28.71
C CYS H 88 -51.71 -19.63 29.55
N LEU H 89 -53.04 -19.72 29.49
CA LEU H 89 -53.92 -18.79 30.20
C LEU H 89 -54.31 -19.30 31.58
N GLY H 90 -53.31 -19.69 32.38
CA GLY H 90 -53.54 -20.12 33.75
C GLY H 90 -54.68 -21.10 33.94
N CYS H 91 -55.71 -20.67 34.67
CA CYS H 91 -56.93 -21.45 34.84
C CYS H 91 -58.04 -20.85 34.00
N PRO H 92 -58.70 -21.65 33.15
CA PRO H 92 -59.71 -21.08 32.25
C PRO H 92 -61.03 -20.76 32.94
N LEU H 93 -61.11 -20.95 34.26
CA LEU H 93 -62.33 -20.68 35.01
C LEU H 93 -62.26 -19.35 35.75
N ARG H 94 -61.23 -19.14 36.57
CA ARG H 94 -61.06 -17.85 37.23
C ARG H 94 -60.77 -16.76 36.20
N ARG H 95 -59.99 -17.08 35.17
CA ARG H 95 -59.69 -16.10 34.14
C ARG H 95 -60.95 -15.66 33.40
N GLY H 96 -61.89 -16.59 33.19
CA GLY H 96 -63.14 -16.21 32.55
C GLY H 96 -63.96 -15.23 33.36
N ALA H 97 -64.08 -15.47 34.67
CA ALA H 97 -64.80 -14.55 35.53
C ALA H 97 -64.11 -13.20 35.61
N LEU H 98 -62.78 -13.20 35.69
CA LEU H 98 -62.04 -11.94 35.69
C LEU H 98 -62.24 -11.19 34.38
N LEU H 99 -62.23 -11.92 33.26
CA LEU H 99 -62.51 -11.31 31.96
C LEU H 99 -63.87 -10.66 31.95
N LEU H 100 -64.90 -11.38 32.42
CA LEU H 100 -66.26 -10.85 32.39
C LEU H 100 -66.37 -9.60 33.25
N LEU H 101 -65.85 -9.66 34.47
CA LEU H 101 -65.93 -8.49 35.35
C LEU H 101 -65.18 -7.31 34.79
N SER H 102 -63.97 -7.53 34.28
CA SER H 102 -63.15 -6.43 33.77
C SER H 102 -63.81 -5.79 32.55
N ILE H 103 -64.33 -6.61 31.63
CA ILE H 103 -64.93 -6.04 30.43
C ILE H 103 -66.25 -5.33 30.78
N TYR H 104 -67.01 -5.85 31.74
CA TYR H 104 -68.23 -5.17 32.16
C TYR H 104 -67.92 -3.83 32.78
N PHE H 105 -66.88 -3.76 33.61
CA PHE H 105 -66.50 -2.48 34.21
C PHE H 105 -65.89 -1.52 33.20
N TYR H 106 -65.20 -2.04 32.18
CA TYR H 106 -64.51 -1.19 31.21
C TYR H 106 -65.39 -0.75 30.05
N TYR H 107 -66.56 -1.39 29.86
CA TYR H 107 -67.48 -0.97 28.82
C TYR H 107 -68.49 0.07 29.29
N SER H 108 -68.86 0.06 30.57
CA SER H 108 -69.86 0.99 31.08
C SER H 108 -69.26 2.21 31.75
N LEU H 109 -68.05 2.11 32.30
CA LEU H 109 -67.42 3.24 32.96
C LEU H 109 -66.80 4.19 31.95
N PRO H 116 -65.69 6.38 22.26
CA PRO H 116 -64.35 5.84 22.07
C PRO H 116 -64.03 4.67 22.99
N PHE H 117 -64.64 3.52 22.72
CA PHE H 117 -64.38 2.30 23.48
C PHE H 117 -63.39 1.38 22.78
N THR H 118 -63.53 1.21 21.46
CA THR H 118 -62.59 0.38 20.72
C THR H 118 -61.24 1.06 20.53
N TRP H 119 -61.18 2.38 20.68
CA TRP H 119 -59.90 3.09 20.57
C TRP H 119 -58.93 2.61 21.65
N MET H 120 -59.40 2.50 22.89
CA MET H 120 -58.54 2.01 23.97
C MET H 120 -58.13 0.56 23.74
N LEU H 121 -59.04 -0.27 23.22
CA LEU H 121 -58.70 -1.66 22.93
C LEU H 121 -57.59 -1.73 21.88
N ALA H 122 -57.72 -0.97 20.80
CA ALA H 122 -56.69 -0.96 19.76
C ALA H 122 -55.37 -0.44 20.30
N LEU H 123 -55.42 0.61 21.13
CA LEU H 123 -54.18 1.16 21.70
C LEU H 123 -53.49 0.13 22.59
N LEU H 124 -54.26 -0.58 23.43
CA LEU H 124 -53.68 -1.61 24.26
C LEU H 124 -53.08 -2.74 23.43
N GLY H 125 -53.78 -3.15 22.37
CA GLY H 125 -53.22 -4.18 21.50
C GLY H 125 -51.92 -3.73 20.86
N LEU H 126 -51.88 -2.49 20.40
CA LEU H 126 -50.64 -1.95 19.81
C LEU H 126 -49.51 -1.94 20.82
N SER H 127 -49.78 -1.50 22.04
CA SER H 127 -48.75 -1.46 23.07
C SER H 127 -48.24 -2.87 23.38
N GLN H 128 -49.16 -3.83 23.49
CA GLN H 128 -48.75 -5.20 23.78
C GLN H 128 -47.91 -5.80 22.67
N ALA H 129 -48.29 -5.55 21.41
CA ALA H 129 -47.51 -6.04 20.29
C ALA H 129 -46.11 -5.41 20.28
N LEU H 130 -46.03 -4.11 20.59
CA LEU H 130 -44.72 -3.47 20.69
C LEU H 130 -43.88 -4.11 21.79
N ASN H 131 -44.49 -4.38 22.95
CA ASN H 131 -43.75 -5.01 24.03
C ASN H 131 -43.24 -6.38 23.63
N ILE H 132 -44.06 -7.16 22.92
CA ILE H 132 -43.64 -8.50 22.52
C ILE H 132 -42.51 -8.42 21.49
N LEU H 133 -42.62 -7.52 20.52
CA LEU H 133 -41.64 -7.48 19.44
C LEU H 133 -40.32 -6.88 19.90
N LEU H 134 -40.37 -5.67 20.46
CA LEU H 134 -39.14 -4.98 20.84
C LEU H 134 -38.45 -5.65 22.04
N GLY H 135 -39.19 -6.46 22.80
CA GLY H 135 -38.63 -7.11 23.96
C GLY H 135 -38.47 -6.23 25.18
N LEU H 136 -39.26 -5.16 25.29
CA LEU H 136 -39.13 -4.24 26.41
C LEU H 136 -39.50 -4.88 27.74
N LYS H 137 -40.35 -5.90 27.72
CA LYS H 137 -40.77 -6.58 28.94
C LYS H 137 -39.88 -7.80 29.15
N GLY H 138 -38.79 -7.60 29.87
CA GLY H 138 -37.87 -8.69 30.16
C GLY H 138 -37.90 -9.08 31.63
N LEU H 139 -36.88 -9.80 32.07
CA LEU H 139 -36.79 -10.25 33.45
C LEU H 139 -35.43 -9.89 34.01
N ALA H 140 -35.42 -9.24 35.17
CA ALA H 140 -34.18 -8.85 35.79
C ALA H 140 -33.42 -10.08 36.28
N PRO H 141 -32.09 -10.03 36.28
CA PRO H 141 -31.32 -11.19 36.77
C PRO H 141 -31.57 -11.52 38.24
N ALA H 142 -32.01 -10.55 39.04
CA ALA H 142 -32.22 -10.77 40.46
C ALA H 142 -33.56 -11.42 40.78
N GLU H 143 -34.50 -11.43 39.83
CA GLU H 143 -35.79 -12.08 40.03
C GLU H 143 -35.89 -13.43 39.32
N ILE H 144 -35.12 -13.64 38.25
CA ILE H 144 -34.98 -14.98 37.69
C ILE H 144 -34.38 -15.92 38.72
N SER H 145 -33.35 -15.44 39.44
CA SER H 145 -32.70 -16.25 40.45
C SER H 145 -33.63 -16.61 41.59
N ALA H 146 -34.67 -15.82 41.83
CA ALA H 146 -35.68 -16.15 42.83
C ALA H 146 -36.76 -17.08 42.31
N VAL H 147 -37.27 -16.83 41.10
CA VAL H 147 -38.31 -17.68 40.54
C VAL H 147 -37.77 -19.08 40.24
N CYS H 148 -36.48 -19.20 39.91
CA CYS H 148 -35.90 -20.51 39.64
C CYS H 148 -35.49 -21.24 40.91
N GLU H 149 -35.26 -20.52 42.02
CA GLU H 149 -34.91 -21.14 43.28
C GLU H 149 -36.13 -21.54 44.09
N LYS H 150 -37.22 -20.79 43.98
CA LYS H 150 -38.46 -21.18 44.65
C LYS H 150 -38.98 -22.50 44.08
N GLY H 151 -38.91 -22.68 42.77
CA GLY H 151 -39.41 -23.87 42.12
C GLY H 151 -38.40 -24.97 41.88
N ASN H 152 -37.19 -24.86 42.44
CA ASN H 152 -36.13 -25.87 42.27
C ASN H 152 -35.80 -26.07 40.79
N PHE H 153 -35.29 -24.99 40.18
CA PHE H 153 -34.96 -24.96 38.76
C PHE H 153 -33.47 -24.74 38.54
N ASN H 154 -32.64 -25.44 39.30
CA ASN H 154 -31.19 -25.30 39.22
C ASN H 154 -30.55 -26.60 38.75
N VAL H 155 -29.26 -26.51 38.44
CA VAL H 155 -28.49 -27.70 38.13
C VAL H 155 -27.87 -28.29 39.39
N ALA H 156 -27.53 -27.42 40.36
CA ALA H 156 -26.94 -27.88 41.60
C ALA H 156 -27.90 -28.76 42.39
N HIS H 157 -29.20 -28.47 42.36
CA HIS H 157 -30.17 -29.30 43.06
C HIS H 157 -30.15 -30.72 42.52
N GLY H 158 -30.24 -30.87 41.19
CA GLY H 158 -30.20 -32.20 40.61
C GLY H 158 -28.89 -32.91 40.86
N LEU H 159 -27.77 -32.17 40.76
CA LEU H 159 -26.47 -32.79 41.02
C LEU H 159 -26.38 -33.28 42.46
N ALA H 160 -26.87 -32.49 43.41
CA ALA H 160 -26.84 -32.87 44.81
C ALA H 160 -27.69 -34.11 45.06
N TRP H 161 -28.89 -34.15 44.51
CA TRP H 161 -29.75 -35.32 44.72
C TRP H 161 -29.13 -36.56 44.08
N SER H 162 -28.56 -36.42 42.89
CA SER H 162 -27.90 -37.56 42.25
C SER H 162 -26.73 -38.05 43.09
N TYR H 163 -25.92 -37.12 43.60
CA TYR H 163 -24.80 -37.50 44.45
C TYR H 163 -25.27 -38.26 45.67
N TYR H 164 -26.27 -37.72 46.36
CA TYR H 164 -26.83 -38.39 47.52
C TYR H 164 -27.25 -39.82 47.18
N ILE H 165 -28.19 -39.95 46.24
CA ILE H 165 -28.77 -41.25 45.93
C ILE H 165 -27.70 -42.24 45.48
N GLY H 166 -26.76 -41.79 44.66
CA GLY H 166 -25.80 -42.72 44.08
C GLY H 166 -24.64 -43.10 44.99
N TYR H 167 -24.26 -42.21 45.92
CA TYR H 167 -23.09 -42.47 46.75
C TYR H 167 -23.43 -42.56 48.24
N LEU H 168 -24.10 -41.55 48.79
CA LEU H 168 -24.25 -41.48 50.24
C LEU H 168 -25.33 -42.44 50.74
N ARG H 169 -26.35 -42.69 49.93
CA ARG H 169 -27.36 -43.67 50.31
C ARG H 169 -26.86 -45.11 50.20
N LEU H 170 -25.67 -45.31 49.66
CA LEU H 170 -25.14 -46.66 49.43
C LEU H 170 -23.88 -46.97 50.22
N ILE H 171 -23.01 -46.01 50.45
CA ILE H 171 -21.72 -46.32 51.08
C ILE H 171 -21.75 -45.91 52.55
N LEU H 172 -22.60 -44.96 52.91
CA LEU H 172 -22.66 -44.51 54.31
C LEU H 172 -23.12 -45.60 55.27
N PRO H 173 -24.23 -46.34 55.02
CA PRO H 173 -24.65 -47.34 56.00
C PRO H 173 -23.63 -48.44 56.25
N GLU H 174 -22.89 -48.86 55.23
CA GLU H 174 -21.99 -49.99 55.33
C GLU H 174 -20.53 -49.57 55.53
N LEU H 175 -20.30 -48.34 55.99
CA LEU H 175 -18.94 -47.87 56.19
C LEU H 175 -18.32 -48.43 57.46
N GLN H 176 -19.11 -48.64 58.51
CA GLN H 176 -18.59 -49.19 59.75
C GLN H 176 -18.05 -50.60 59.57
N ALA H 177 -18.80 -51.44 58.84
CA ALA H 177 -18.43 -52.85 58.69
C ALA H 177 -17.07 -53.03 58.03
N ARG H 178 -16.61 -52.04 57.27
CA ARG H 178 -15.28 -52.12 56.66
C ARG H 178 -14.21 -51.51 57.55
N ILE H 179 -14.49 -50.37 58.20
CA ILE H 179 -13.49 -49.71 59.03
C ILE H 179 -13.16 -50.55 60.25
N ARG H 180 -14.18 -51.08 60.93
CA ARG H 180 -13.93 -51.90 62.12
C ARG H 180 -13.16 -53.16 61.76
N THR H 181 -13.53 -53.81 60.64
CA THR H 181 -12.82 -54.99 60.20
C THR H 181 -11.37 -54.67 59.84
N TYR H 182 -11.15 -53.53 59.19
CA TYR H 182 -9.79 -53.14 58.79
C TYR H 182 -8.93 -52.89 60.02
N ASN H 183 -9.47 -52.18 61.02
CA ASN H 183 -8.67 -51.80 62.18
C ASN H 183 -8.16 -53.01 62.95
N GLN H 184 -8.85 -54.14 62.84
CA GLN H 184 -8.49 -55.34 63.59
C GLN H 184 -7.76 -56.38 62.75
N HIS H 185 -8.12 -56.53 61.47
CA HIS H 185 -7.46 -57.52 60.62
C HIS H 185 -6.24 -56.94 59.91
N TYR H 186 -6.36 -55.76 59.31
CA TYR H 186 -5.34 -55.25 58.40
C TYR H 186 -4.55 -54.07 58.96
N ASN H 187 -5.05 -53.40 59.99
CA ASN H 187 -4.33 -52.31 60.64
C ASN H 187 -3.51 -52.87 61.80
N ASN H 188 -2.21 -52.67 61.75
CA ASN H 188 -1.34 -53.14 62.82
C ASN H 188 -1.49 -52.27 64.06
N LEU H 189 -1.15 -52.85 65.22
CA LEU H 189 -1.26 -52.12 66.48
C LEU H 189 -0.26 -50.98 66.57
N LEU H 190 0.86 -51.06 65.86
CA LEU H 190 1.82 -49.96 65.88
C LEU H 190 1.23 -48.70 65.26
N ARG H 191 0.43 -48.86 64.21
CA ARG H 191 -0.27 -47.73 63.61
C ARG H 191 -1.58 -47.45 64.35
N GLY H 192 -1.86 -46.16 64.53
CA GLY H 192 -3.12 -45.78 65.14
C GLY H 192 -4.30 -46.11 64.23
N ALA H 193 -5.42 -46.44 64.86
CA ALA H 193 -6.62 -46.79 64.11
C ALA H 193 -7.15 -45.57 63.35
N VAL H 194 -7.66 -45.82 62.14
CA VAL H 194 -8.25 -44.75 61.34
C VAL H 194 -9.49 -44.22 62.04
N SER H 195 -9.68 -42.90 61.98
CA SER H 195 -10.84 -42.29 62.62
C SER H 195 -12.12 -42.61 61.86
N GLN H 196 -13.23 -42.50 62.56
CA GLN H 196 -14.55 -42.68 61.95
C GLN H 196 -14.96 -41.37 61.28
N ARG H 197 -16.23 -41.27 60.89
CA ARG H 197 -16.81 -40.02 60.41
C ARG H 197 -16.06 -39.50 59.18
N LEU H 198 -16.18 -40.26 58.10
CA LEU H 198 -15.59 -39.93 56.80
C LEU H 198 -15.74 -38.45 56.48
N TYR H 199 -14.62 -37.85 56.07
CA TYR H 199 -14.55 -36.42 55.82
C TYR H 199 -14.58 -36.13 54.33
N ILE H 200 -15.42 -35.18 53.93
CA ILE H 200 -15.61 -34.83 52.53
C ILE H 200 -15.22 -33.36 52.35
N LEU H 201 -14.37 -33.10 51.35
CA LEU H 201 -13.85 -31.76 51.09
C LEU H 201 -14.68 -31.11 49.99
N LEU H 202 -15.08 -29.86 50.22
CA LEU H 202 -15.96 -29.13 49.32
C LEU H 202 -15.36 -27.75 49.05
N PRO H 203 -14.38 -27.66 48.14
CA PRO H 203 -13.79 -26.35 47.82
C PRO H 203 -14.78 -25.49 47.04
N LEU H 204 -14.91 -24.23 47.44
CA LEU H 204 -15.78 -23.31 46.71
C LEU H 204 -15.00 -22.61 45.61
N ASP H 205 -14.26 -23.39 44.82
CA ASP H 205 -13.63 -22.88 43.60
C ASP H 205 -13.67 -23.87 42.45
N CYS H 206 -14.23 -25.06 42.65
CA CYS H 206 -14.42 -26.09 41.63
C CYS H 206 -13.11 -26.61 41.05
N GLY H 207 -11.97 -26.16 41.58
CA GLY H 207 -10.70 -26.68 41.10
C GLY H 207 -10.32 -27.93 41.85
N VAL H 208 -10.60 -29.09 41.26
CA VAL H 208 -10.41 -30.37 41.92
C VAL H 208 -9.18 -31.05 41.34
N PRO H 209 -8.07 -31.12 42.08
CA PRO H 209 -6.92 -31.88 41.61
C PRO H 209 -7.24 -33.36 41.55
N ASP H 210 -6.62 -34.04 40.58
CA ASP H 210 -6.89 -35.47 40.41
C ASP H 210 -6.40 -36.27 41.62
N ASN H 211 -5.24 -35.91 42.17
CA ASN H 211 -4.70 -36.56 43.34
C ASN H 211 -4.37 -35.53 44.40
N LEU H 212 -4.42 -35.94 45.67
CA LEU H 212 -4.22 -35.03 46.78
C LEU H 212 -2.75 -34.83 47.14
N SER H 213 -1.82 -35.48 46.43
CA SER H 213 -0.41 -35.32 46.74
C SER H 213 0.03 -33.87 46.53
N MET H 214 -0.44 -33.24 45.45
CA MET H 214 -0.13 -31.84 45.22
C MET H 214 -0.95 -30.96 46.16
N ALA H 215 -0.53 -29.70 46.26
CA ALA H 215 -1.18 -28.65 47.05
C ALA H 215 -1.06 -28.91 48.55
N ASP H 216 -0.45 -30.03 48.94
CA ASP H 216 -0.19 -30.29 50.35
C ASP H 216 1.01 -31.21 50.50
N PRO H 217 2.14 -30.70 50.97
CA PRO H 217 3.35 -31.54 51.11
C PRO H 217 3.34 -32.45 52.33
N ASN H 218 2.22 -32.64 53.01
CA ASN H 218 2.15 -33.46 54.21
C ASN H 218 1.28 -34.69 54.08
N ILE H 219 0.08 -34.57 53.51
CA ILE H 219 -0.81 -35.71 53.40
C ILE H 219 -0.29 -36.67 52.34
N ARG H 220 -0.11 -37.94 52.73
CA ARG H 220 0.46 -38.95 51.84
C ARG H 220 -0.49 -40.15 51.77
N PHE H 221 -0.38 -40.89 50.67
CA PHE H 221 -1.21 -42.07 50.48
C PHE H 221 -0.72 -43.19 51.40
N LEU H 222 -1.63 -43.75 52.19
CA LEU H 222 -1.29 -44.78 53.16
C LEU H 222 -1.66 -46.19 52.67
N ASP H 223 -2.94 -46.42 52.39
CA ASP H 223 -3.44 -47.74 52.01
C ASP H 223 -4.87 -47.56 51.53
N LYS H 224 -5.52 -48.67 51.18
CA LYS H 224 -6.91 -48.65 50.71
C LYS H 224 -7.79 -49.37 51.72
N LEU H 225 -9.07 -49.51 51.38
CA LEU H 225 -10.06 -50.14 52.23
C LEU H 225 -10.82 -51.20 51.43
N PRO H 226 -11.36 -52.22 52.10
CA PRO H 226 -12.07 -53.27 51.37
C PRO H 226 -13.23 -52.71 50.57
N GLN H 227 -13.42 -53.26 49.37
CA GLN H 227 -14.40 -52.75 48.43
C GLN H 227 -15.72 -53.51 48.57
N GLN H 228 -16.77 -52.94 48.00
CA GLN H 228 -18.10 -53.53 48.03
C GLN H 228 -18.64 -53.67 46.62
N THR H 229 -19.59 -54.59 46.46
CA THR H 229 -20.13 -54.96 45.16
C THR H 229 -21.64 -54.80 45.17
N GLY H 230 -22.19 -54.35 44.05
CA GLY H 230 -23.62 -54.22 43.89
C GLY H 230 -24.01 -54.20 42.43
N ASP H 231 -25.30 -54.34 42.19
CA ASP H 231 -25.87 -54.32 40.85
C ASP H 231 -26.75 -53.08 40.69
N ARG H 232 -26.46 -52.28 39.67
CA ARG H 232 -27.17 -51.02 39.47
C ARG H 232 -27.35 -50.75 37.98
N ALA H 233 -28.57 -50.35 37.60
CA ALA H 233 -28.87 -49.91 36.24
C ALA H 233 -28.50 -50.97 35.21
N GLY H 234 -28.69 -52.23 35.55
CA GLY H 234 -28.37 -53.32 34.66
C GLY H 234 -26.92 -53.73 34.63
N ILE H 235 -26.06 -53.09 35.41
CA ILE H 235 -24.64 -53.45 35.49
C ILE H 235 -24.39 -54.08 36.85
N LYS H 236 -23.82 -55.28 36.83
CA LYS H 236 -23.48 -56.01 38.04
C LYS H 236 -22.01 -55.83 38.39
N ASP H 237 -21.68 -56.17 39.64
CA ASP H 237 -20.32 -56.10 40.17
C ASP H 237 -19.78 -54.67 40.04
N ARG H 238 -20.59 -53.72 40.51
CA ARG H 238 -20.14 -52.34 40.60
C ARG H 238 -19.30 -52.17 41.85
N VAL H 239 -18.03 -51.87 41.68
CA VAL H 239 -17.07 -51.84 42.78
C VAL H 239 -16.93 -50.40 43.28
N TYR H 240 -17.20 -50.21 44.57
CA TYR H 240 -16.95 -48.95 45.24
C TYR H 240 -15.69 -49.10 46.08
N SER H 241 -14.75 -48.18 45.89
CA SER H 241 -13.47 -48.24 46.58
C SER H 241 -13.19 -46.91 47.26
N ASN H 242 -12.37 -46.96 48.30
CA ASN H 242 -11.97 -45.75 48.99
C ASN H 242 -10.45 -45.72 49.16
N SER H 243 -9.95 -44.77 49.95
CA SER H 243 -8.52 -44.64 50.15
C SER H 243 -8.25 -44.14 51.56
N ILE H 244 -7.04 -44.43 52.05
CA ILE H 244 -6.60 -44.02 53.36
C ILE H 244 -5.39 -43.10 53.20
N TYR H 245 -5.47 -41.91 53.78
CA TYR H 245 -4.40 -40.94 53.70
C TYR H 245 -3.94 -40.56 55.11
N GLU H 246 -2.64 -40.43 55.27
CA GLU H 246 -2.04 -40.03 56.53
C GLU H 246 -1.86 -38.51 56.56
N LEU H 247 -1.68 -37.97 57.76
CA LEU H 247 -1.47 -36.54 57.96
C LEU H 247 -0.15 -36.34 58.67
N LEU H 248 0.71 -35.51 58.09
CA LEU H 248 2.02 -35.22 58.65
C LEU H 248 2.01 -33.83 59.28
N GLU H 249 2.35 -33.75 60.56
CA GLU H 249 2.50 -32.48 61.25
C GLU H 249 3.99 -32.22 61.46
N ASN H 250 4.45 -31.06 61.00
CA ASN H 250 5.81 -30.53 61.17
C ASN H 250 6.89 -31.62 61.14
N GLY H 251 6.75 -32.57 60.22
CA GLY H 251 7.72 -33.63 60.04
C GLY H 251 7.34 -34.96 60.66
N GLN H 252 6.23 -35.05 61.37
CA GLN H 252 5.82 -36.29 62.02
C GLN H 252 4.32 -36.52 61.81
N ARG H 253 3.93 -37.79 61.87
CA ARG H 253 2.53 -38.15 61.69
C ARG H 253 1.70 -37.65 62.86
N ALA H 254 0.50 -37.15 62.55
CA ALA H 254 -0.40 -36.60 63.56
C ALA H 254 -1.77 -37.27 63.58
N GLY H 255 -2.24 -37.79 62.46
CA GLY H 255 -3.55 -38.44 62.44
C GLY H 255 -3.80 -39.04 61.07
N THR H 256 -4.82 -39.89 61.02
CA THR H 256 -5.19 -40.58 59.78
C THR H 256 -6.71 -40.63 59.67
N CYS H 257 -7.20 -40.37 58.47
CA CYS H 257 -8.63 -40.37 58.20
C CYS H 257 -8.84 -40.70 56.71
N VAL H 258 -10.08 -40.57 56.25
CA VAL H 258 -10.44 -40.88 54.87
C VAL H 258 -10.93 -39.59 54.21
N LEU H 259 -10.31 -39.23 53.10
CA LEU H 259 -10.50 -37.94 52.46
C LEU H 259 -11.22 -38.11 51.12
N GLU H 260 -12.15 -37.20 50.84
CA GLU H 260 -12.92 -37.23 49.61
C GLU H 260 -13.18 -35.81 49.12
N TYR H 261 -13.08 -35.62 47.80
CA TYR H 261 -13.58 -34.41 47.15
C TYR H 261 -15.02 -34.65 46.70
N ALA H 262 -15.56 -33.72 45.92
CA ALA H 262 -16.91 -33.83 45.35
C ALA H 262 -16.80 -33.83 43.84
N THR H 263 -17.03 -34.99 43.23
CA THR H 263 -17.00 -35.09 41.77
C THR H 263 -17.96 -34.12 41.08
N PRO H 264 -19.18 -33.88 41.58
CA PRO H 264 -20.01 -32.84 40.95
C PRO H 264 -19.35 -31.48 40.85
N LEU H 265 -18.43 -31.16 41.77
CA LEU H 265 -17.65 -29.93 41.60
C LEU H 265 -16.79 -30.00 40.35
N GLN H 266 -16.18 -31.16 40.10
CA GLN H 266 -15.41 -31.33 38.87
C GLN H 266 -16.29 -31.18 37.64
N THR H 267 -17.50 -31.74 37.69
CA THR H 267 -18.42 -31.58 36.57
C THR H 267 -18.78 -30.12 36.36
N LEU H 268 -19.06 -29.39 37.44
CA LEU H 268 -19.40 -27.98 37.32
C LEU H 268 -18.25 -27.17 36.74
N PHE H 269 -17.02 -27.48 37.15
CA PHE H 269 -15.87 -26.80 36.57
C PHE H 269 -15.73 -27.11 35.09
N ALA H 270 -15.88 -28.37 34.71
CA ALA H 270 -15.69 -28.75 33.31
C ALA H 270 -16.77 -28.18 32.41
N MET H 271 -17.99 -28.03 32.93
CA MET H 271 -19.06 -27.47 32.12
C MET H 271 -18.75 -26.03 31.70
N SER H 272 -17.99 -25.31 32.50
CA SER H 272 -17.80 -23.88 32.28
C SER H 272 -16.86 -23.57 31.13
N GLN H 273 -16.14 -24.57 30.62
CA GLN H 273 -15.18 -24.34 29.54
C GLN H 273 -15.69 -24.76 28.17
N TYR H 274 -16.60 -25.73 28.10
CA TYR H 274 -17.16 -26.12 26.82
C TYR H 274 -18.09 -25.05 26.28
N SER H 275 -18.26 -25.04 24.96
CA SER H 275 -19.10 -24.04 24.32
C SER H 275 -20.56 -24.47 24.24
N GLN H 276 -20.83 -25.76 24.09
CA GLN H 276 -22.21 -26.25 24.01
C GLN H 276 -22.90 -26.29 25.36
N ALA H 277 -22.16 -26.22 26.47
CA ALA H 277 -22.80 -26.19 27.78
C ALA H 277 -23.57 -24.89 27.99
N GLY H 278 -23.06 -23.78 27.45
CA GLY H 278 -23.68 -22.50 27.66
C GLY H 278 -23.71 -22.09 29.11
N PHE H 279 -22.66 -22.40 29.87
CA PHE H 279 -22.63 -22.21 31.31
C PHE H 279 -21.46 -21.29 31.62
N SER H 280 -21.75 -20.16 32.27
CA SER H 280 -20.79 -19.07 32.41
C SER H 280 -19.77 -19.37 33.50
N ARG H 281 -18.74 -18.52 33.55
CA ARG H 281 -17.68 -18.67 34.54
C ARG H 281 -18.10 -18.20 35.92
N GLU H 282 -18.95 -17.18 36.00
CA GLU H 282 -19.49 -16.72 37.28
C GLU H 282 -20.56 -17.64 37.83
N ASP H 283 -21.30 -18.33 36.97
CA ASP H 283 -22.36 -19.22 37.41
C ASP H 283 -21.84 -20.36 38.27
N ARG H 284 -20.68 -20.91 37.93
CA ARG H 284 -20.14 -22.05 38.67
C ARG H 284 -19.61 -21.67 40.05
N LEU H 285 -19.76 -20.41 40.47
CA LEU H 285 -19.52 -20.03 41.85
C LEU H 285 -20.81 -19.99 42.67
N GLU H 286 -21.86 -19.35 42.15
CA GLU H 286 -23.15 -19.38 42.83
C GLU H 286 -23.69 -20.79 42.92
N GLN H 287 -23.58 -21.56 41.84
CA GLN H 287 -24.04 -22.95 41.88
C GLN H 287 -23.20 -23.76 42.85
N ALA H 288 -21.89 -23.50 42.89
CA ALA H 288 -21.03 -24.21 43.84
C ALA H 288 -21.45 -23.93 45.27
N LYS H 289 -21.73 -22.66 45.59
CA LYS H 289 -22.17 -22.32 46.93
C LYS H 289 -23.52 -22.95 47.26
N LEU H 290 -24.44 -22.99 46.30
CA LEU H 290 -25.76 -23.57 46.55
C LEU H 290 -25.69 -25.09 46.72
N PHE H 291 -24.74 -25.74 46.05
CA PHE H 291 -24.62 -27.20 46.15
C PHE H 291 -24.33 -27.63 47.58
N CYS H 292 -23.41 -26.94 48.26
CA CYS H 292 -23.08 -27.30 49.64
C CYS H 292 -24.27 -27.11 50.56
N ARG H 293 -25.02 -26.01 50.35
CA ARG H 293 -26.23 -25.80 51.15
C ARG H 293 -27.23 -26.92 50.94
N THR H 294 -27.41 -27.35 49.70
CA THR H 294 -28.36 -28.42 49.42
C THR H 294 -27.92 -29.72 50.09
N LEU H 295 -26.64 -30.05 50.04
CA LEU H 295 -26.16 -31.25 50.73
C LEU H 295 -26.38 -31.15 52.24
N GLU H 296 -26.09 -29.98 52.83
CA GLU H 296 -26.30 -29.83 54.26
C GLU H 296 -27.76 -30.02 54.62
N ASP H 297 -28.66 -29.42 53.84
CA ASP H 297 -30.08 -29.56 54.12
C ASP H 297 -30.55 -31.00 53.97
N ILE H 298 -30.01 -31.72 52.99
CA ILE H 298 -30.42 -33.12 52.79
C ILE H 298 -29.90 -33.98 53.93
N LEU H 299 -28.63 -33.81 54.30
CA LEU H 299 -28.05 -34.63 55.36
C LEU H 299 -28.54 -34.25 56.75
N ALA H 300 -29.19 -33.08 56.90
CA ALA H 300 -29.73 -32.73 58.22
C ALA H 300 -30.77 -33.74 58.68
N ASP H 301 -31.66 -34.18 57.79
CA ASP H 301 -32.73 -35.09 58.15
C ASP H 301 -32.60 -36.45 57.49
N ALA H 302 -31.50 -36.73 56.81
CA ALA H 302 -31.33 -38.06 56.25
C ALA H 302 -31.01 -39.06 57.36
N PRO H 303 -31.48 -40.31 57.22
CA PRO H 303 -31.17 -41.32 58.24
C PRO H 303 -29.68 -41.52 58.43
N GLU H 304 -28.90 -41.47 57.35
CA GLU H 304 -27.44 -41.50 57.45
C GLU H 304 -26.95 -40.06 57.67
N SER H 305 -27.11 -39.61 58.91
CA SER H 305 -26.84 -38.23 59.28
C SER H 305 -25.34 -38.01 59.43
N GLN H 306 -24.97 -36.87 60.03
CA GLN H 306 -23.57 -36.47 60.22
C GLN H 306 -22.81 -37.43 61.13
N ASN H 307 -23.46 -38.44 61.70
CA ASN H 307 -22.79 -39.42 62.54
C ASN H 307 -21.73 -40.21 61.79
N ASN H 308 -21.82 -40.29 60.46
CA ASN H 308 -20.89 -41.08 59.66
C ASN H 308 -20.08 -40.24 58.68
N CYS H 309 -20.49 -39.01 58.40
CA CYS H 309 -19.82 -38.17 57.42
C CYS H 309 -19.66 -36.77 57.97
N ARG H 310 -18.65 -36.07 57.46
CA ARG H 310 -18.42 -34.67 57.80
C ARG H 310 -18.23 -33.87 56.51
N LEU H 311 -18.60 -32.60 56.56
CA LEU H 311 -18.46 -31.69 55.42
C LEU H 311 -17.44 -30.62 55.77
N ILE H 312 -16.53 -30.36 54.84
CA ILE H 312 -15.47 -29.38 55.02
C ILE H 312 -15.50 -28.44 53.82
N ALA H 313 -15.91 -27.20 54.03
CA ALA H 313 -15.94 -26.19 52.98
C ALA H 313 -14.87 -25.15 53.25
N TYR H 314 -14.05 -24.87 52.23
CA TYR H 314 -12.93 -23.96 52.39
C TYR H 314 -12.72 -23.16 51.12
N GLN H 315 -12.29 -21.91 51.29
CA GLN H 315 -11.97 -21.02 50.19
C GLN H 315 -10.49 -20.69 50.23
N GLU H 316 -9.80 -20.93 49.11
CA GLU H 316 -8.38 -20.62 49.04
C GLU H 316 -8.19 -19.12 48.98
N PRO H 317 -7.46 -18.53 49.92
CA PRO H 317 -7.20 -17.08 49.88
C PRO H 317 -6.39 -16.69 48.66
N ALA H 318 -6.68 -15.50 48.14
CA ALA H 318 -5.99 -15.01 46.95
C ALA H 318 -4.57 -14.54 47.25
N ASP H 319 -4.30 -14.12 48.48
CA ASP H 319 -2.98 -13.62 48.87
C ASP H 319 -2.06 -14.72 49.39
N ASP H 320 -2.55 -15.95 49.50
CA ASP H 320 -1.78 -17.08 50.02
C ASP H 320 -1.26 -16.77 51.42
N SER H 321 -2.19 -16.57 52.35
CA SER H 321 -1.86 -16.24 53.74
C SER H 321 -1.55 -17.52 54.54
N SER H 322 -0.56 -18.25 54.03
CA SER H 322 -0.11 -19.50 54.64
C SER H 322 -1.25 -20.49 54.82
N PHE H 323 -2.11 -20.58 53.81
CA PHE H 323 -3.26 -21.48 53.86
C PHE H 323 -2.82 -22.90 53.54
N SER H 324 -3.20 -23.84 54.42
CA SER H 324 -2.88 -25.24 54.23
C SER H 324 -4.11 -26.07 54.57
N LEU H 325 -4.39 -27.10 53.76
CA LEU H 325 -5.51 -27.98 54.04
C LEU H 325 -5.26 -28.82 55.29
N SER H 326 -4.00 -29.13 55.57
CA SER H 326 -3.68 -30.01 56.70
C SER H 326 -4.14 -29.41 58.01
N GLN H 327 -3.96 -28.10 58.18
CA GLN H 327 -4.37 -27.45 59.43
C GLN H 327 -5.88 -27.53 59.61
N GLU H 328 -6.64 -27.28 58.54
CA GLU H 328 -8.09 -27.36 58.64
C GLU H 328 -8.56 -28.78 58.92
N VAL H 329 -7.95 -29.76 58.25
CA VAL H 329 -8.34 -31.15 58.48
C VAL H 329 -8.04 -31.56 59.91
N LEU H 330 -6.87 -31.18 60.43
CA LEU H 330 -6.54 -31.48 61.82
C LEU H 330 -7.49 -30.80 62.78
N ARG H 331 -7.84 -29.53 62.50
CA ARG H 331 -8.75 -28.80 63.36
C ARG H 331 -10.12 -29.48 63.42
N HIS H 332 -10.62 -29.94 62.27
CA HIS H 332 -11.87 -30.70 62.29
C HIS H 332 -11.69 -32.05 62.98
N LEU H 333 -10.48 -32.62 62.91
CA LEU H 333 -10.22 -33.90 63.57
C LEU H 333 -10.19 -33.76 65.09
N ARG H 334 -9.94 -32.55 65.60
CA ARG H 334 -9.94 -32.36 67.04
C ARG H 334 -11.30 -32.69 67.65
N GLN H 335 -12.37 -32.27 67.00
CA GLN H 335 -13.72 -32.53 67.50
C GLN H 335 -14.06 -34.01 67.44
#